data_7LS9
#
_entry.id   7LS9
#
_cell.length_a   1.00
_cell.length_b   1.00
_cell.length_c   1.00
_cell.angle_alpha   90.00
_cell.angle_beta   90.00
_cell.angle_gamma   90.00
#
_symmetry.space_group_name_H-M   'P 1'
#
loop_
_entity.id
_entity.type
_entity.pdbx_description
1 polymer 'Spike glycoprotein'
2 polymer '1-57 Fab heavy chain'
3 polymer '1-57 Fab light chain'
4 branched beta-D-mannopyranose-(1-4)-2-acetamido-2-deoxy-beta-D-glucopyranose-(1-4)-2-acetamido-2-deoxy-beta-D-glucopyranose
5 branched 2-acetamido-2-deoxy-beta-D-glucopyranose-(1-4)-2-acetamido-2-deoxy-beta-D-glucopyranose
6 non-polymer 2-acetamido-2-deoxy-beta-D-glucopyranose
#
loop_
_entity_poly.entity_id
_entity_poly.type
_entity_poly.pdbx_seq_one_letter_code
_entity_poly.pdbx_strand_id
1 'polypeptide(L)'
;MFVFLVLLPLVSSQCVNLTTRTQLPPAYTNSFTRGVYYPDKVFRSSVLHSTQDLFLPFFSNVTWFHAIHVSGTNGTKRFD
NPVLPFNDGVYFASTEKSNIIRGWIFGTTLDSKTQSLLIVNNATNVVIKVCEFQFCNDPFLGVYYHKNNKSWMESEFRVY
SSANNCTFEYVSQPFLMDLEGKQGNFKNLREFVFKNIDGYFKIYSKHTPINLVRDLPQGFSALEPLVDLPIGINITRFQT
LLALHRSYLTPGDSSSGWTAGAAAYYVGYLQPRTFLLKYNENGTITDAVDCALDPLSETKCTLKSFTVEKGIYQTSNFRV
QPTESIVRFPNITNLCPFGEVFNATRFASVYAWNRKRISNCVADYSVLYNSASFSTFKCYGVSPTKLNDLCFTNVYADSF
VIRGDEVRQIAPGQTGKIADYNYKLPDDFTGCVIAWNSNNLDSKVGGNYNYLYRLFRKSNLKPFERDISTEIYQAGSTPC
NGVEGFNCYFPLQSYGFQPTNGVGYQPYRVVVLSFELLHAPATVCGPKKSTNLVKNKCVNFNFNGLTGTGVLTESNKKFL
PFQQFGRDIADTTDAVRDPQTLEILDITPCSFGGVSVITPGTNTSNQVAVLYQDVNCTEVPVAIHADQLTPTWRVYSTGS
NVFQTRAGCLIGAEHVNNSYECDIPIGAGICASYQTQTNSPGSASSVASQSIIAYTMSLGAENSVAYSNNSIAIPTNFTI
SVTTEILPVSMTKTSVDCTMYICGDSTECSNLLLQYGSFCTQLNRALTGIAVEQDKNTQEVFAQVKQIYKTPPIKDFGGF
NFSQILPDPSKPSKRSFIEDLLFNKVTLADAGFIKQYGDCLGDIAARDLICAQKFNGLTVLPPLLTDEMIAQYTSALLAG
TITSGWTFGAGAALQIPFAMQMAYRFNGIGVTQNVLYENQKLIANQFNSAIGKIQDSLSSTASALGKLQDVVNQNAQALN
TLVKQLSSNFGAISSVLNDILSRLDPPEAEVQIDRLITGRLQSLQTYVTQQLIRAAEIRASANLAATKMSECVLGQSKRV
DFCGKGYHLMSFPQSAPHGVVFLHVTYVPAQEKNFTTAPAICHDGKAHFPREGVFVSNGTHWFVTQRNFYEPQIITTDNT
FVSGNCDVVIGIVNNTVYDPLQPELDSFKEELDKYFKNHTSPDVDLGDISGINASVVNIQKEIDRLNEVAKNLNESLIDL
QELGKYEQGSGYIPEAPRDGQAYVRKDGEWVLLSTFLGRSLEVLFQGPGHHHHHHHHSAWSHPQFEKGGGSGGGGSGGSA
WSHPQFEK
;
A,B,C
2 'polypeptide(L)'
;EVHLVESGGGLVQPGGSLRLSCAASGFTFSDHYMDWVRQAPGKGLEWVGRTRNKANSYTTEYAASVKGRFTISRDDAKNS
LYLQMNSLKTEDTAVYYCARVHRWAYCINGVCFGAYSDYWGQGTLVTVSSASTKGPSVFPLAPSSKSTSGGTAALGCLVK
DYFPEPVTVSWNSGALTSGVHTFPAVLQSSGLYSLSSVVTVPSSSLGTQTYICNVNHKPSNTKVDKKVEPKSCDKTHHHH
HHHH
;
H,D,E
3 'polypeptide(L)'
;EIVLTQSPGTLSLSPGERATLSCRASQSVSSSYLAWYQQKPGQAPRLLIYGASSRATGIPDRFSGSGSGTDFTLTISRLE
PEDFAVYYCQQYGSSPSTFGQGTKLEIKRTVAAPSVFIFPPSDEQLKSGTASVVCLLNNFYPREAKVQWKVDNALQSGNS
QESVTEQDSKDSTYSLSSTLTLSKADYEKHKVYACEVTHQGLSSPVTKSFNRGEC
;
L,F,G
#
# COMPACT_ATOMS: atom_id res chain seq x y z
N GLN A 14 9.86 46.16 -42.19
CA GLN A 14 10.08 47.59 -42.06
C GLN A 14 9.50 48.11 -40.74
N CYS A 15 10.36 48.69 -39.90
CA CYS A 15 9.97 49.22 -38.62
C CYS A 15 10.51 50.63 -38.45
N VAL A 16 9.73 51.49 -37.80
CA VAL A 16 10.13 52.85 -37.48
C VAL A 16 9.87 53.07 -35.99
N ASN A 17 10.73 53.85 -35.34
CA ASN A 17 10.63 54.03 -33.90
C ASN A 17 9.50 54.96 -33.53
N LEU A 18 9.13 54.95 -32.26
CA LEU A 18 8.21 55.92 -31.67
C LEU A 18 8.92 56.59 -30.50
N THR A 19 8.79 57.91 -30.40
CA THR A 19 9.36 58.62 -29.28
C THR A 19 8.59 58.30 -28.01
N THR A 20 9.27 57.66 -27.07
CA THR A 20 8.61 57.14 -25.87
C THR A 20 8.22 58.27 -24.93
N ARG A 21 7.20 57.99 -24.10
CA ARG A 21 6.72 58.92 -23.09
C ARG A 21 7.41 58.71 -21.75
N THR A 22 8.61 58.13 -21.76
CA THR A 22 9.45 57.88 -20.58
C THR A 22 8.74 57.01 -19.53
N GLN A 23 7.83 56.15 -19.98
CA GLN A 23 7.16 55.13 -19.16
C GLN A 23 6.41 55.76 -17.99
N LEU A 24 5.34 56.47 -18.34
CA LEU A 24 4.43 57.03 -17.36
C LEU A 24 3.88 55.92 -16.47
N PRO A 25 3.88 56.09 -15.15
CA PRO A 25 3.52 54.98 -14.24
C PRO A 25 2.06 54.59 -14.38
N PRO A 26 1.78 53.33 -14.70
CA PRO A 26 0.40 52.90 -14.87
C PRO A 26 -0.29 52.70 -13.53
N ALA A 27 -1.59 53.00 -13.51
CA ALA A 27 -2.39 52.76 -12.33
C ALA A 27 -2.78 51.29 -12.23
N TYR A 28 -3.33 50.92 -11.09
CA TYR A 28 -3.77 49.55 -10.83
C TYR A 28 -5.27 49.52 -10.61
N THR A 29 -5.89 48.41 -11.01
CA THR A 29 -7.32 48.22 -10.84
C THR A 29 -7.56 46.86 -10.20
N ASN A 30 -8.81 46.62 -9.81
CA ASN A 30 -9.19 45.43 -9.08
C ASN A 30 -9.85 44.43 -10.03
N SER A 31 -9.53 43.15 -9.84
CA SER A 31 -10.12 42.06 -10.62
C SER A 31 -11.06 41.31 -9.69
N PHE A 32 -12.35 41.65 -9.76
CA PHE A 32 -13.35 41.06 -8.87
C PHE A 32 -13.68 39.66 -9.33
N THR A 33 -12.83 38.71 -8.91
CA THR A 33 -13.02 37.26 -9.11
C THR A 33 -13.19 36.89 -10.58
N ARG A 34 -12.14 37.14 -11.36
CA ARG A 34 -12.12 36.80 -12.78
C ARG A 34 -10.94 35.88 -13.07
N GLY A 35 -11.04 35.17 -14.19
CA GLY A 35 -9.96 34.33 -14.66
C GLY A 35 -10.13 32.84 -14.43
N VAL A 36 -11.30 32.40 -13.96
CA VAL A 36 -11.53 30.98 -13.71
C VAL A 36 -11.76 30.27 -15.04
N TYR A 37 -11.01 29.20 -15.27
CA TYR A 37 -11.11 28.41 -16.49
C TYR A 37 -11.43 26.96 -16.15
N TYR A 38 -11.81 26.20 -17.17
CA TYR A 38 -12.08 24.78 -17.00
C TYR A 38 -10.77 24.02 -16.85
N PRO A 39 -10.53 23.31 -15.75
CA PRO A 39 -9.27 22.60 -15.58
C PRO A 39 -9.20 21.29 -16.34
N ASP A 40 -10.36 20.69 -16.63
CA ASP A 40 -10.44 19.39 -17.27
C ASP A 40 -11.50 19.42 -18.36
N LYS A 41 -11.36 18.50 -19.32
CA LYS A 41 -12.30 18.33 -20.41
C LYS A 41 -13.32 17.23 -20.12
N VAL A 42 -13.62 17.01 -18.85
CA VAL A 42 -14.52 15.94 -18.41
C VAL A 42 -15.79 16.58 -17.86
N PHE A 43 -16.93 16.12 -18.35
CA PHE A 43 -18.21 16.69 -17.94
C PHE A 43 -18.51 16.37 -16.48
N ARG A 44 -18.76 17.41 -15.69
CA ARG A 44 -19.12 17.23 -14.27
C ARG A 44 -20.41 18.02 -14.03
N SER A 45 -21.41 17.41 -13.41
CA SER A 45 -22.72 18.02 -13.18
C SER A 45 -23.08 17.93 -11.71
N SER A 46 -23.48 19.06 -11.13
CA SER A 46 -24.00 19.16 -9.76
C SER A 46 -23.00 18.63 -8.73
N VAL A 47 -21.72 18.96 -8.91
CA VAL A 47 -20.67 18.50 -8.02
C VAL A 47 -19.76 19.68 -7.68
N LEU A 48 -19.13 19.61 -6.52
CA LEU A 48 -18.13 20.60 -6.08
C LEU A 48 -16.76 19.95 -6.17
N HIS A 49 -15.96 20.37 -7.15
CA HIS A 49 -14.66 19.78 -7.40
C HIS A 49 -13.57 20.77 -7.00
N SER A 50 -12.61 20.30 -6.21
CA SER A 50 -11.51 21.12 -5.73
C SER A 50 -10.30 20.87 -6.62
N THR A 51 -9.80 21.92 -7.26
CA THR A 51 -8.69 21.84 -8.19
C THR A 51 -7.57 22.76 -7.74
N GLN A 52 -6.33 22.31 -7.90
CA GLN A 52 -5.15 23.11 -7.60
C GLN A 52 -4.37 23.33 -8.90
N ASP A 53 -4.62 24.45 -9.56
CA ASP A 53 -3.95 24.79 -10.80
C ASP A 53 -3.47 26.24 -10.70
N LEU A 54 -2.98 26.78 -11.81
CA LEU A 54 -2.47 28.15 -11.85
C LEU A 54 -3.64 29.08 -12.13
N PHE A 55 -4.16 29.71 -11.08
CA PHE A 55 -5.32 30.59 -11.17
C PHE A 55 -4.92 32.01 -10.81
N LEU A 56 -5.64 32.97 -11.36
CA LEU A 56 -5.48 34.35 -10.94
C LEU A 56 -6.05 34.53 -9.53
N PRO A 57 -5.33 35.16 -8.61
CA PRO A 57 -5.87 35.36 -7.26
C PRO A 57 -7.08 36.28 -7.27
N PHE A 58 -8.03 35.99 -6.39
CA PHE A 58 -9.24 36.79 -6.30
C PHE A 58 -8.93 38.14 -5.64
N PHE A 59 -9.56 39.19 -6.17
CA PHE A 59 -9.39 40.58 -5.70
C PHE A 59 -7.93 41.00 -5.73
N SER A 60 -7.20 40.56 -6.76
CA SER A 60 -5.79 40.89 -6.90
C SER A 60 -5.63 42.21 -7.64
N ASN A 61 -4.41 42.75 -7.59
CA ASN A 61 -4.07 43.98 -8.28
C ASN A 61 -3.54 43.64 -9.67
N VAL A 62 -4.22 44.13 -10.71
CA VAL A 62 -3.78 43.97 -12.09
C VAL A 62 -3.50 45.35 -12.65
N THR A 63 -2.33 45.53 -13.24
CA THR A 63 -1.98 46.82 -13.82
C THR A 63 -2.64 46.96 -15.20
N TRP A 64 -3.04 48.19 -15.53
CA TRP A 64 -3.84 48.44 -16.72
C TRP A 64 -3.25 49.57 -17.54
N PHE A 65 -3.14 49.34 -18.85
CA PHE A 65 -2.56 50.28 -19.81
C PHE A 65 -3.63 50.71 -20.80
N HIS A 66 -3.64 52.00 -21.14
CA HIS A 66 -4.44 52.46 -22.28
C HIS A 66 -3.86 51.92 -23.59
N ALA A 67 -4.74 51.48 -24.48
CA ALA A 67 -4.31 51.15 -25.84
C ALA A 67 -3.81 52.40 -26.55
N ILE A 68 -4.51 53.52 -26.37
CA ILE A 68 -4.05 54.84 -26.80
C ILE A 68 -4.26 55.81 -25.64
N HIS A 69 -3.17 56.45 -25.21
CA HIS A 69 -3.23 57.47 -24.17
C HIS A 69 -2.65 58.77 -24.70
N VAL A 70 -3.40 59.86 -24.52
CA VAL A 70 -2.87 61.19 -24.80
C VAL A 70 -2.30 61.78 -23.51
N SER A 71 -1.01 62.11 -23.53
CA SER A 71 -0.35 62.65 -22.35
C SER A 71 0.19 64.06 -22.56
N GLY A 72 0.74 64.33 -23.74
CA GLY A 72 1.30 65.63 -24.03
C GLY A 72 0.24 66.65 -24.43
N THR A 76 -1.12 65.54 -29.86
CA THR A 76 -0.02 64.61 -30.06
C THR A 76 -0.15 63.41 -29.13
N LYS A 77 -1.11 62.52 -29.42
CA LYS A 77 -1.31 61.34 -28.61
C LYS A 77 -0.22 60.31 -28.89
N ARG A 78 0.46 59.89 -27.83
CA ARG A 78 1.52 58.88 -27.94
C ARG A 78 1.20 57.75 -26.97
N PHE A 79 0.98 56.56 -27.52
CA PHE A 79 0.53 55.42 -26.73
C PHE A 79 1.73 54.64 -26.20
N ASP A 80 1.42 53.58 -25.45
CA ASP A 80 2.44 52.72 -24.87
C ASP A 80 2.05 51.25 -24.98
N ASN A 81 3.06 50.39 -25.16
CA ASN A 81 2.89 48.94 -25.09
C ASN A 81 4.18 48.28 -24.61
N PRO A 82 4.49 48.37 -23.31
CA PRO A 82 5.75 47.84 -22.80
C PRO A 82 5.83 46.31 -22.90
N VAL A 83 7.07 45.83 -22.92
CA VAL A 83 7.32 44.39 -22.89
C VAL A 83 7.12 43.90 -21.46
N LEU A 84 6.17 42.99 -21.28
CA LEU A 84 5.77 42.55 -19.95
C LEU A 84 6.25 41.13 -19.70
N PRO A 85 6.59 40.81 -18.45
CA PRO A 85 7.07 39.45 -18.15
C PRO A 85 5.94 38.43 -18.23
N PHE A 86 6.34 37.16 -18.30
CA PHE A 86 5.45 36.01 -18.37
C PHE A 86 5.82 35.11 -17.20
N ASN A 87 5.24 35.39 -16.04
CA ASN A 87 5.60 34.70 -14.79
C ASN A 87 4.53 33.67 -14.48
N ASP A 88 4.73 32.45 -14.96
CA ASP A 88 3.86 31.29 -14.70
C ASP A 88 2.42 31.54 -15.10
N GLY A 89 2.21 32.21 -16.23
CA GLY A 89 0.87 32.45 -16.72
C GLY A 89 0.49 33.91 -16.65
N VAL A 90 -0.20 34.36 -17.72
CA VAL A 90 -0.65 35.73 -17.83
C VAL A 90 -2.13 35.75 -18.15
N TYR A 91 -2.89 36.48 -17.35
CA TYR A 91 -4.31 36.73 -17.60
C TYR A 91 -4.42 38.04 -18.35
N PHE A 92 -4.85 37.98 -19.60
CA PHE A 92 -4.95 39.15 -20.46
C PHE A 92 -6.44 39.46 -20.67
N ALA A 93 -6.86 40.65 -20.25
CA ALA A 93 -8.24 41.09 -20.40
C ALA A 93 -8.27 42.39 -21.20
N SER A 94 -9.24 42.50 -22.11
CA SER A 94 -9.33 43.65 -23.00
C SER A 94 -10.76 44.15 -23.05
N THR A 95 -10.91 45.47 -23.07
CA THR A 95 -12.20 46.14 -23.23
C THR A 95 -12.07 47.10 -24.41
N GLU A 96 -12.47 46.63 -25.60
CA GLU A 96 -12.25 47.37 -26.83
C GLU A 96 -13.50 47.31 -27.70
N LYS A 97 -13.58 48.25 -28.65
CA LYS A 97 -14.72 48.34 -29.55
C LYS A 97 -14.34 48.51 -31.02
N SER A 98 -13.04 48.62 -31.34
CA SER A 98 -12.64 48.88 -32.72
C SER A 98 -11.57 47.91 -33.22
N ASN A 99 -11.42 46.76 -32.56
CA ASN A 99 -10.47 45.70 -32.93
C ASN A 99 -9.03 46.23 -32.99
N ILE A 100 -8.70 47.12 -32.06
CA ILE A 100 -7.38 47.74 -32.05
C ILE A 100 -6.29 46.78 -31.57
N ILE A 101 -6.65 45.74 -30.81
CA ILE A 101 -5.70 44.74 -30.35
C ILE A 101 -5.82 43.53 -31.25
N ARG A 102 -4.70 43.10 -31.82
CA ARG A 102 -4.71 42.04 -32.83
C ARG A 102 -4.02 40.76 -32.39
N GLY A 103 -3.08 40.81 -31.46
CA GLY A 103 -2.39 39.61 -31.05
C GLY A 103 -1.24 39.93 -30.12
N TRP A 104 -0.43 38.90 -29.86
CA TRP A 104 0.67 39.00 -28.91
C TRP A 104 1.87 38.27 -29.49
N ILE A 105 3.04 38.61 -28.95
CA ILE A 105 4.28 37.90 -29.24
C ILE A 105 4.79 37.31 -27.93
N PHE A 106 5.45 36.16 -28.01
CA PHE A 106 6.01 35.50 -26.84
C PHE A 106 7.43 35.06 -27.15
N GLY A 107 8.32 35.23 -26.20
CA GLY A 107 9.71 34.83 -26.39
C GLY A 107 10.53 35.18 -25.17
N THR A 108 11.83 34.93 -25.29
CA THR A 108 12.79 35.23 -24.22
C THR A 108 13.53 36.54 -24.49
N THR A 109 14.21 36.64 -25.63
CA THR A 109 14.90 37.86 -26.03
C THR A 109 14.23 38.57 -27.19
N LEU A 110 13.28 37.91 -27.86
CA LEU A 110 12.50 38.47 -28.98
C LEU A 110 13.41 38.88 -30.14
N ASP A 111 14.56 38.22 -30.26
CA ASP A 111 15.51 38.47 -31.33
C ASP A 111 15.69 37.18 -32.13
N SER A 112 16.66 37.19 -33.05
CA SER A 112 16.96 36.01 -33.86
C SER A 112 17.76 34.96 -33.10
N LYS A 113 18.22 35.27 -31.89
CA LYS A 113 18.99 34.30 -31.11
C LYS A 113 18.12 33.12 -30.68
N THR A 114 16.90 33.39 -30.21
CA THR A 114 16.02 32.37 -29.68
C THR A 114 14.70 32.34 -30.44
N GLN A 115 14.04 31.19 -30.40
CA GLN A 115 12.75 31.04 -31.04
C GLN A 115 11.69 31.84 -30.31
N SER A 116 10.70 32.32 -31.08
CA SER A 116 9.63 33.14 -30.52
C SER A 116 8.30 32.72 -31.13
N LEU A 117 7.22 33.03 -30.40
CA LEU A 117 5.87 32.67 -30.78
C LEU A 117 5.10 33.92 -31.19
N LEU A 118 4.38 33.85 -32.31
CA LEU A 118 3.68 34.98 -32.89
C LEU A 118 2.20 34.64 -33.06
N ILE A 119 1.33 35.57 -32.68
CA ILE A 119 -0.11 35.46 -32.92
C ILE A 119 -0.57 36.75 -33.57
N VAL A 120 -1.14 36.65 -34.77
CA VAL A 120 -1.74 37.77 -35.48
C VAL A 120 -3.14 37.37 -35.91
N ASN A 121 -4.12 38.22 -35.62
CA ASN A 121 -5.51 37.99 -36.00
C ASN A 121 -5.92 39.05 -37.01
N ASN A 122 -5.95 38.69 -38.28
CA ASN A 122 -6.50 39.55 -39.30
C ASN A 122 -7.96 39.16 -39.54
N ALA A 123 -8.56 39.69 -40.61
CA ALA A 123 -10.01 39.60 -40.78
C ALA A 123 -10.51 38.21 -41.13
N THR A 124 -9.63 37.26 -41.45
CA THR A 124 -10.09 35.97 -41.95
C THR A 124 -9.72 34.79 -41.05
N ASN A 125 -8.51 34.75 -40.49
CA ASN A 125 -8.07 33.58 -39.76
C ASN A 125 -6.98 33.97 -38.77
N VAL A 126 -6.42 32.97 -38.07
CA VAL A 126 -5.38 33.15 -37.07
C VAL A 126 -4.05 32.76 -37.68
N VAL A 127 -3.03 33.57 -37.45
CA VAL A 127 -1.66 33.27 -37.86
C VAL A 127 -0.87 32.93 -36.61
N ILE A 128 -0.54 31.66 -36.43
CA ILE A 128 0.29 31.20 -35.32
C ILE A 128 1.59 30.65 -35.91
N LYS A 129 2.69 31.33 -35.62
CA LYS A 129 3.98 30.97 -36.16
C LYS A 129 5.01 30.90 -35.04
N VAL A 130 5.78 29.81 -35.02
CA VAL A 130 6.92 29.66 -34.12
C VAL A 130 8.16 29.66 -35.00
N CYS A 131 8.89 30.77 -35.00
CA CYS A 131 10.02 30.95 -35.90
C CYS A 131 11.12 31.66 -35.13
N GLU A 132 12.23 31.95 -35.80
CA GLU A 132 13.26 32.81 -35.24
C GLU A 132 13.08 34.20 -35.82
N PHE A 133 12.04 34.89 -35.34
CA PHE A 133 11.77 36.24 -35.81
C PHE A 133 12.80 37.22 -35.28
N GLN A 134 13.05 38.27 -36.07
CA GLN A 134 13.81 39.42 -35.60
C GLN A 134 12.81 40.55 -35.37
N PHE A 135 12.22 40.56 -34.19
CA PHE A 135 11.26 41.60 -33.84
C PHE A 135 11.99 42.93 -33.62
N CYS A 136 11.41 43.99 -34.16
CA CYS A 136 11.91 45.33 -33.90
C CYS A 136 11.42 45.81 -32.53
N ASN A 137 11.91 47.00 -32.14
CA ASN A 137 11.62 47.51 -30.81
C ASN A 137 10.15 47.90 -30.67
N ASP A 138 9.54 48.40 -31.73
CA ASP A 138 8.14 48.80 -31.70
C ASP A 138 7.35 48.02 -32.74
N PRO A 139 6.73 46.88 -32.32
CA PRO A 139 5.87 46.14 -33.20
C PRO A 139 4.54 46.87 -33.46
N PHE A 140 3.90 46.53 -34.56
CA PHE A 140 2.61 47.12 -34.95
C PHE A 140 2.03 46.21 -36.02
N LEU A 141 0.76 46.36 -36.36
CA LEU A 141 0.16 45.68 -37.52
C LEU A 141 -0.62 46.79 -38.20
N GLY A 142 0.05 47.77 -38.83
CA GLY A 142 -0.63 48.97 -39.36
C GLY A 142 -1.74 48.63 -40.33
N VAL A 143 -2.85 49.36 -40.28
CA VAL A 143 -3.99 48.99 -41.17
C VAL A 143 -4.68 50.26 -41.70
N TYR A 144 -4.61 50.51 -43.01
CA TYR A 144 -5.32 51.67 -43.52
C TYR A 144 -6.63 51.25 -44.16
N TYR A 145 -7.64 52.10 -44.04
CA TYR A 145 -8.97 51.80 -44.56
C TYR A 145 -8.96 51.87 -46.08
N HIS A 146 -9.54 50.84 -46.71
CA HIS A 146 -9.64 50.79 -48.16
C HIS A 146 -10.79 49.88 -48.59
N MET A 153 -10.51 46.72 -45.04
CA MET A 153 -9.28 47.42 -44.69
C MET A 153 -8.03 46.59 -45.03
N GLU A 154 -6.99 47.26 -45.50
CA GLU A 154 -5.77 46.57 -45.90
C GLU A 154 -4.73 46.64 -44.80
N SER A 155 -4.18 45.48 -44.44
CA SER A 155 -3.24 45.35 -43.33
C SER A 155 -1.82 45.20 -43.88
N GLU A 156 -0.89 45.94 -43.27
CA GLU A 156 0.53 45.83 -43.58
C GLU A 156 1.26 45.28 -42.37
N PHE A 157 2.03 44.21 -42.58
CA PHE A 157 2.73 43.56 -41.45
C PHE A 157 4.04 44.30 -41.16
N ARG A 158 4.18 44.74 -39.92
CA ARG A 158 5.40 45.40 -39.46
C ARG A 158 5.91 44.84 -38.14
N VAL A 159 5.65 43.56 -37.85
CA VAL A 159 6.01 43.02 -36.55
C VAL A 159 7.38 42.34 -36.60
N TYR A 160 7.67 41.62 -37.70
CA TYR A 160 8.93 40.91 -37.82
C TYR A 160 9.67 41.36 -39.07
N SER A 161 10.97 41.60 -38.93
CA SER A 161 11.79 41.96 -40.09
C SER A 161 12.09 40.74 -40.95
N SER A 162 12.40 39.61 -40.32
CA SER A 162 12.77 38.39 -41.03
C SER A 162 12.36 37.18 -40.22
N ALA A 163 11.97 36.11 -40.91
CA ALA A 163 11.56 34.86 -40.28
C ALA A 163 12.42 33.73 -40.81
N ASN A 164 13.08 33.01 -39.90
CA ASN A 164 13.94 31.89 -40.27
C ASN A 164 13.70 30.74 -39.33
N ASN A 165 14.01 29.52 -39.81
CA ASN A 165 13.95 28.28 -39.04
C ASN A 165 12.56 28.04 -38.47
N CYS A 166 11.55 28.16 -39.33
CA CYS A 166 10.17 28.04 -38.91
C CYS A 166 9.81 26.58 -38.67
N THR A 167 9.20 26.30 -37.52
CA THR A 167 8.94 24.93 -37.10
C THR A 167 7.48 24.66 -36.76
N PHE A 168 6.60 25.64 -36.93
CA PHE A 168 5.20 25.44 -36.58
C PHE A 168 4.33 26.36 -37.40
N GLU A 169 3.09 25.92 -37.65
CA GLU A 169 2.12 26.69 -38.41
C GLU A 169 0.73 26.20 -38.04
N TYR A 170 -0.20 27.13 -37.83
CA TYR A 170 -1.54 26.78 -37.39
C TYR A 170 -2.51 27.89 -37.79
N VAL A 171 -3.59 27.52 -38.48
CA VAL A 171 -4.63 28.45 -38.90
C VAL A 171 -5.99 27.88 -38.53
N SER A 172 -6.90 28.75 -38.09
CA SER A 172 -8.25 28.35 -37.72
C SER A 172 -9.17 29.56 -37.80
N GLN A 173 -10.38 29.42 -37.26
CA GLN A 173 -11.33 30.51 -37.14
C GLN A 173 -10.75 31.59 -36.23
N PRO A 174 -10.98 32.87 -36.53
CA PRO A 174 -10.37 33.95 -35.73
C PRO A 174 -10.76 33.91 -34.26
N PHE A 175 -9.75 34.09 -33.39
CA PHE A 175 -9.97 34.10 -31.95
C PHE A 175 -10.79 35.32 -31.53
N LEU A 176 -10.51 36.46 -32.15
CA LEU A 176 -11.22 37.71 -31.88
C LEU A 176 -12.17 37.99 -33.04
N MET A 177 -13.42 38.29 -32.70
CA MET A 177 -14.43 38.52 -33.73
C MET A 177 -14.48 40.00 -34.11
N ASP A 178 -15.08 40.25 -35.28
CA ASP A 178 -15.18 41.61 -35.80
C ASP A 178 -16.22 42.41 -35.00
N LEU A 179 -15.92 43.68 -34.76
CA LEU A 179 -16.80 44.56 -34.01
C LEU A 179 -17.30 45.74 -34.83
N GLU A 180 -17.12 45.70 -36.15
CA GLU A 180 -17.54 46.80 -37.01
C GLU A 180 -19.03 46.72 -37.30
N ASN A 185 -20.70 50.64 -30.44
CA ASN A 185 -21.46 51.09 -29.27
C ASN A 185 -20.85 50.54 -27.99
N PHE A 186 -21.50 49.53 -27.41
CA PHE A 186 -21.00 48.92 -26.19
C PHE A 186 -19.78 48.05 -26.48
N LYS A 187 -18.82 48.06 -25.56
CA LYS A 187 -17.65 47.22 -25.71
C LYS A 187 -18.00 45.76 -25.40
N ASN A 188 -17.11 44.87 -25.81
CA ASN A 188 -17.21 43.45 -25.49
C ASN A 188 -15.95 43.01 -24.74
N LEU A 189 -16.14 42.43 -23.56
CA LEU A 189 -15.01 42.02 -22.74
C LEU A 189 -14.39 40.75 -23.30
N ARG A 190 -13.08 40.79 -23.53
CA ARG A 190 -12.32 39.65 -24.02
C ARG A 190 -11.27 39.27 -23.00
N GLU A 191 -11.28 38.02 -22.56
CA GLU A 191 -10.34 37.53 -21.57
C GLU A 191 -9.55 36.37 -22.15
N PHE A 192 -8.24 36.36 -21.89
CA PHE A 192 -7.37 35.30 -22.36
C PHE A 192 -6.39 34.92 -21.26
N VAL A 193 -6.24 33.62 -21.05
CA VAL A 193 -5.28 33.07 -20.10
C VAL A 193 -4.30 32.18 -20.86
N PHE A 194 -3.02 32.48 -20.74
CA PHE A 194 -1.96 31.77 -21.44
C PHE A 194 -1.14 30.97 -20.44
N LYS A 195 -0.99 29.67 -20.68
CA LYS A 195 -0.18 28.80 -19.84
C LYS A 195 0.83 28.06 -20.71
N ASN A 196 2.05 27.91 -20.18
CA ASN A 196 3.12 27.19 -20.86
C ASN A 196 3.66 26.13 -19.90
N ILE A 197 3.02 24.96 -19.92
CA ILE A 197 3.42 23.84 -19.07
C ILE A 197 3.66 22.62 -19.96
N ASP A 198 4.74 21.88 -19.66
CA ASP A 198 5.10 20.62 -20.33
C ASP A 198 5.27 20.80 -21.84
N GLY A 199 5.71 21.98 -22.26
CA GLY A 199 5.89 22.27 -23.66
C GLY A 199 4.61 22.52 -24.44
N TYR A 200 3.46 22.61 -23.77
CA TYR A 200 2.19 22.87 -24.42
C TYR A 200 1.72 24.27 -24.09
N PHE A 201 1.28 25.01 -25.12
CA PHE A 201 0.74 26.34 -24.95
C PHE A 201 -0.79 26.24 -24.91
N LYS A 202 -1.37 26.57 -23.76
CA LYS A 202 -2.80 26.44 -23.55
C LYS A 202 -3.44 27.83 -23.49
N ILE A 203 -4.48 28.02 -24.29
CA ILE A 203 -5.21 29.28 -24.35
C ILE A 203 -6.65 29.03 -23.93
N TYR A 204 -7.13 29.84 -22.98
CA TYR A 204 -8.52 29.79 -22.55
C TYR A 204 -9.14 31.15 -22.79
N SER A 205 -10.38 31.17 -23.27
CA SER A 205 -11.05 32.41 -23.64
C SER A 205 -12.53 32.30 -23.38
N LYS A 206 -13.17 33.46 -23.22
CA LYS A 206 -14.61 33.59 -23.10
C LYS A 206 -15.03 34.96 -23.61
N HIS A 207 -16.10 34.99 -24.39
CA HIS A 207 -16.56 36.22 -25.04
C HIS A 207 -17.83 36.68 -24.36
N THR A 208 -17.74 37.78 -23.61
CA THR A 208 -18.88 38.33 -22.89
C THR A 208 -19.00 39.82 -23.19
N PRO A 209 -20.16 40.28 -23.66
CA PRO A 209 -20.34 41.72 -23.87
C PRO A 209 -20.39 42.48 -22.55
N ILE A 210 -20.01 43.76 -22.59
CA ILE A 210 -20.01 44.62 -21.42
C ILE A 210 -20.86 45.84 -21.74
N ASN A 211 -21.35 46.50 -20.69
CA ASN A 211 -22.17 47.70 -20.87
C ASN A 211 -21.93 48.68 -19.74
N LEU A 212 -21.38 49.85 -20.09
CA LEU A 212 -21.21 51.00 -19.19
C LEU A 212 -20.30 50.70 -17.99
N VAL A 213 -19.36 49.77 -18.13
CA VAL A 213 -18.39 49.48 -17.07
C VAL A 213 -17.01 49.77 -17.64
N ARG A 214 -16.31 50.73 -17.03
CA ARG A 214 -14.97 51.07 -17.49
C ARG A 214 -13.96 49.99 -17.09
N ASP A 215 -14.02 49.54 -15.86
CA ASP A 215 -13.06 48.59 -15.33
C ASP A 215 -13.58 47.16 -15.53
N LEU A 216 -12.94 46.19 -14.87
CA LEU A 216 -13.41 44.81 -14.93
C LEU A 216 -14.74 44.68 -14.20
N PRO A 217 -15.75 44.11 -14.85
CA PRO A 217 -17.07 43.98 -14.20
C PRO A 217 -17.06 42.89 -13.14
N GLN A 218 -17.97 43.04 -12.18
CA GLN A 218 -18.12 42.08 -11.10
C GLN A 218 -19.07 40.98 -11.56
N GLY A 219 -18.60 39.75 -11.50
CA GLY A 219 -19.38 38.61 -11.95
C GLY A 219 -18.49 37.42 -12.17
N PHE A 220 -19.09 36.38 -12.76
CA PHE A 220 -18.39 35.12 -13.02
C PHE A 220 -18.55 34.75 -14.49
N SER A 221 -17.42 34.45 -15.13
CA SER A 221 -17.41 33.96 -16.50
C SER A 221 -16.35 32.87 -16.62
N ALA A 222 -16.79 31.65 -16.84
CA ALA A 222 -15.89 30.52 -16.95
C ALA A 222 -15.24 30.50 -18.33
N LEU A 223 -13.92 30.36 -18.34
CA LEU A 223 -13.14 30.41 -19.58
C LEU A 223 -13.06 29.02 -20.18
N GLU A 224 -13.72 28.84 -21.33
CA GLU A 224 -13.68 27.56 -22.02
C GLU A 224 -12.33 27.36 -22.71
N PRO A 225 -11.88 26.11 -22.81
CA PRO A 225 -10.64 25.85 -23.55
C PRO A 225 -10.78 26.20 -25.03
N LEU A 226 -9.69 26.68 -25.62
CA LEU A 226 -9.67 27.09 -27.01
C LEU A 226 -8.76 26.22 -27.86
N VAL A 227 -7.48 26.12 -27.51
CA VAL A 227 -6.52 25.35 -28.29
C VAL A 227 -5.35 24.98 -27.38
N ASP A 228 -4.71 23.86 -27.69
CA ASP A 228 -3.50 23.41 -27.00
C ASP A 228 -2.38 23.31 -28.03
N LEU A 229 -1.48 24.29 -28.03
CA LEU A 229 -0.43 24.38 -29.04
C LEU A 229 0.80 23.65 -28.56
N PRO A 230 1.29 22.63 -29.28
CA PRO A 230 2.57 21.98 -28.92
C PRO A 230 3.77 22.77 -29.44
N ILE A 231 3.95 23.99 -28.94
CA ILE A 231 5.00 24.85 -29.44
C ILE A 231 6.38 24.36 -29.00
N GLY A 232 6.49 23.90 -27.76
CA GLY A 232 7.75 23.35 -27.26
C GLY A 232 8.91 24.32 -27.21
N ILE A 233 8.63 25.58 -26.87
CA ILE A 233 9.70 26.61 -26.77
C ILE A 233 9.76 27.16 -25.35
N ASN A 234 10.57 28.20 -25.13
CA ASN A 234 10.70 28.83 -23.79
C ASN A 234 10.07 30.22 -23.86
N ILE A 235 9.16 30.54 -22.95
CA ILE A 235 8.46 31.85 -22.97
C ILE A 235 8.74 32.60 -21.67
N THR A 236 9.32 33.80 -21.76
CA THR A 236 9.63 34.59 -20.58
C THR A 236 9.06 36.00 -20.66
N ARG A 237 9.05 36.61 -21.84
CA ARG A 237 8.54 37.95 -22.04
C ARG A 237 7.40 37.92 -23.05
N PHE A 238 6.51 38.91 -22.98
CA PHE A 238 5.47 39.04 -23.98
C PHE A 238 5.11 40.51 -24.15
N GLN A 239 4.49 40.81 -25.29
CA GLN A 239 4.07 42.15 -25.65
C GLN A 239 2.69 42.09 -26.26
N THR A 240 2.09 43.25 -26.48
CA THR A 240 0.77 43.36 -27.09
C THR A 240 0.89 44.11 -28.42
N LEU A 241 0.31 43.53 -29.47
CA LEU A 241 0.41 44.06 -30.83
C LEU A 241 -0.79 44.96 -31.10
N LEU A 242 -0.53 46.25 -31.31
CA LEU A 242 -1.57 47.25 -31.49
C LEU A 242 -1.60 47.70 -32.94
N ALA A 243 -2.70 47.42 -33.64
CA ALA A 243 -2.90 47.95 -34.97
C ALA A 243 -3.29 49.42 -34.90
N LEU A 244 -2.58 50.26 -35.66
CA LEU A 244 -2.77 51.69 -35.60
C LEU A 244 -2.84 52.28 -37.00
N HIS A 245 -3.84 53.13 -37.23
CA HIS A 245 -3.95 53.94 -38.44
C HIS A 245 -3.76 55.40 -38.04
N ARG A 246 -2.58 55.94 -38.33
CA ARG A 246 -2.19 57.27 -37.89
C ARG A 246 -0.98 57.69 -38.71
N SER A 247 -0.68 58.99 -38.69
CA SER A 247 0.54 59.51 -39.32
C SER A 247 1.73 59.27 -38.40
N TYR A 248 2.08 57.98 -38.27
CA TYR A 248 3.15 57.58 -37.37
C TYR A 248 4.52 57.90 -37.93
N LEU A 249 4.63 57.99 -39.26
CA LEU A 249 5.89 58.38 -39.89
C LEU A 249 6.08 59.88 -39.83
N ALA A 262 -8.10 54.83 -27.16
CA ALA A 262 -9.54 54.66 -27.02
C ALA A 262 -9.86 53.45 -26.15
N ALA A 263 -9.10 52.37 -26.33
CA ALA A 263 -9.31 51.16 -25.58
C ALA A 263 -8.25 51.00 -24.48
N ALA A 264 -8.33 49.89 -23.76
CA ALA A 264 -7.38 49.57 -22.71
C ALA A 264 -7.34 48.06 -22.52
N TYR A 265 -6.17 47.55 -22.14
CA TYR A 265 -6.01 46.12 -21.91
C TYR A 265 -5.48 45.87 -20.50
N TYR A 266 -5.99 44.82 -19.87
CA TYR A 266 -5.71 44.51 -18.48
C TYR A 266 -4.85 43.25 -18.42
N VAL A 267 -3.73 43.33 -17.68
CA VAL A 267 -2.78 42.24 -17.61
C VAL A 267 -2.59 41.84 -16.15
N GLY A 268 -2.56 40.54 -15.89
CA GLY A 268 -2.34 40.02 -14.55
C GLY A 268 -1.62 38.70 -14.62
N TYR A 269 -1.01 38.33 -13.49
CA TYR A 269 -0.16 37.15 -13.40
C TYR A 269 -0.83 36.07 -12.56
N LEU A 270 -0.81 34.85 -13.07
CA LEU A 270 -1.36 33.72 -12.32
C LEU A 270 -0.41 33.30 -11.21
N GLN A 271 -0.97 32.62 -10.22
CA GLN A 271 -0.21 32.09 -9.08
C GLN A 271 -0.78 30.73 -8.70
N PRO A 272 0.03 29.86 -8.07
CA PRO A 272 -0.50 28.58 -7.61
C PRO A 272 -1.51 28.73 -6.48
N ARG A 273 -2.78 28.44 -6.77
CA ARG A 273 -3.85 28.60 -5.80
C ARG A 273 -4.75 27.37 -5.85
N THR A 274 -5.46 27.14 -4.75
CA THR A 274 -6.45 26.07 -4.67
C THR A 274 -7.83 26.68 -4.82
N PHE A 275 -8.61 26.17 -5.77
CA PHE A 275 -9.94 26.68 -6.07
C PHE A 275 -10.98 25.59 -5.86
N LEU A 276 -12.11 25.97 -5.26
CA LEU A 276 -13.25 25.07 -5.10
C LEU A 276 -14.27 25.45 -6.18
N LEU A 277 -14.38 24.61 -7.21
CA LEU A 277 -15.22 24.90 -8.36
C LEU A 277 -16.57 24.21 -8.20
N LYS A 278 -17.64 24.96 -8.42
CA LYS A 278 -19.00 24.45 -8.33
C LYS A 278 -19.56 24.28 -9.73
N TYR A 279 -19.80 23.04 -10.13
CA TYR A 279 -20.43 22.75 -11.41
C TYR A 279 -21.94 22.69 -11.24
N ASN A 280 -22.67 23.30 -12.17
CA ASN A 280 -24.12 23.35 -12.09
C ASN A 280 -24.73 22.07 -12.65
N GLU A 281 -26.05 22.04 -12.80
CA GLU A 281 -26.71 20.86 -13.35
C GLU A 281 -26.49 20.75 -14.86
N ASN A 282 -26.17 21.86 -15.52
CA ASN A 282 -25.89 21.85 -16.96
C ASN A 282 -24.42 21.66 -17.28
N GLY A 283 -23.56 21.55 -16.28
CA GLY A 283 -22.15 21.28 -16.50
C GLY A 283 -21.26 22.49 -16.64
N THR A 284 -21.71 23.67 -16.26
CA THR A 284 -20.93 24.89 -16.36
C THR A 284 -20.50 25.36 -14.98
N ILE A 285 -19.30 25.91 -14.89
CA ILE A 285 -18.77 26.43 -13.62
C ILE A 285 -19.44 27.77 -13.35
N THR A 286 -20.30 27.81 -12.33
CA THR A 286 -21.04 29.00 -12.00
C THR A 286 -20.57 29.69 -10.72
N ASP A 287 -19.70 29.05 -9.95
CA ASP A 287 -19.29 29.60 -8.67
C ASP A 287 -17.92 29.04 -8.30
N ALA A 288 -17.07 29.90 -7.74
CA ALA A 288 -15.71 29.52 -7.39
C ALA A 288 -15.30 30.22 -6.11
N VAL A 289 -14.31 29.63 -5.42
CA VAL A 289 -13.83 30.12 -4.14
C VAL A 289 -12.31 30.06 -4.14
N ASP A 290 -11.66 31.17 -3.79
CA ASP A 290 -10.21 31.20 -3.56
C ASP A 290 -9.93 30.89 -2.10
N CYS A 291 -9.23 29.79 -1.85
CA CYS A 291 -9.00 29.34 -0.48
C CYS A 291 -8.04 30.23 0.30
N ALA A 292 -7.31 31.12 -0.38
CA ALA A 292 -6.35 31.98 0.28
C ALA A 292 -6.85 33.40 0.50
N LEU A 293 -8.12 33.68 0.21
CA LEU A 293 -8.60 35.06 0.27
C LEU A 293 -8.97 35.47 1.70
N ASP A 294 -9.96 34.83 2.29
CA ASP A 294 -10.39 35.20 3.64
C ASP A 294 -10.74 33.95 4.44
N PRO A 295 -10.79 34.03 5.79
CA PRO A 295 -11.10 32.83 6.58
C PRO A 295 -12.46 32.20 6.29
N LEU A 296 -13.44 32.97 5.81
CA LEU A 296 -14.69 32.36 5.37
C LEU A 296 -14.46 31.42 4.19
N SER A 297 -13.65 31.84 3.23
CA SER A 297 -13.32 30.96 2.10
C SER A 297 -12.44 29.79 2.55
N GLU A 298 -11.58 30.02 3.53
CA GLU A 298 -10.79 28.91 4.08
C GLU A 298 -11.68 27.86 4.72
N THR A 299 -12.69 28.30 5.48
CA THR A 299 -13.64 27.38 6.07
C THR A 299 -14.45 26.66 5.01
N LYS A 300 -14.84 27.38 3.95
CA LYS A 300 -15.57 26.75 2.84
C LYS A 300 -14.73 25.69 2.15
N CYS A 301 -13.44 25.97 1.94
CA CYS A 301 -12.56 24.99 1.31
C CYS A 301 -12.31 23.79 2.20
N THR A 302 -12.20 23.99 3.52
CA THR A 302 -11.99 22.85 4.42
C THR A 302 -13.25 22.00 4.52
N LEU A 303 -14.43 22.62 4.50
CA LEU A 303 -15.66 21.87 4.62
C LEU A 303 -16.19 21.34 3.29
N LYS A 304 -15.57 21.75 2.17
CA LYS A 304 -15.96 21.33 0.81
C LYS A 304 -17.42 21.68 0.53
N SER A 305 -17.85 22.84 1.01
CA SER A 305 -19.22 23.29 0.82
C SER A 305 -19.23 24.81 0.75
N PHE A 306 -20.14 25.35 -0.06
CA PHE A 306 -20.22 26.79 -0.28
C PHE A 306 -21.02 27.51 0.80
N THR A 307 -21.72 26.77 1.66
CA THR A 307 -22.47 27.35 2.77
C THR A 307 -22.03 26.67 4.06
N VAL A 308 -21.65 27.47 5.04
CA VAL A 308 -21.25 26.97 6.36
C VAL A 308 -22.33 27.31 7.36
N GLU A 309 -22.39 26.53 8.43
CA GLU A 309 -23.40 26.69 9.46
C GLU A 309 -22.81 27.46 10.65
N LYS A 310 -23.65 27.72 11.65
CA LYS A 310 -23.20 28.45 12.82
C LYS A 310 -22.39 27.55 13.75
N GLY A 311 -21.27 28.08 14.22
CA GLY A 311 -20.41 27.37 15.15
C GLY A 311 -18.96 27.67 14.87
N ILE A 312 -18.09 26.87 15.47
CA ILE A 312 -16.64 27.00 15.31
C ILE A 312 -16.16 25.91 14.36
N TYR A 313 -15.15 26.23 13.56
CA TYR A 313 -14.56 25.28 12.63
C TYR A 313 -13.05 25.45 12.62
N GLN A 314 -12.33 24.33 12.61
CA GLN A 314 -10.88 24.34 12.50
C GLN A 314 -10.48 24.23 11.04
N THR A 315 -9.62 25.14 10.58
CA THR A 315 -9.26 25.24 9.17
C THR A 315 -7.80 24.86 8.97
N SER A 316 -7.57 24.00 7.98
CA SER A 316 -6.21 23.68 7.56
C SER A 316 -5.62 24.83 6.76
N ASN A 317 -4.31 24.78 6.55
CA ASN A 317 -3.59 25.88 5.94
C ASN A 317 -3.86 25.93 4.43
N PHE A 318 -4.29 27.11 3.96
CA PHE A 318 -4.34 27.41 2.55
C PHE A 318 -3.91 28.85 2.26
N ARG A 319 -3.39 29.57 3.25
CA ARG A 319 -3.23 31.01 3.15
C ARG A 319 -1.81 31.43 2.75
N VAL A 320 -0.80 30.60 3.01
CA VAL A 320 0.58 30.98 2.80
C VAL A 320 1.21 30.04 1.77
N GLN A 321 1.99 30.61 0.85
CA GLN A 321 2.71 29.86 -0.15
C GLN A 321 4.14 30.40 -0.23
N PRO A 322 5.15 29.53 -0.37
CA PRO A 322 6.53 30.03 -0.49
C PRO A 322 6.78 30.67 -1.84
N THR A 323 7.54 31.76 -1.83
CA THR A 323 7.87 32.50 -3.03
C THR A 323 9.35 32.53 -3.36
N GLU A 324 10.22 32.43 -2.36
CA GLU A 324 11.66 32.44 -2.55
C GLU A 324 12.27 31.14 -2.05
N SER A 325 13.42 30.79 -2.61
CA SER A 325 14.11 29.57 -2.25
C SER A 325 15.58 29.86 -1.97
N ILE A 326 16.12 29.25 -0.93
CA ILE A 326 17.51 29.42 -0.53
C ILE A 326 18.15 28.04 -0.43
N VAL A 327 19.44 27.97 -0.78
CA VAL A 327 20.23 26.75 -0.69
C VAL A 327 21.51 27.07 0.08
N ARG A 328 21.93 26.15 0.95
CA ARG A 328 23.11 26.34 1.78
C ARG A 328 23.96 25.07 1.72
N PHE A 329 25.11 25.17 1.06
CA PHE A 329 26.08 24.10 0.93
C PHE A 329 27.41 24.52 1.57
N PRO A 330 28.25 23.57 1.97
CA PRO A 330 29.53 23.93 2.59
C PRO A 330 30.47 24.61 1.60
N ASN A 331 31.46 25.32 2.16
CA ASN A 331 32.44 26.07 1.38
C ASN A 331 33.42 25.08 0.75
N ILE A 332 33.01 24.50 -0.37
CA ILE A 332 33.83 23.57 -1.13
C ILE A 332 34.07 24.14 -2.50
N THR A 333 35.33 24.17 -2.93
CA THR A 333 35.73 24.82 -4.17
C THR A 333 36.29 23.85 -5.20
N ASN A 334 37.22 22.98 -4.79
CA ASN A 334 37.90 22.10 -5.73
C ASN A 334 36.97 21.01 -6.26
N LEU A 335 37.20 20.60 -7.50
CA LEU A 335 36.42 19.55 -8.13
C LEU A 335 36.98 18.18 -7.80
N CYS A 336 36.15 17.16 -7.96
CA CYS A 336 36.57 15.80 -7.63
C CYS A 336 37.43 15.23 -8.75
N PRO A 337 38.33 14.29 -8.43
CA PRO A 337 39.13 13.65 -9.49
C PRO A 337 38.39 12.52 -10.19
N PHE A 338 37.13 12.77 -10.60
CA PHE A 338 36.38 11.75 -11.34
C PHE A 338 37.03 11.47 -12.68
N GLY A 339 37.53 12.51 -13.35
CA GLY A 339 38.26 12.30 -14.58
C GLY A 339 39.53 11.50 -14.39
N GLU A 340 40.26 11.80 -13.31
CA GLU A 340 41.49 11.08 -13.00
C GLU A 340 41.22 9.61 -12.71
N VAL A 341 40.13 9.32 -11.99
CA VAL A 341 39.75 7.93 -11.76
C VAL A 341 39.35 7.25 -13.06
N PHE A 342 38.54 7.93 -13.88
CA PHE A 342 37.91 7.26 -15.02
C PHE A 342 38.89 7.04 -16.16
N ASN A 343 39.88 7.92 -16.33
CA ASN A 343 40.76 7.77 -17.49
C ASN A 343 41.96 6.88 -17.18
N ALA A 344 41.95 6.19 -16.04
CA ALA A 344 43.08 5.39 -15.56
C ALA A 344 43.47 4.31 -16.57
N THR A 345 44.77 4.15 -16.81
CA THR A 345 45.23 3.25 -17.85
C THR A 345 45.07 1.79 -17.46
N ARG A 346 44.95 1.51 -16.17
CA ARG A 346 44.74 0.16 -15.68
C ARG A 346 43.94 0.19 -14.38
N PHE A 347 42.75 -0.38 -14.42
CA PHE A 347 41.99 -0.65 -13.21
C PHE A 347 42.46 -1.98 -12.62
N ALA A 348 41.97 -2.33 -11.43
CA ALA A 348 42.27 -3.59 -10.80
C ALA A 348 41.28 -4.65 -11.28
N SER A 349 41.66 -5.91 -11.10
CA SER A 349 40.81 -7.01 -11.51
C SER A 349 39.59 -7.10 -10.60
N VAL A 350 38.58 -7.83 -11.07
CA VAL A 350 37.32 -7.89 -10.33
C VAL A 350 37.45 -8.74 -9.06
N TYR A 351 38.41 -9.67 -9.01
CA TYR A 351 38.55 -10.49 -7.81
C TYR A 351 39.20 -9.70 -6.68
N ALA A 352 40.02 -8.71 -7.00
CA ALA A 352 40.61 -7.80 -6.03
C ALA A 352 40.29 -6.38 -6.48
N TRP A 353 39.10 -5.91 -6.12
CA TRP A 353 38.64 -4.60 -6.58
C TRP A 353 39.23 -3.49 -5.72
N ASN A 354 39.52 -2.36 -6.35
CA ASN A 354 40.12 -1.22 -5.68
C ASN A 354 39.03 -0.32 -5.11
N ARG A 355 39.16 0.03 -3.83
CA ARG A 355 38.24 0.93 -3.17
C ARG A 355 38.96 2.22 -2.84
N LYS A 356 38.40 3.34 -3.29
CA LYS A 356 39.01 4.65 -3.15
C LYS A 356 38.04 5.59 -2.45
N ARG A 357 38.53 6.31 -1.45
CA ARG A 357 37.72 7.24 -0.69
C ARG A 357 37.76 8.62 -1.36
N ILE A 358 36.59 9.15 -1.66
CA ILE A 358 36.45 10.46 -2.31
C ILE A 358 35.81 11.40 -1.29
N SER A 359 36.50 12.51 -1.01
CA SER A 359 35.99 13.47 -0.02
C SER A 359 36.57 14.84 -0.30
N ASN A 360 35.91 15.86 0.26
CA ASN A 360 36.35 17.26 0.23
C ASN A 360 36.51 17.79 -1.19
N CYS A 361 35.49 17.56 -2.02
CA CYS A 361 35.49 18.07 -3.38
C CYS A 361 34.04 18.26 -3.83
N VAL A 362 33.85 18.51 -5.12
CA VAL A 362 32.55 18.79 -5.70
C VAL A 362 32.21 17.68 -6.69
N ALA A 363 31.12 16.96 -6.43
CA ALA A 363 30.74 15.81 -7.25
C ALA A 363 29.92 16.29 -8.44
N ASP A 364 30.60 16.91 -9.39
CA ASP A 364 29.98 17.37 -10.62
C ASP A 364 30.22 16.33 -11.70
N TYR A 365 29.16 15.63 -12.11
CA TYR A 365 29.24 14.65 -13.18
C TYR A 365 28.88 15.24 -14.53
N SER A 366 28.67 16.56 -14.61
CA SER A 366 28.37 17.19 -15.89
C SER A 366 29.60 17.24 -16.78
N VAL A 367 30.80 17.21 -16.18
CA VAL A 367 32.02 17.19 -16.98
C VAL A 367 32.27 15.80 -17.56
N LEU A 368 31.60 14.79 -17.00
CA LEU A 368 31.82 13.42 -17.44
C LEU A 368 31.06 13.07 -18.71
N TYR A 369 30.20 13.96 -19.21
CA TYR A 369 29.51 13.69 -20.47
C TYR A 369 30.49 13.66 -21.64
N ASN A 370 31.44 14.60 -21.66
CA ASN A 370 32.36 14.68 -22.80
C ASN A 370 33.42 13.58 -22.74
N SER A 371 33.72 13.07 -21.55
CA SER A 371 34.76 12.06 -21.41
C SER A 371 34.32 10.74 -22.03
N ALA A 372 33.13 10.26 -21.67
CA ALA A 372 32.64 8.98 -22.16
C ALA A 372 31.13 8.94 -22.02
N SER A 373 30.51 7.99 -22.71
CA SER A 373 29.08 7.73 -22.60
C SER A 373 28.89 6.43 -21.83
N PHE A 374 28.16 6.49 -20.72
CA PHE A 374 27.98 5.34 -19.84
C PHE A 374 26.83 4.49 -20.39
N SER A 375 27.14 3.23 -20.72
CA SER A 375 26.12 2.33 -21.22
C SER A 375 25.13 1.95 -20.13
N THR A 376 25.60 1.77 -18.90
CA THR A 376 24.74 1.46 -17.78
C THR A 376 24.96 2.48 -16.67
N PHE A 377 23.89 3.20 -16.32
CA PHE A 377 23.95 4.20 -15.25
C PHE A 377 22.58 4.22 -14.58
N LYS A 378 22.45 3.46 -13.50
CA LYS A 378 21.23 3.44 -12.71
C LYS A 378 21.61 3.56 -11.24
N CYS A 379 20.77 4.23 -10.46
CA CYS A 379 21.06 4.56 -9.07
C CYS A 379 20.08 3.82 -8.18
N TYR A 380 20.57 3.32 -7.05
CA TYR A 380 19.75 2.60 -6.08
C TYR A 380 19.63 3.45 -4.81
N GLY A 381 18.41 3.62 -4.33
CA GLY A 381 18.17 4.40 -3.14
C GLY A 381 18.25 5.89 -3.33
N VAL A 382 18.44 6.36 -4.56
CA VAL A 382 18.60 7.77 -4.87
C VAL A 382 18.22 7.97 -6.33
N SER A 383 17.71 9.15 -6.66
CA SER A 383 17.38 9.29 -8.06
C SER A 383 18.47 10.04 -8.81
N PRO A 384 18.75 9.66 -10.06
CA PRO A 384 19.76 10.39 -10.84
C PRO A 384 19.40 11.84 -11.13
N THR A 385 18.11 12.15 -11.28
CA THR A 385 17.70 13.52 -11.51
C THR A 385 17.88 14.38 -10.25
N LYS A 386 17.67 13.80 -9.08
CA LYS A 386 17.86 14.50 -7.82
C LYS A 386 19.27 14.37 -7.28
N LEU A 387 20.21 13.85 -8.09
CA LEU A 387 21.57 13.67 -7.64
C LEU A 387 22.32 14.98 -7.47
N ASN A 388 21.84 16.06 -8.09
CA ASN A 388 22.54 17.34 -7.98
C ASN A 388 22.26 18.02 -6.63
N ASP A 389 21.00 18.08 -6.23
CA ASP A 389 20.63 18.83 -5.02
C ASP A 389 20.62 17.97 -3.76
N LEU A 390 21.72 17.25 -3.54
CA LEU A 390 21.92 16.45 -2.33
C LEU A 390 23.35 16.60 -1.87
N CYS A 391 23.59 16.28 -0.59
CA CYS A 391 24.95 16.26 -0.06
C CYS A 391 25.24 14.95 0.63
N PHE A 392 26.45 14.42 0.37
CA PHE A 392 26.82 13.05 0.70
C PHE A 392 27.81 13.05 1.85
N THR A 393 27.60 12.13 2.79
CA THR A 393 28.45 12.08 3.98
C THR A 393 29.79 11.41 3.68
N ASN A 394 29.77 10.13 3.35
CA ASN A 394 30.98 9.36 3.06
C ASN A 394 30.82 8.70 1.70
N VAL A 395 31.79 8.94 0.81
CA VAL A 395 31.73 8.45 -0.55
C VAL A 395 32.93 7.54 -0.80
N TYR A 396 32.66 6.33 -1.28
CA TYR A 396 33.70 5.39 -1.68
C TYR A 396 33.44 4.93 -3.10
N ALA A 397 34.52 4.80 -3.87
CA ALA A 397 34.44 4.37 -5.27
C ALA A 397 35.06 2.99 -5.40
N ASP A 398 34.28 2.03 -5.89
CA ASP A 398 34.75 0.67 -6.14
C ASP A 398 34.91 0.50 -7.65
N SER A 399 36.10 0.14 -8.09
CA SER A 399 36.44 0.11 -9.51
C SER A 399 36.99 -1.26 -9.89
N PHE A 400 36.48 -1.81 -10.99
CA PHE A 400 36.95 -3.09 -11.53
C PHE A 400 36.61 -3.13 -13.02
N VAL A 401 37.01 -4.21 -13.67
CA VAL A 401 36.79 -4.41 -15.09
C VAL A 401 36.14 -5.77 -15.30
N ILE A 402 34.99 -5.79 -15.98
CA ILE A 402 34.25 -7.01 -16.26
C ILE A 402 33.91 -7.06 -17.74
N ARG A 403 33.16 -8.09 -18.13
CA ARG A 403 32.73 -8.26 -19.51
C ARG A 403 31.36 -7.60 -19.70
N GLY A 404 30.73 -7.86 -20.84
CA GLY A 404 29.44 -7.27 -21.14
C GLY A 404 28.27 -8.03 -20.56
N ASP A 405 28.48 -9.32 -20.25
CA ASP A 405 27.40 -10.14 -19.73
C ASP A 405 27.32 -10.11 -18.20
N GLU A 406 28.14 -9.31 -17.54
CA GLU A 406 28.20 -9.28 -16.09
C GLU A 406 27.81 -7.93 -15.50
N VAL A 407 27.53 -6.94 -16.34
CA VAL A 407 27.04 -5.65 -15.85
C VAL A 407 25.68 -5.81 -15.21
N ARG A 408 24.86 -6.73 -15.73
CA ARG A 408 23.62 -7.08 -15.04
C ARG A 408 23.89 -7.76 -13.71
N GLN A 409 25.00 -8.49 -13.60
CA GLN A 409 25.32 -9.14 -12.32
C GLN A 409 25.85 -8.13 -11.31
N ILE A 410 26.34 -6.98 -11.78
CA ILE A 410 26.68 -5.91 -10.84
C ILE A 410 25.40 -5.15 -10.52
N ALA A 411 24.66 -5.67 -9.54
CA ALA A 411 23.37 -5.12 -9.11
C ALA A 411 22.98 -5.81 -7.80
N PRO A 412 22.30 -5.10 -6.90
CA PRO A 412 21.82 -5.76 -5.68
C PRO A 412 20.77 -6.81 -5.99
N GLY A 413 20.82 -7.91 -5.23
CA GLY A 413 19.88 -9.00 -5.39
C GLY A 413 19.98 -9.72 -6.73
N GLN A 414 21.21 -9.99 -7.17
CA GLN A 414 21.45 -10.63 -8.46
C GLN A 414 22.45 -11.77 -8.28
N THR A 415 22.28 -12.81 -9.10
CA THR A 415 23.13 -13.99 -9.04
C THR A 415 24.06 -14.03 -10.25
N GLY A 416 25.03 -14.91 -10.18
CA GLY A 416 26.03 -15.04 -11.23
C GLY A 416 27.36 -15.40 -10.62
N LYS A 417 28.35 -15.63 -11.49
CA LYS A 417 29.69 -15.95 -11.02
C LYS A 417 30.34 -14.74 -10.35
N ILE A 418 30.16 -13.55 -10.94
CA ILE A 418 30.78 -12.34 -10.39
C ILE A 418 30.12 -11.95 -9.08
N ALA A 419 28.79 -11.98 -9.03
CA ALA A 419 28.08 -11.60 -7.81
C ALA A 419 28.37 -12.55 -6.67
N ASP A 420 28.46 -13.85 -6.95
CA ASP A 420 28.70 -14.82 -5.89
C ASP A 420 30.16 -14.80 -5.44
N TYR A 421 31.11 -14.75 -6.37
CA TYR A 421 32.50 -15.06 -6.04
C TYR A 421 33.46 -13.89 -6.12
N ASN A 422 33.06 -12.77 -6.73
CA ASN A 422 34.00 -11.67 -6.95
C ASN A 422 33.57 -10.39 -6.24
N TYR A 423 32.34 -9.92 -6.44
CA TYR A 423 31.89 -8.66 -5.90
C TYR A 423 30.38 -8.70 -5.68
N LYS A 424 29.96 -8.60 -4.42
CA LYS A 424 28.55 -8.68 -4.06
C LYS A 424 28.09 -7.34 -3.48
N LEU A 425 26.90 -6.91 -3.89
CA LEU A 425 26.29 -5.66 -3.42
C LEU A 425 25.24 -5.96 -2.36
N PRO A 426 25.13 -5.10 -1.35
CA PRO A 426 24.12 -5.32 -0.30
C PRO A 426 22.70 -5.10 -0.82
N ASP A 427 21.74 -5.69 -0.10
CA ASP A 427 20.35 -5.52 -0.46
C ASP A 427 19.88 -4.09 -0.22
N ASP A 428 20.30 -3.48 0.88
CA ASP A 428 19.98 -2.10 1.19
C ASP A 428 21.05 -1.13 0.67
N PHE A 429 21.39 -1.26 -0.60
CA PHE A 429 22.47 -0.48 -1.19
C PHE A 429 21.96 0.89 -1.62
N THR A 430 22.67 1.94 -1.21
CA THR A 430 22.36 3.31 -1.60
C THR A 430 23.55 3.84 -2.41
N GLY A 431 23.41 3.87 -3.72
CA GLY A 431 24.50 4.33 -4.56
C GLY A 431 24.13 4.24 -6.03
N CYS A 432 25.11 4.57 -6.86
CA CYS A 432 24.97 4.56 -8.31
C CYS A 432 26.07 3.71 -8.92
N VAL A 433 25.69 2.86 -9.87
CA VAL A 433 26.64 2.01 -10.58
C VAL A 433 26.89 2.60 -11.96
N ILE A 434 28.16 2.85 -12.28
CA ILE A 434 28.56 3.47 -13.54
C ILE A 434 29.32 2.44 -14.35
N ALA A 435 28.92 2.26 -15.60
CA ALA A 435 29.57 1.28 -16.47
C ALA A 435 29.55 1.78 -17.91
N TRP A 436 30.61 1.50 -18.65
CA TRP A 436 30.70 1.86 -20.05
C TRP A 436 31.64 0.90 -20.76
N ASN A 437 31.51 0.84 -22.09
CA ASN A 437 32.37 0.00 -22.90
C ASN A 437 33.77 0.61 -23.00
N SER A 438 34.79 -0.25 -22.87
CA SER A 438 36.18 0.18 -22.94
C SER A 438 36.96 -0.79 -23.84
N ASN A 439 36.40 -1.07 -25.01
CA ASN A 439 37.08 -1.93 -25.98
C ASN A 439 38.28 -1.23 -26.61
N ASN A 440 38.35 0.10 -26.52
CA ASN A 440 39.42 0.86 -27.14
C ASN A 440 40.73 0.75 -26.37
N LEU A 441 40.70 1.07 -25.07
CA LEU A 441 41.95 1.21 -24.32
C LEU A 441 42.36 -0.10 -23.65
N ASP A 442 41.39 -0.81 -23.07
CA ASP A 442 41.73 -2.00 -22.30
C ASP A 442 42.13 -3.17 -23.20
N SER A 443 41.39 -3.39 -24.28
CA SER A 443 41.61 -4.55 -25.15
C SER A 443 42.66 -4.21 -26.18
N LYS A 444 43.87 -4.73 -26.00
CA LYS A 444 44.94 -4.50 -26.96
C LYS A 444 44.98 -5.61 -28.01
N VAL A 445 45.76 -5.38 -29.06
CA VAL A 445 45.88 -6.35 -30.14
C VAL A 445 46.69 -7.55 -29.65
N GLY A 446 46.18 -8.74 -29.89
CA GLY A 446 46.81 -9.96 -29.45
C GLY A 446 46.36 -10.47 -28.11
N GLY A 447 45.54 -9.73 -27.38
CA GLY A 447 45.02 -10.24 -26.13
C GLY A 447 45.58 -9.51 -24.93
N ASN A 448 44.66 -9.05 -24.07
CA ASN A 448 45.01 -8.45 -22.78
C ASN A 448 44.63 -9.43 -21.69
N TYR A 449 45.62 -9.96 -20.98
CA TYR A 449 45.41 -10.97 -19.96
C TYR A 449 45.71 -10.43 -18.56
N ASN A 450 45.71 -9.11 -18.37
CA ASN A 450 46.04 -8.49 -17.07
C ASN A 450 44.80 -8.36 -16.20
N TYR A 451 43.65 -8.92 -16.58
CA TYR A 451 42.45 -8.92 -15.76
C TYR A 451 42.01 -10.34 -15.46
N LEU A 452 41.65 -10.60 -14.21
CA LEU A 452 41.30 -11.93 -13.76
C LEU A 452 39.95 -11.91 -13.06
N TYR A 453 39.29 -13.07 -13.05
CA TYR A 453 38.05 -13.26 -12.32
C TYR A 453 38.09 -14.61 -11.63
N ARG A 454 37.51 -14.67 -10.43
CA ARG A 454 37.52 -15.87 -9.61
C ARG A 454 36.34 -16.74 -10.02
N LEU A 455 36.63 -17.93 -10.53
CA LEU A 455 35.57 -18.78 -11.06
C LEU A 455 35.07 -19.76 -10.00
N PHE A 456 35.97 -20.34 -9.21
CA PHE A 456 35.61 -21.34 -8.21
C PHE A 456 35.85 -20.79 -6.81
N ARG A 457 34.88 -20.98 -5.91
CA ARG A 457 35.03 -20.57 -4.49
C ARG A 457 34.15 -21.49 -3.65
N LYS A 458 34.49 -21.71 -2.39
CA LYS A 458 33.77 -22.62 -1.51
C LYS A 458 32.35 -22.13 -1.25
N SER A 459 32.18 -20.83 -1.01
CA SER A 459 30.88 -20.28 -0.65
C SER A 459 30.75 -18.87 -1.21
N ASN A 460 29.51 -18.38 -1.24
CA ASN A 460 29.23 -17.06 -1.75
C ASN A 460 29.75 -15.99 -0.79
N LEU A 461 29.94 -14.79 -1.33
CA LEU A 461 30.52 -13.69 -0.57
C LEU A 461 29.45 -12.85 0.12
N LYS A 462 29.76 -12.37 1.32
CA LYS A 462 28.99 -11.33 1.95
C LYS A 462 29.20 -10.02 1.20
N PRO A 463 28.26 -9.09 1.28
CA PRO A 463 28.38 -7.82 0.53
C PRO A 463 29.60 -7.02 0.94
N PHE A 464 30.20 -6.36 -0.06
CA PHE A 464 31.38 -5.51 0.10
C PHE A 464 32.55 -6.26 0.74
N GLU A 465 32.72 -7.51 0.32
CA GLU A 465 33.82 -8.35 0.79
C GLU A 465 34.64 -8.82 -0.39
N ARG A 466 35.95 -8.66 -0.29
CA ARG A 466 36.88 -9.13 -1.31
C ARG A 466 37.68 -10.28 -0.75
N ASP A 467 38.24 -11.11 -1.63
CA ASP A 467 39.16 -12.17 -1.24
C ASP A 467 40.25 -12.25 -2.31
N ILE A 468 41.50 -12.25 -1.87
CA ILE A 468 42.65 -12.28 -2.77
C ILE A 468 43.47 -13.54 -2.61
N SER A 469 42.96 -14.52 -1.87
CA SER A 469 43.69 -15.77 -1.67
C SER A 469 43.74 -16.58 -2.97
N THR A 470 44.92 -17.12 -3.25
CA THR A 470 45.15 -17.89 -4.47
C THR A 470 45.36 -19.37 -4.17
N GLU A 471 44.82 -19.86 -3.05
CA GLU A 471 44.96 -21.27 -2.73
C GLU A 471 44.12 -22.12 -3.67
N ILE A 472 44.55 -23.37 -3.88
CA ILE A 472 43.90 -24.24 -4.85
C ILE A 472 42.56 -24.71 -4.30
N TYR A 473 41.53 -24.61 -5.14
CA TYR A 473 40.18 -25.05 -4.77
C TYR A 473 40.10 -26.56 -4.87
N GLN A 474 39.74 -27.21 -3.76
CA GLN A 474 39.63 -28.67 -3.72
C GLN A 474 38.22 -29.05 -4.15
N ALA A 475 38.05 -29.18 -5.47
CA ALA A 475 36.74 -29.52 -6.03
C ALA A 475 36.35 -30.94 -5.69
N GLY A 476 37.28 -31.88 -5.85
CA GLY A 476 37.01 -33.26 -5.54
C GLY A 476 37.29 -33.59 -4.08
N SER A 477 36.99 -34.85 -3.73
CA SER A 477 37.24 -35.31 -2.37
C SER A 477 38.72 -35.45 -2.09
N THR A 478 39.51 -35.84 -3.09
CA THR A 478 40.93 -36.01 -2.90
C THR A 478 41.62 -34.66 -2.77
N PRO A 479 42.38 -34.43 -1.70
CA PRO A 479 43.10 -33.16 -1.54
C PRO A 479 44.36 -33.15 -2.38
N CYS A 480 44.46 -32.17 -3.29
CA CYS A 480 45.63 -32.10 -4.17
C CYS A 480 46.86 -31.60 -3.43
N ASN A 481 46.67 -30.74 -2.43
CA ASN A 481 47.73 -30.22 -1.56
C ASN A 481 48.81 -29.47 -2.34
N GLY A 482 48.39 -28.47 -3.11
CA GLY A 482 49.32 -27.55 -3.72
C GLY A 482 49.74 -27.83 -5.14
N VAL A 483 49.10 -28.78 -5.82
CA VAL A 483 49.41 -29.09 -7.21
C VAL A 483 48.13 -28.99 -8.03
N GLU A 484 48.27 -28.60 -9.29
CA GLU A 484 47.12 -28.52 -10.18
C GLU A 484 46.97 -29.82 -10.98
N GLY A 485 45.74 -30.25 -11.15
CA GLY A 485 45.46 -31.47 -11.89
C GLY A 485 43.98 -31.74 -11.95
N PHE A 486 43.64 -33.02 -11.85
CA PHE A 486 42.23 -33.41 -11.83
C PHE A 486 41.64 -33.17 -10.46
N ASN A 487 40.37 -32.79 -10.43
CA ASN A 487 39.54 -32.50 -9.25
C ASN A 487 40.06 -31.32 -8.43
N CYS A 488 40.97 -30.51 -8.96
CA CYS A 488 41.45 -29.32 -8.28
C CYS A 488 41.91 -28.32 -9.34
N TYR A 489 41.48 -27.07 -9.19
CA TYR A 489 41.75 -26.05 -10.19
C TYR A 489 42.22 -24.78 -9.51
N PHE A 490 42.96 -23.97 -10.26
CA PHE A 490 43.32 -22.64 -9.80
C PHE A 490 42.09 -21.75 -9.85
N PRO A 491 41.76 -21.04 -8.77
CA PRO A 491 40.48 -20.28 -8.75
C PRO A 491 40.45 -19.11 -9.73
N LEU A 492 41.59 -18.49 -10.01
CA LEU A 492 41.59 -17.35 -10.91
C LEU A 492 41.68 -17.78 -12.36
N GLN A 493 40.89 -17.12 -13.20
CA GLN A 493 40.91 -17.40 -14.65
C GLN A 493 41.04 -16.04 -15.34
N SER A 494 41.46 -16.01 -16.59
CA SER A 494 41.74 -14.78 -17.33
C SER A 494 40.63 -14.46 -18.30
N TYR A 495 40.27 -13.18 -18.37
CA TYR A 495 39.31 -12.71 -19.37
C TYR A 495 39.86 -12.87 -20.78
N GLY A 496 41.06 -12.33 -21.03
CA GLY A 496 41.66 -12.40 -22.34
C GLY A 496 40.92 -11.59 -23.39
N PHE A 497 40.90 -10.26 -23.22
CA PHE A 497 40.16 -9.41 -24.13
C PHE A 497 40.85 -9.30 -25.48
N GLN A 498 40.05 -9.49 -26.54
CA GLN A 498 40.58 -9.36 -27.91
C GLN A 498 39.66 -8.39 -28.69
N PRO A 499 40.17 -7.40 -29.47
CA PRO A 499 39.33 -6.42 -30.16
C PRO A 499 38.34 -7.04 -31.13
N THR A 500 38.56 -8.28 -31.56
CA THR A 500 37.65 -8.93 -32.49
C THR A 500 36.52 -9.68 -31.80
N ASN A 501 36.47 -9.66 -30.47
CA ASN A 501 35.39 -10.34 -29.76
C ASN A 501 34.08 -9.58 -29.90
N GLY A 502 32.98 -10.25 -29.59
CA GLY A 502 31.68 -9.62 -29.59
C GLY A 502 31.49 -8.71 -28.39
N VAL A 503 30.33 -8.04 -28.39
CA VAL A 503 30.01 -7.06 -27.35
C VAL A 503 29.88 -7.75 -25.99
N GLY A 504 29.42 -9.01 -25.97
CA GLY A 504 29.32 -9.73 -24.71
C GLY A 504 30.66 -10.01 -24.06
N TYR A 505 31.72 -10.06 -24.86
CA TYR A 505 33.07 -10.28 -24.35
C TYR A 505 33.94 -9.03 -24.42
N GLN A 506 33.37 -7.88 -24.77
CA GLN A 506 34.13 -6.64 -24.77
C GLN A 506 34.39 -6.16 -23.35
N PRO A 507 35.48 -5.45 -23.09
CA PRO A 507 35.74 -4.92 -21.74
C PRO A 507 34.68 -3.90 -21.34
N TYR A 508 34.33 -3.91 -20.06
CA TYR A 508 33.36 -2.97 -19.50
C TYR A 508 33.92 -2.45 -18.18
N ARG A 509 34.39 -1.21 -18.20
CA ARG A 509 34.90 -0.58 -16.99
C ARG A 509 33.75 -0.15 -16.10
N VAL A 510 33.78 -0.60 -14.85
CA VAL A 510 32.70 -0.37 -13.91
C VAL A 510 33.26 0.37 -12.70
N VAL A 511 32.64 1.50 -12.36
CA VAL A 511 32.94 2.24 -11.15
C VAL A 511 31.67 2.32 -10.34
N VAL A 512 31.70 1.80 -9.11
CA VAL A 512 30.54 1.74 -8.23
C VAL A 512 30.77 2.73 -7.09
N LEU A 513 29.83 3.66 -6.93
CA LEU A 513 29.90 4.66 -5.88
C LEU A 513 28.95 4.26 -4.76
N SER A 514 29.48 4.14 -3.54
CA SER A 514 28.69 3.81 -2.36
C SER A 514 28.73 5.02 -1.43
N PHE A 515 27.54 5.52 -1.08
CA PHE A 515 27.43 6.72 -0.26
C PHE A 515 26.18 6.69 0.60
N GLU A 516 26.26 7.35 1.76
CA GLU A 516 25.19 7.39 2.74
C GLU A 516 24.53 8.76 2.72
N LEU A 517 23.21 8.79 2.86
CA LEU A 517 22.42 10.00 2.65
C LEU A 517 21.99 10.60 3.98
N LEU A 518 22.62 11.73 4.35
CA LEU A 518 22.12 12.64 5.37
C LEU A 518 22.09 12.03 6.77
N HIS A 519 23.18 11.35 7.15
CA HIS A 519 23.40 10.92 8.53
C HIS A 519 24.60 11.56 9.20
N ALA A 520 25.35 12.39 8.51
CA ALA A 520 26.63 12.90 9.00
C ALA A 520 26.93 14.20 8.29
N PRO A 521 27.88 15.00 8.81
CA PRO A 521 28.35 16.16 8.04
C PRO A 521 28.93 15.75 6.70
N ALA A 522 28.65 16.56 5.68
CA ALA A 522 28.93 16.21 4.28
C ALA A 522 30.21 16.90 3.83
N THR A 523 31.17 16.10 3.34
CA THR A 523 32.40 16.66 2.81
C THR A 523 32.26 16.98 1.32
N VAL A 524 31.59 16.11 0.57
CA VAL A 524 31.52 16.19 -0.88
C VAL A 524 30.06 16.27 -1.33
N CYS A 525 29.77 17.26 -2.20
CA CYS A 525 28.49 17.34 -2.90
C CYS A 525 28.55 18.28 -4.09
N GLY A 526 27.40 18.42 -4.74
CA GLY A 526 27.32 18.72 -6.16
C GLY A 526 27.39 20.17 -6.58
N PRO A 527 26.87 20.44 -7.77
CA PRO A 527 27.22 21.68 -8.48
C PRO A 527 26.41 22.91 -8.10
N LYS A 528 25.35 22.77 -7.30
CA LYS A 528 24.47 23.91 -7.07
C LYS A 528 25.14 24.96 -6.21
N LYS A 529 25.04 26.21 -6.64
CA LYS A 529 25.70 27.33 -5.99
C LYS A 529 24.88 27.79 -4.79
N SER A 530 25.54 27.92 -3.64
CA SER A 530 24.84 28.28 -2.42
C SER A 530 24.41 29.74 -2.45
N THR A 531 23.38 30.05 -1.67
CA THR A 531 22.84 31.40 -1.60
C THR A 531 22.83 31.89 -0.14
N ASN A 532 22.21 33.05 0.09
CA ASN A 532 22.18 33.63 1.42
C ASN A 532 21.15 32.92 2.31
N LEU A 533 21.23 33.20 3.60
CA LEU A 533 20.32 32.62 4.59
C LEU A 533 19.32 33.68 5.03
N VAL A 534 18.04 33.37 4.89
CA VAL A 534 16.95 34.25 5.31
C VAL A 534 16.41 33.71 6.62
N LYS A 535 16.61 34.48 7.70
CA LYS A 535 16.24 34.04 9.03
C LYS A 535 14.83 34.51 9.40
N ASN A 536 14.14 33.69 10.20
CA ASN A 536 12.83 33.99 10.78
C ASN A 536 11.78 34.32 9.71
N LYS A 537 11.81 33.57 8.61
CA LYS A 537 10.86 33.76 7.53
C LYS A 537 10.53 32.42 6.90
N CYS A 538 9.34 32.33 6.31
CA CYS A 538 8.92 31.13 5.59
C CYS A 538 9.59 31.13 4.22
N VAL A 539 10.44 30.14 3.98
CA VAL A 539 11.26 30.11 2.77
C VAL A 539 11.58 28.65 2.45
N ASN A 540 11.64 28.33 1.16
CA ASN A 540 12.13 27.02 0.74
C ASN A 540 13.61 26.91 1.05
N PHE A 541 13.97 25.94 1.89
CA PHE A 541 15.34 25.83 2.38
C PHE A 541 15.97 24.55 1.85
N ASN A 542 17.30 24.53 1.84
CA ASN A 542 18.07 23.36 1.42
C ASN A 542 19.37 23.38 2.22
N PHE A 543 19.38 22.63 3.33
CA PHE A 543 20.55 22.55 4.21
C PHE A 543 21.20 21.19 4.02
N ASN A 544 22.36 21.17 3.35
CA ASN A 544 23.16 19.97 3.09
C ASN A 544 22.34 18.89 2.37
N GLY A 545 21.55 19.32 1.40
CA GLY A 545 20.73 18.40 0.63
C GLY A 545 19.35 18.14 1.20
N LEU A 546 19.03 18.66 2.37
CA LEU A 546 17.74 18.43 3.01
C LEU A 546 16.79 19.52 2.55
N THR A 547 15.86 19.18 1.66
CA THR A 547 14.91 20.15 1.12
C THR A 547 13.65 20.20 1.98
N GLY A 548 12.96 21.33 1.92
CA GLY A 548 11.73 21.50 2.67
C GLY A 548 11.27 22.95 2.62
N THR A 549 10.11 23.18 3.23
CA THR A 549 9.52 24.51 3.31
C THR A 549 9.13 24.78 4.75
N GLY A 550 9.62 25.88 5.31
CA GLY A 550 9.30 26.20 6.69
C GLY A 550 10.05 27.45 7.14
N VAL A 551 9.93 27.73 8.43
CA VAL A 551 10.57 28.89 9.06
C VAL A 551 11.50 28.40 10.16
N LEU A 552 12.71 28.96 10.16
CA LEU A 552 13.77 28.52 11.05
C LEU A 552 14.09 29.62 12.07
N THR A 553 14.38 29.20 13.30
CA THR A 553 14.76 30.11 14.38
C THR A 553 16.08 29.64 14.96
N GLU A 554 16.59 30.43 15.90
CA GLU A 554 17.80 30.04 16.62
C GLU A 554 17.48 29.00 17.68
N SER A 555 18.44 28.11 17.93
CA SER A 555 18.26 27.02 18.89
C SER A 555 19.39 27.03 19.92
N ASN A 556 19.05 26.58 21.12
CA ASN A 556 20.00 26.47 22.21
C ASN A 556 20.59 25.06 22.34
N LYS A 557 20.25 24.16 21.41
CA LYS A 557 20.74 22.79 21.46
C LYS A 557 22.24 22.74 21.18
N LYS A 558 22.87 21.66 21.65
CA LYS A 558 24.28 21.41 21.43
C LYS A 558 24.42 20.12 20.64
N PHE A 559 25.21 20.17 19.56
CA PHE A 559 25.38 19.01 18.68
C PHE A 559 26.74 18.37 18.90
N LEU A 560 26.75 17.04 18.95
CA LEU A 560 27.99 16.30 18.97
C LEU A 560 28.69 16.43 17.61
N PRO A 561 30.02 16.34 17.58
CA PRO A 561 30.75 16.55 16.31
C PRO A 561 30.42 15.54 15.22
N PHE A 562 29.92 14.35 15.56
CA PHE A 562 29.52 13.38 14.57
C PHE A 562 28.03 13.48 14.22
N GLN A 563 27.32 14.43 14.80
CA GLN A 563 25.89 14.61 14.56
C GLN A 563 25.67 15.91 13.80
N GLN A 564 24.97 15.82 12.67
CA GLN A 564 24.62 16.99 11.88
C GLN A 564 23.12 17.25 11.83
N PHE A 565 22.29 16.20 11.86
CA PHE A 565 20.85 16.35 11.76
C PHE A 565 20.22 15.80 13.04
N GLY A 566 19.30 16.55 13.62
CA GLY A 566 18.69 16.16 14.88
C GLY A 566 17.21 15.92 14.74
N ARG A 567 16.69 15.01 15.57
CA ARG A 567 15.26 14.70 15.64
C ARG A 567 14.87 14.54 17.10
N ASP A 568 13.82 15.25 17.54
CA ASP A 568 13.25 14.97 18.85
C ASP A 568 12.15 13.93 18.78
N ILE A 569 11.44 13.87 17.65
CA ILE A 569 10.27 13.01 17.51
C ILE A 569 10.53 11.88 16.52
N ALA A 570 11.45 12.07 15.56
CA ALA A 570 11.94 11.20 14.49
C ALA A 570 10.95 11.04 13.35
N ASP A 571 10.03 11.98 13.15
CA ASP A 571 9.32 12.11 11.88
C ASP A 571 9.66 13.40 11.17
N THR A 572 10.14 14.41 11.89
CA THR A 572 10.59 15.67 11.32
C THR A 572 11.92 16.03 11.95
N THR A 573 12.78 16.68 11.16
CA THR A 573 14.08 17.15 11.64
C THR A 573 13.85 18.46 12.38
N ASP A 574 14.05 18.44 13.70
CA ASP A 574 13.79 19.63 14.50
C ASP A 574 14.81 20.74 14.20
N ALA A 575 16.08 20.37 14.08
CA ALA A 575 17.17 21.33 13.98
C ALA A 575 18.21 20.84 13.00
N VAL A 576 18.89 21.78 12.36
CA VAL A 576 19.96 21.50 11.41
C VAL A 576 21.18 22.31 11.80
N ARG A 577 22.36 21.85 11.43
CA ARG A 577 23.57 22.64 11.57
C ARG A 577 23.88 23.27 10.21
N ASP A 578 23.96 24.58 10.17
CA ASP A 578 24.21 25.29 8.93
C ASP A 578 25.63 24.97 8.44
N PRO A 579 25.82 24.72 7.14
CA PRO A 579 27.14 24.28 6.67
C PRO A 579 28.21 25.36 6.73
N GLN A 580 27.86 26.61 6.46
CA GLN A 580 28.87 27.68 6.45
C GLN A 580 29.18 28.16 7.86
N THR A 581 28.17 28.63 8.57
CA THR A 581 28.33 29.05 9.97
C THR A 581 27.90 27.92 10.89
N LEU A 582 28.74 27.62 11.88
CA LEU A 582 28.51 26.46 12.75
C LEU A 582 27.37 26.65 13.76
N GLU A 583 26.57 27.71 13.69
CA GLU A 583 25.43 27.85 14.58
C GLU A 583 24.35 26.82 14.24
N ILE A 584 23.56 26.47 15.25
CA ILE A 584 22.50 25.47 15.11
C ILE A 584 21.18 26.19 15.02
N LEU A 585 20.42 25.91 13.96
CA LEU A 585 19.15 26.55 13.69
C LEU A 585 18.06 25.49 13.72
N ASP A 586 17.03 25.70 14.54
CA ASP A 586 15.94 24.74 14.64
C ASP A 586 14.80 25.16 13.71
N ILE A 587 14.27 24.20 12.95
CA ILE A 587 13.27 24.49 11.93
C ILE A 587 11.89 24.13 12.45
N THR A 588 10.97 25.10 12.36
CA THR A 588 9.57 24.93 12.70
C THR A 588 8.74 24.98 11.42
N PRO A 589 7.54 24.38 11.42
CA PRO A 589 6.70 24.45 10.23
C PRO A 589 6.28 25.87 9.88
N CYS A 590 6.02 26.09 8.60
CA CYS A 590 5.73 27.44 8.10
C CYS A 590 4.40 27.96 8.63
N SER A 591 3.35 27.15 8.53
CA SER A 591 2.01 27.55 8.96
C SER A 591 1.66 26.82 10.24
N PHE A 592 1.10 27.62 11.19
CA PHE A 592 0.61 27.14 12.50
C PHE A 592 -0.28 28.23 13.16
N GLY A 593 -0.57 28.09 14.47
CA GLY A 593 -1.48 28.99 15.19
C GLY A 593 -2.86 28.35 15.26
N GLY A 594 -3.11 27.30 14.47
CA GLY A 594 -4.38 26.59 14.59
C GLY A 594 -5.56 27.54 14.47
N VAL A 595 -5.49 28.49 13.56
CA VAL A 595 -6.63 29.41 13.33
C VAL A 595 -7.95 28.65 13.30
N SER A 596 -8.88 29.00 14.18
CA SER A 596 -10.24 28.51 14.19
C SER A 596 -11.18 29.67 13.89
N VAL A 597 -12.16 29.42 13.03
CA VAL A 597 -13.06 30.47 12.55
C VAL A 597 -14.42 30.27 13.20
N ILE A 598 -14.82 31.23 14.03
CA ILE A 598 -16.17 31.27 14.58
C ILE A 598 -17.04 32.05 13.60
N THR A 599 -18.20 31.50 13.27
CA THR A 599 -19.03 32.12 12.25
C THR A 599 -20.51 31.83 12.51
N PRO A 600 -21.39 32.73 12.07
CA PRO A 600 -22.81 32.37 11.92
C PRO A 600 -23.02 31.63 10.61
N GLY A 601 -24.28 31.34 10.27
CA GLY A 601 -24.55 30.68 9.01
C GLY A 601 -24.26 31.58 7.83
N THR A 602 -23.96 30.95 6.69
CA THR A 602 -23.77 31.70 5.45
C THR A 602 -25.06 32.39 5.02
N ASN A 603 -26.21 31.74 5.29
CA ASN A 603 -27.51 32.36 5.05
C ASN A 603 -27.70 33.63 5.86
N THR A 604 -27.09 33.71 7.05
CA THR A 604 -27.25 34.90 7.89
C THR A 604 -26.31 36.02 7.47
N SER A 605 -25.00 35.77 7.52
CA SER A 605 -24.02 36.81 7.22
C SER A 605 -22.73 36.15 6.76
N ASN A 606 -21.87 36.96 6.15
CA ASN A 606 -20.58 36.48 5.64
C ASN A 606 -19.39 37.05 6.40
N GLN A 607 -19.62 37.83 7.46
CA GLN A 607 -18.55 38.38 8.28
C GLN A 607 -18.21 37.39 9.39
N VAL A 608 -16.92 37.08 9.52
CA VAL A 608 -16.46 36.03 10.42
C VAL A 608 -15.43 36.62 11.39
N ALA A 609 -15.12 35.84 12.42
CA ALA A 609 -14.07 36.15 13.37
C ALA A 609 -13.19 34.92 13.54
N VAL A 610 -11.94 35.15 13.92
CA VAL A 610 -10.94 34.08 14.01
C VAL A 610 -10.31 34.06 15.38
N LEU A 611 -10.03 32.86 15.87
CA LEU A 611 -9.26 32.64 17.09
C LEU A 611 -8.00 31.87 16.72
N TYR A 612 -6.85 32.41 17.09
CA TYR A 612 -5.57 31.72 16.92
C TYR A 612 -5.23 31.02 18.23
N GLN A 613 -5.11 29.70 18.19
CA GLN A 613 -5.03 28.90 19.40
C GLN A 613 -3.66 29.02 20.06
N ASP A 614 -3.67 29.31 21.37
CA ASP A 614 -2.49 29.23 22.24
C ASP A 614 -1.35 30.14 21.80
N VAL A 615 -1.68 31.35 21.35
CA VAL A 615 -0.67 32.33 20.99
C VAL A 615 -0.97 33.62 21.75
N ASN A 616 -0.03 34.56 21.65
CA ASN A 616 -0.22 35.87 22.24
C ASN A 616 -0.59 36.90 21.19
N CYS A 617 -1.40 37.88 21.61
CA CYS A 617 -1.92 38.89 20.69
C CYS A 617 -0.83 39.76 20.08
N THR A 618 0.26 39.99 20.80
CA THR A 618 1.40 40.69 20.23
C THR A 618 2.18 39.81 19.26
N GLU A 619 2.06 38.49 19.37
CA GLU A 619 2.80 37.57 18.53
C GLU A 619 1.94 36.94 17.43
N VAL A 620 0.69 37.40 17.27
CA VAL A 620 -0.14 36.92 16.16
C VAL A 620 0.45 37.19 14.79
N PRO A 621 0.92 38.42 14.45
CA PRO A 621 1.53 38.60 13.13
C PRO A 621 2.80 37.78 12.92
N VAL A 622 3.59 37.59 13.97
CA VAL A 622 4.80 36.77 13.86
C VAL A 622 4.42 35.30 13.65
N ALA A 623 3.38 34.83 14.34
CA ALA A 623 2.99 33.43 14.23
C ALA A 623 2.36 33.12 12.87
N ILE A 624 1.52 34.03 12.36
CA ILE A 624 0.80 33.74 11.12
C ILE A 624 1.50 34.29 9.88
N HIS A 625 2.59 35.03 10.04
CA HIS A 625 3.36 35.63 8.94
C HIS A 625 2.48 36.53 8.07
N ALA A 626 1.99 37.60 8.69
CA ALA A 626 1.04 38.50 8.03
C ALA A 626 1.65 39.27 6.87
N ASP A 627 2.98 39.37 6.81
CA ASP A 627 3.62 40.04 5.68
C ASP A 627 3.49 39.24 4.39
N GLN A 628 3.49 37.91 4.48
CA GLN A 628 3.39 37.06 3.32
C GLN A 628 1.95 36.77 2.91
N LEU A 629 0.97 37.19 3.70
CA LEU A 629 -0.42 36.88 3.42
C LEU A 629 -1.07 37.95 2.57
N THR A 630 -2.28 37.65 2.11
CA THR A 630 -3.06 38.62 1.36
C THR A 630 -3.51 39.77 2.28
N PRO A 631 -3.73 40.96 1.72
CA PRO A 631 -4.22 42.07 2.56
C PRO A 631 -5.60 41.85 3.15
N THR A 632 -6.41 40.95 2.58
CA THR A 632 -7.67 40.57 3.22
C THR A 632 -7.42 39.83 4.53
N TRP A 633 -6.39 38.96 4.55
CA TRP A 633 -6.00 38.26 5.77
C TRP A 633 -5.31 39.19 6.77
N ARG A 634 -4.81 40.34 6.33
CA ARG A 634 -4.18 41.28 7.25
C ARG A 634 -5.20 42.02 8.10
N VAL A 635 -6.47 42.04 7.69
CA VAL A 635 -7.52 42.63 8.51
C VAL A 635 -7.71 41.84 9.80
N TYR A 636 -7.68 40.52 9.70
CA TYR A 636 -7.79 39.65 10.86
C TYR A 636 -6.45 39.42 11.56
N SER A 637 -5.36 39.98 11.05
CA SER A 637 -4.09 39.90 11.75
C SER A 637 -4.04 40.83 12.94
N THR A 638 -4.53 42.06 12.78
CA THR A 638 -4.54 43.05 13.84
C THR A 638 -5.62 44.08 13.55
N GLY A 639 -5.97 44.84 14.57
CA GLY A 639 -7.00 45.85 14.43
C GLY A 639 -7.41 46.38 15.79
N SER A 640 -8.57 47.04 15.79
CA SER A 640 -9.10 47.59 17.05
C SER A 640 -9.70 46.51 17.93
N ASN A 641 -10.34 45.51 17.33
CA ASN A 641 -11.01 44.45 18.08
C ASN A 641 -9.99 43.36 18.42
N VAL A 642 -9.26 43.61 19.51
CA VAL A 642 -8.26 42.68 20.03
C VAL A 642 -8.74 42.19 21.40
N PHE A 643 -8.92 40.88 21.52
CA PHE A 643 -9.29 40.27 22.79
C PHE A 643 -8.36 39.10 23.06
N GLN A 644 -7.77 39.07 24.26
CA GLN A 644 -6.82 38.05 24.63
C GLN A 644 -7.48 37.10 25.64
N THR A 645 -7.62 35.83 25.25
CA THR A 645 -8.21 34.82 26.10
C THR A 645 -7.17 33.76 26.43
N ARG A 646 -7.52 32.89 27.40
CA ARG A 646 -6.63 31.80 27.76
C ARG A 646 -6.53 30.77 26.64
N ALA A 647 -7.63 30.60 25.88
CA ALA A 647 -7.59 29.71 24.72
C ALA A 647 -6.72 30.26 23.61
N GLY A 648 -6.70 31.57 23.44
CA GLY A 648 -5.87 32.19 22.42
C GLY A 648 -6.25 33.63 22.20
N CYS A 649 -5.67 34.22 21.17
CA CYS A 649 -5.96 35.60 20.79
C CYS A 649 -7.04 35.58 19.72
N LEU A 650 -8.11 36.34 19.95
CA LEU A 650 -9.27 36.36 19.07
C LEU A 650 -9.36 37.72 18.40
N ILE A 651 -9.44 37.73 17.08
CA ILE A 651 -9.54 38.94 16.27
C ILE A 651 -10.79 38.82 15.40
N GLY A 652 -11.59 39.89 15.37
CA GLY A 652 -12.75 39.93 14.51
C GLY A 652 -14.08 40.07 15.21
N ALA A 653 -14.10 40.13 16.54
CA ALA A 653 -15.34 40.27 17.30
C ALA A 653 -15.18 41.35 18.34
N GLU A 654 -16.30 41.97 18.73
CA GLU A 654 -16.30 43.06 19.70
C GLU A 654 -16.62 42.51 21.08
N HIS A 655 -15.71 42.72 22.03
CA HIS A 655 -15.89 42.24 23.39
C HIS A 655 -16.90 43.12 24.13
N VAL A 656 -17.78 42.49 24.91
CA VAL A 656 -18.78 43.18 25.70
C VAL A 656 -18.69 42.71 27.14
N ASN A 657 -18.90 43.65 28.08
CA ASN A 657 -18.79 43.32 29.49
C ASN A 657 -19.99 42.54 29.99
N ASN A 658 -21.18 42.81 29.46
CA ASN A 658 -22.37 42.08 29.87
C ASN A 658 -22.33 40.66 29.34
N SER A 659 -23.06 39.77 30.00
CA SER A 659 -23.03 38.34 29.71
C SER A 659 -24.41 37.82 29.40
N TYR A 660 -24.48 36.89 28.45
CA TYR A 660 -25.72 36.22 28.06
C TYR A 660 -25.46 34.72 27.98
N GLU A 661 -26.53 33.95 27.82
CA GLU A 661 -26.39 32.54 27.52
C GLU A 661 -25.84 32.37 26.11
N CYS A 662 -24.86 31.48 25.97
CA CYS A 662 -24.05 31.43 24.76
C CYS A 662 -24.30 30.14 23.98
N ASP A 663 -24.24 30.24 22.66
CA ASP A 663 -24.47 29.12 21.75
C ASP A 663 -23.23 28.71 20.98
N ILE A 664 -22.24 29.58 20.83
CA ILE A 664 -21.00 29.24 20.17
C ILE A 664 -19.91 29.05 21.22
N PRO A 665 -19.47 27.82 21.49
CA PRO A 665 -18.45 27.61 22.52
C PRO A 665 -17.06 27.97 22.04
N ILE A 666 -16.53 29.10 22.53
CA ILE A 666 -15.15 29.46 22.21
C ILE A 666 -14.17 28.69 23.09
N GLY A 667 -14.40 28.72 24.40
CA GLY A 667 -13.50 28.08 25.34
C GLY A 667 -12.88 29.07 26.30
N ALA A 668 -12.36 28.56 27.43
CA ALA A 668 -11.73 29.37 28.48
C ALA A 668 -12.66 30.46 29.00
N GLY A 669 -13.94 30.11 29.17
CA GLY A 669 -14.91 31.02 29.73
C GLY A 669 -15.45 32.07 28.78
N ILE A 670 -15.14 31.98 27.50
CA ILE A 670 -15.59 32.95 26.50
C ILE A 670 -16.54 32.25 25.55
N CYS A 671 -17.55 32.98 25.07
CA CYS A 671 -18.48 32.48 24.07
C CYS A 671 -18.70 33.55 23.01
N ALA A 672 -19.39 33.15 21.94
CA ALA A 672 -19.65 34.03 20.81
C ALA A 672 -21.13 34.01 20.45
N SER A 673 -21.61 35.13 19.92
CA SER A 673 -22.97 35.26 19.41
C SER A 673 -22.99 36.38 18.38
N TYR A 674 -24.04 36.40 17.57
CA TYR A 674 -24.19 37.39 16.51
C TYR A 674 -25.44 38.23 16.80
N GLN A 675 -25.29 39.24 17.66
CA GLN A 675 -26.35 40.18 17.98
C GLN A 675 -25.75 41.35 18.74
N THR A 676 -26.06 42.57 18.28
CA THR A 676 -25.60 43.78 18.94
C THR A 676 -26.47 44.98 18.56
N SER A 689 -24.71 48.69 13.90
CA SER A 689 -25.08 47.65 12.95
C SER A 689 -25.22 46.30 13.66
N GLN A 690 -24.84 45.24 12.96
CA GLN A 690 -24.87 43.88 13.50
C GLN A 690 -23.49 43.27 13.33
N SER A 691 -22.90 42.81 14.43
CA SER A 691 -21.55 42.28 14.43
C SER A 691 -21.45 41.12 15.42
N ILE A 692 -20.42 40.29 15.22
CA ILE A 692 -20.17 39.19 16.13
C ILE A 692 -19.62 39.72 17.44
N ILE A 693 -20.21 39.30 18.56
CA ILE A 693 -19.78 39.73 19.89
C ILE A 693 -19.19 38.54 20.63
N ALA A 694 -18.27 38.84 21.54
CA ALA A 694 -17.67 37.84 22.41
C ALA A 694 -17.80 38.30 23.86
N TYR A 695 -18.16 37.38 24.75
CA TYR A 695 -18.44 37.72 26.13
C TYR A 695 -18.09 36.54 27.03
N THR A 696 -17.91 36.83 28.31
CA THR A 696 -17.84 35.78 29.32
C THR A 696 -19.22 35.15 29.47
N MET A 697 -19.24 33.85 29.77
CA MET A 697 -20.50 33.13 29.86
C MET A 697 -21.28 33.59 31.10
N SER A 698 -22.57 33.86 30.90
CA SER A 698 -23.46 34.16 32.00
C SER A 698 -23.65 32.92 32.84
N LEU A 699 -23.14 32.94 34.07
CA LEU A 699 -23.19 31.75 34.91
C LEU A 699 -24.59 31.48 35.43
N GLY A 700 -25.42 32.50 35.54
CA GLY A 700 -26.79 32.29 35.96
C GLY A 700 -27.43 33.58 36.40
N ALA A 701 -28.65 33.46 36.91
CA ALA A 701 -29.37 34.59 37.46
C ALA A 701 -28.75 35.00 38.79
N GLU A 702 -28.43 36.29 38.93
CA GLU A 702 -27.79 36.79 40.13
C GLU A 702 -28.85 37.30 41.09
N ASN A 703 -28.96 36.64 42.25
CA ASN A 703 -29.90 37.06 43.28
C ASN A 703 -29.37 36.59 44.63
N SER A 704 -29.91 37.18 45.69
CA SER A 704 -29.48 36.89 47.05
C SER A 704 -30.68 36.48 47.89
N VAL A 705 -30.40 35.66 48.91
CA VAL A 705 -31.42 35.16 49.83
C VAL A 705 -30.98 35.48 51.25
N ALA A 706 -31.93 35.90 52.08
CA ALA A 706 -31.66 36.28 53.46
C ALA A 706 -31.93 35.09 54.37
N TYR A 707 -30.91 34.63 55.08
CA TYR A 707 -31.02 33.49 55.96
C TYR A 707 -31.10 33.95 57.42
N SER A 708 -32.01 33.32 58.17
CA SER A 708 -32.12 33.54 59.60
C SER A 708 -32.51 32.22 60.26
N ASN A 709 -32.25 32.13 61.56
CA ASN A 709 -32.50 30.87 62.25
C ASN A 709 -33.97 30.66 62.60
N ASN A 710 -34.82 31.68 62.42
CA ASN A 710 -36.24 31.55 62.73
C ASN A 710 -37.12 32.23 61.69
N SER A 711 -36.68 32.25 60.43
CA SER A 711 -37.44 32.86 59.36
C SER A 711 -37.64 31.86 58.23
N ILE A 712 -38.87 31.79 57.72
CA ILE A 712 -39.22 30.91 56.62
C ILE A 712 -40.03 31.71 55.62
N ALA A 713 -39.84 31.39 54.33
CA ALA A 713 -40.59 32.00 53.24
C ALA A 713 -41.52 30.96 52.65
N ILE A 714 -42.81 31.28 52.63
CA ILE A 714 -43.84 30.39 52.10
C ILE A 714 -44.56 31.12 50.98
N PRO A 715 -44.68 30.53 49.79
CA PRO A 715 -45.41 31.19 48.70
C PRO A 715 -46.87 31.32 49.01
N THR A 716 -47.46 32.42 48.54
CA THR A 716 -48.88 32.67 48.67
C THR A 716 -49.62 32.55 47.34
N ASN A 717 -48.90 32.28 46.26
CA ASN A 717 -49.50 32.16 44.93
C ASN A 717 -48.62 31.24 44.09
N PHE A 718 -49.10 30.92 42.90
CA PHE A 718 -48.38 29.99 42.03
C PHE A 718 -48.78 30.25 40.59
N THR A 719 -47.85 29.94 39.69
CA THR A 719 -48.08 30.00 38.25
C THR A 719 -47.83 28.63 37.64
N ILE A 720 -48.79 28.15 36.86
CA ILE A 720 -48.67 26.88 36.16
C ILE A 720 -48.02 27.18 34.81
N SER A 721 -46.77 26.75 34.65
CA SER A 721 -46.00 27.03 33.44
C SER A 721 -45.79 25.74 32.67
N VAL A 722 -46.01 25.79 31.36
CA VAL A 722 -45.79 24.65 30.47
C VAL A 722 -44.54 24.96 29.64
N THR A 723 -43.53 24.12 29.77
CA THR A 723 -42.26 24.32 29.08
C THR A 723 -42.00 23.17 28.12
N THR A 724 -41.39 23.50 26.99
CA THR A 724 -41.02 22.52 25.98
C THR A 724 -39.57 22.12 26.16
N GLU A 725 -39.24 20.89 25.79
CA GLU A 725 -37.87 20.40 25.78
C GLU A 725 -37.78 19.29 24.75
N ILE A 726 -36.69 19.28 23.98
CA ILE A 726 -36.58 18.46 22.77
C ILE A 726 -35.42 17.50 22.93
N LEU A 727 -35.67 16.21 22.70
CA LEU A 727 -34.65 15.18 22.65
C LEU A 727 -34.68 14.41 21.33
N PRO A 728 -33.51 14.19 20.72
CA PRO A 728 -33.46 13.30 19.55
C PRO A 728 -33.72 11.85 19.95
N VAL A 729 -34.19 11.07 18.98
CA VAL A 729 -34.53 9.66 19.19
C VAL A 729 -33.71 8.76 18.27
N SER A 730 -33.68 9.07 16.98
CA SER A 730 -33.03 8.22 16.00
C SER A 730 -32.40 9.08 14.91
N MET A 731 -31.45 8.50 14.19
CA MET A 731 -30.84 9.14 13.03
C MET A 731 -31.28 8.42 11.77
N THR A 732 -30.69 8.82 10.64
CA THR A 732 -31.06 8.27 9.35
C THR A 732 -30.59 6.83 9.23
N LYS A 733 -31.50 5.96 8.81
CA LYS A 733 -31.21 4.53 8.67
C LYS A 733 -30.61 4.27 7.30
N THR A 734 -29.31 3.95 7.27
CA THR A 734 -28.55 3.87 6.04
C THR A 734 -27.96 2.49 5.84
N SER A 735 -27.67 2.17 4.59
CA SER A 735 -27.03 0.92 4.20
C SER A 735 -26.19 1.16 2.95
N VAL A 736 -25.24 0.26 2.72
CA VAL A 736 -24.29 0.37 1.61
C VAL A 736 -24.35 -0.91 0.79
N ASP A 737 -24.24 -0.77 -0.54
CA ASP A 737 -24.20 -1.92 -1.42
C ASP A 737 -22.74 -2.21 -1.78
N CYS A 738 -22.29 -3.42 -1.47
CA CYS A 738 -20.87 -3.74 -1.56
C CYS A 738 -20.39 -3.83 -3.01
N THR A 739 -21.19 -4.45 -3.89
CA THR A 739 -20.76 -4.62 -5.27
C THR A 739 -20.74 -3.29 -6.02
N MET A 740 -21.77 -2.46 -5.81
CA MET A 740 -21.76 -1.13 -6.41
C MET A 740 -20.70 -0.25 -5.79
N TYR A 741 -20.32 -0.48 -4.54
CA TYR A 741 -19.29 0.32 -3.91
C TYR A 741 -17.90 -0.04 -4.42
N ILE A 742 -17.60 -1.33 -4.53
CA ILE A 742 -16.25 -1.77 -4.84
C ILE A 742 -16.10 -2.03 -6.33
N CYS A 743 -16.90 -2.96 -6.85
CA CYS A 743 -16.86 -3.23 -8.28
C CYS A 743 -17.39 -2.05 -9.09
N GLY A 744 -18.56 -1.55 -8.74
CA GLY A 744 -19.21 -0.54 -9.55
C GLY A 744 -19.60 -1.15 -10.88
N ASP A 745 -18.87 -0.75 -11.92
CA ASP A 745 -18.99 -1.35 -13.24
C ASP A 745 -17.66 -1.94 -13.74
N SER A 746 -16.99 -2.69 -12.88
CA SER A 746 -15.69 -3.27 -13.22
C SER A 746 -15.84 -4.43 -14.19
N THR A 747 -14.82 -4.64 -15.02
CA THR A 747 -14.79 -5.82 -15.89
C THR A 747 -14.67 -7.10 -15.08
N GLU A 748 -13.69 -7.15 -14.19
CA GLU A 748 -13.53 -8.27 -13.26
C GLU A 748 -14.14 -7.83 -11.94
N CYS A 749 -15.17 -8.54 -11.51
CA CYS A 749 -15.83 -8.28 -10.24
C CYS A 749 -15.72 -9.45 -9.28
N SER A 750 -15.65 -10.67 -9.81
CA SER A 750 -15.52 -11.85 -8.95
C SER A 750 -14.17 -11.88 -8.24
N ASN A 751 -13.09 -11.57 -8.96
CA ASN A 751 -11.77 -11.53 -8.33
C ASN A 751 -11.71 -10.42 -7.29
N LEU A 752 -12.28 -9.25 -7.62
CA LEU A 752 -12.30 -8.13 -6.69
C LEU A 752 -13.09 -8.47 -5.43
N LEU A 753 -14.22 -9.16 -5.60
CA LEU A 753 -15.02 -9.58 -4.45
C LEU A 753 -14.28 -10.61 -3.60
N LEU A 754 -13.74 -11.66 -4.22
CA LEU A 754 -13.09 -12.71 -3.44
C LEU A 754 -11.76 -12.25 -2.86
N GLN A 755 -11.25 -11.09 -3.26
CA GLN A 755 -10.08 -10.57 -2.59
C GLN A 755 -10.37 -9.44 -1.59
N TYR A 756 -11.45 -8.67 -1.76
CA TYR A 756 -11.71 -7.54 -0.89
C TYR A 756 -13.17 -7.30 -0.52
N GLY A 757 -14.01 -8.33 -0.49
CA GLY A 757 -15.41 -8.09 -0.20
C GLY A 757 -15.80 -8.46 1.22
N SER A 758 -14.92 -9.16 1.93
CA SER A 758 -15.23 -9.54 3.31
C SER A 758 -15.15 -8.35 4.24
N PHE A 759 -14.28 -7.39 3.92
CA PHE A 759 -14.26 -6.11 4.64
C PHE A 759 -15.58 -5.38 4.50
N CYS A 760 -16.10 -5.31 3.26
CA CYS A 760 -17.38 -4.66 3.04
C CYS A 760 -18.52 -5.45 3.66
N THR A 761 -18.40 -6.78 3.70
CA THR A 761 -19.41 -7.60 4.36
C THR A 761 -19.46 -7.33 5.86
N GLN A 762 -18.30 -7.22 6.50
CA GLN A 762 -18.26 -6.88 7.92
C GLN A 762 -18.79 -5.47 8.17
N LEU A 763 -18.44 -4.51 7.31
CA LEU A 763 -18.92 -3.15 7.49
C LEU A 763 -20.42 -3.05 7.24
N ASN A 764 -20.93 -3.82 6.28
CA ASN A 764 -22.36 -3.86 6.01
C ASN A 764 -23.10 -4.49 7.19
N ARG A 765 -22.47 -5.49 7.82
CA ARG A 765 -23.02 -6.07 9.05
C ARG A 765 -23.08 -5.03 10.16
N ALA A 766 -22.04 -4.20 10.26
CA ALA A 766 -22.03 -3.13 11.27
C ALA A 766 -23.15 -2.12 11.02
N LEU A 767 -23.35 -1.72 9.76
CA LEU A 767 -24.45 -0.80 9.43
C LEU A 767 -25.81 -1.45 9.65
N THR A 768 -25.93 -2.75 9.39
CA THR A 768 -27.18 -3.45 9.66
C THR A 768 -27.47 -3.50 11.15
N GLY A 769 -26.44 -3.73 11.97
CA GLY A 769 -26.62 -3.68 13.41
C GLY A 769 -27.02 -2.30 13.90
N ILE A 770 -26.43 -1.26 13.30
CA ILE A 770 -26.81 0.11 13.64
C ILE A 770 -28.27 0.37 13.29
N ALA A 771 -28.71 -0.08 12.11
CA ALA A 771 -30.10 0.10 11.70
C ALA A 771 -31.06 -0.64 12.64
N VAL A 772 -30.69 -1.86 13.02
CA VAL A 772 -31.53 -2.66 13.93
C VAL A 772 -31.62 -2.00 15.29
N GLU A 773 -30.51 -1.47 15.81
CA GLU A 773 -30.58 -0.85 17.13
C GLU A 773 -31.31 0.49 17.07
N GLN A 774 -31.29 1.18 15.93
CA GLN A 774 -32.13 2.37 15.77
C GLN A 774 -33.61 2.02 15.79
N ASP A 775 -33.98 0.94 15.10
CA ASP A 775 -35.38 0.49 15.13
C ASP A 775 -35.79 0.08 16.54
N LYS A 776 -34.92 -0.63 17.25
CA LYS A 776 -35.23 -1.00 18.64
C LYS A 776 -35.25 0.23 19.54
N ASN A 777 -34.50 1.28 19.18
CA ASN A 777 -34.51 2.51 19.96
C ASN A 777 -35.85 3.22 19.84
N THR A 778 -36.35 3.39 18.61
CA THR A 778 -37.65 4.03 18.47
C THR A 778 -38.76 3.14 19.04
N GLN A 779 -38.58 1.82 18.98
CA GLN A 779 -39.50 0.89 19.64
C GLN A 779 -39.53 1.12 21.15
N GLU A 780 -38.37 1.24 21.78
CA GLU A 780 -38.36 1.31 23.24
C GLU A 780 -38.71 2.70 23.74
N VAL A 781 -38.66 3.72 22.87
CA VAL A 781 -39.03 5.04 23.36
C VAL A 781 -40.52 5.31 23.11
N PHE A 782 -41.11 4.74 22.05
CA PHE A 782 -42.51 5.03 21.76
C PHE A 782 -43.47 3.91 22.13
N ALA A 783 -42.98 2.70 22.35
CA ALA A 783 -43.85 1.55 22.58
C ALA A 783 -43.68 0.96 23.98
N GLN A 784 -43.62 1.82 25.01
CA GLN A 784 -43.52 1.30 26.36
C GLN A 784 -44.79 0.60 26.79
N VAL A 785 -45.94 1.08 26.35
CA VAL A 785 -47.22 0.41 26.55
C VAL A 785 -47.80 0.08 25.18
N LYS A 786 -48.19 -1.18 25.00
CA LYS A 786 -48.83 -1.61 23.76
C LYS A 786 -50.34 -1.75 23.98
N GLN A 787 -50.98 -0.61 24.20
CA GLN A 787 -52.42 -0.52 24.35
C GLN A 787 -52.90 0.69 23.56
N ILE A 788 -53.96 0.50 22.77
CA ILE A 788 -54.49 1.56 21.92
C ILE A 788 -55.88 1.91 22.41
N TYR A 789 -56.00 3.05 23.09
CA TYR A 789 -57.29 3.64 23.41
C TYR A 789 -57.60 4.74 22.41
N LYS A 790 -58.81 4.70 21.85
CA LYS A 790 -59.26 5.75 20.94
C LYS A 790 -59.38 7.07 21.68
N THR A 791 -59.04 8.16 21.00
CA THR A 791 -59.15 9.47 21.61
C THR A 791 -60.62 9.83 21.79
N PRO A 792 -61.07 10.13 23.01
CA PRO A 792 -62.46 10.50 23.20
C PRO A 792 -62.76 11.84 22.58
N PRO A 793 -64.00 12.11 22.18
CA PRO A 793 -64.38 13.46 21.77
C PRO A 793 -64.22 14.42 22.94
N ILE A 794 -63.86 15.66 22.63
CA ILE A 794 -63.48 16.60 23.68
C ILE A 794 -64.72 17.04 24.43
N LYS A 795 -64.95 16.42 25.58
CA LYS A 795 -66.07 16.79 26.45
C LYS A 795 -65.59 16.72 27.89
N ASP A 796 -65.83 17.79 28.65
CA ASP A 796 -65.80 17.79 30.11
C ASP A 796 -64.40 17.48 30.65
N PHE A 797 -63.42 18.24 30.18
CA PHE A 797 -62.05 18.09 30.66
C PHE A 797 -61.73 19.00 31.83
N GLY A 798 -62.73 19.68 32.40
CA GLY A 798 -62.51 20.57 33.51
C GLY A 798 -62.10 21.98 33.13
N GLY A 799 -62.31 22.38 31.88
CA GLY A 799 -61.90 23.69 31.41
C GLY A 799 -60.56 23.70 30.71
N PHE A 800 -59.79 22.63 30.82
CA PHE A 800 -58.51 22.54 30.11
C PHE A 800 -58.77 22.27 28.64
N ASN A 801 -58.06 23.00 27.78
CA ASN A 801 -58.23 22.90 26.34
C ASN A 801 -57.11 22.05 25.76
N PHE A 802 -57.46 20.84 25.32
CA PHE A 802 -56.51 19.90 24.73
C PHE A 802 -56.70 19.75 23.24
N SER A 803 -57.35 20.71 22.58
CA SER A 803 -57.68 20.55 21.16
C SER A 803 -56.44 20.61 20.29
N GLN A 804 -55.43 21.36 20.71
CA GLN A 804 -54.23 21.49 19.88
C GLN A 804 -53.35 20.24 19.97
N ILE A 805 -53.23 19.64 21.15
CA ILE A 805 -52.29 18.55 21.32
C ILE A 805 -52.93 17.21 20.94
N LEU A 806 -54.25 17.11 21.08
CA LEU A 806 -54.94 15.91 20.61
C LEU A 806 -55.08 15.95 19.10
N PRO A 807 -55.10 14.78 18.44
CA PRO A 807 -55.35 14.77 16.99
C PRO A 807 -56.75 15.25 16.66
N ASP A 808 -56.85 15.98 15.56
CA ASP A 808 -58.14 16.50 15.12
C ASP A 808 -58.93 15.47 14.32
N PRO A 809 -60.21 15.23 14.64
CA PRO A 809 -60.97 14.23 13.87
C PRO A 809 -61.33 14.68 12.47
N SER A 810 -61.36 15.99 12.21
CA SER A 810 -61.77 16.49 10.90
C SER A 810 -60.75 16.14 9.82
N LYS A 811 -59.47 16.29 10.10
CA LYS A 811 -58.44 15.94 9.15
C LYS A 811 -58.30 14.42 9.08
N PRO A 812 -58.29 13.81 7.89
CA PRO A 812 -58.06 12.36 7.80
C PRO A 812 -56.69 11.94 8.31
N SER A 813 -55.67 12.79 8.16
CA SER A 813 -54.39 12.52 8.78
C SER A 813 -54.50 12.64 10.29
N LYS A 814 -53.81 11.73 11.00
CA LYS A 814 -53.97 11.64 12.44
C LYS A 814 -52.96 12.50 13.20
N ARG A 815 -52.20 13.34 12.49
CA ARG A 815 -51.29 14.25 13.17
C ARG A 815 -52.05 15.37 13.86
N SER A 816 -51.47 15.87 14.95
CA SER A 816 -52.08 16.97 15.69
C SER A 816 -51.46 18.30 15.28
N PHE A 817 -51.98 19.39 15.87
CA PHE A 817 -51.63 20.74 15.42
C PHE A 817 -50.18 21.09 15.74
N ILE A 818 -49.76 20.82 16.97
CA ILE A 818 -48.41 21.17 17.41
C ILE A 818 -47.38 20.38 16.63
N GLU A 819 -47.62 19.08 16.41
CA GLU A 819 -46.65 18.27 15.70
C GLU A 819 -46.70 18.52 14.19
N ASP A 820 -47.81 19.03 13.67
CA ASP A 820 -47.79 19.57 12.31
C ASP A 820 -46.89 20.80 12.22
N LEU A 821 -46.94 21.68 13.23
CA LEU A 821 -46.00 22.80 13.27
C LEU A 821 -44.56 22.33 13.37
N LEU A 822 -44.31 21.27 14.14
CA LEU A 822 -42.96 20.72 14.24
C LEU A 822 -42.49 20.14 12.90
N PHE A 823 -43.38 19.42 12.20
CA PHE A 823 -43.04 18.86 10.90
C PHE A 823 -42.77 19.96 9.87
N ASN A 824 -43.54 21.04 9.92
CA ASN A 824 -43.27 22.15 9.00
C ASN A 824 -42.01 22.91 9.40
N LYS A 825 -41.68 22.94 10.69
CA LYS A 825 -40.51 23.68 11.14
C LYS A 825 -39.21 22.95 10.78
N VAL A 826 -39.20 21.62 10.91
CA VAL A 826 -38.02 20.85 10.54
C VAL A 826 -38.10 20.57 9.03
N THR A 827 -37.17 21.17 8.29
CA THR A 827 -37.05 20.94 6.85
C THR A 827 -35.86 20.03 6.59
N LEU A 828 -36.11 18.93 5.89
CA LEU A 828 -35.05 17.95 5.65
C LEU A 828 -34.03 18.48 4.66
N ALA A 829 -32.78 18.55 5.12
CA ALA A 829 -31.62 18.98 4.32
C ALA A 829 -31.81 20.39 3.76
N ASP A 830 -31.88 21.37 4.65
CA ASP A 830 -32.04 22.77 4.25
C ASP A 830 -30.67 23.42 4.04
N ALA A 831 -29.96 22.90 3.04
CA ALA A 831 -28.62 23.38 2.70
C ALA A 831 -28.44 23.23 1.20
N GLY A 832 -27.18 23.28 0.76
CA GLY A 832 -26.90 23.07 -0.66
C GLY A 832 -26.99 21.62 -1.08
N PHE A 833 -27.01 20.70 -0.11
CA PHE A 833 -27.08 19.28 -0.42
C PHE A 833 -28.42 18.89 -1.01
N ILE A 834 -29.50 19.63 -0.72
CA ILE A 834 -30.76 19.36 -1.41
C ILE A 834 -30.65 19.72 -2.88
N LYS A 835 -29.83 20.72 -3.21
CA LYS A 835 -29.58 21.03 -4.61
C LYS A 835 -28.65 20.00 -5.24
N GLN A 836 -27.73 19.44 -4.44
CA GLN A 836 -26.81 18.45 -4.98
C GLN A 836 -27.52 17.11 -5.25
N TYR A 837 -28.42 16.70 -4.37
CA TYR A 837 -28.98 15.36 -4.43
C TYR A 837 -30.44 15.30 -4.84
N GLY A 838 -31.13 16.44 -4.95
CA GLY A 838 -32.55 16.43 -5.23
C GLY A 838 -33.38 15.86 -4.10
N ASP A 839 -33.04 16.19 -2.85
CA ASP A 839 -33.70 15.79 -1.60
C ASP A 839 -33.69 14.27 -1.39
N CYS A 840 -32.84 13.53 -2.10
CA CYS A 840 -32.84 12.08 -1.95
C CYS A 840 -32.00 11.63 -0.77
N LEU A 841 -31.18 12.52 -0.22
CA LEU A 841 -30.30 12.14 0.89
C LEU A 841 -31.07 11.97 2.19
N GLY A 842 -32.18 12.67 2.34
CA GLY A 842 -33.05 12.44 3.48
C GLY A 842 -33.92 11.23 3.30
N ASP A 843 -34.51 10.78 4.41
CA ASP A 843 -35.41 9.62 4.39
C ASP A 843 -36.85 10.08 4.13
N ILE A 844 -37.08 10.54 2.90
CA ILE A 844 -38.40 11.01 2.52
C ILE A 844 -39.36 9.85 2.31
N ALA A 845 -38.81 8.64 2.10
CA ALA A 845 -39.46 7.36 1.84
C ALA A 845 -40.18 7.32 0.49
N ALA A 846 -40.12 8.38 -0.30
CA ALA A 846 -40.64 8.40 -1.66
C ALA A 846 -39.52 8.59 -2.69
N ARG A 847 -38.27 8.35 -2.30
CA ARG A 847 -37.14 8.57 -3.19
C ARG A 847 -37.11 7.52 -4.29
N ASP A 848 -36.45 7.87 -5.40
CA ASP A 848 -36.26 6.94 -6.50
C ASP A 848 -34.90 6.25 -6.36
N LEU A 849 -34.70 5.22 -7.19
CA LEU A 849 -33.46 4.46 -7.14
C LEU A 849 -32.35 5.16 -7.91
N ILE A 850 -32.70 6.17 -8.71
CA ILE A 850 -31.70 6.98 -9.40
C ILE A 850 -30.86 7.74 -8.40
N CYS A 851 -31.45 8.13 -7.27
CA CYS A 851 -30.67 8.75 -6.20
C CYS A 851 -29.72 7.75 -5.57
N ALA A 852 -30.12 6.47 -5.53
CA ALA A 852 -29.24 5.44 -4.98
C ALA A 852 -28.05 5.18 -5.89
N GLN A 853 -28.25 5.18 -7.22
CA GLN A 853 -27.10 5.01 -8.10
C GLN A 853 -26.28 6.30 -8.16
N LYS A 854 -26.91 7.43 -7.86
CA LYS A 854 -26.16 8.68 -7.63
C LYS A 854 -25.25 8.55 -6.42
N PHE A 855 -25.73 7.87 -5.38
CA PHE A 855 -24.94 7.60 -4.18
C PHE A 855 -23.84 6.57 -4.39
N ASN A 856 -23.86 5.84 -5.51
CA ASN A 856 -22.93 4.73 -5.80
C ASN A 856 -22.98 3.67 -4.71
N GLY A 857 -24.15 3.06 -4.55
CA GLY A 857 -24.32 1.95 -3.63
C GLY A 857 -24.86 2.30 -2.27
N LEU A 858 -24.76 3.55 -1.84
CA LEU A 858 -25.32 3.95 -0.56
C LEU A 858 -26.83 4.04 -0.65
N THR A 859 -27.52 3.47 0.32
CA THR A 859 -28.98 3.45 0.34
C THR A 859 -29.47 3.93 1.69
N VAL A 860 -30.66 4.52 1.70
CA VAL A 860 -31.34 4.94 2.91
C VAL A 860 -32.57 4.06 3.10
N LEU A 861 -32.49 3.17 4.08
CA LEU A 861 -33.61 2.29 4.38
C LEU A 861 -34.69 3.06 5.12
N PRO A 862 -35.96 2.86 4.76
CA PRO A 862 -37.05 3.50 5.52
C PRO A 862 -37.12 2.96 6.94
N PRO A 863 -37.56 3.77 7.89
CA PRO A 863 -37.63 3.32 9.28
C PRO A 863 -38.69 2.25 9.47
N LEU A 864 -38.52 1.48 10.54
CA LEU A 864 -39.47 0.41 10.87
C LEU A 864 -40.85 0.97 11.18
N LEU A 865 -40.91 2.07 11.93
CA LEU A 865 -42.18 2.66 12.36
C LEU A 865 -42.54 3.82 11.44
N THR A 866 -43.69 3.72 10.79
CA THR A 866 -44.21 4.81 9.98
C THR A 866 -44.56 5.99 10.88
N ASP A 867 -44.43 7.20 10.33
CA ASP A 867 -44.77 8.41 11.09
C ASP A 867 -46.24 8.42 11.48
N GLU A 868 -47.10 7.83 10.64
CA GLU A 868 -48.51 7.68 11.01
C GLU A 868 -48.67 6.76 12.23
N MET A 869 -47.89 5.68 12.28
CA MET A 869 -47.95 4.80 13.44
C MET A 869 -47.39 5.48 14.69
N ILE A 870 -46.36 6.31 14.52
CA ILE A 870 -45.84 7.09 15.64
C ILE A 870 -46.89 8.07 16.14
N ALA A 871 -47.62 8.70 15.23
CA ALA A 871 -48.72 9.59 15.62
C ALA A 871 -49.83 8.85 16.33
N GLN A 872 -50.15 7.63 15.89
CA GLN A 872 -51.15 6.84 16.57
C GLN A 872 -50.69 6.43 17.97
N TYR A 873 -49.41 6.09 18.11
CA TYR A 873 -48.88 5.77 19.43
C TYR A 873 -48.93 6.96 20.37
N THR A 874 -48.57 8.15 19.85
CA THR A 874 -48.63 9.36 20.65
C THR A 874 -50.07 9.71 21.05
N SER A 875 -51.00 9.51 20.12
CA SER A 875 -52.41 9.74 20.43
C SER A 875 -52.91 8.78 21.50
N ALA A 876 -52.50 7.51 21.42
CA ALA A 876 -52.88 6.53 22.43
C ALA A 876 -52.31 6.91 23.79
N LEU A 877 -51.05 7.35 23.84
CA LEU A 877 -50.44 7.77 25.09
C LEU A 877 -51.17 8.97 25.69
N LEU A 878 -51.49 9.97 24.85
CA LEU A 878 -52.19 11.17 25.35
C LEU A 878 -53.58 10.84 25.86
N ALA A 879 -54.35 10.06 25.09
CA ALA A 879 -55.69 9.70 25.51
C ALA A 879 -55.66 8.87 26.79
N GLY A 880 -54.71 7.94 26.89
CA GLY A 880 -54.60 7.13 28.09
C GLY A 880 -54.25 7.94 29.32
N THR A 881 -53.27 8.85 29.21
CA THR A 881 -52.87 9.60 30.40
C THR A 881 -53.96 10.59 30.82
N ILE A 882 -54.61 11.25 29.86
CA ILE A 882 -55.63 12.25 30.20
C ILE A 882 -56.87 11.57 30.78
N THR A 883 -57.26 10.42 30.23
CA THR A 883 -58.43 9.74 30.76
C THR A 883 -58.17 9.00 32.06
N SER A 884 -57.16 8.13 32.12
CA SER A 884 -57.00 7.21 33.23
C SER A 884 -55.89 7.56 34.20
N GLY A 885 -55.06 8.57 33.92
CA GLY A 885 -54.01 8.84 34.88
C GLY A 885 -52.86 7.84 34.77
N TRP A 886 -52.30 7.50 35.93
CA TRP A 886 -51.19 6.56 36.00
C TRP A 886 -51.64 5.10 35.94
N THR A 887 -52.94 4.82 35.97
CA THR A 887 -53.45 3.48 35.74
C THR A 887 -53.34 3.06 34.28
N PHE A 888 -52.99 4.01 33.40
CA PHE A 888 -52.62 3.70 32.03
C PHE A 888 -51.47 2.70 31.97
N GLY A 889 -50.50 2.84 32.89
CA GLY A 889 -49.32 2.01 32.83
C GLY A 889 -49.53 0.63 33.42
N ALA A 890 -50.36 0.53 34.46
CA ALA A 890 -50.59 -0.76 35.11
C ALA A 890 -51.31 -1.73 34.18
N GLY A 891 -52.29 -1.24 33.43
CA GLY A 891 -53.01 -2.02 32.45
C GLY A 891 -54.40 -2.34 32.91
N ALA A 892 -55.36 -1.48 32.51
CA ALA A 892 -56.76 -1.54 32.91
C ALA A 892 -57.51 -0.43 32.20
N ALA A 893 -58.83 -0.37 32.38
CA ALA A 893 -59.63 0.76 31.93
C ALA A 893 -60.26 1.39 33.15
N LEU A 894 -59.51 2.28 33.81
CA LEU A 894 -59.96 2.95 35.02
C LEU A 894 -60.07 4.45 34.74
N GLN A 895 -61.23 4.88 34.27
CA GLN A 895 -61.45 6.29 33.99
C GLN A 895 -61.51 7.07 35.30
N ILE A 896 -61.04 8.32 35.24
CA ILE A 896 -61.09 9.22 36.38
C ILE A 896 -61.37 10.61 35.83
N PRO A 897 -62.08 11.47 36.56
CA PRO A 897 -62.21 12.86 36.13
C PRO A 897 -60.86 13.57 36.14
N PHE A 898 -60.68 14.48 35.19
CA PHE A 898 -59.41 15.19 35.08
C PHE A 898 -59.19 16.12 36.25
N ALA A 899 -60.29 16.64 36.83
CA ALA A 899 -60.16 17.44 38.05
C ALA A 899 -59.60 16.61 39.20
N MET A 900 -60.08 15.38 39.35
CA MET A 900 -59.55 14.53 40.41
C MET A 900 -58.13 14.08 40.11
N GLN A 901 -57.78 13.90 38.83
CA GLN A 901 -56.41 13.52 38.50
C GLN A 901 -55.44 14.67 38.80
N MET A 902 -55.84 15.90 38.49
CA MET A 902 -55.08 17.08 38.95
C MET A 902 -55.02 17.15 40.46
N ALA A 903 -56.09 16.77 41.15
CA ALA A 903 -56.10 16.84 42.61
C ALA A 903 -55.09 15.86 43.21
N TYR A 904 -55.03 14.65 42.67
CA TYR A 904 -54.09 13.67 43.22
C TYR A 904 -52.65 13.97 42.80
N ARG A 905 -52.44 14.63 41.66
CA ARG A 905 -51.08 15.04 41.34
C ARG A 905 -50.64 16.24 42.19
N PHE A 906 -51.59 17.12 42.54
CA PHE A 906 -51.31 18.19 43.49
C PHE A 906 -50.99 17.62 44.88
N ASN A 907 -51.70 16.57 45.27
CA ASN A 907 -51.36 15.86 46.51
C ASN A 907 -49.99 15.22 46.39
N GLY A 908 -49.61 14.80 45.18
CA GLY A 908 -48.27 14.27 44.97
C GLY A 908 -47.18 15.31 45.19
N ILE A 909 -47.37 16.53 44.68
CA ILE A 909 -46.32 17.54 44.85
C ILE A 909 -46.31 18.12 46.26
N GLY A 910 -47.36 17.91 47.05
CA GLY A 910 -47.39 18.35 48.43
C GLY A 910 -48.45 19.38 48.76
N VAL A 911 -49.28 19.77 47.81
CA VAL A 911 -50.31 20.77 48.05
C VAL A 911 -51.66 20.07 48.23
N THR A 912 -52.46 20.55 49.17
CA THR A 912 -53.76 19.94 49.43
C THR A 912 -54.73 20.21 48.27
N GLN A 913 -55.80 19.42 48.25
CA GLN A 913 -56.75 19.42 47.15
C GLN A 913 -57.59 20.70 47.11
N ASN A 914 -57.70 21.40 48.25
CA ASN A 914 -58.53 22.59 48.32
C ASN A 914 -58.00 23.70 47.42
N VAL A 915 -56.68 23.75 47.23
CA VAL A 915 -56.08 24.75 46.35
C VAL A 915 -56.56 24.57 44.93
N LEU A 916 -56.54 23.32 44.44
CA LEU A 916 -57.08 23.04 43.11
C LEU A 916 -58.58 23.30 43.02
N TYR A 917 -59.35 22.80 43.99
CA TYR A 917 -60.80 22.91 43.87
C TYR A 917 -61.28 24.33 44.14
N GLU A 918 -60.40 25.21 44.60
CA GLU A 918 -60.74 26.62 44.66
C GLU A 918 -60.26 27.38 43.42
N ASN A 919 -59.08 27.04 42.89
CA ASN A 919 -58.47 27.80 41.80
C ASN A 919 -58.46 27.02 40.49
N GLN A 920 -59.46 26.17 40.29
CA GLN A 920 -59.55 25.37 39.06
C GLN A 920 -59.67 26.25 37.82
N LYS A 921 -60.50 27.28 37.86
CA LYS A 921 -60.67 28.16 36.69
C LYS A 921 -59.39 28.92 36.38
N LEU A 922 -58.71 29.40 37.42
CA LEU A 922 -57.44 30.11 37.23
C LEU A 922 -56.37 29.18 36.65
N ILE A 923 -56.31 27.95 37.15
CA ILE A 923 -55.32 26.99 36.65
C ILE A 923 -55.62 26.62 35.20
N ALA A 924 -56.90 26.43 34.87
CA ALA A 924 -57.27 26.13 33.48
C ALA A 924 -56.93 27.29 32.55
N ASN A 925 -57.18 28.53 32.99
CA ASN A 925 -56.83 29.69 32.17
C ASN A 925 -55.32 29.80 32.00
N GLN A 926 -54.54 29.53 33.05
CA GLN A 926 -53.09 29.57 32.94
C GLN A 926 -52.57 28.50 31.98
N PHE A 927 -53.13 27.29 32.06
CA PHE A 927 -52.71 26.21 31.16
C PHE A 927 -53.06 26.52 29.71
N ASN A 928 -54.26 27.05 29.47
CA ASN A 928 -54.65 27.43 28.12
C ASN A 928 -53.77 28.56 27.58
N SER A 929 -53.44 29.54 28.43
CA SER A 929 -52.56 30.62 28.01
C SER A 929 -51.16 30.10 27.69
N ALA A 930 -50.66 29.15 28.47
CA ALA A 930 -49.34 28.58 28.20
C ALA A 930 -49.33 27.78 26.89
N ILE A 931 -50.40 27.03 26.63
CA ILE A 931 -50.51 26.30 25.36
C ILE A 931 -50.57 27.28 24.19
N GLY A 932 -51.32 28.37 24.35
CA GLY A 932 -51.36 29.38 23.31
C GLY A 932 -50.02 30.06 23.08
N LYS A 933 -49.28 30.31 24.17
CA LYS A 933 -47.96 30.91 24.05
C LYS A 933 -46.98 29.99 23.33
N ILE A 934 -46.99 28.69 23.64
CA ILE A 934 -46.06 27.80 22.98
C ILE A 934 -46.47 27.58 21.51
N GLN A 935 -47.77 27.58 21.23
CA GLN A 935 -48.23 27.51 19.84
C GLN A 935 -47.78 28.73 19.04
N ASP A 936 -47.89 29.92 19.65
CA ASP A 936 -47.42 31.14 18.99
C ASP A 936 -45.91 31.14 18.84
N SER A 937 -45.20 30.56 19.81
CA SER A 937 -43.74 30.50 19.73
C SER A 937 -43.29 29.60 18.60
N LEU A 938 -43.96 28.47 18.39
CA LEU A 938 -43.62 27.62 17.25
C LEU A 938 -44.08 28.24 15.93
N SER A 939 -45.21 28.95 15.94
CA SER A 939 -45.74 29.50 14.69
C SER A 939 -45.03 30.78 14.28
N SER A 940 -44.29 31.41 15.19
CA SER A 940 -43.63 32.68 14.89
C SER A 940 -42.28 32.52 14.21
N THR A 941 -41.98 31.35 13.66
CA THR A 941 -40.73 31.01 12.98
C THR A 941 -39.50 31.25 13.84
N ALA A 942 -39.63 31.14 15.16
CA ALA A 942 -38.49 31.20 16.07
C ALA A 942 -37.95 29.80 16.21
N SER A 943 -36.87 29.51 15.48
CA SER A 943 -36.35 28.16 15.38
C SER A 943 -35.69 27.73 16.70
N ALA A 944 -36.31 26.75 17.36
CA ALA A 944 -35.77 26.20 18.59
C ALA A 944 -35.54 24.70 18.53
N LEU A 945 -35.93 24.04 17.45
CA LEU A 945 -35.69 22.60 17.31
C LEU A 945 -34.32 22.36 16.70
N GLY A 946 -33.27 22.83 17.37
CA GLY A 946 -31.94 22.75 16.80
C GLY A 946 -31.34 21.35 16.84
N LYS A 947 -31.85 20.50 17.74
CA LYS A 947 -31.21 19.20 17.96
C LYS A 947 -31.53 18.22 16.83
N LEU A 948 -32.77 18.20 16.36
CA LEU A 948 -33.14 17.29 15.28
C LEU A 948 -32.53 17.74 13.95
N GLN A 949 -32.58 19.03 13.68
CA GLN A 949 -31.95 19.60 12.50
C GLN A 949 -30.45 19.35 12.53
N ASP A 950 -29.85 19.33 13.73
CA ASP A 950 -28.45 18.96 13.87
C ASP A 950 -28.21 17.51 13.43
N VAL A 951 -29.12 16.60 13.79
CA VAL A 951 -28.97 15.20 13.39
C VAL A 951 -29.03 15.08 11.88
N VAL A 952 -29.97 15.77 11.25
CA VAL A 952 -30.07 15.76 9.79
C VAL A 952 -28.82 16.35 9.15
N ASN A 953 -28.29 17.43 9.74
CA ASN A 953 -27.11 18.09 9.16
C ASN A 953 -25.87 17.22 9.27
N GLN A 954 -25.67 16.53 10.40
CA GLN A 954 -24.51 15.64 10.51
C GLN A 954 -24.65 14.44 9.59
N ASN A 955 -25.86 13.90 9.41
CA ASN A 955 -26.03 12.80 8.46
C ASN A 955 -25.74 13.26 7.03
N ALA A 956 -26.21 14.46 6.67
CA ALA A 956 -25.96 15.01 5.35
C ALA A 956 -24.47 15.25 5.12
N GLN A 957 -23.79 15.81 6.13
CA GLN A 957 -22.35 16.07 6.01
C GLN A 957 -21.57 14.77 5.93
N ALA A 958 -21.99 13.74 6.66
CA ALA A 958 -21.31 12.45 6.60
C ALA A 958 -21.44 11.82 5.22
N LEU A 959 -22.65 11.83 4.64
CA LEU A 959 -22.83 11.25 3.31
C LEU A 959 -22.09 12.06 2.24
N ASN A 960 -22.14 13.39 2.34
CA ASN A 960 -21.44 14.23 1.38
C ASN A 960 -19.92 14.05 1.48
N THR A 961 -19.41 13.94 2.71
CA THR A 961 -17.98 13.73 2.90
C THR A 961 -17.56 12.37 2.37
N LEU A 962 -18.41 11.35 2.53
CA LEU A 962 -18.10 10.03 1.97
C LEU A 962 -18.04 10.07 0.45
N VAL A 963 -19.03 10.67 -0.20
CA VAL A 963 -19.05 10.65 -1.66
C VAL A 963 -18.00 11.61 -2.23
N LYS A 964 -17.51 12.55 -1.40
CA LYS A 964 -16.38 13.35 -1.84
C LYS A 964 -15.05 12.66 -1.52
N GLN A 965 -15.06 11.72 -0.56
CA GLN A 965 -13.89 10.86 -0.38
C GLN A 965 -13.73 9.93 -1.56
N LEU A 966 -14.85 9.56 -2.19
CA LEU A 966 -14.80 8.67 -3.33
C LEU A 966 -14.23 9.36 -4.57
N SER A 967 -14.16 10.69 -4.55
CA SER A 967 -13.67 11.45 -5.70
C SER A 967 -12.16 11.34 -5.85
N SER A 968 -11.44 11.11 -4.75
CA SER A 968 -9.99 11.10 -4.78
C SER A 968 -9.47 9.86 -5.50
N ASN A 969 -8.33 10.01 -6.17
CA ASN A 969 -7.73 8.90 -6.92
C ASN A 969 -6.89 7.99 -6.04
N PHE A 970 -6.59 8.41 -4.80
CA PHE A 970 -5.83 7.63 -3.83
C PHE A 970 -4.46 7.21 -4.36
N GLY A 971 -3.82 8.14 -5.07
CA GLY A 971 -2.50 7.88 -5.63
C GLY A 971 -2.49 6.85 -6.73
N ALA A 972 -3.45 6.91 -7.64
CA ALA A 972 -3.50 6.02 -8.79
C ALA A 972 -3.36 6.85 -10.06
N ILE A 973 -3.33 6.16 -11.21
CA ILE A 973 -3.19 6.85 -12.48
C ILE A 973 -4.50 7.53 -12.86
N SER A 974 -5.62 7.05 -12.33
CA SER A 974 -6.92 7.66 -12.58
C SER A 974 -7.82 7.39 -11.39
N SER A 975 -8.82 8.26 -11.22
CA SER A 975 -9.76 8.11 -10.11
C SER A 975 -10.73 6.96 -10.36
N VAL A 976 -11.21 6.83 -11.59
CA VAL A 976 -12.19 5.79 -11.91
C VAL A 976 -11.49 4.45 -12.06
N LEU A 977 -12.15 3.39 -11.61
CA LEU A 977 -11.59 2.04 -11.69
C LEU A 977 -11.46 1.58 -13.13
N ASN A 978 -12.38 2.02 -13.98
CA ASN A 978 -12.47 1.49 -15.34
C ASN A 978 -11.31 1.94 -16.22
N ASP A 979 -10.82 3.18 -16.03
CA ASP A 979 -9.69 3.65 -16.81
C ASP A 979 -8.43 2.86 -16.47
N ILE A 980 -8.24 2.54 -15.19
CA ILE A 980 -7.11 1.72 -14.79
C ILE A 980 -7.22 0.33 -15.40
N LEU A 981 -8.43 -0.27 -15.30
CA LEU A 981 -8.59 -1.62 -15.84
C LEU A 981 -8.60 -1.65 -17.36
N SER A 982 -8.80 -0.50 -18.00
CA SER A 982 -8.72 -0.38 -19.44
C SER A 982 -7.29 -0.19 -19.94
N ARG A 983 -6.50 0.61 -19.23
CA ARG A 983 -5.15 0.90 -19.69
C ARG A 983 -4.14 -0.15 -19.25
N LEU A 984 -4.11 -0.46 -17.95
CA LEU A 984 -3.04 -1.32 -17.46
C LEU A 984 -3.44 -2.79 -17.52
N ASP A 985 -2.47 -3.63 -17.88
CA ASP A 985 -2.62 -5.08 -17.94
C ASP A 985 -2.60 -5.64 -16.52
N PRO A 986 -3.03 -6.90 -16.31
CA PRO A 986 -3.21 -7.45 -14.94
C PRO A 986 -2.01 -7.40 -13.99
N PRO A 987 -0.73 -7.53 -14.40
CA PRO A 987 0.32 -7.50 -13.36
C PRO A 987 0.46 -6.20 -12.56
N GLU A 988 0.56 -5.03 -13.18
CA GLU A 988 0.56 -3.79 -12.40
C GLU A 988 -0.83 -3.18 -12.22
N ALA A 989 -1.79 -3.56 -13.08
CA ALA A 989 -3.17 -3.15 -12.84
C ALA A 989 -3.68 -3.68 -11.52
N GLU A 990 -3.20 -4.86 -11.11
CA GLU A 990 -3.67 -5.45 -9.86
C GLU A 990 -3.22 -4.62 -8.65
N VAL A 991 -1.98 -4.13 -8.63
CA VAL A 991 -1.53 -3.32 -7.49
C VAL A 991 -2.17 -1.94 -7.54
N GLN A 992 -2.45 -1.41 -8.75
CA GLN A 992 -3.16 -0.14 -8.82
C GLN A 992 -4.58 -0.26 -8.29
N ILE A 993 -5.28 -1.33 -8.65
CA ILE A 993 -6.63 -1.56 -8.13
C ILE A 993 -6.58 -1.82 -6.63
N ASP A 994 -5.51 -2.49 -6.15
CA ASP A 994 -5.35 -2.70 -4.71
C ASP A 994 -5.24 -1.37 -3.97
N ARG A 995 -4.45 -0.43 -4.51
CA ARG A 995 -4.33 0.88 -3.88
C ARG A 995 -5.66 1.62 -3.86
N LEU A 996 -6.37 1.62 -5.00
CA LEU A 996 -7.63 2.36 -5.07
C LEU A 996 -8.71 1.74 -4.15
N ILE A 997 -8.79 0.41 -4.13
CA ILE A 997 -9.77 -0.27 -3.29
C ILE A 997 -9.42 -0.11 -1.82
N THR A 998 -8.13 -0.12 -1.48
CA THR A 998 -7.72 0.13 -0.10
C THR A 998 -8.11 1.52 0.36
N GLY A 999 -7.92 2.52 -0.51
CA GLY A 999 -8.36 3.87 -0.18
C GLY A 999 -9.85 3.98 0.02
N ARG A 1000 -10.63 3.34 -0.87
CA ARG A 1000 -12.09 3.37 -0.75
C ARG A 1000 -12.56 2.66 0.53
N LEU A 1001 -11.93 1.53 0.87
CA LEU A 1001 -12.30 0.81 2.08
C LEU A 1001 -11.95 1.60 3.33
N GLN A 1002 -10.82 2.32 3.30
CA GLN A 1002 -10.49 3.19 4.43
C GLN A 1002 -11.49 4.33 4.57
N SER A 1003 -11.95 4.90 3.44
CA SER A 1003 -12.99 5.92 3.50
C SER A 1003 -14.28 5.38 4.11
N LEU A 1004 -14.68 4.17 3.71
CA LEU A 1004 -15.88 3.55 4.28
C LEU A 1004 -15.71 3.29 5.77
N GLN A 1005 -14.52 2.86 6.18
CA GLN A 1005 -14.31 2.53 7.59
C GLN A 1005 -14.33 3.81 8.44
N THR A 1006 -13.78 4.90 7.91
CA THR A 1006 -13.86 6.17 8.63
C THR A 1006 -15.31 6.64 8.74
N TYR A 1007 -16.10 6.42 7.69
CA TYR A 1007 -17.54 6.69 7.77
C TYR A 1007 -18.21 5.86 8.87
N VAL A 1008 -17.79 4.60 9.00
CA VAL A 1008 -18.34 3.73 10.03
C VAL A 1008 -18.00 4.25 11.43
N THR A 1009 -16.76 4.69 11.64
CA THR A 1009 -16.40 5.22 12.96
C THR A 1009 -17.09 6.55 13.25
N GLN A 1010 -17.41 7.33 12.22
CA GLN A 1010 -18.20 8.54 12.47
C GLN A 1010 -19.65 8.18 12.84
N GLN A 1011 -20.20 7.17 12.16
CA GLN A 1011 -21.53 6.67 12.53
C GLN A 1011 -21.53 6.10 13.94
N LEU A 1012 -20.38 5.62 14.41
CA LEU A 1012 -20.28 5.14 15.80
C LEU A 1012 -20.50 6.27 16.79
N ILE A 1013 -19.87 7.43 16.55
CA ILE A 1013 -20.08 8.60 17.41
C ILE A 1013 -21.53 9.04 17.37
N ARG A 1014 -22.10 9.08 16.16
CA ARG A 1014 -23.49 9.49 16.01
C ARG A 1014 -24.43 8.52 16.73
N ALA A 1015 -24.19 7.22 16.59
CA ALA A 1015 -25.06 6.23 17.22
C ALA A 1015 -24.94 6.26 18.73
N ALA A 1016 -23.74 6.52 19.25
CA ALA A 1016 -23.55 6.61 20.70
C ALA A 1016 -24.32 7.81 21.27
N GLU A 1017 -24.19 8.97 20.62
CA GLU A 1017 -24.90 10.16 21.10
C GLU A 1017 -26.42 9.98 20.98
N ILE A 1018 -26.87 9.38 19.88
CA ILE A 1018 -28.30 9.15 19.67
C ILE A 1018 -28.85 8.17 20.70
N ARG A 1019 -28.09 7.10 20.99
CA ARG A 1019 -28.55 6.15 22.00
C ARG A 1019 -28.58 6.75 23.40
N ALA A 1020 -27.62 7.63 23.72
CA ALA A 1020 -27.67 8.30 25.02
C ALA A 1020 -28.91 9.19 25.13
N SER A 1021 -29.17 10.01 24.10
CA SER A 1021 -30.33 10.90 24.14
C SER A 1021 -31.64 10.12 24.13
N ALA A 1022 -31.68 9.00 23.39
CA ALA A 1022 -32.90 8.22 23.31
C ALA A 1022 -33.14 7.42 24.58
N ASN A 1023 -32.08 7.02 25.28
CA ASN A 1023 -32.26 6.38 26.58
C ASN A 1023 -32.76 7.39 27.61
N LEU A 1024 -32.29 8.64 27.53
CA LEU A 1024 -32.86 9.68 28.38
C LEU A 1024 -34.32 9.92 28.05
N ALA A 1025 -34.68 9.90 26.76
CA ALA A 1025 -36.07 10.07 26.35
C ALA A 1025 -36.94 8.91 26.84
N ALA A 1026 -36.40 7.68 26.80
CA ALA A 1026 -37.15 6.53 27.29
C ALA A 1026 -37.34 6.59 28.80
N THR A 1027 -36.34 7.09 29.52
CA THR A 1027 -36.48 7.31 30.96
C THR A 1027 -37.57 8.35 31.25
N LYS A 1028 -37.61 9.42 30.45
CA LYS A 1028 -38.65 10.43 30.64
C LYS A 1028 -40.03 9.88 30.29
N MET A 1029 -40.11 9.02 29.27
CA MET A 1029 -41.37 8.36 28.94
C MET A 1029 -41.82 7.43 30.07
N SER A 1030 -40.88 6.74 30.70
CA SER A 1030 -41.24 5.86 31.80
C SER A 1030 -41.68 6.64 33.03
N GLU A 1031 -41.06 7.80 33.27
CA GLU A 1031 -41.34 8.50 34.52
C GLU A 1031 -42.49 9.48 34.38
N CYS A 1032 -42.36 10.46 33.49
CA CYS A 1032 -43.12 11.71 33.61
C CYS A 1032 -44.47 11.70 32.91
N VAL A 1033 -44.69 10.81 31.94
CA VAL A 1033 -46.00 10.78 31.29
C VAL A 1033 -46.86 9.64 31.84
N LEU A 1034 -46.25 8.51 32.19
CA LEU A 1034 -46.97 7.39 32.76
C LEU A 1034 -47.11 7.49 34.28
N GLY A 1035 -46.54 8.53 34.88
CA GLY A 1035 -46.61 8.70 36.33
C GLY A 1035 -46.11 10.06 36.72
N GLN A 1036 -46.01 10.25 38.03
CA GLN A 1036 -45.49 11.51 38.57
C GLN A 1036 -44.07 11.30 39.05
N SER A 1037 -43.22 12.28 38.77
CA SER A 1037 -41.80 12.19 39.05
C SER A 1037 -41.45 13.02 40.27
N LYS A 1038 -40.84 12.36 41.27
CA LYS A 1038 -40.32 13.08 42.43
C LYS A 1038 -38.92 13.63 42.17
N ARG A 1039 -38.34 13.34 41.01
CA ARG A 1039 -37.02 13.87 40.67
C ARG A 1039 -37.10 15.38 40.45
N VAL A 1040 -36.02 16.07 40.82
CA VAL A 1040 -36.00 17.52 40.86
C VAL A 1040 -35.20 18.03 39.66
N ASP A 1041 -35.83 18.91 38.87
CA ASP A 1041 -35.29 19.42 37.60
C ASP A 1041 -34.91 18.29 36.65
N PHE A 1042 -35.75 17.26 36.59
CA PHE A 1042 -35.64 16.23 35.58
C PHE A 1042 -36.70 16.39 34.49
N CYS A 1043 -37.87 16.91 34.86
CA CYS A 1043 -38.92 17.18 33.88
C CYS A 1043 -39.43 18.62 34.00
N GLY A 1044 -38.52 19.58 34.03
CA GLY A 1044 -38.89 20.98 33.94
C GLY A 1044 -38.57 21.74 35.22
N LYS A 1045 -38.45 23.06 35.06
CA LYS A 1045 -38.25 23.94 36.20
C LYS A 1045 -39.52 23.99 37.04
N GLY A 1046 -39.39 23.69 38.32
CA GLY A 1046 -40.53 23.64 39.23
C GLY A 1046 -40.94 22.22 39.54
N TYR A 1047 -42.03 22.11 40.29
CA TYR A 1047 -42.56 20.82 40.69
C TYR A 1047 -43.36 20.22 39.53
N HIS A 1048 -43.01 19.00 39.16
CA HIS A 1048 -43.61 18.37 37.98
C HIS A 1048 -45.04 17.91 38.28
N LEU A 1049 -45.94 18.19 37.34
CA LEU A 1049 -47.29 17.66 37.41
C LEU A 1049 -47.57 16.67 36.29
N MET A 1050 -47.41 17.07 35.02
CA MET A 1050 -47.63 16.18 33.89
C MET A 1050 -46.65 16.50 32.77
N SER A 1051 -46.56 15.57 31.83
CA SER A 1051 -45.85 15.79 30.57
C SER A 1051 -46.72 15.22 29.46
N PHE A 1052 -46.78 15.93 28.33
CA PHE A 1052 -47.58 15.48 27.20
C PHE A 1052 -46.67 15.22 26.01
N PRO A 1053 -46.59 13.98 25.53
CA PRO A 1053 -45.67 13.69 24.43
C PRO A 1053 -46.26 14.11 23.09
N GLN A 1054 -45.39 14.54 22.20
CA GLN A 1054 -45.76 14.84 20.81
C GLN A 1054 -44.65 14.35 19.91
N SER A 1055 -45.03 13.79 18.75
CA SER A 1055 -44.05 13.26 17.82
C SER A 1055 -43.27 14.38 17.14
N ALA A 1056 -42.11 14.01 16.60
CA ALA A 1056 -41.19 14.97 16.00
C ALA A 1056 -40.38 14.24 14.96
N PRO A 1057 -39.83 14.95 13.96
CA PRO A 1057 -38.94 14.28 12.99
C PRO A 1057 -37.64 13.85 13.66
N HIS A 1058 -37.41 12.54 13.66
CA HIS A 1058 -36.22 11.92 14.27
C HIS A 1058 -36.09 12.29 15.75
N GLY A 1059 -37.21 12.36 16.45
CA GLY A 1059 -37.17 12.74 17.85
C GLY A 1059 -38.55 12.78 18.45
N VAL A 1060 -38.61 13.20 19.71
CA VAL A 1060 -39.85 13.36 20.45
C VAL A 1060 -39.73 14.61 21.31
N VAL A 1061 -40.83 15.35 21.44
CA VAL A 1061 -40.88 16.56 22.24
C VAL A 1061 -41.89 16.33 23.37
N PHE A 1062 -41.57 16.86 24.55
CA PHE A 1062 -42.43 16.77 25.71
C PHE A 1062 -42.99 18.15 26.06
N LEU A 1063 -44.24 18.18 26.51
CA LEU A 1063 -44.84 19.39 27.03
C LEU A 1063 -45.01 19.23 28.54
N HIS A 1064 -43.99 19.66 29.28
CA HIS A 1064 -43.91 19.48 30.73
C HIS A 1064 -44.80 20.51 31.41
N VAL A 1065 -45.78 20.04 32.18
CA VAL A 1065 -46.63 20.92 32.97
C VAL A 1065 -46.06 20.96 34.38
N THR A 1066 -45.66 22.14 34.82
CA THR A 1066 -44.94 22.28 36.08
C THR A 1066 -45.65 23.27 36.99
N TYR A 1067 -45.38 23.13 38.28
CA TYR A 1067 -45.92 24.01 39.32
C TYR A 1067 -44.81 24.94 39.77
N VAL A 1068 -44.95 26.22 39.48
CA VAL A 1068 -43.95 27.23 39.81
C VAL A 1068 -44.57 28.18 40.83
N PRO A 1069 -44.07 28.23 42.06
CA PRO A 1069 -44.63 29.16 43.05
C PRO A 1069 -44.12 30.58 42.85
N ALA A 1070 -44.83 31.53 43.46
CA ALA A 1070 -44.49 32.94 43.37
C ALA A 1070 -45.12 33.68 44.54
N GLN A 1071 -44.81 34.97 44.62
CA GLN A 1071 -45.35 35.89 45.61
C GLN A 1071 -45.05 35.42 47.04
N GLU A 1072 -43.75 35.39 47.35
CA GLU A 1072 -43.29 34.90 48.64
C GLU A 1072 -43.61 35.89 49.76
N LYS A 1073 -43.63 35.37 50.99
CA LYS A 1073 -43.82 36.17 52.18
C LYS A 1073 -42.96 35.64 53.31
N ASN A 1074 -42.30 36.55 54.04
CA ASN A 1074 -41.52 36.16 55.20
C ASN A 1074 -42.44 35.81 56.36
N PHE A 1075 -42.02 34.82 57.16
CA PHE A 1075 -42.78 34.42 58.34
C PHE A 1075 -41.81 33.99 59.43
N THR A 1076 -42.20 34.24 60.68
CA THR A 1076 -41.42 33.81 61.83
C THR A 1076 -41.84 32.41 62.23
N THR A 1077 -40.89 31.48 62.22
CA THR A 1077 -41.17 30.07 62.44
C THR A 1077 -40.55 29.58 63.73
N ALA A 1078 -41.06 28.43 64.19
CA ALA A 1078 -40.54 27.73 65.35
C ALA A 1078 -40.51 26.23 65.03
N PRO A 1079 -39.56 25.49 65.59
CA PRO A 1079 -39.54 24.04 65.33
C PRO A 1079 -40.68 23.30 66.01
N ALA A 1080 -41.10 23.74 67.19
CA ALA A 1080 -42.16 23.08 67.93
C ALA A 1080 -42.81 24.09 68.86
N ILE A 1081 -43.82 23.63 69.60
CA ILE A 1081 -44.55 24.47 70.54
C ILE A 1081 -44.65 23.71 71.85
N CYS A 1082 -44.22 24.35 72.94
CA CYS A 1082 -44.30 23.77 74.27
C CYS A 1082 -45.57 24.27 74.95
N HIS A 1083 -46.55 23.38 75.08
CA HIS A 1083 -47.79 23.67 75.79
C HIS A 1083 -47.98 22.63 76.88
N ASP A 1084 -48.30 23.09 78.09
CA ASP A 1084 -48.51 22.26 79.28
C ASP A 1084 -47.30 21.39 79.59
N GLY A 1085 -46.10 21.92 79.34
CA GLY A 1085 -44.87 21.21 79.66
C GLY A 1085 -44.47 20.13 78.69
N LYS A 1086 -45.17 19.98 77.57
CA LYS A 1086 -44.86 18.97 76.58
C LYS A 1086 -44.81 19.60 75.20
N ALA A 1087 -43.84 19.14 74.40
CA ALA A 1087 -43.61 19.69 73.07
C ALA A 1087 -44.59 19.10 72.06
N HIS A 1088 -45.05 19.95 71.14
CA HIS A 1088 -45.94 19.54 70.07
C HIS A 1088 -45.22 19.73 68.74
N PHE A 1089 -45.11 18.66 67.97
CA PHE A 1089 -44.47 18.70 66.66
C PHE A 1089 -45.51 18.53 65.56
N PRO A 1090 -45.35 19.20 64.42
CA PRO A 1090 -46.40 19.14 63.38
C PRO A 1090 -46.38 17.81 62.64
N ARG A 1091 -47.57 17.28 62.38
CA ARG A 1091 -47.65 16.06 61.59
C ARG A 1091 -47.35 16.33 60.13
N GLU A 1092 -47.81 17.47 59.62
CA GLU A 1092 -47.50 17.90 58.26
C GLU A 1092 -47.38 19.42 58.25
N GLY A 1093 -46.45 19.91 57.45
CA GLY A 1093 -46.27 21.35 57.33
C GLY A 1093 -45.42 21.95 58.43
N VAL A 1094 -45.43 23.29 58.47
CA VAL A 1094 -44.56 24.06 59.34
C VAL A 1094 -45.42 24.85 60.31
N PHE A 1095 -44.78 25.31 61.39
CA PHE A 1095 -45.38 26.28 62.30
C PHE A 1095 -44.90 27.69 61.91
N VAL A 1096 -45.84 28.57 61.60
CA VAL A 1096 -45.53 29.95 61.26
C VAL A 1096 -46.35 30.88 62.13
N SER A 1097 -45.95 32.15 62.13
CA SER A 1097 -46.63 33.16 62.92
C SER A 1097 -46.67 34.47 62.16
N ASN A 1098 -47.86 35.09 62.12
CA ASN A 1098 -48.04 36.45 61.66
C ASN A 1098 -48.31 37.33 62.87
N GLY A 1099 -47.48 38.36 63.06
CA GLY A 1099 -47.57 39.18 64.25
C GLY A 1099 -47.26 38.40 65.52
N THR A 1100 -48.29 38.16 66.34
CA THR A 1100 -48.15 37.41 67.58
C THR A 1100 -49.04 36.19 67.66
N HIS A 1101 -49.65 35.78 66.55
CA HIS A 1101 -50.52 34.62 66.52
C HIS A 1101 -49.89 33.52 65.67
N TRP A 1102 -49.94 32.29 66.18
CA TRP A 1102 -49.27 31.15 65.55
C TRP A 1102 -50.27 30.28 64.81
N PHE A 1103 -49.83 29.68 63.71
CA PHE A 1103 -50.64 28.80 62.91
C PHE A 1103 -49.78 27.66 62.38
N VAL A 1104 -50.42 26.65 61.82
CA VAL A 1104 -49.74 25.58 61.11
C VAL A 1104 -50.17 25.62 59.65
N THR A 1105 -49.19 25.62 58.74
CA THR A 1105 -49.44 25.72 57.31
C THR A 1105 -48.63 24.67 56.58
N GLN A 1106 -49.15 24.23 55.44
CA GLN A 1106 -48.37 23.36 54.56
C GLN A 1106 -47.22 24.13 53.93
N ARG A 1107 -46.22 23.40 53.48
CA ARG A 1107 -44.95 24.02 53.12
C ARG A 1107 -45.04 24.81 51.81
N ASN A 1108 -45.67 24.22 50.78
CA ASN A 1108 -45.57 24.79 49.45
C ASN A 1108 -46.55 25.95 49.24
N PHE A 1109 -47.68 25.93 49.93
CA PHE A 1109 -48.69 26.97 49.77
C PHE A 1109 -49.08 27.51 51.13
N TYR A 1110 -49.48 28.78 51.16
CA TYR A 1110 -49.84 29.44 52.41
C TYR A 1110 -51.34 29.25 52.66
N GLU A 1111 -51.68 28.20 53.39
CA GLU A 1111 -53.05 27.96 53.84
C GLU A 1111 -53.06 27.98 55.36
N PRO A 1112 -53.47 29.07 55.99
CA PRO A 1112 -53.41 29.14 57.46
C PRO A 1112 -54.46 28.27 58.11
N GLN A 1113 -54.02 27.46 59.07
CA GLN A 1113 -54.90 26.58 59.83
C GLN A 1113 -54.64 26.77 61.32
N ILE A 1114 -55.70 26.70 62.12
CA ILE A 1114 -55.55 26.81 63.57
C ILE A 1114 -54.84 25.57 64.10
N ILE A 1115 -53.93 25.78 65.05
CA ILE A 1115 -53.17 24.67 65.60
C ILE A 1115 -54.08 23.77 66.42
N THR A 1116 -54.19 22.52 65.99
CA THR A 1116 -55.17 21.60 66.55
C THR A 1116 -54.46 20.28 66.88
N THR A 1117 -54.96 19.58 67.90
CA THR A 1117 -54.31 18.38 68.41
C THR A 1117 -54.26 17.25 67.39
N ASP A 1118 -55.13 17.25 66.39
CA ASP A 1118 -55.00 16.24 65.33
C ASP A 1118 -53.88 16.61 64.37
N ASN A 1119 -53.59 17.90 64.22
CA ASN A 1119 -52.53 18.36 63.34
C ASN A 1119 -51.14 18.16 63.93
N THR A 1120 -51.04 18.00 65.24
CA THR A 1120 -49.76 17.87 65.93
C THR A 1120 -49.69 16.53 66.65
N PHE A 1121 -48.47 16.15 67.02
CA PHE A 1121 -48.25 14.98 67.87
C PHE A 1121 -47.26 15.33 68.96
N VAL A 1122 -47.50 14.77 70.15
CA VAL A 1122 -46.76 15.11 71.35
C VAL A 1122 -45.65 14.09 71.56
N SER A 1123 -44.45 14.57 71.84
CA SER A 1123 -43.31 13.68 72.09
C SER A 1123 -42.38 14.34 73.11
N GLY A 1124 -42.45 13.88 74.35
CA GLY A 1124 -41.54 14.33 75.39
C GLY A 1124 -41.85 15.74 75.89
N ASN A 1125 -40.91 16.25 76.68
CA ASN A 1125 -40.99 17.59 77.25
C ASN A 1125 -40.22 18.58 76.40
N CYS A 1126 -40.41 19.86 76.69
CA CYS A 1126 -39.91 20.94 75.86
C CYS A 1126 -38.58 21.51 76.35
N ASP A 1127 -37.92 20.87 77.31
CA ASP A 1127 -36.64 21.37 77.78
C ASP A 1127 -35.46 20.89 76.95
N VAL A 1128 -35.68 19.99 76.00
CA VAL A 1128 -34.60 19.40 75.21
C VAL A 1128 -34.59 20.02 73.82
N VAL A 1129 -35.76 20.47 73.36
CA VAL A 1129 -35.88 21.07 72.03
C VAL A 1129 -35.27 22.46 72.07
N ILE A 1130 -34.36 22.73 71.13
CA ILE A 1130 -33.67 24.01 71.06
C ILE A 1130 -34.49 24.95 70.19
N GLY A 1131 -34.85 26.11 70.75
CA GLY A 1131 -35.59 27.11 70.02
C GLY A 1131 -37.09 26.97 70.07
N ILE A 1132 -37.63 26.22 71.02
CA ILE A 1132 -39.07 26.05 71.11
C ILE A 1132 -39.70 27.30 71.71
N VAL A 1133 -40.91 27.63 71.25
CA VAL A 1133 -41.62 28.83 71.71
C VAL A 1133 -42.82 28.40 72.55
N ASN A 1134 -43.43 29.38 73.19
CA ASN A 1134 -44.56 29.16 74.09
C ASN A 1134 -45.85 29.55 73.38
N ASN A 1135 -46.80 28.63 73.33
CA ASN A 1135 -48.12 28.90 72.78
C ASN A 1135 -49.07 27.85 73.33
N THR A 1136 -50.35 28.01 73.02
CA THR A 1136 -51.37 27.03 73.38
C THR A 1136 -51.85 26.32 72.13
N VAL A 1137 -52.31 25.08 72.31
CA VAL A 1137 -52.84 24.28 71.23
C VAL A 1137 -54.35 24.17 71.46
N TYR A 1138 -55.11 24.35 70.38
CA TYR A 1138 -56.56 24.27 70.46
C TYR A 1138 -56.99 22.82 70.30
N ASP A 1139 -57.91 22.39 71.14
CA ASP A 1139 -58.49 21.07 70.94
C ASP A 1139 -59.98 21.18 70.67
N PRO A 1140 -60.50 20.50 69.65
CA PRO A 1140 -61.87 20.78 69.21
C PRO A 1140 -62.94 20.24 70.16
N LEU A 1141 -62.57 19.29 71.02
CA LEU A 1141 -63.58 18.57 71.80
C LEU A 1141 -64.12 19.43 72.95
N GLN A 1142 -63.25 20.21 73.59
CA GLN A 1142 -63.67 21.05 74.72
C GLN A 1142 -64.73 22.10 74.39
N PRO A 1143 -64.63 22.91 73.33
CA PRO A 1143 -65.70 23.90 73.08
C PRO A 1143 -67.04 23.28 72.76
N GLU A 1144 -67.07 22.10 72.14
CA GLU A 1144 -68.35 21.50 71.75
C GLU A 1144 -68.93 20.64 72.87
N LEU A 1145 -68.10 20.16 73.79
CA LEU A 1145 -68.60 19.29 74.85
C LEU A 1145 -68.51 19.88 76.25
N ASP A 1146 -68.09 21.14 76.39
CA ASP A 1146 -68.14 21.77 77.71
C ASP A 1146 -69.50 22.43 77.93
N SER A 1147 -70.15 22.03 79.02
CA SER A 1147 -71.49 22.51 79.41
C SER A 1147 -72.53 22.31 78.31
N GLU B 1 61.62 -3.32 -37.53
CA GLU B 1 60.65 -3.71 -36.51
C GLU B 1 61.37 -4.49 -35.41
N VAL B 2 60.76 -5.57 -34.95
CA VAL B 2 61.36 -6.41 -33.93
C VAL B 2 62.48 -7.24 -34.55
N HIS B 3 63.58 -7.39 -33.83
CA HIS B 3 64.75 -8.09 -34.33
C HIS B 3 65.50 -8.72 -33.17
N LEU B 4 65.58 -10.05 -33.15
CA LEU B 4 66.36 -10.79 -32.18
C LEU B 4 67.55 -11.41 -32.89
N VAL B 5 68.74 -10.87 -32.65
CA VAL B 5 69.96 -11.32 -33.29
C VAL B 5 70.85 -11.93 -32.21
N GLU B 6 71.15 -13.21 -32.36
CA GLU B 6 71.95 -13.95 -31.40
C GLU B 6 73.44 -13.78 -31.66
N SER B 7 74.24 -14.18 -30.68
CA SER B 7 75.69 -14.31 -30.84
C SER B 7 76.20 -15.25 -29.77
N GLY B 8 77.39 -15.82 -30.00
CA GLY B 8 78.01 -16.70 -29.03
C GLY B 8 77.86 -18.18 -29.29
N GLY B 9 77.72 -18.61 -30.54
CA GLY B 9 77.68 -20.01 -30.88
C GLY B 9 79.07 -20.57 -31.16
N GLY B 10 79.12 -21.88 -31.35
CA GLY B 10 80.36 -22.54 -31.68
C GLY B 10 80.34 -24.00 -31.25
N LEU B 11 81.47 -24.65 -31.49
CA LEU B 11 81.65 -26.06 -31.15
C LEU B 11 82.41 -26.16 -29.82
N VAL B 12 81.92 -27.01 -28.92
CA VAL B 12 82.50 -27.14 -27.59
C VAL B 12 82.51 -28.62 -27.19
N GLN B 13 83.53 -28.99 -26.41
CA GLN B 13 83.64 -30.33 -25.84
C GLN B 13 82.60 -30.52 -24.74
N PRO B 14 82.19 -31.77 -24.48
CA PRO B 14 81.28 -32.02 -23.36
C PRO B 14 81.90 -31.65 -22.02
N GLY B 15 81.05 -31.13 -21.13
CA GLY B 15 81.49 -30.68 -19.83
C GLY B 15 82.11 -29.30 -19.79
N GLY B 16 82.12 -28.59 -20.90
CA GLY B 16 82.73 -27.28 -20.98
C GLY B 16 81.79 -26.16 -20.56
N SER B 17 82.17 -24.94 -20.93
CA SER B 17 81.39 -23.76 -20.61
C SER B 17 81.26 -22.88 -21.85
N LEU B 18 80.15 -22.15 -21.91
CA LEU B 18 79.85 -21.28 -23.05
C LEU B 18 78.86 -20.22 -22.57
N ARG B 19 78.76 -19.12 -23.30
CA ARG B 19 77.87 -18.03 -22.93
C ARG B 19 77.11 -17.58 -24.18
N LEU B 20 75.80 -17.40 -24.05
CA LEU B 20 74.93 -17.04 -25.17
C LEU B 20 74.38 -15.64 -24.98
N SER B 21 73.91 -15.05 -26.07
CA SER B 21 73.41 -13.69 -26.07
C SER B 21 72.41 -13.51 -27.20
N CYS B 22 71.53 -12.52 -27.04
CA CYS B 22 70.61 -12.09 -28.10
C CYS B 22 70.52 -10.57 -28.09
N ALA B 23 70.69 -9.96 -29.25
CA ALA B 23 70.52 -8.51 -29.37
C ALA B 23 69.07 -8.18 -29.73
N ALA B 24 68.49 -7.24 -29.00
CA ALA B 24 67.10 -6.86 -29.18
C ALA B 24 67.00 -5.38 -29.54
N SER B 25 66.15 -5.08 -30.52
CA SER B 25 65.94 -3.72 -30.97
C SER B 25 64.57 -3.62 -31.62
N GLY B 26 64.09 -2.38 -31.73
CA GLY B 26 62.82 -2.11 -32.38
C GLY B 26 61.58 -2.28 -31.52
N PHE B 27 61.75 -2.55 -30.22
CA PHE B 27 60.59 -2.74 -29.34
C PHE B 27 61.04 -2.45 -27.91
N THR B 28 60.05 -2.34 -27.03
CA THR B 28 60.33 -2.15 -25.61
C THR B 28 60.84 -3.45 -25.01
N PHE B 29 62.15 -3.52 -24.78
CA PHE B 29 62.77 -4.75 -24.29
C PHE B 29 62.40 -5.01 -22.83
N SER B 30 62.13 -3.94 -22.07
CA SER B 30 61.99 -4.09 -20.63
C SER B 30 60.68 -4.77 -20.25
N ASP B 31 59.57 -4.39 -20.87
CA ASP B 31 58.28 -4.86 -20.39
C ASP B 31 58.02 -6.31 -20.81
N HIS B 32 58.45 -6.68 -22.03
CA HIS B 32 58.16 -8.00 -22.56
C HIS B 32 58.89 -9.10 -21.81
N TYR B 33 58.19 -10.21 -21.55
CA TYR B 33 58.84 -11.42 -21.09
C TYR B 33 59.60 -12.07 -22.24
N MET B 34 60.45 -13.03 -21.91
CA MET B 34 61.32 -13.64 -22.91
C MET B 34 61.53 -15.11 -22.59
N ASP B 35 61.78 -15.91 -23.62
CA ASP B 35 61.87 -17.36 -23.49
C ASP B 35 63.12 -17.90 -24.15
N TRP B 36 63.42 -19.15 -23.83
CA TRP B 36 64.42 -19.96 -24.53
C TRP B 36 63.77 -21.23 -25.03
N VAL B 37 63.80 -21.43 -26.35
CA VAL B 37 63.30 -22.65 -26.99
C VAL B 37 64.42 -23.22 -27.85
N ARG B 38 64.70 -24.51 -27.67
CA ARG B 38 65.76 -25.17 -28.42
C ARG B 38 65.15 -26.22 -29.35
N GLN B 39 65.86 -26.47 -30.45
CA GLN B 39 65.45 -27.44 -31.46
C GLN B 39 66.65 -28.31 -31.81
N ALA B 40 66.62 -29.56 -31.39
CA ALA B 40 67.65 -30.50 -31.78
C ALA B 40 67.56 -30.75 -33.28
N PRO B 41 68.67 -30.97 -33.98
CA PRO B 41 68.61 -31.18 -35.43
C PRO B 41 67.87 -32.46 -35.80
N GLY B 42 66.79 -32.30 -36.57
CA GLY B 42 65.93 -33.40 -36.90
C GLY B 42 64.87 -33.73 -35.88
N LYS B 43 64.83 -33.01 -34.76
CA LYS B 43 63.86 -33.24 -33.71
C LYS B 43 63.04 -31.98 -33.45
N GLY B 44 62.05 -32.12 -32.58
CA GLY B 44 61.11 -31.05 -32.36
C GLY B 44 61.64 -29.96 -31.46
N LEU B 45 60.83 -28.91 -31.32
CA LEU B 45 61.14 -27.81 -30.42
C LEU B 45 61.07 -28.28 -28.96
N GLU B 46 61.90 -27.69 -28.12
CA GLU B 46 61.91 -27.98 -26.69
C GLU B 46 62.15 -26.69 -25.91
N TRP B 47 61.24 -26.36 -24.99
CA TRP B 47 61.39 -25.18 -24.17
C TRP B 47 62.49 -25.37 -23.14
N VAL B 48 63.28 -24.31 -22.91
CA VAL B 48 64.43 -24.35 -22.02
C VAL B 48 64.18 -23.53 -20.75
N GLY B 49 63.95 -22.22 -20.90
CA GLY B 49 63.83 -21.36 -19.75
C GLY B 49 62.98 -20.15 -20.05
N ARG B 50 62.39 -19.60 -19.00
CA ARG B 50 61.59 -18.36 -19.17
C ARG B 50 61.99 -17.44 -18.04
N THR B 51 62.09 -16.17 -18.32
CA THR B 51 62.44 -15.14 -17.35
C THR B 51 61.31 -14.14 -17.20
N ARG B 52 61.17 -13.61 -15.99
CA ARG B 52 60.16 -12.60 -15.70
C ARG B 52 60.68 -11.21 -16.08
N ASN B 53 59.83 -10.22 -15.84
CA ASN B 53 60.17 -8.83 -16.13
C ASN B 53 60.82 -8.18 -14.90
N LYS B 54 60.97 -6.85 -14.95
CA LYS B 54 61.56 -6.13 -13.82
C LYS B 54 60.55 -5.89 -12.72
N ALA B 55 59.26 -6.08 -13.02
CA ALA B 55 58.24 -5.96 -11.98
C ALA B 55 58.32 -7.13 -11.01
N ASN B 56 58.72 -8.31 -11.48
CA ASN B 56 58.86 -9.49 -10.65
C ASN B 56 60.31 -9.80 -10.30
N SER B 57 61.23 -8.88 -10.60
CA SER B 57 62.65 -8.96 -10.21
C SER B 57 63.33 -10.19 -10.78
N TYR B 58 63.20 -10.39 -12.10
CA TYR B 58 63.97 -11.37 -12.88
C TYR B 58 63.76 -12.79 -12.38
N THR B 59 62.50 -13.15 -12.11
CA THR B 59 62.18 -14.50 -11.68
C THR B 59 62.36 -15.48 -12.83
N THR B 60 63.10 -16.56 -12.58
CA THR B 60 63.48 -17.52 -13.61
C THR B 60 62.83 -18.87 -13.34
N GLU B 61 62.38 -19.52 -14.42
CA GLU B 61 61.81 -20.85 -14.36
C GLU B 61 62.48 -21.73 -15.40
N TYR B 62 62.66 -23.01 -15.07
CA TYR B 62 63.49 -23.89 -15.88
C TYR B 62 62.71 -25.16 -16.19
N ALA B 63 63.21 -25.91 -17.16
CA ALA B 63 62.65 -27.23 -17.44
C ALA B 63 63.22 -28.26 -16.49
N ALA B 64 62.61 -29.46 -16.51
CA ALA B 64 63.05 -30.52 -15.60
C ALA B 64 64.42 -31.05 -15.97
N SER B 65 64.70 -31.21 -17.26
CA SER B 65 65.98 -31.76 -17.69
C SER B 65 67.11 -30.76 -17.68
N VAL B 66 66.82 -29.46 -17.54
CA VAL B 66 67.87 -28.44 -17.55
C VAL B 66 68.05 -27.75 -16.21
N LYS B 67 67.30 -28.13 -15.17
CA LYS B 67 67.39 -27.47 -13.88
C LYS B 67 68.71 -27.78 -13.20
N GLY B 68 69.37 -26.73 -12.72
CA GLY B 68 70.63 -26.85 -12.00
C GLY B 68 71.87 -26.75 -12.87
N ARG B 69 71.71 -26.87 -14.19
CA ARG B 69 72.85 -26.82 -15.11
C ARG B 69 72.91 -25.51 -15.90
N PHE B 70 71.80 -24.82 -16.09
CA PHE B 70 71.77 -23.62 -16.91
C PHE B 70 71.35 -22.42 -16.08
N THR B 71 71.80 -21.24 -16.52
CA THR B 71 71.55 -19.99 -15.81
C THR B 71 71.22 -18.91 -16.84
N ILE B 72 70.05 -18.30 -16.72
CA ILE B 72 69.62 -17.24 -17.63
C ILE B 72 69.61 -15.90 -16.90
N SER B 73 69.91 -14.83 -17.63
CA SER B 73 69.94 -13.49 -17.06
C SER B 73 69.81 -12.46 -18.18
N ARG B 74 69.47 -11.23 -17.79
CA ARG B 74 69.38 -10.12 -18.73
C ARG B 74 69.51 -8.82 -17.95
N ASP B 75 69.77 -7.74 -18.70
CA ASP B 75 69.84 -6.39 -18.16
C ASP B 75 69.15 -5.46 -19.15
N ASP B 76 68.62 -4.33 -18.67
CA ASP B 76 67.80 -3.48 -19.53
C ASP B 76 68.62 -2.44 -20.29
N ALA B 77 69.78 -2.05 -19.75
CA ALA B 77 70.48 -0.88 -20.29
C ALA B 77 71.05 -1.14 -21.69
N LYS B 78 71.72 -2.27 -21.89
CA LYS B 78 72.23 -2.63 -23.21
C LYS B 78 71.32 -3.58 -23.98
N ASN B 79 70.19 -3.97 -23.37
CA ASN B 79 69.06 -4.62 -24.05
C ASN B 79 69.46 -5.97 -24.65
N SER B 80 70.01 -6.85 -23.83
CA SER B 80 70.46 -8.15 -24.29
C SER B 80 70.24 -9.20 -23.20
N LEU B 81 69.80 -10.38 -23.59
CA LEU B 81 69.53 -11.45 -22.64
C LEU B 81 70.57 -12.55 -22.80
N TYR B 82 70.93 -13.16 -21.67
CA TYR B 82 72.06 -14.08 -21.60
C TYR B 82 71.59 -15.44 -21.10
N LEU B 83 72.30 -16.49 -21.52
CA LEU B 83 72.13 -17.82 -20.94
C LEU B 83 73.54 -18.35 -20.70
N GLN B 84 73.74 -19.03 -19.57
CA GLN B 84 75.05 -19.56 -19.20
C GLN B 84 75.05 -21.07 -19.41
N MET B 85 76.06 -21.57 -20.14
CA MET B 85 76.18 -23.00 -20.45
C MET B 85 77.11 -23.64 -19.43
N ASN B 86 76.56 -24.32 -18.44
CA ASN B 86 77.33 -25.17 -17.54
C ASN B 86 76.88 -26.62 -17.66
N SER B 87 77.83 -27.53 -17.39
CA SER B 87 77.58 -28.97 -17.32
C SER B 87 76.99 -29.51 -18.61
N LEU B 88 77.80 -29.47 -19.67
CA LEU B 88 77.28 -29.77 -21.00
C LEU B 88 77.32 -31.26 -21.29
N LYS B 89 76.18 -31.79 -21.73
CA LYS B 89 76.04 -33.17 -22.18
C LYS B 89 75.88 -33.21 -23.70
N THR B 90 75.89 -34.42 -24.26
CA THR B 90 75.74 -34.58 -25.70
C THR B 90 74.30 -34.32 -26.15
N GLU B 91 73.34 -34.35 -25.23
CA GLU B 91 71.96 -34.06 -25.58
C GLU B 91 71.70 -32.56 -25.73
N ASP B 92 72.67 -31.71 -25.38
CA ASP B 92 72.50 -30.28 -25.42
C ASP B 92 72.76 -29.67 -26.79
N THR B 93 73.18 -30.47 -27.78
CA THR B 93 73.37 -29.93 -29.12
C THR B 93 72.04 -29.69 -29.80
N ALA B 94 71.85 -28.48 -30.31
CA ALA B 94 70.58 -28.00 -30.84
C ALA B 94 70.82 -26.66 -31.50
N VAL B 95 69.74 -26.10 -32.05
CA VAL B 95 69.72 -24.70 -32.43
C VAL B 95 68.89 -23.93 -31.41
N TYR B 96 69.43 -22.81 -30.94
CA TYR B 96 68.87 -22.09 -29.79
C TYR B 96 68.13 -20.86 -30.28
N TYR B 97 66.82 -20.85 -30.08
CA TYR B 97 65.97 -19.71 -30.41
C TYR B 97 65.61 -18.97 -29.13
N CYS B 98 65.88 -17.67 -29.09
CA CYS B 98 65.38 -16.83 -28.01
C CYS B 98 64.17 -16.05 -28.51
N ALA B 99 63.01 -16.33 -27.92
CA ALA B 99 61.74 -15.87 -28.44
C ALA B 99 61.16 -14.80 -27.53
N ARG B 100 60.34 -13.92 -28.10
CA ARG B 100 59.73 -12.82 -27.37
C ARG B 100 58.31 -13.18 -27.01
N VAL B 101 58.04 -13.23 -25.71
CA VAL B 101 56.70 -13.52 -25.20
C VAL B 101 55.83 -12.30 -25.42
N HIS B 102 54.51 -12.50 -25.56
CA HIS B 102 53.54 -11.39 -25.75
C HIS B 102 53.62 -10.43 -24.57
N ARG B 103 53.36 -9.17 -24.79
CA ARG B 103 53.58 -8.21 -23.71
C ARG B 103 52.45 -8.28 -22.71
N TRP B 104 51.25 -8.57 -23.16
CA TRP B 104 50.08 -8.38 -22.28
C TRP B 104 49.75 -9.61 -21.47
N ALA B 105 50.64 -10.58 -21.42
CA ALA B 105 50.48 -11.76 -20.56
C ALA B 105 50.71 -11.33 -19.11
N TYR B 106 50.01 -11.92 -18.15
CA TYR B 106 50.15 -11.56 -16.73
C TYR B 106 50.52 -12.84 -16.02
N CYS B 107 51.28 -12.76 -14.91
CA CYS B 107 51.62 -13.95 -14.11
C CYS B 107 51.24 -13.74 -12.65
N ILE B 108 50.23 -14.48 -12.16
CA ILE B 108 49.76 -14.38 -10.75
C ILE B 108 50.21 -15.63 -10.01
N ASN B 109 50.91 -15.51 -8.87
CA ASN B 109 51.44 -16.67 -8.09
C ASN B 109 52.34 -17.49 -9.03
N GLY B 110 51.91 -18.71 -9.44
CA GLY B 110 52.66 -19.51 -10.41
C GLY B 110 51.95 -19.71 -11.73
N VAL B 111 50.63 -19.61 -11.79
CA VAL B 111 49.93 -19.93 -13.07
C VAL B 111 50.17 -18.77 -14.03
N CYS B 112 50.21 -18.99 -15.35
CA CYS B 112 50.44 -17.81 -16.21
C CYS B 112 49.34 -17.70 -17.24
N PHE B 113 48.80 -16.49 -17.42
CA PHE B 113 47.65 -16.26 -18.33
C PHE B 113 48.20 -15.58 -19.54
N GLY B 114 47.81 -15.99 -20.73
CA GLY B 114 48.47 -15.52 -21.96
C GLY B 114 49.80 -16.17 -22.06
N ALA B 115 50.87 -15.41 -22.12
CA ALA B 115 52.23 -15.97 -22.07
C ALA B 115 52.51 -16.85 -23.28
N TYR B 116 52.25 -16.39 -24.48
CA TYR B 116 52.60 -17.19 -25.66
C TYR B 116 53.80 -16.51 -26.24
N SER B 117 54.51 -17.17 -27.13
CA SER B 117 55.60 -16.61 -27.93
C SER B 117 55.07 -15.92 -29.17
N ASP B 118 55.64 -14.76 -29.49
CA ASP B 118 55.17 -13.94 -30.60
C ASP B 118 56.23 -13.78 -31.68
N TYR B 119 57.47 -13.43 -31.31
CA TYR B 119 58.54 -13.29 -32.28
C TYR B 119 59.65 -14.27 -31.95
N TRP B 120 60.39 -14.66 -32.98
CA TRP B 120 61.49 -15.61 -32.84
C TRP B 120 62.72 -15.05 -33.53
N GLY B 121 63.89 -15.55 -33.13
CA GLY B 121 65.13 -15.21 -33.79
C GLY B 121 65.61 -16.36 -34.65
N GLN B 122 66.57 -16.05 -35.53
CA GLN B 122 67.01 -17.05 -36.51
C GLN B 122 67.78 -18.19 -35.86
N GLY B 123 68.49 -17.90 -34.77
CA GLY B 123 69.07 -18.95 -33.95
C GLY B 123 70.43 -19.41 -34.43
N THR B 124 71.21 -19.95 -33.50
CA THR B 124 72.57 -20.38 -33.77
C THR B 124 72.72 -21.86 -33.40
N LEU B 125 73.59 -22.55 -34.14
CA LEU B 125 73.79 -23.99 -33.99
C LEU B 125 74.98 -24.27 -33.07
N VAL B 126 74.65 -24.78 -31.88
CA VAL B 126 75.69 -25.23 -30.96
C VAL B 126 75.86 -26.74 -31.12
N THR B 127 77.11 -27.20 -31.09
CA THR B 127 77.44 -28.61 -31.23
C THR B 127 78.29 -29.06 -30.05
N VAL B 128 77.90 -30.16 -29.42
CA VAL B 128 78.62 -30.74 -28.30
C VAL B 128 79.04 -32.15 -28.70
N SER B 129 80.34 -32.37 -28.83
CA SER B 129 80.85 -33.68 -29.21
C SER B 129 82.31 -33.86 -28.75
N GLU C 1 53.99 -33.44 -16.40
CA GLU C 1 54.16 -32.60 -17.57
C GLU C 1 53.09 -32.90 -18.62
N ILE C 2 52.87 -31.96 -19.53
CA ILE C 2 51.87 -32.10 -20.58
C ILE C 2 52.57 -32.65 -21.82
N VAL C 3 52.09 -33.77 -22.33
CA VAL C 3 52.68 -34.41 -23.50
C VAL C 3 51.77 -34.15 -24.71
N LEU C 4 52.34 -33.55 -25.75
CA LEU C 4 51.61 -33.26 -26.97
C LEU C 4 52.07 -34.22 -28.07
N THR C 5 51.14 -35.01 -28.59
CA THR C 5 51.42 -35.98 -29.65
C THR C 5 50.70 -35.52 -30.91
N GLN C 6 51.46 -35.32 -31.99
CA GLN C 6 50.91 -34.90 -33.27
C GLN C 6 50.81 -36.09 -34.22
N SER C 7 49.74 -36.10 -35.01
CA SER C 7 49.47 -37.19 -35.94
C SER C 7 48.66 -36.66 -37.11
N PRO C 8 48.94 -37.12 -38.33
CA PRO C 8 50.03 -38.03 -38.72
C PRO C 8 51.37 -37.32 -38.87
N GLY C 9 52.46 -38.10 -38.89
CA GLY C 9 53.79 -37.52 -38.88
C GLY C 9 54.14 -36.76 -40.15
N THR C 10 53.77 -37.30 -41.31
CA THR C 10 54.20 -36.73 -42.58
C THR C 10 53.00 -36.52 -43.49
N LEU C 11 52.90 -35.33 -44.08
CA LEU C 11 51.84 -35.00 -45.03
C LEU C 11 52.48 -34.61 -46.35
N SER C 12 52.03 -35.21 -47.44
CA SER C 12 52.50 -34.90 -48.78
C SER C 12 51.29 -34.70 -49.69
N LEU C 13 50.86 -33.46 -49.84
CA LEU C 13 49.66 -33.14 -50.59
C LEU C 13 49.98 -32.12 -51.68
N SER C 14 49.20 -32.18 -52.75
CA SER C 14 49.28 -31.24 -53.86
C SER C 14 48.70 -29.89 -53.45
N PRO C 15 49.07 -28.82 -54.15
CA PRO C 15 48.41 -27.53 -53.89
C PRO C 15 46.93 -27.56 -54.25
N GLY C 16 46.13 -26.87 -53.44
CA GLY C 16 44.73 -26.65 -53.73
C GLY C 16 43.74 -27.30 -52.78
N GLU C 17 44.00 -28.54 -52.36
CA GLU C 17 43.00 -29.29 -51.61
C GLU C 17 43.15 -29.08 -50.10
N ARG C 18 42.44 -29.89 -49.33
CA ARG C 18 42.31 -29.74 -47.89
C ARG C 18 43.22 -30.72 -47.16
N ALA C 19 43.92 -30.23 -46.14
CA ALA C 19 44.73 -31.06 -45.26
C ALA C 19 44.29 -30.84 -43.81
N THR C 20 44.25 -31.91 -43.04
CA THR C 20 43.77 -31.89 -41.66
C THR C 20 44.91 -32.30 -40.73
N LEU C 21 45.17 -31.49 -39.72
CA LEU C 21 46.25 -31.73 -38.77
C LEU C 21 45.68 -31.66 -37.35
N SER C 22 46.18 -32.52 -36.47
CA SER C 22 45.67 -32.64 -35.11
C SER C 22 46.79 -32.60 -34.10
N CYS C 23 46.51 -32.03 -32.93
CA CYS C 23 47.39 -32.04 -31.78
C CYS C 23 46.64 -32.67 -30.61
N ARG C 24 47.20 -33.75 -30.06
CA ARG C 24 46.58 -34.51 -28.98
C ARG C 24 47.31 -34.23 -27.68
N ALA C 25 46.55 -33.88 -26.65
CA ALA C 25 47.12 -33.57 -25.35
C ALA C 25 46.97 -34.75 -24.39
N SER C 26 47.98 -34.96 -23.55
CA SER C 26 47.92 -36.00 -22.53
C SER C 26 46.85 -35.73 -21.49
N GLN C 27 46.68 -34.48 -21.08
CA GLN C 27 45.65 -34.12 -20.11
C GLN C 27 45.09 -32.76 -20.52
N SER C 28 43.92 -32.43 -19.95
CA SER C 28 43.14 -31.30 -20.44
C SER C 28 43.82 -29.97 -20.10
N VAL C 29 44.37 -29.30 -21.12
CA VAL C 29 45.14 -28.03 -20.92
C VAL C 29 44.21 -26.95 -20.36
N SER C 30 44.78 -25.92 -19.75
CA SER C 30 43.93 -24.92 -19.06
C SER C 30 43.38 -23.87 -20.03
N SER C 31 42.06 -23.69 -20.07
CA SER C 31 41.45 -22.61 -20.87
C SER C 31 41.90 -22.58 -22.33
N SER C 32 42.01 -23.74 -22.97
CA SER C 32 42.31 -23.73 -24.43
C SER C 32 43.54 -22.89 -24.74
N TYR C 33 44.61 -23.02 -23.95
CA TYR C 33 45.84 -22.28 -24.31
C TYR C 33 46.72 -23.13 -25.20
N LEU C 34 46.44 -23.13 -26.52
CA LEU C 34 47.29 -23.90 -27.48
C LEU C 34 47.76 -22.96 -28.58
N ALA C 35 49.03 -23.09 -28.98
CA ALA C 35 49.57 -22.26 -30.04
C ALA C 35 49.81 -23.12 -31.28
N TRP C 36 50.09 -22.46 -32.40
CA TRP C 36 50.35 -23.14 -33.66
C TRP C 36 51.44 -22.38 -34.40
N TYR C 37 52.46 -23.09 -34.86
CA TYR C 37 53.63 -22.46 -35.45
C TYR C 37 53.97 -23.08 -36.80
N GLN C 38 54.50 -22.24 -37.69
CA GLN C 38 54.99 -22.64 -38.99
C GLN C 38 56.49 -22.37 -39.06
N GLN C 39 57.29 -23.41 -39.30
CA GLN C 39 58.74 -23.29 -39.36
C GLN C 39 59.21 -23.66 -40.75
N LYS C 40 59.38 -22.64 -41.59
CA LYS C 40 60.04 -22.83 -42.87
C LYS C 40 61.50 -23.21 -42.63
N PRO C 41 62.08 -24.09 -43.47
CA PRO C 41 63.30 -24.82 -43.08
C PRO C 41 64.55 -23.99 -42.82
N GLY C 42 64.61 -22.77 -43.35
CA GLY C 42 65.79 -21.96 -43.14
C GLY C 42 65.57 -20.71 -42.30
N GLN C 43 64.38 -20.56 -41.74
CA GLN C 43 63.99 -19.34 -41.03
C GLN C 43 63.20 -19.71 -39.78
N ALA C 44 63.08 -18.76 -38.85
CA ALA C 44 62.52 -19.00 -37.54
C ALA C 44 61.03 -19.32 -37.61
N PRO C 45 60.50 -20.06 -36.63
CA PRO C 45 59.05 -20.28 -36.56
C PRO C 45 58.29 -18.98 -36.31
N ARG C 46 57.06 -18.93 -36.81
CA ARG C 46 56.22 -17.75 -36.72
C ARG C 46 54.89 -18.13 -36.09
N LEU C 47 54.31 -17.20 -35.33
CA LEU C 47 53.04 -17.44 -34.65
C LEU C 47 51.90 -17.42 -35.65
N LEU C 48 51.00 -18.40 -35.57
CA LEU C 48 49.81 -18.48 -36.40
C LEU C 48 48.52 -18.31 -35.59
N ILE C 49 48.30 -19.16 -34.61
CA ILE C 49 47.07 -19.18 -33.83
C ILE C 49 47.42 -19.16 -32.36
N TYR C 50 46.78 -18.29 -31.59
CA TYR C 50 46.90 -18.27 -30.14
C TYR C 50 45.52 -18.44 -29.52
N GLY C 51 45.48 -19.27 -28.48
CA GLY C 51 44.19 -19.60 -27.87
C GLY C 51 43.39 -20.62 -28.65
N ALA C 52 44.04 -21.28 -29.63
CA ALA C 52 43.55 -22.42 -30.39
C ALA C 52 42.39 -22.09 -31.33
N SER C 53 41.93 -20.83 -31.32
CA SER C 53 40.89 -20.41 -32.25
C SER C 53 41.09 -19.02 -32.83
N SER C 54 41.98 -18.25 -32.21
CA SER C 54 42.17 -16.84 -32.66
C SER C 54 43.34 -16.72 -33.62
N ARG C 55 43.22 -15.87 -34.62
CA ARG C 55 44.28 -15.66 -35.60
C ARG C 55 45.19 -14.53 -35.18
N ALA C 56 46.48 -14.67 -35.44
CA ALA C 56 47.44 -13.64 -35.10
C ALA C 56 47.42 -12.53 -36.15
N THR C 57 48.17 -11.46 -35.87
CA THR C 57 48.25 -10.35 -36.80
C THR C 57 49.06 -10.73 -38.03
N GLY C 58 48.63 -10.26 -39.20
CA GLY C 58 49.21 -10.63 -40.46
C GLY C 58 48.77 -11.98 -40.99
N ILE C 59 48.11 -12.78 -40.16
CA ILE C 59 47.65 -14.12 -40.53
C ILE C 59 46.24 -13.99 -41.12
N PRO C 60 46.00 -14.53 -42.30
CA PRO C 60 44.66 -14.44 -42.89
C PRO C 60 43.71 -15.44 -42.26
N ASP C 61 42.47 -15.41 -42.74
CA ASP C 61 41.47 -16.42 -42.39
C ASP C 61 41.76 -17.77 -43.02
N ARG C 62 42.77 -17.84 -43.90
CA ARG C 62 43.22 -19.08 -44.52
C ARG C 62 43.64 -20.12 -43.49
N PHE C 63 44.25 -19.69 -42.39
CA PHE C 63 44.68 -20.63 -41.34
C PHE C 63 43.55 -20.79 -40.33
N SER C 64 43.03 -22.01 -40.21
CA SER C 64 41.86 -22.30 -39.37
C SER C 64 42.22 -23.37 -38.34
N GLY C 65 42.03 -23.04 -37.07
CA GLY C 65 42.21 -23.99 -35.99
C GLY C 65 40.98 -24.06 -35.10
N SER C 66 40.81 -25.19 -34.43
CA SER C 66 39.66 -25.41 -33.57
C SER C 66 39.98 -26.50 -32.55
N GLY C 67 39.10 -26.63 -31.57
CA GLY C 67 39.20 -27.67 -30.57
C GLY C 67 39.07 -27.11 -29.15
N SER C 68 38.78 -28.02 -28.24
CA SER C 68 38.68 -27.72 -26.81
C SER C 68 38.96 -29.00 -26.05
N GLY C 69 39.30 -28.85 -24.76
CA GLY C 69 39.59 -30.01 -23.93
C GLY C 69 40.89 -30.69 -24.28
N THR C 70 40.81 -31.89 -24.88
CA THR C 70 41.99 -32.65 -25.25
C THR C 70 42.12 -32.88 -26.75
N ASP C 71 41.03 -32.74 -27.51
CA ASP C 71 41.07 -32.94 -28.96
C ASP C 71 41.02 -31.60 -29.68
N PHE C 72 42.06 -31.32 -30.46
CA PHE C 72 42.21 -30.07 -31.18
C PHE C 72 42.57 -30.38 -32.62
N THR C 73 42.19 -29.48 -33.52
CA THR C 73 42.39 -29.69 -34.95
C THR C 73 42.77 -28.38 -35.62
N LEU C 74 43.88 -28.41 -36.36
CA LEU C 74 44.30 -27.31 -37.22
C LEU C 74 44.04 -27.71 -38.66
N THR C 75 43.22 -26.93 -39.35
CA THR C 75 42.78 -27.25 -40.71
C THR C 75 43.38 -26.25 -41.69
N ILE C 76 44.07 -26.76 -42.70
CA ILE C 76 44.69 -25.94 -43.73
C ILE C 76 43.87 -26.13 -45.00
N SER C 77 43.47 -25.04 -45.62
CA SER C 77 42.67 -25.06 -46.83
C SER C 77 43.40 -24.32 -47.95
N ARG C 78 43.21 -24.79 -49.19
CA ARG C 78 43.71 -24.12 -50.39
C ARG C 78 45.23 -23.98 -50.35
N LEU C 79 45.93 -25.10 -50.46
CA LEU C 79 47.39 -25.11 -50.35
C LEU C 79 48.06 -24.31 -51.46
N GLU C 80 49.03 -23.49 -51.07
CA GLU C 80 49.97 -22.76 -51.92
C GLU C 80 51.35 -23.41 -51.89
N PRO C 81 52.15 -23.21 -52.94
CA PRO C 81 53.50 -23.81 -52.97
C PRO C 81 54.43 -23.30 -51.88
N GLU C 82 54.21 -22.11 -51.32
CA GLU C 82 55.11 -21.57 -50.31
C GLU C 82 54.82 -22.10 -48.92
N ASP C 83 53.83 -22.98 -48.78
CA ASP C 83 53.34 -23.39 -47.47
C ASP C 83 54.12 -24.57 -46.89
N PHE C 84 55.18 -25.02 -47.57
CA PHE C 84 55.94 -26.16 -47.07
C PHE C 84 56.74 -25.77 -45.83
N ALA C 85 56.57 -26.54 -44.75
CA ALA C 85 57.19 -26.27 -43.46
C ALA C 85 56.94 -27.47 -42.56
N VAL C 86 57.36 -27.33 -41.30
CA VAL C 86 57.01 -28.25 -40.23
C VAL C 86 56.16 -27.49 -39.22
N TYR C 87 55.06 -28.11 -38.78
CA TYR C 87 54.06 -27.45 -37.96
C TYR C 87 54.14 -27.97 -36.54
N TYR C 88 54.05 -27.07 -35.57
CA TYR C 88 54.22 -27.39 -34.16
C TYR C 88 53.06 -26.86 -33.34
N CYS C 89 52.64 -27.63 -32.33
CA CYS C 89 51.67 -27.16 -31.35
C CYS C 89 52.33 -27.06 -29.98
N GLN C 90 52.05 -25.97 -29.29
CA GLN C 90 52.64 -25.69 -27.98
C GLN C 90 51.53 -25.40 -26.98
N GLN C 91 51.66 -25.96 -25.78
CA GLN C 91 50.77 -25.63 -24.67
C GLN C 91 51.46 -24.59 -23.79
N TYR C 92 50.69 -23.62 -23.31
CA TYR C 92 51.23 -22.57 -22.47
C TYR C 92 50.33 -22.19 -21.30
N GLY C 93 49.14 -22.80 -21.20
CA GLY C 93 48.28 -22.53 -20.05
C GLY C 93 48.83 -23.07 -18.75
N SER C 94 49.42 -24.26 -18.79
CA SER C 94 49.96 -24.92 -17.62
C SER C 94 51.47 -25.03 -17.75
N SER C 95 52.18 -24.51 -16.76
CA SER C 95 53.64 -24.58 -16.76
C SER C 95 54.10 -26.00 -16.46
N PRO C 96 55.21 -26.45 -17.07
CA PRO C 96 56.01 -25.77 -18.09
C PRO C 96 55.44 -25.91 -19.51
N SER C 97 55.85 -25.02 -20.41
CA SER C 97 55.41 -25.13 -21.79
C SER C 97 56.12 -26.29 -22.48
N THR C 98 55.37 -27.02 -23.31
CA THR C 98 55.89 -28.19 -23.98
C THR C 98 55.40 -28.20 -25.43
N PHE C 99 56.30 -28.55 -26.33
CA PHE C 99 56.01 -28.64 -27.76
C PHE C 99 55.77 -30.08 -28.16
N GLY C 100 55.09 -30.27 -29.28
CA GLY C 100 54.96 -31.57 -29.87
C GLY C 100 56.16 -31.94 -30.74
N GLN C 101 56.13 -33.15 -31.27
CA GLN C 101 57.22 -33.62 -32.12
C GLN C 101 57.15 -33.06 -33.53
N GLY C 102 56.00 -32.54 -33.95
CA GLY C 102 55.91 -31.86 -35.23
C GLY C 102 55.36 -32.76 -36.34
N THR C 103 54.80 -32.12 -37.35
CA THR C 103 54.28 -32.79 -38.54
C THR C 103 55.00 -32.24 -39.77
N LYS C 104 55.49 -33.14 -40.62
CA LYS C 104 56.18 -32.74 -41.83
C LYS C 104 55.17 -32.53 -42.95
N LEU C 105 55.06 -31.30 -43.42
CA LEU C 105 54.14 -30.94 -44.49
C LEU C 105 54.95 -30.67 -45.76
N GLU C 106 54.64 -31.41 -46.83
CA GLU C 106 55.33 -31.30 -48.09
C GLU C 106 54.36 -30.87 -49.18
N ILE C 107 54.80 -29.96 -50.04
CA ILE C 107 53.98 -29.47 -51.14
C ILE C 107 54.47 -30.15 -52.42
N LYS C 108 53.54 -30.80 -53.13
CA LYS C 108 53.88 -31.49 -54.35
C LYS C 108 54.11 -30.51 -55.51
N GLN D 14 60.69 -11.66 14.06
CA GLN D 14 61.32 -12.61 14.98
C GLN D 14 60.37 -12.95 16.13
N CYS D 15 60.13 -14.25 16.33
CA CYS D 15 59.22 -14.72 17.37
C CYS D 15 59.89 -15.83 18.16
N VAL D 16 59.57 -15.89 19.45
CA VAL D 16 60.03 -16.94 20.35
C VAL D 16 58.81 -17.52 21.04
N ASN D 17 58.81 -18.84 21.22
CA ASN D 17 57.65 -19.51 21.81
C ASN D 17 57.61 -19.29 23.32
N LEU D 18 56.43 -19.50 23.90
CA LEU D 18 56.23 -19.42 25.34
C LEU D 18 55.78 -20.78 25.85
N THR D 19 56.32 -21.17 27.01
CA THR D 19 55.90 -22.41 27.65
C THR D 19 54.48 -22.26 28.17
N THR D 20 53.56 -23.02 27.57
CA THR D 20 52.15 -22.88 27.90
C THR D 20 51.83 -23.51 29.26
N ARG D 21 50.77 -23.00 29.88
CA ARG D 21 50.29 -23.51 31.16
C ARG D 21 49.16 -24.52 30.99
N THR D 22 49.07 -25.13 29.80
CA THR D 22 48.06 -26.13 29.43
C THR D 22 46.63 -25.61 29.59
N GLN D 23 46.44 -24.31 29.38
CA GLN D 23 45.14 -23.64 29.35
C GLN D 23 44.36 -23.86 30.66
N LEU D 24 44.88 -23.24 31.71
CA LEU D 24 44.18 -23.20 32.99
C LEU D 24 42.79 -22.60 32.82
N PRO D 25 41.75 -23.22 33.37
CA PRO D 25 40.37 -22.79 33.09
C PRO D 25 40.08 -21.40 33.66
N PRO D 26 39.73 -20.44 32.81
CA PRO D 26 39.44 -19.09 33.31
C PRO D 26 38.08 -19.01 33.97
N ALA D 27 38.01 -18.19 35.01
CA ALA D 27 36.74 -17.95 35.69
C ALA D 27 35.89 -16.98 34.89
N TYR D 28 34.62 -16.87 35.29
CA TYR D 28 33.66 -16.01 34.64
C TYR D 28 33.21 -14.93 35.61
N THR D 29 32.89 -13.75 35.08
CA THR D 29 32.42 -12.64 35.88
C THR D 29 31.16 -12.06 35.24
N ASN D 30 30.53 -11.15 35.98
CA ASN D 30 29.24 -10.58 35.59
C ASN D 30 29.44 -9.19 35.00
N SER D 31 28.73 -8.90 33.92
CA SER D 31 28.75 -7.59 33.26
C SER D 31 27.43 -6.90 33.60
N PHE D 32 27.46 -6.01 34.59
CA PHE D 32 26.26 -5.35 35.08
C PHE D 32 25.87 -4.23 34.11
N THR D 33 25.17 -4.63 33.05
CA THR D 33 24.56 -3.72 32.06
C THR D 33 25.59 -2.79 31.41
N ARG D 34 26.55 -3.39 30.72
CA ARG D 34 27.58 -2.66 30.00
C ARG D 34 27.55 -3.00 28.52
N GLY D 35 28.14 -2.13 27.71
CA GLY D 35 28.27 -2.38 26.29
C GLY D 35 27.30 -1.64 25.39
N VAL D 36 26.51 -0.71 25.93
CA VAL D 36 25.55 0.02 25.12
C VAL D 36 26.28 1.10 24.33
N TYR D 37 26.07 1.12 23.01
CA TYR D 37 26.69 2.09 22.13
C TYR D 37 25.61 2.87 21.39
N TYR D 38 26.03 3.96 20.75
CA TYR D 38 25.12 4.77 19.95
C TYR D 38 24.81 4.03 18.65
N PRO D 39 23.53 3.76 18.36
CA PRO D 39 23.21 3.02 17.13
C PRO D 39 23.23 3.90 15.89
N ASP D 40 23.02 5.20 16.06
CA ASP D 40 22.90 6.13 14.96
C ASP D 40 23.64 7.42 15.29
N LYS D 41 23.99 8.17 14.23
CA LYS D 41 24.67 9.45 14.35
C LYS D 41 23.67 10.62 14.30
N VAL D 42 22.45 10.39 14.77
CA VAL D 42 21.39 11.38 14.73
C VAL D 42 21.15 11.88 16.16
N PHE D 43 21.16 13.20 16.34
CA PHE D 43 20.93 13.79 17.64
C PHE D 43 19.47 13.60 18.07
N ARG D 44 19.28 12.83 19.15
CA ARG D 44 17.92 12.64 19.70
C ARG D 44 17.93 13.15 21.14
N SER D 45 16.96 13.98 21.51
CA SER D 45 16.87 14.60 22.82
C SER D 45 15.52 14.34 23.43
N SER D 46 15.52 13.84 24.67
CA SER D 46 14.31 13.63 25.48
C SER D 46 13.31 12.71 24.79
N VAL D 47 13.81 11.65 24.16
CA VAL D 47 12.96 10.68 23.47
C VAL D 47 13.42 9.28 23.87
N LEU D 48 12.49 8.33 23.78
CA LEU D 48 12.78 6.92 24.04
C LEU D 48 12.77 6.19 22.69
N HIS D 49 13.94 5.77 22.24
CA HIS D 49 14.10 5.14 20.93
C HIS D 49 14.43 3.67 21.12
N SER D 50 13.70 2.81 20.41
CA SER D 50 13.88 1.36 20.48
C SER D 50 14.63 0.90 19.25
N THR D 51 15.80 0.30 19.46
CA THR D 51 16.65 -0.18 18.38
C THR D 51 16.90 -1.67 18.56
N GLN D 52 16.95 -2.38 17.44
CA GLN D 52 17.28 -3.81 17.44
C GLN D 52 18.60 -3.96 16.69
N ASP D 53 19.70 -4.00 17.44
CA ASP D 53 21.03 -4.18 16.87
C ASP D 53 21.72 -5.29 17.65
N LEU D 54 23.02 -5.45 17.43
CA LEU D 54 23.82 -6.49 18.08
C LEU D 54 24.39 -5.91 19.37
N PHE D 55 23.78 -6.23 20.50
CA PHE D 55 24.16 -5.70 21.80
C PHE D 55 24.61 -6.83 22.71
N LEU D 56 25.45 -6.48 23.67
CA LEU D 56 25.82 -7.43 24.72
C LEU D 56 24.63 -7.65 25.64
N PRO D 57 24.27 -8.90 25.95
CA PRO D 57 23.15 -9.15 26.86
C PRO D 57 23.45 -8.64 28.26
N PHE D 58 22.41 -8.14 28.92
CA PHE D 58 22.56 -7.62 30.27
C PHE D 58 22.72 -8.77 31.26
N PHE D 59 23.60 -8.55 32.26
CA PHE D 59 23.93 -9.55 33.29
C PHE D 59 24.40 -10.87 32.68
N SER D 60 25.17 -10.78 31.60
CA SER D 60 25.68 -11.97 30.94
C SER D 60 27.01 -12.41 31.55
N ASN D 61 27.42 -13.62 31.23
CA ASN D 61 28.69 -14.17 31.69
C ASN D 61 29.77 -13.84 30.67
N VAL D 62 30.78 -13.09 31.10
CA VAL D 62 31.93 -12.77 30.27
C VAL D 62 33.17 -13.39 30.91
N THR D 63 33.97 -14.07 30.10
CA THR D 63 35.19 -14.68 30.61
C THR D 63 36.28 -13.62 30.77
N TRP D 64 37.12 -13.79 31.78
CA TRP D 64 38.16 -12.84 32.09
C TRP D 64 39.51 -13.55 32.20
N PHE D 65 40.50 -12.99 31.51
CA PHE D 65 41.86 -13.53 31.50
C PHE D 65 42.79 -12.51 32.12
N HIS D 66 43.65 -12.96 33.03
CA HIS D 66 44.69 -12.08 33.58
C HIS D 66 45.71 -11.77 32.50
N ALA D 67 46.13 -10.51 32.43
CA ALA D 67 47.18 -10.12 31.49
C ALA D 67 48.50 -10.79 31.86
N ILE D 68 48.82 -10.81 33.15
CA ILE D 68 49.93 -11.59 33.69
C ILE D 68 49.42 -12.36 34.90
N HIS D 69 49.50 -13.69 34.85
CA HIS D 69 49.06 -14.54 35.93
C HIS D 69 50.20 -15.46 36.34
N VAL D 70 50.50 -15.47 37.64
CA VAL D 70 51.51 -16.41 38.16
C VAL D 70 50.79 -17.66 38.67
N SER D 71 51.16 -18.81 38.11
CA SER D 71 50.54 -20.06 38.49
C SER D 71 51.53 -21.06 39.08
N GLY D 72 52.75 -21.10 38.56
CA GLY D 72 53.76 -22.02 39.04
C GLY D 72 54.44 -21.55 40.32
N THR D 76 58.23 -17.58 38.63
CA THR D 76 58.08 -17.86 37.21
C THR D 76 56.64 -17.59 36.75
N LYS D 77 56.34 -16.32 36.53
CA LYS D 77 55.01 -15.95 36.07
C LYS D 77 54.85 -16.27 34.59
N ARG D 78 53.88 -17.13 34.27
CA ARG D 78 53.61 -17.54 32.90
C ARG D 78 52.21 -17.05 32.54
N PHE D 79 52.14 -16.05 31.67
CA PHE D 79 50.87 -15.44 31.31
C PHE D 79 50.21 -16.20 30.16
N ASP D 80 48.98 -15.81 29.85
CA ASP D 80 48.21 -16.43 28.78
C ASP D 80 47.52 -15.36 27.94
N ASN D 81 47.43 -15.61 26.63
CA ASN D 81 46.61 -14.81 25.74
C ASN D 81 46.08 -15.69 24.60
N PRO D 82 45.06 -16.50 24.87
CA PRO D 82 44.57 -17.45 23.86
C PRO D 82 43.89 -16.77 22.69
N VAL D 83 43.85 -17.49 21.57
CA VAL D 83 43.08 -17.04 20.42
C VAL D 83 41.60 -17.26 20.71
N LEU D 84 40.79 -16.24 20.42
CA LEU D 84 39.38 -16.26 20.80
C LEU D 84 38.51 -16.08 19.56
N PRO D 85 37.33 -16.69 19.54
CA PRO D 85 36.43 -16.52 18.38
C PRO D 85 35.84 -15.12 18.33
N PHE D 86 35.35 -14.79 17.13
CA PHE D 86 34.67 -13.51 16.85
C PHE D 86 33.28 -13.88 16.37
N ASN D 87 32.36 -14.08 17.30
CA ASN D 87 31.01 -14.55 16.99
C ASN D 87 30.06 -13.37 17.02
N ASP D 88 29.85 -12.76 15.86
CA ASP D 88 28.93 -11.64 15.67
C ASP D 88 29.23 -10.47 16.60
N GLY D 89 30.50 -10.12 16.75
CA GLY D 89 30.87 -8.98 17.56
C GLY D 89 31.43 -9.41 18.90
N VAL D 90 32.47 -8.68 19.33
CA VAL D 90 33.15 -8.94 20.58
C VAL D 90 33.22 -7.66 21.40
N TYR D 91 32.74 -7.72 22.63
CA TYR D 91 32.87 -6.64 23.58
C TYR D 91 34.14 -6.84 24.37
N PHE D 92 35.11 -5.95 24.20
CA PHE D 92 36.41 -6.06 24.83
C PHE D 92 36.53 -4.98 25.90
N ALA D 93 36.60 -5.40 27.15
CA ALA D 93 36.76 -4.50 28.29
C ALA D 93 38.10 -4.77 28.97
N SER D 94 38.81 -3.70 29.33
CA SER D 94 40.14 -3.82 29.91
C SER D 94 40.27 -2.86 31.09
N THR D 95 40.96 -3.32 32.13
CA THR D 95 41.28 -2.51 33.31
C THR D 95 42.79 -2.61 33.52
N GLU D 96 43.53 -1.57 33.15
CA GLU D 96 44.98 -1.59 33.20
C GLU D 96 45.49 -0.28 33.76
N LYS D 97 46.75 -0.30 34.20
CA LYS D 97 47.40 0.90 34.72
C LYS D 97 48.80 1.13 34.15
N SER D 98 49.26 0.30 33.22
CA SER D 98 50.60 0.45 32.68
C SER D 98 50.65 0.29 31.17
N ASN D 99 49.49 0.37 30.50
CA ASN D 99 49.37 0.25 29.03
C ASN D 99 49.95 -1.07 28.52
N ILE D 100 49.72 -2.15 29.26
CA ILE D 100 50.24 -3.45 28.87
C ILE D 100 49.56 -4.01 27.63
N ILE D 101 48.29 -3.65 27.38
CA ILE D 101 47.57 -4.08 26.19
C ILE D 101 47.75 -3.02 25.13
N ARG D 102 48.15 -3.44 23.93
CA ARG D 102 48.48 -2.52 22.86
C ARG D 102 47.57 -2.60 21.64
N GLY D 103 46.89 -3.71 21.42
CA GLY D 103 46.04 -3.83 20.27
C GLY D 103 45.56 -5.26 20.07
N TRP D 104 44.96 -5.49 18.90
CA TRP D 104 44.36 -6.77 18.57
C TRP D 104 44.68 -7.11 17.13
N ILE D 105 44.55 -8.40 16.81
CA ILE D 105 44.65 -8.89 15.44
C ILE D 105 43.35 -9.59 15.10
N PHE D 106 42.95 -9.51 13.83
CA PHE D 106 41.71 -10.12 13.38
C PHE D 106 41.97 -10.88 12.08
N GLY D 107 41.32 -12.03 11.95
CA GLY D 107 41.48 -12.84 10.77
C GLY D 107 40.62 -14.09 10.86
N THR D 108 40.74 -14.94 9.84
CA THR D 108 39.99 -16.19 9.81
C THR D 108 40.88 -17.39 10.07
N THR D 109 42.15 -17.34 9.65
CA THR D 109 43.12 -18.39 9.97
C THR D 109 44.48 -17.85 10.37
N LEU D 110 44.72 -16.55 10.21
CA LEU D 110 45.84 -15.82 10.80
C LEU D 110 47.20 -16.31 10.28
N ASP D 111 47.31 -16.48 8.97
CA ASP D 111 48.60 -16.74 8.34
C ASP D 111 48.58 -16.17 6.92
N SER D 112 49.54 -16.60 6.09
CA SER D 112 49.74 -16.02 4.77
C SER D 112 48.67 -16.44 3.76
N LYS D 113 47.81 -17.39 4.09
CA LYS D 113 46.79 -17.82 3.12
C LYS D 113 45.73 -16.76 2.92
N THR D 114 45.25 -16.15 4.00
CA THR D 114 44.15 -15.19 3.93
C THR D 114 44.60 -13.83 4.46
N GLN D 115 43.82 -12.81 4.11
CA GLN D 115 44.07 -11.47 4.61
C GLN D 115 43.74 -11.39 6.10
N SER D 116 44.50 -10.56 6.81
CA SER D 116 44.30 -10.38 8.25
C SER D 116 44.43 -8.91 8.60
N LEU D 117 43.83 -8.55 9.73
CA LEU D 117 43.75 -7.17 10.17
C LEU D 117 44.59 -6.98 11.42
N LEU D 118 45.33 -5.88 11.47
CA LEU D 118 46.26 -5.58 12.57
C LEU D 118 45.93 -4.21 13.16
N ILE D 119 45.84 -4.14 14.49
CA ILE D 119 45.77 -2.89 15.22
C ILE D 119 46.84 -2.93 16.30
N VAL D 120 47.71 -1.92 16.31
CA VAL D 120 48.71 -1.77 17.37
C VAL D 120 48.81 -0.30 17.71
N ASN D 121 48.98 0.00 19.00
CA ASN D 121 49.00 1.36 19.51
C ASN D 121 50.33 1.63 20.19
N ASN D 122 51.22 2.36 19.52
CA ASN D 122 52.43 2.82 20.14
C ASN D 122 52.21 4.24 20.69
N ALA D 123 53.30 4.90 21.09
CA ALA D 123 53.18 6.13 21.88
C ALA D 123 52.69 7.32 21.07
N THR D 124 52.59 7.23 19.75
CA THR D 124 52.28 8.40 18.94
C THR D 124 50.98 8.30 18.16
N ASN D 125 50.68 7.15 17.56
CA ASN D 125 49.53 7.05 16.67
C ASN D 125 49.06 5.60 16.61
N VAL D 126 48.02 5.36 15.80
CA VAL D 126 47.45 4.03 15.59
C VAL D 126 47.93 3.50 14.25
N VAL D 127 48.33 2.24 14.22
CA VAL D 127 48.71 1.55 12.99
C VAL D 127 47.62 0.55 12.69
N ILE D 128 46.86 0.79 11.61
CA ILE D 128 45.82 -0.12 11.16
C ILE D 128 46.22 -0.63 9.79
N LYS D 129 46.53 -1.91 9.69
CA LYS D 129 47.00 -2.52 8.46
C LYS D 129 46.15 -3.75 8.15
N VAL D 130 45.72 -3.84 6.90
CA VAL D 130 44.98 -5.01 6.41
C VAL D 130 45.86 -5.66 5.35
N CYS D 131 46.62 -6.67 5.73
CA CYS D 131 47.62 -7.26 4.86
C CYS D 131 47.53 -8.77 4.98
N GLU D 132 48.40 -9.49 4.28
CA GLU D 132 48.54 -10.93 4.45
C GLU D 132 49.72 -11.20 5.37
N PHE D 133 49.52 -10.94 6.66
CA PHE D 133 50.57 -11.17 7.64
C PHE D 133 50.77 -12.67 7.88
N GLN D 134 52.00 -13.03 8.23
CA GLN D 134 52.30 -14.37 8.73
C GLN D 134 52.52 -14.24 10.23
N PHE D 135 51.42 -14.32 10.98
CA PHE D 135 51.50 -14.23 12.44
C PHE D 135 52.10 -15.51 13.00
N CYS D 136 53.02 -15.34 13.95
CA CYS D 136 53.60 -16.48 14.64
C CYS D 136 52.66 -16.97 15.75
N ASN D 137 53.11 -18.00 16.46
CA ASN D 137 52.27 -18.63 17.47
C ASN D 137 52.01 -17.70 18.65
N ASP D 138 53.02 -16.95 19.07
CA ASP D 138 52.89 -16.03 20.21
C ASP D 138 53.25 -14.62 19.79
N PRO D 139 52.21 -13.80 19.47
CA PRO D 139 52.44 -12.41 19.19
C PRO D 139 52.85 -11.65 20.46
N PHE D 140 53.50 -10.51 20.28
CA PHE D 140 53.98 -9.67 21.38
C PHE D 140 54.26 -8.32 20.77
N LEU D 141 54.56 -7.31 21.59
CA LEU D 141 55.03 -6.00 21.09
C LEU D 141 56.07 -5.63 22.15
N GLY D 142 57.21 -6.31 22.10
CA GLY D 142 58.21 -6.12 23.17
C GLY D 142 58.61 -4.67 23.35
N VAL D 143 58.78 -4.23 24.59
CA VAL D 143 59.11 -2.79 24.81
C VAL D 143 60.09 -2.65 25.96
N TYR D 144 61.36 -2.34 25.67
CA TYR D 144 62.26 -2.13 26.80
C TYR D 144 62.39 -0.64 27.10
N TYR D 145 62.56 -0.33 28.39
CA TYR D 145 62.65 1.05 28.82
C TYR D 145 63.98 1.66 28.39
N HIS D 146 63.91 2.85 27.80
CA HIS D 146 65.10 3.57 27.36
C HIS D 146 64.84 5.07 27.30
N MET D 153 60.35 4.92 25.97
CA MET D 153 60.57 3.49 25.82
C MET D 153 60.63 3.08 24.35
N GLU D 154 61.48 2.10 24.04
CA GLU D 154 61.68 1.67 22.67
C GLU D 154 60.95 0.36 22.41
N SER D 155 60.14 0.34 21.34
CA SER D 155 59.29 -0.79 21.01
C SER D 155 59.89 -1.58 19.86
N GLU D 156 59.91 -2.91 20.00
CA GLU D 156 60.34 -3.82 18.95
C GLU D 156 59.13 -4.63 18.47
N PHE D 157 58.92 -4.62 17.16
CA PHE D 157 57.74 -5.32 16.60
C PHE D 157 58.04 -6.81 16.43
N ARG D 158 57.23 -7.65 17.07
CA ARG D 158 57.35 -9.09 16.96
C ARG D 158 56.03 -9.76 16.66
N VAL D 159 55.08 -9.06 16.02
CA VAL D 159 53.75 -9.63 15.82
C VAL D 159 53.66 -10.34 14.47
N TYR D 160 54.27 -9.78 13.43
CA TYR D 160 54.20 -10.38 12.10
C TYR D 160 55.59 -10.65 11.57
N SER D 161 55.79 -11.83 11.00
CA SER D 161 57.07 -12.17 10.39
C SER D 161 57.25 -11.46 9.04
N SER D 162 56.19 -11.43 8.23
CA SER D 162 56.25 -10.84 6.90
C SER D 162 54.89 -10.29 6.52
N ALA D 163 54.88 -9.20 5.76
CA ALA D 163 53.66 -8.55 5.30
C ALA D 163 53.68 -8.47 3.78
N ASN D 164 52.65 -9.03 3.14
CA ASN D 164 52.55 -9.03 1.69
C ASN D 164 51.12 -8.68 1.29
N ASN D 165 50.98 -8.17 0.07
CA ASN D 165 49.70 -7.84 -0.56
C ASN D 165 48.87 -6.88 0.29
N CYS D 166 49.53 -5.82 0.74
CA CYS D 166 48.88 -4.85 1.61
C CYS D 166 47.86 -4.03 0.84
N THR D 167 46.73 -3.71 1.50
CA THR D 167 45.60 -3.11 0.83
C THR D 167 45.11 -1.84 1.55
N PHE D 168 45.22 -1.78 2.87
CA PHE D 168 44.62 -0.70 3.62
C PHE D 168 45.63 -0.13 4.59
N GLU D 169 45.52 1.17 4.86
CA GLU D 169 46.41 1.86 5.78
C GLU D 169 45.66 3.03 6.39
N TYR D 170 45.80 3.22 7.70
CA TYR D 170 45.06 4.24 8.42
C TYR D 170 45.82 4.63 9.69
N VAL D 171 46.06 5.92 9.86
CA VAL D 171 46.73 6.45 11.05
C VAL D 171 45.93 7.63 11.58
N SER D 172 45.85 7.74 12.91
CA SER D 172 45.12 8.83 13.56
C SER D 172 45.67 8.98 14.99
N GLN D 173 44.96 9.75 15.80
CA GLN D 173 45.33 9.93 17.20
C GLN D 173 45.17 8.61 17.95
N PRO D 174 45.99 8.37 19.00
CA PRO D 174 46.00 7.06 19.66
C PRO D 174 44.67 6.68 20.28
N PHE D 175 44.28 5.42 20.07
CA PHE D 175 43.05 4.92 20.66
C PHE D 175 43.19 4.75 22.17
N LEU D 176 44.36 4.32 22.62
CA LEU D 176 44.62 4.08 24.03
C LEU D 176 45.57 5.17 24.54
N MET D 177 45.09 5.95 25.51
CA MET D 177 45.88 7.05 26.04
C MET D 177 46.94 6.55 27.00
N ASP D 178 47.93 7.42 27.25
CA ASP D 178 49.06 7.06 28.09
C ASP D 178 48.63 7.01 29.56
N LEU D 179 49.18 6.04 30.30
CA LEU D 179 48.87 5.87 31.71
C LEU D 179 50.08 6.05 32.61
N GLU D 180 51.16 6.63 32.10
CA GLU D 180 52.37 6.83 32.89
C GLU D 180 52.30 8.14 33.68
N ASN D 185 48.28 4.83 39.69
CA ASN D 185 47.40 4.72 40.85
C ASN D 185 46.13 3.96 40.48
N PHE D 186 45.02 4.69 40.33
CA PHE D 186 43.76 4.07 39.97
C PHE D 186 43.77 3.66 38.49
N LYS D 187 43.12 2.54 38.20
CA LYS D 187 43.01 2.09 36.82
C LYS D 187 41.98 2.91 36.06
N ASN D 188 42.02 2.80 34.74
CA ASN D 188 41.04 3.42 33.86
C ASN D 188 40.36 2.34 33.03
N LEU D 189 39.03 2.30 33.07
CA LEU D 189 38.27 1.29 32.36
C LEU D 189 38.21 1.63 30.88
N ARG D 190 38.62 0.69 30.04
CA ARG D 190 38.59 0.85 28.59
C ARG D 190 37.66 -0.21 28.00
N GLU D 191 36.67 0.23 27.23
CA GLU D 191 35.70 -0.67 26.63
C GLU D 191 35.73 -0.50 25.12
N PHE D 192 35.70 -1.61 24.39
CA PHE D 192 35.71 -1.59 22.94
C PHE D 192 34.72 -2.62 22.40
N VAL D 193 33.92 -2.20 21.43
CA VAL D 193 32.98 -3.08 20.74
C VAL D 193 33.34 -3.08 19.27
N PHE D 194 33.60 -4.28 18.73
CA PHE D 194 34.00 -4.45 17.34
C PHE D 194 32.88 -5.14 16.58
N LYS D 195 32.44 -4.53 15.48
CA LYS D 195 31.41 -5.11 14.63
C LYS D 195 31.92 -5.17 13.19
N ASN D 196 31.59 -6.27 12.51
CA ASN D 196 31.97 -6.48 11.11
C ASN D 196 30.70 -6.80 10.33
N ILE D 197 30.01 -5.75 9.88
CA ILE D 197 28.77 -5.89 9.10
C ILE D 197 28.94 -5.14 7.78
N ASP D 198 28.47 -5.76 6.69
CA ASP D 198 28.43 -5.17 5.34
C ASP D 198 29.82 -4.75 4.86
N GLY D 199 30.85 -5.47 5.29
CA GLY D 199 32.21 -5.15 4.92
C GLY D 199 32.81 -3.96 5.64
N TYR D 200 32.13 -3.40 6.63
CA TYR D 200 32.61 -2.27 7.39
C TYR D 200 32.98 -2.73 8.79
N PHE D 201 34.17 -2.35 9.25
CA PHE D 201 34.62 -2.65 10.59
C PHE D 201 34.36 -1.43 11.48
N LYS D 202 33.47 -1.58 12.46
CA LYS D 202 33.04 -0.48 13.31
C LYS D 202 33.59 -0.66 14.71
N ILE D 203 34.20 0.39 15.25
CA ILE D 203 34.77 0.39 16.59
C ILE D 203 34.07 1.44 17.42
N TYR D 204 33.59 1.05 18.59
CA TYR D 204 32.98 1.98 19.55
C TYR D 204 33.79 1.92 20.84
N SER D 205 34.00 3.08 21.46
CA SER D 205 34.82 3.15 22.66
C SER D 205 34.31 4.25 23.59
N LYS D 206 34.65 4.11 24.86
CA LYS D 206 34.38 5.11 25.88
C LYS D 206 35.42 4.99 26.98
N HIS D 207 35.95 6.13 27.42
CA HIS D 207 37.05 6.18 28.38
C HIS D 207 36.50 6.65 29.72
N THR D 208 36.47 5.77 30.71
CA THR D 208 35.97 6.09 32.04
C THR D 208 36.96 5.61 33.08
N PRO D 209 37.39 6.48 34.00
CA PRO D 209 38.27 6.03 35.09
C PRO D 209 37.52 5.14 36.07
N ILE D 210 38.25 4.27 36.75
CA ILE D 210 37.69 3.36 37.75
C ILE D 210 38.45 3.57 39.06
N ASN D 211 37.80 3.18 40.17
CA ASN D 211 38.42 3.30 41.49
C ASN D 211 37.98 2.16 42.38
N LEU D 212 38.94 1.32 42.78
CA LEU D 212 38.77 0.25 43.76
C LEU D 212 37.73 -0.79 43.37
N VAL D 213 37.51 -0.99 42.07
CA VAL D 213 36.62 -2.04 41.56
C VAL D 213 37.46 -2.97 40.70
N ARG D 214 37.60 -4.22 41.13
CA ARG D 214 38.43 -5.17 40.40
C ARG D 214 37.68 -5.76 39.20
N ASP D 215 36.36 -5.87 39.31
CA ASP D 215 35.53 -6.35 38.23
C ASP D 215 34.94 -5.17 37.46
N LEU D 216 34.00 -5.47 36.56
CA LEU D 216 33.30 -4.40 35.86
C LEU D 216 32.41 -3.63 36.83
N PRO D 217 32.49 -2.30 36.84
CA PRO D 217 31.68 -1.52 37.77
C PRO D 217 30.22 -1.45 37.32
N GLN D 218 29.35 -1.30 38.30
CA GLN D 218 27.92 -1.18 38.06
C GLN D 218 27.57 0.25 37.70
N GLY D 219 27.00 0.45 36.53
CA GLY D 219 26.68 1.77 36.05
C GLY D 219 26.40 1.73 34.56
N PHE D 220 26.29 2.92 33.98
CA PHE D 220 25.98 3.08 32.56
C PHE D 220 27.02 3.97 31.92
N SER D 221 27.56 3.54 30.79
CA SER D 221 28.51 4.31 30.00
C SER D 221 28.24 4.06 28.53
N ALA D 222 27.72 5.08 27.84
CA ALA D 222 27.40 4.96 26.43
C ALA D 222 28.67 5.04 25.60
N LEU D 223 28.81 4.10 24.67
CA LEU D 223 30.00 3.99 23.84
C LEU D 223 29.85 4.85 22.59
N GLU D 224 30.62 5.92 22.50
CA GLU D 224 30.59 6.79 21.35
C GLU D 224 31.27 6.14 20.16
N PRO D 225 30.82 6.44 18.93
CA PRO D 225 31.51 5.90 17.74
C PRO D 225 32.91 6.47 17.61
N LEU D 226 33.81 5.64 17.08
CA LEU D 226 35.21 6.02 16.92
C LEU D 226 35.61 6.09 15.45
N VAL D 227 35.44 5.00 14.70
CA VAL D 227 35.86 4.96 13.30
C VAL D 227 35.09 3.85 12.61
N ASP D 228 34.89 4.01 11.30
CA ASP D 228 34.25 3.01 10.44
C ASP D 228 35.25 2.65 9.34
N LEU D 229 35.87 1.48 9.46
CA LEU D 229 36.92 1.08 8.54
C LEU D 229 36.34 0.29 7.38
N PRO D 230 36.50 0.73 6.13
CA PRO D 230 36.05 -0.05 4.97
C PRO D 230 37.04 -1.17 4.62
N ILE D 231 37.05 -2.23 5.43
CA ILE D 231 38.03 -3.29 5.26
C ILE D 231 37.50 -4.37 4.32
N GLY D 232 36.34 -4.93 4.63
CA GLY D 232 35.73 -5.94 3.78
C GLY D 232 36.46 -7.27 3.71
N ILE D 233 36.92 -7.77 4.86
CA ILE D 233 37.57 -9.12 4.89
C ILE D 233 36.69 -10.07 5.70
N ASN D 234 37.21 -11.25 6.03
CA ASN D 234 36.46 -12.25 6.83
C ASN D 234 37.08 -12.31 8.24
N ILE D 235 36.29 -11.98 9.28
CA ILE D 235 36.85 -11.94 10.67
C ILE D 235 36.13 -13.01 11.51
N THR D 236 36.88 -14.00 12.00
CA THR D 236 36.31 -15.08 12.80
C THR D 236 37.10 -15.33 14.08
N ARG D 237 38.41 -15.12 14.06
CA ARG D 237 39.24 -15.28 15.25
C ARG D 237 39.93 -13.96 15.56
N PHE D 238 40.17 -13.72 16.85
CA PHE D 238 40.93 -12.56 17.26
C PHE D 238 41.78 -12.90 18.47
N GLN D 239 42.81 -12.08 18.70
CA GLN D 239 43.75 -12.26 19.78
C GLN D 239 44.08 -10.90 20.38
N THR D 240 44.69 -10.91 21.56
CA THR D 240 45.06 -9.69 22.26
C THR D 240 46.58 -9.57 22.31
N LEU D 241 47.08 -8.40 21.92
CA LEU D 241 48.52 -8.17 21.80
C LEU D 241 49.03 -7.55 23.10
N LEU D 242 49.90 -8.28 23.80
CA LEU D 242 50.39 -7.88 25.11
C LEU D 242 51.84 -7.44 25.00
N ALA D 243 52.12 -6.19 25.35
CA ALA D 243 53.49 -5.73 25.43
C ALA D 243 54.12 -6.18 26.74
N LEU D 244 55.27 -6.85 26.64
CA LEU D 244 55.94 -7.41 27.81
C LEU D 244 57.41 -7.05 27.81
N HIS D 245 57.90 -6.57 28.95
CA HIS D 245 59.32 -6.34 29.19
C HIS D 245 59.79 -7.35 30.23
N ARG D 246 60.42 -8.42 29.75
CA ARG D 246 60.80 -9.54 30.60
C ARG D 246 61.86 -10.34 29.85
N SER D 247 62.55 -11.21 30.57
CA SER D 247 63.53 -12.12 29.97
C SER D 247 62.81 -13.36 29.43
N TYR D 248 62.06 -13.16 28.34
CA TYR D 248 61.33 -14.25 27.73
C TYR D 248 62.26 -15.22 27.01
N LEU D 249 63.41 -14.72 26.56
CA LEU D 249 64.38 -15.56 25.85
C LEU D 249 65.21 -16.38 26.83
N ALA D 262 49.54 -8.20 35.79
CA ALA D 262 49.10 -7.08 36.63
C ALA D 262 47.68 -6.67 36.28
N ALA D 263 47.40 -6.60 34.98
CA ALA D 263 46.08 -6.21 34.51
C ALA D 263 45.26 -7.44 34.12
N ALA D 264 44.08 -7.18 33.56
CA ALA D 264 43.20 -8.22 33.04
C ALA D 264 42.28 -7.61 32.01
N TYR D 265 41.83 -8.42 31.07
CA TYR D 265 40.93 -7.97 30.03
C TYR D 265 39.70 -8.88 29.96
N TYR D 266 38.55 -8.28 29.69
CA TYR D 266 37.26 -8.95 29.74
C TYR D 266 36.72 -9.10 28.33
N VAL D 267 36.30 -10.32 27.98
CA VAL D 267 35.86 -10.65 26.63
C VAL D 267 34.42 -11.10 26.68
N GLY D 268 33.56 -10.45 25.90
CA GLY D 268 32.17 -10.85 25.80
C GLY D 268 31.70 -10.78 24.37
N TYR D 269 30.70 -11.60 24.07
CA TYR D 269 30.18 -11.74 22.72
C TYR D 269 28.82 -11.08 22.60
N LEU D 270 28.62 -10.34 21.51
CA LEU D 270 27.33 -9.70 21.26
C LEU D 270 26.32 -10.71 20.73
N GLN D 271 25.04 -10.38 20.91
CA GLN D 271 23.93 -11.19 20.44
C GLN D 271 22.84 -10.28 19.92
N PRO D 272 21.99 -10.77 19.00
CA PRO D 272 20.86 -9.95 18.55
C PRO D 272 19.82 -9.72 19.64
N ARG D 273 19.72 -8.49 20.12
CA ARG D 273 18.80 -8.15 21.19
C ARG D 273 18.09 -6.85 20.84
N THR D 274 16.93 -6.65 21.47
CA THR D 274 16.17 -5.41 21.34
C THR D 274 16.40 -4.56 22.58
N PHE D 275 16.83 -3.32 22.37
CA PHE D 275 17.12 -2.40 23.46
C PHE D 275 16.22 -1.17 23.37
N LEU D 276 15.72 -0.74 24.52
CA LEU D 276 14.96 0.51 24.62
C LEU D 276 15.89 1.57 25.19
N LEU D 277 16.34 2.48 24.33
CA LEU D 277 17.32 3.49 24.69
C LEU D 277 16.62 4.79 25.09
N LYS D 278 17.04 5.37 26.20
CA LYS D 278 16.50 6.62 26.71
C LYS D 278 17.52 7.73 26.50
N TYR D 279 17.20 8.67 25.61
CA TYR D 279 18.06 9.83 25.39
C TYR D 279 17.65 10.96 26.34
N ASN D 280 18.64 11.63 26.91
CA ASN D 280 18.39 12.69 27.87
C ASN D 280 18.13 14.00 27.13
N GLU D 281 18.05 15.10 27.88
CA GLU D 281 17.83 16.41 27.26
C GLU D 281 19.08 16.92 26.55
N ASN D 282 20.25 16.43 26.93
CA ASN D 282 21.50 16.83 26.30
C ASN D 282 21.91 15.91 25.14
N GLY D 283 21.12 14.88 24.84
CA GLY D 283 21.39 14.02 23.71
C GLY D 283 22.26 12.81 23.99
N THR D 284 22.45 12.44 25.25
CA THR D 284 23.27 11.29 25.61
C THR D 284 22.39 10.17 26.14
N ILE D 285 22.81 8.93 25.86
CA ILE D 285 22.08 7.75 26.32
C ILE D 285 22.42 7.53 27.79
N THR D 286 21.44 7.72 28.68
CA THR D 286 21.64 7.59 30.10
C THR D 286 20.96 6.37 30.71
N ASP D 287 20.12 5.67 29.95
CA ASP D 287 19.37 4.55 30.48
C ASP D 287 18.98 3.62 29.34
N ALA D 288 19.05 2.32 29.60
CA ALA D 288 18.75 1.31 28.59
C ALA D 288 18.11 0.10 29.27
N VAL D 289 17.35 -0.66 28.47
CA VAL D 289 16.61 -1.82 28.96
C VAL D 289 16.80 -2.97 27.98
N ASP D 290 17.20 -4.13 28.49
CA ASP D 290 17.25 -5.37 27.72
C ASP D 290 15.90 -6.06 27.80
N CYS D 291 15.22 -6.18 26.66
CA CYS D 291 13.86 -6.71 26.64
C CYS D 291 13.80 -8.20 26.93
N ALA D 292 14.92 -8.91 26.88
CA ALA D 292 14.94 -10.35 27.12
C ALA D 292 15.38 -10.74 28.52
N LEU D 293 15.61 -9.78 29.40
CA LEU D 293 16.17 -10.09 30.72
C LEU D 293 15.12 -10.56 31.72
N ASP D 294 14.18 -9.69 32.06
CA ASP D 294 13.16 -10.01 33.06
C ASP D 294 11.79 -9.57 32.57
N PRO D 295 10.69 -10.15 33.10
CA PRO D 295 9.36 -9.73 32.66
C PRO D 295 9.04 -8.27 32.90
N LEU D 296 9.62 -7.66 33.92
CA LEU D 296 9.47 -6.21 34.10
C LEU D 296 10.06 -5.45 32.92
N SER D 297 11.21 -5.89 32.43
CA SER D 297 11.82 -5.28 31.25
C SER D 297 10.98 -5.54 30.00
N GLU D 298 10.35 -6.72 29.90
CA GLU D 298 9.45 -7.00 28.79
C GLU D 298 8.25 -6.08 28.81
N THR D 299 7.69 -5.83 30.00
CA THR D 299 6.59 -4.88 30.14
C THR D 299 7.02 -3.47 29.77
N LYS D 300 8.23 -3.08 30.19
CA LYS D 300 8.76 -1.75 29.84
C LYS D 300 8.96 -1.61 28.34
N CYS D 301 9.43 -2.67 27.68
CA CYS D 301 9.62 -2.61 26.23
C CYS D 301 8.30 -2.59 25.48
N THR D 302 7.29 -3.33 25.98
CA THR D 302 5.99 -3.34 25.29
C THR D 302 5.26 -2.02 25.49
N LEU D 303 5.37 -1.42 26.67
CA LEU D 303 4.71 -0.15 26.94
C LEU D 303 5.49 1.06 26.46
N LYS D 304 6.74 0.86 26.00
CA LYS D 304 7.63 1.93 25.52
C LYS D 304 7.82 3.01 26.59
N SER D 305 7.98 2.58 27.83
CA SER D 305 8.17 3.49 28.94
C SER D 305 9.00 2.81 30.02
N PHE D 306 9.82 3.60 30.71
CA PHE D 306 10.70 3.07 31.74
C PHE D 306 10.01 2.93 33.09
N THR D 307 8.81 3.46 33.24
CA THR D 307 8.04 3.33 34.47
C THR D 307 6.66 2.78 34.12
N VAL D 308 6.26 1.69 34.78
CA VAL D 308 4.95 1.09 34.58
C VAL D 308 4.11 1.32 35.83
N GLU D 309 2.80 1.26 35.66
CA GLU D 309 1.86 1.51 36.73
C GLU D 309 1.35 0.20 37.31
N LYS D 310 0.52 0.31 38.34
CA LYS D 310 -0.05 -0.88 38.98
C LYS D 310 -1.16 -1.46 38.11
N GLY D 311 -1.14 -2.77 37.94
CA GLY D 311 -2.14 -3.46 37.16
C GLY D 311 -1.52 -4.58 36.36
N ILE D 312 -2.32 -5.14 35.46
CA ILE D 312 -1.89 -6.23 34.58
C ILE D 312 -1.59 -5.67 33.20
N TYR D 313 -0.62 -6.27 32.52
CA TYR D 313 -0.27 -5.90 31.16
C TYR D 313 0.11 -7.15 30.38
N GLN D 314 -0.31 -7.21 29.12
CA GLN D 314 0.07 -8.31 28.26
C GLN D 314 1.33 -7.94 27.48
N THR D 315 2.31 -8.86 27.47
CA THR D 315 3.61 -8.60 26.89
C THR D 315 3.81 -9.48 25.66
N SER D 316 4.23 -8.85 24.55
CA SER D 316 4.60 -9.59 23.36
C SER D 316 5.97 -10.24 23.55
N ASN D 317 6.31 -11.13 22.63
CA ASN D 317 7.50 -11.95 22.77
C ASN D 317 8.77 -11.14 22.51
N PHE D 318 9.68 -11.16 23.48
CA PHE D 318 11.04 -10.68 23.30
C PHE D 318 12.06 -11.57 23.98
N ARG D 319 11.64 -12.74 24.50
CA ARG D 319 12.47 -13.51 25.40
C ARG D 319 13.25 -14.62 24.72
N VAL D 320 12.78 -15.12 23.58
CA VAL D 320 13.38 -16.29 22.93
C VAL D 320 13.89 -15.88 21.56
N GLN D 321 15.07 -16.40 21.20
CA GLN D 321 15.68 -16.19 19.90
C GLN D 321 16.24 -17.53 19.41
N PRO D 322 16.14 -17.83 18.12
CA PRO D 322 16.66 -19.11 17.63
C PRO D 322 18.17 -19.07 17.38
N THR D 323 18.83 -20.15 17.77
CA THR D 323 20.28 -20.25 17.67
C THR D 323 20.76 -21.30 16.67
N GLU D 324 19.98 -22.34 16.42
CA GLU D 324 20.35 -23.39 15.49
C GLU D 324 19.35 -23.45 14.35
N SER D 325 19.83 -23.92 13.19
CA SER D 325 19.00 -24.05 12.00
C SER D 325 19.14 -25.45 11.43
N ILE D 326 18.02 -26.03 11.00
CA ILE D 326 18.00 -27.35 10.41
C ILE D 326 17.39 -27.27 9.02
N VAL D 327 17.91 -28.06 8.09
CA VAL D 327 17.40 -28.15 6.73
C VAL D 327 17.04 -29.60 6.45
N ARG D 328 15.84 -29.84 5.94
CA ARG D 328 15.36 -31.18 5.60
C ARG D 328 14.94 -31.19 4.14
N PHE D 329 15.68 -31.90 3.32
CA PHE D 329 15.46 -32.01 1.88
C PHE D 329 15.28 -33.47 1.50
N PRO D 330 14.62 -33.76 0.38
CA PRO D 330 14.44 -35.16 -0.04
C PRO D 330 15.75 -35.83 -0.41
N ASN D 331 15.74 -37.16 -0.31
CA ASN D 331 16.91 -37.98 -0.59
C ASN D 331 17.13 -38.05 -2.09
N ILE D 332 17.74 -36.99 -2.63
CA ILE D 332 18.05 -36.89 -4.05
C ILE D 332 19.55 -36.78 -4.21
N THR D 333 20.11 -37.63 -5.07
CA THR D 333 21.56 -37.73 -5.23
C THR D 333 22.05 -37.28 -6.60
N ASN D 334 21.41 -37.74 -7.67
CA ASN D 334 21.90 -37.46 -9.02
C ASN D 334 21.65 -36.01 -9.40
N LEU D 335 22.57 -35.46 -10.18
CA LEU D 335 22.46 -34.09 -10.68
C LEU D 335 21.57 -34.04 -11.91
N CYS D 336 21.05 -32.85 -12.19
CA CYS D 336 20.13 -32.70 -13.31
C CYS D 336 20.91 -32.67 -14.63
N PRO D 337 20.27 -33.07 -15.74
CA PRO D 337 20.95 -32.96 -17.05
C PRO D 337 20.84 -31.55 -17.63
N PHE D 338 21.20 -30.54 -16.84
CA PHE D 338 21.22 -29.18 -17.36
C PHE D 338 22.31 -29.01 -18.41
N GLY D 339 23.45 -29.67 -18.22
CA GLY D 339 24.51 -29.60 -19.21
C GLY D 339 24.11 -30.20 -20.53
N GLU D 340 23.44 -31.37 -20.50
CA GLU D 340 23.01 -32.05 -21.72
C GLU D 340 22.02 -31.21 -22.50
N VAL D 341 21.08 -30.56 -21.81
CA VAL D 341 20.13 -29.68 -22.47
C VAL D 341 20.84 -28.46 -23.03
N PHE D 342 21.74 -27.86 -22.26
CA PHE D 342 22.30 -26.56 -22.63
C PHE D 342 23.31 -26.67 -23.77
N ASN D 343 24.04 -27.79 -23.84
CA ASN D 343 25.07 -27.89 -24.88
C ASN D 343 24.53 -28.52 -26.17
N ALA D 344 23.21 -28.63 -26.30
CA ALA D 344 22.57 -29.32 -27.42
C ALA D 344 22.94 -28.70 -28.75
N THR D 345 23.27 -29.55 -29.73
CA THR D 345 23.77 -29.07 -31.01
C THR D 345 22.66 -28.40 -31.84
N ARG D 346 21.41 -28.76 -31.59
CA ARG D 346 20.27 -28.18 -32.29
C ARG D 346 19.07 -28.14 -31.38
N PHE D 347 18.56 -26.93 -31.12
CA PHE D 347 17.26 -26.77 -30.48
C PHE D 347 16.18 -26.72 -31.55
N ALA D 348 14.92 -26.62 -31.15
CA ALA D 348 13.81 -26.50 -32.06
C ALA D 348 13.53 -25.03 -32.33
N SER D 349 12.82 -24.77 -33.42
CA SER D 349 12.50 -23.42 -33.82
C SER D 349 11.48 -22.81 -32.86
N VAL D 350 11.33 -21.48 -32.93
CA VAL D 350 10.48 -20.79 -31.97
C VAL D 350 9.00 -21.03 -32.27
N TYR D 351 8.65 -21.41 -33.50
CA TYR D 351 7.25 -21.66 -33.80
C TYR D 351 6.79 -22.99 -33.21
N ALA D 352 7.69 -23.94 -33.04
CA ALA D 352 7.41 -25.23 -32.41
C ALA D 352 8.47 -25.45 -31.33
N TRP D 353 8.24 -24.89 -30.15
CA TRP D 353 9.21 -24.97 -29.08
C TRP D 353 9.12 -26.32 -28.38
N ASN D 354 10.29 -26.81 -27.96
CA ASN D 354 10.39 -28.11 -27.30
C ASN D 354 10.18 -27.95 -25.80
N ARG D 355 9.29 -28.74 -25.23
CA ARG D 355 9.03 -28.75 -23.79
C ARG D 355 9.52 -30.05 -23.20
N LYS D 356 10.38 -29.95 -22.18
CA LYS D 356 11.00 -31.10 -21.56
C LYS D 356 10.74 -31.08 -20.06
N ARG D 357 10.37 -32.23 -19.51
CA ARG D 357 10.08 -32.36 -18.08
C ARG D 357 11.34 -32.74 -17.33
N ILE D 358 11.68 -31.97 -16.30
CA ILE D 358 12.84 -32.21 -15.46
C ILE D 358 12.35 -32.61 -14.09
N SER D 359 12.78 -33.78 -13.61
CA SER D 359 12.34 -34.26 -12.32
C SER D 359 13.36 -35.24 -11.75
N ASN D 360 13.29 -35.43 -10.44
CA ASN D 360 14.07 -36.43 -9.69
C ASN D 360 15.58 -36.23 -9.87
N CYS D 361 16.02 -34.99 -9.69
CA CYS D 361 17.44 -34.67 -9.74
C CYS D 361 17.71 -33.44 -8.87
N VAL D 362 18.92 -32.90 -8.98
CA VAL D 362 19.36 -31.77 -8.17
C VAL D 362 19.60 -30.59 -9.09
N ALA D 363 18.85 -29.51 -8.89
CA ALA D 363 18.91 -28.34 -9.77
C ALA D 363 20.02 -27.41 -9.29
N ASP D 364 21.25 -27.81 -9.60
CA ASP D 364 22.43 -27.01 -9.28
C ASP D 364 22.84 -26.22 -10.51
N TYR D 365 22.65 -24.91 -10.46
CA TYR D 365 23.06 -24.03 -11.55
C TYR D 365 24.45 -23.44 -11.36
N SER D 366 25.15 -23.84 -10.30
CA SER D 366 26.51 -23.35 -10.08
C SER D 366 27.48 -23.96 -11.08
N VAL D 367 27.17 -25.16 -11.58
CA VAL D 367 28.03 -25.78 -12.58
C VAL D 367 27.84 -25.14 -13.95
N LEU D 368 26.75 -24.39 -14.11
CA LEU D 368 26.49 -23.73 -15.39
C LEU D 368 27.31 -22.45 -15.57
N TYR D 369 28.04 -22.03 -14.53
CA TYR D 369 28.89 -20.85 -14.66
C TYR D 369 30.01 -21.08 -15.66
N ASN D 370 30.66 -22.24 -15.59
CA ASN D 370 31.80 -22.50 -16.48
C ASN D 370 31.36 -22.81 -17.90
N SER D 371 30.12 -23.32 -18.07
CA SER D 371 29.66 -23.69 -19.39
C SER D 371 29.43 -22.46 -20.28
N ALA D 372 28.70 -21.48 -19.76
CA ALA D 372 28.39 -20.28 -20.54
C ALA D 372 28.02 -19.16 -19.59
N SER D 373 28.02 -17.94 -20.13
CA SER D 373 27.58 -16.75 -19.41
C SER D 373 26.25 -16.30 -20.01
N PHE D 374 25.23 -16.17 -19.15
CA PHE D 374 23.89 -15.85 -19.60
C PHE D 374 23.73 -14.33 -19.68
N SER D 375 23.44 -13.83 -20.89
CA SER D 375 23.25 -12.39 -21.07
C SER D 375 21.98 -11.90 -20.39
N THR D 376 20.93 -12.73 -20.38
CA THR D 376 19.67 -12.40 -19.73
C THR D 376 19.30 -13.52 -18.77
N PHE D 377 19.02 -13.15 -17.51
CA PHE D 377 18.61 -14.12 -16.50
C PHE D 377 17.64 -13.40 -15.57
N LYS D 378 16.35 -13.52 -15.87
CA LYS D 378 15.30 -12.84 -15.10
C LYS D 378 14.37 -13.89 -14.52
N CYS D 379 14.15 -13.83 -13.21
CA CYS D 379 13.26 -14.75 -12.51
C CYS D 379 12.01 -14.00 -12.09
N TYR D 380 10.85 -14.52 -12.48
CA TYR D 380 9.56 -13.92 -12.16
C TYR D 380 8.87 -14.77 -11.11
N GLY D 381 8.37 -14.13 -10.05
CA GLY D 381 7.73 -14.84 -8.96
C GLY D 381 8.66 -15.56 -8.01
N VAL D 382 9.98 -15.39 -8.19
CA VAL D 382 10.97 -16.05 -7.36
C VAL D 382 12.26 -15.24 -7.45
N SER D 383 13.03 -15.24 -6.37
CA SER D 383 14.25 -14.46 -6.50
C SER D 383 15.43 -15.35 -6.86
N PRO D 384 16.34 -14.87 -7.71
CA PRO D 384 17.53 -15.65 -8.04
C PRO D 384 18.44 -15.93 -6.86
N THR D 385 18.51 -15.02 -5.89
CA THR D 385 19.32 -15.28 -4.70
C THR D 385 18.69 -16.34 -3.81
N LYS D 386 17.35 -16.38 -3.74
CA LYS D 386 16.64 -17.38 -2.97
C LYS D 386 16.32 -18.62 -3.78
N LEU D 387 16.97 -18.81 -4.93
CA LEU D 387 16.71 -19.97 -5.76
C LEU D 387 17.31 -21.25 -5.18
N ASN D 388 18.22 -21.14 -4.21
CA ASN D 388 18.85 -22.32 -3.65
C ASN D 388 17.99 -22.93 -2.54
N ASP D 389 17.47 -22.10 -1.65
CA ASP D 389 16.72 -22.60 -0.49
C ASP D 389 15.22 -22.74 -0.74
N LEU D 390 14.87 -23.40 -1.85
CA LEU D 390 13.50 -23.68 -2.19
C LEU D 390 13.44 -25.05 -2.85
N CYS D 391 12.26 -25.67 -2.80
CA CYS D 391 12.06 -26.93 -3.51
C CYS D 391 10.81 -26.88 -4.38
N PHE D 392 10.91 -27.52 -5.54
CA PHE D 392 10.06 -27.26 -6.69
C PHE D 392 9.17 -28.48 -6.94
N THR D 393 7.89 -28.23 -7.23
CA THR D 393 6.96 -29.34 -7.42
C THR D 393 7.09 -29.96 -8.79
N ASN D 394 6.81 -29.19 -9.84
CA ASN D 394 6.86 -29.66 -11.22
C ASN D 394 7.68 -28.68 -12.03
N VAL D 395 8.72 -29.17 -12.71
CA VAL D 395 9.63 -28.32 -13.47
C VAL D 395 9.57 -28.74 -14.94
N TYR D 396 9.34 -27.76 -15.81
CA TYR D 396 9.36 -27.96 -17.26
C TYR D 396 10.30 -26.95 -17.89
N ALA D 397 11.02 -27.39 -18.92
CA ALA D 397 11.97 -26.54 -19.62
C ALA D 397 11.49 -26.33 -21.05
N ASP D 398 11.33 -25.07 -21.43
CA ASP D 398 10.92 -24.69 -22.78
C ASP D 398 12.14 -24.10 -23.48
N SER D 399 12.49 -24.66 -24.64
CA SER D 399 13.73 -24.30 -25.33
C SER D 399 13.44 -23.89 -26.77
N PHE D 400 14.06 -22.79 -27.20
CA PHE D 400 13.95 -22.31 -28.57
C PHE D 400 15.13 -21.39 -28.83
N VAL D 401 15.21 -20.88 -30.06
CA VAL D 401 16.30 -20.01 -30.50
C VAL D 401 15.71 -18.76 -31.12
N ILE D 402 16.09 -17.59 -30.61
CA ILE D 402 15.62 -16.31 -31.13
C ILE D 402 16.82 -15.40 -31.37
N ARG D 403 16.55 -14.18 -31.80
CA ARG D 403 17.60 -13.23 -32.16
C ARG D 403 18.00 -12.39 -30.95
N GLY D 404 18.84 -11.39 -31.18
CA GLY D 404 19.32 -10.52 -30.12
C GLY D 404 18.37 -9.41 -29.75
N ASP D 405 17.66 -8.87 -30.75
CA ASP D 405 16.63 -7.88 -30.50
C ASP D 405 15.28 -8.51 -30.17
N GLU D 406 15.26 -9.80 -29.84
CA GLU D 406 14.03 -10.53 -29.62
C GLU D 406 13.91 -11.09 -28.21
N VAL D 407 14.96 -10.95 -27.39
CA VAL D 407 14.97 -11.53 -26.05
C VAL D 407 14.00 -10.81 -25.12
N ARG D 408 13.77 -9.51 -25.37
CA ARG D 408 12.89 -8.74 -24.50
C ARG D 408 11.44 -9.19 -24.58
N GLN D 409 11.06 -9.86 -25.68
CA GLN D 409 9.68 -10.30 -25.82
C GLN D 409 9.40 -11.56 -25.02
N ILE D 410 10.45 -12.25 -24.55
CA ILE D 410 10.24 -13.42 -23.72
C ILE D 410 10.14 -12.94 -22.27
N ALA D 411 8.94 -12.49 -21.90
CA ALA D 411 8.65 -11.93 -20.59
C ALA D 411 7.14 -11.81 -20.45
N PRO D 412 6.62 -11.94 -19.23
CA PRO D 412 5.18 -11.73 -19.03
C PRO D 412 4.78 -10.29 -19.31
N GLY D 413 3.61 -10.14 -19.94
CA GLY D 413 3.07 -8.83 -20.27
C GLY D 413 3.89 -8.06 -21.29
N GLN D 414 4.31 -8.72 -22.36
CA GLN D 414 5.12 -8.10 -23.40
C GLN D 414 4.55 -8.45 -24.76
N THR D 415 4.67 -7.51 -25.70
CA THR D 415 4.13 -7.67 -27.05
C THR D 415 5.27 -7.87 -28.04
N GLY D 416 4.90 -8.28 -29.24
CA GLY D 416 5.87 -8.55 -30.29
C GLY D 416 5.44 -9.75 -31.10
N LYS D 417 6.10 -9.91 -32.25
CA LYS D 417 5.70 -10.97 -33.18
C LYS D 417 5.93 -12.35 -32.59
N ILE D 418 7.04 -12.54 -31.85
CA ILE D 418 7.25 -13.80 -31.14
C ILE D 418 6.28 -13.90 -29.96
N ALA D 419 6.04 -12.79 -29.27
CA ALA D 419 5.14 -12.80 -28.13
C ALA D 419 3.70 -13.11 -28.54
N ASP D 420 3.27 -12.57 -29.69
CA ASP D 420 1.88 -12.77 -30.09
C ASP D 420 1.70 -14.06 -30.90
N TYR D 421 2.64 -14.39 -31.79
CA TYR D 421 2.42 -15.45 -32.76
C TYR D 421 3.26 -16.69 -32.53
N ASN D 422 4.30 -16.63 -31.69
CA ASN D 422 5.21 -17.76 -31.54
C ASN D 422 5.19 -18.33 -30.12
N TYR D 423 5.41 -17.51 -29.10
CA TYR D 423 5.53 -17.99 -27.73
C TYR D 423 5.07 -16.91 -26.77
N LYS D 424 4.02 -17.21 -26.00
CA LYS D 424 3.44 -16.24 -25.07
C LYS D 424 3.57 -16.76 -23.64
N LEU D 425 3.96 -15.88 -22.73
CA LEU D 425 4.08 -16.21 -21.33
C LEU D 425 2.87 -15.70 -20.55
N PRO D 426 2.39 -16.43 -19.56
CA PRO D 426 1.24 -15.97 -18.77
C PRO D 426 1.61 -14.80 -17.88
N ASP D 427 0.58 -14.05 -17.47
CA ASP D 427 0.78 -12.92 -16.58
C ASP D 427 1.22 -13.37 -15.20
N ASP D 428 0.63 -14.45 -14.69
CA ASP D 428 1.01 -15.02 -13.39
C ASP D 428 2.08 -16.09 -13.52
N PHE D 429 3.17 -15.75 -14.21
CA PHE D 429 4.22 -16.71 -14.51
C PHE D 429 5.23 -16.78 -13.36
N THR D 430 5.47 -17.99 -12.88
CA THR D 430 6.47 -18.24 -11.84
C THR D 430 7.60 -19.06 -12.47
N GLY D 431 8.71 -18.41 -12.78
CA GLY D 431 9.82 -19.10 -13.40
C GLY D 431 10.96 -18.16 -13.70
N CYS D 432 12.00 -18.73 -14.30
CA CYS D 432 13.20 -18.00 -14.68
C CYS D 432 13.45 -18.18 -16.17
N VAL D 433 13.80 -17.09 -16.85
CA VAL D 433 14.13 -17.11 -18.26
C VAL D 433 15.64 -17.01 -18.43
N ILE D 434 16.23 -18.00 -19.09
CA ILE D 434 17.67 -18.07 -19.29
C ILE D 434 17.97 -17.85 -20.76
N ALA D 435 18.87 -16.91 -21.06
CA ALA D 435 19.21 -16.60 -22.44
C ALA D 435 20.68 -16.20 -22.51
N TRP D 436 21.32 -16.59 -23.61
CA TRP D 436 22.73 -16.25 -23.84
C TRP D 436 23.00 -16.22 -25.33
N ASN D 437 24.05 -15.50 -25.71
CA ASN D 437 24.44 -15.42 -27.11
C ASN D 437 25.08 -16.73 -27.55
N SER D 438 24.69 -17.19 -28.75
CA SER D 438 25.20 -18.44 -29.30
C SER D 438 25.57 -18.23 -30.76
N ASN D 439 26.34 -17.17 -31.02
CA ASN D 439 26.83 -16.90 -32.37
C ASN D 439 27.88 -17.91 -32.82
N ASN D 440 28.47 -18.64 -31.87
CA ASN D 440 29.54 -19.58 -32.19
C ASN D 440 29.02 -20.86 -32.84
N LEU D 441 28.08 -21.55 -32.18
CA LEU D 441 27.73 -22.89 -32.61
C LEU D 441 26.56 -22.86 -33.60
N ASP D 442 25.54 -22.04 -33.33
CA ASP D 442 24.34 -22.07 -34.17
C ASP D 442 24.58 -21.42 -35.52
N SER D 443 25.27 -20.28 -35.55
CA SER D 443 25.46 -19.52 -36.78
C SER D 443 26.68 -20.08 -37.51
N LYS D 444 26.43 -20.84 -38.58
CA LYS D 444 27.52 -21.38 -39.38
C LYS D 444 27.85 -20.44 -40.53
N VAL D 445 28.99 -20.71 -41.16
CA VAL D 445 29.44 -19.90 -42.29
C VAL D 445 28.56 -20.20 -43.50
N GLY D 446 28.08 -19.14 -44.15
CA GLY D 446 27.21 -19.28 -45.29
C GLY D 446 25.73 -19.24 -45.00
N GLY D 447 25.34 -19.25 -43.73
CA GLY D 447 23.93 -19.14 -43.42
C GLY D 447 23.36 -20.40 -42.80
N ASN D 448 22.70 -20.22 -41.66
CA ASN D 448 21.96 -21.29 -40.98
C ASN D 448 20.48 -20.99 -41.09
N TYR D 449 19.78 -21.78 -41.92
CA TYR D 449 18.36 -21.56 -42.18
C TYR D 449 17.48 -22.61 -41.52
N ASN D 450 18.00 -23.30 -40.51
CA ASN D 450 17.26 -24.41 -39.85
C ASN D 450 16.42 -23.88 -38.68
N TYR D 451 16.31 -22.56 -38.50
CA TYR D 451 15.46 -21.98 -37.48
C TYR D 451 14.44 -21.05 -38.12
N LEU D 452 13.18 -21.18 -37.70
CA LEU D 452 12.08 -20.46 -38.31
C LEU D 452 11.26 -19.73 -37.27
N TYR D 453 10.47 -18.76 -37.74
CA TYR D 453 9.53 -18.05 -36.89
C TYR D 453 8.24 -17.83 -37.68
N ARG D 454 7.14 -17.72 -36.95
CA ARG D 454 5.83 -17.49 -37.56
C ARG D 454 5.58 -15.98 -37.60
N LEU D 455 5.54 -15.42 -38.82
CA LEU D 455 5.36 -13.99 -38.95
C LEU D 455 3.89 -13.59 -39.01
N PHE D 456 3.06 -14.39 -39.69
CA PHE D 456 1.65 -14.09 -39.86
C PHE D 456 0.80 -15.12 -39.14
N ARG D 457 -0.20 -14.65 -38.40
CA ARG D 457 -1.18 -15.55 -37.75
C ARG D 457 -2.50 -14.77 -37.61
N LYS D 458 -3.64 -15.46 -37.56
CA LYS D 458 -4.95 -14.82 -37.50
C LYS D 458 -5.11 -14.00 -36.23
N SER D 459 -4.68 -14.53 -35.09
CA SER D 459 -4.82 -13.83 -33.81
C SER D 459 -3.67 -14.22 -32.89
N ASN D 460 -3.62 -13.55 -31.74
CA ASN D 460 -2.57 -13.77 -30.76
C ASN D 460 -2.75 -15.13 -30.08
N LEU D 461 -1.66 -15.65 -29.55
CA LEU D 461 -1.66 -16.95 -28.88
C LEU D 461 -2.02 -16.81 -27.41
N LYS D 462 -2.73 -17.81 -26.90
CA LYS D 462 -2.89 -17.96 -25.46
C LYS D 462 -1.57 -18.39 -24.85
N PRO D 463 -1.35 -18.12 -23.55
CA PRO D 463 -0.08 -18.48 -22.92
C PRO D 463 0.18 -19.98 -22.93
N PHE D 464 1.46 -20.34 -23.14
CA PHE D 464 1.94 -21.71 -23.20
C PHE D 464 1.21 -22.54 -24.25
N GLU D 465 0.98 -21.93 -25.41
CA GLU D 465 0.33 -22.59 -26.53
C GLU D 465 1.24 -22.52 -27.75
N ARG D 466 1.40 -23.65 -28.43
CA ARG D 466 2.17 -23.71 -29.66
C ARG D 466 1.21 -24.01 -30.80
N ASP D 467 1.62 -23.65 -32.02
CA ASP D 467 0.88 -23.98 -33.23
C ASP D 467 1.88 -24.31 -34.34
N ILE D 468 1.81 -25.55 -34.83
CA ILE D 468 2.75 -26.04 -35.82
C ILE D 468 2.12 -26.14 -37.20
N SER D 469 0.91 -25.62 -37.38
CA SER D 469 0.24 -25.67 -38.67
C SER D 469 0.95 -24.77 -39.68
N THR D 470 1.13 -25.29 -40.90
CA THR D 470 1.84 -24.60 -41.96
C THR D 470 0.91 -24.19 -43.10
N GLU D 471 -0.38 -24.04 -42.82
CA GLU D 471 -1.32 -23.65 -43.85
C GLU D 471 -1.14 -22.19 -44.23
N ILE D 472 -1.55 -21.85 -45.46
CA ILE D 472 -1.30 -20.52 -45.99
C ILE D 472 -2.21 -19.50 -45.32
N TYR D 473 -1.63 -18.39 -44.89
CA TYR D 473 -2.38 -17.31 -44.26
C TYR D 473 -3.07 -16.49 -45.34
N GLN D 474 -4.39 -16.36 -45.23
CA GLN D 474 -5.19 -15.60 -46.19
C GLN D 474 -5.22 -14.14 -45.74
N ALA D 475 -4.18 -13.40 -46.15
CA ALA D 475 -4.07 -12.00 -45.77
C ALA D 475 -5.14 -11.15 -46.46
N GLY D 476 -5.33 -11.37 -47.76
CA GLY D 476 -6.34 -10.63 -48.49
C GLY D 476 -7.70 -11.30 -48.44
N SER D 477 -8.67 -10.63 -49.05
CA SER D 477 -10.03 -11.18 -49.10
C SER D 477 -10.10 -12.39 -50.02
N THR D 478 -9.32 -12.39 -51.09
CA THR D 478 -9.36 -13.49 -52.04
C THR D 478 -8.68 -14.73 -51.44
N PRO D 479 -9.36 -15.87 -51.40
CA PRO D 479 -8.74 -17.09 -50.86
C PRO D 479 -7.83 -17.73 -51.91
N CYS D 480 -6.55 -17.88 -51.55
CA CYS D 480 -5.59 -18.45 -52.49
C CYS D 480 -5.78 -19.96 -52.66
N ASN D 481 -6.20 -20.63 -51.58
CA ASN D 481 -6.52 -22.06 -51.58
C ASN D 481 -5.32 -22.93 -51.97
N GLY D 482 -4.22 -22.76 -51.23
CA GLY D 482 -3.10 -23.67 -51.33
C GLY D 482 -1.96 -23.25 -52.23
N VAL D 483 -1.95 -22.02 -52.73
CA VAL D 483 -0.88 -21.52 -53.57
C VAL D 483 -0.35 -20.22 -52.97
N GLU D 484 0.93 -19.95 -53.18
CA GLU D 484 1.50 -18.68 -52.73
C GLU D 484 1.46 -17.66 -53.86
N GLY D 485 1.18 -16.42 -53.50
CA GLY D 485 1.15 -15.35 -54.47
C GLY D 485 0.90 -14.02 -53.78
N PHE D 486 0.10 -13.19 -54.44
CA PHE D 486 -0.30 -11.92 -53.84
C PHE D 486 -1.44 -12.15 -52.87
N ASN D 487 -1.46 -11.36 -51.80
CA ASN D 487 -2.45 -11.35 -50.71
C ASN D 487 -2.47 -12.67 -49.92
N CYS D 488 -1.48 -13.53 -50.06
CA CYS D 488 -1.37 -14.74 -49.27
C CYS D 488 0.10 -15.12 -49.16
N TYR D 489 0.54 -15.47 -47.96
CA TYR D 489 1.94 -15.75 -47.71
C TYR D 489 2.07 -17.00 -46.87
N PHE D 490 3.23 -17.65 -46.98
CA PHE D 490 3.57 -18.73 -46.08
C PHE D 490 3.85 -18.15 -44.69
N PRO D 491 3.21 -18.65 -43.64
CA PRO D 491 3.36 -18.00 -42.32
C PRO D 491 4.74 -18.13 -41.72
N LEU D 492 5.51 -19.13 -42.12
CA LEU D 492 6.82 -19.35 -41.54
C LEU D 492 7.92 -18.71 -42.40
N GLN D 493 8.81 -17.99 -41.72
CA GLN D 493 9.93 -17.32 -42.40
C GLN D 493 11.21 -17.77 -41.71
N SER D 494 12.37 -17.56 -42.31
CA SER D 494 13.65 -18.04 -41.82
C SER D 494 14.48 -16.90 -41.23
N TYR D 495 15.13 -17.19 -40.09
CA TYR D 495 16.08 -16.25 -39.52
C TYR D 495 17.29 -16.06 -40.42
N GLY D 496 17.94 -17.15 -40.82
CA GLY D 496 19.15 -17.06 -41.61
C GLY D 496 20.31 -16.41 -40.90
N PHE D 497 20.85 -17.08 -39.88
CA PHE D 497 21.98 -16.54 -39.14
C PHE D 497 23.24 -16.51 -40.00
N GLN D 498 23.97 -15.40 -39.89
CA GLN D 498 25.26 -15.27 -40.58
C GLN D 498 26.28 -14.72 -39.56
N PRO D 499 27.51 -15.28 -39.40
CA PRO D 499 28.46 -14.82 -38.38
C PRO D 499 28.83 -13.35 -38.50
N THR D 500 28.59 -12.73 -39.66
CA THR D 500 28.92 -11.33 -39.87
C THR D 500 27.78 -10.39 -39.48
N ASN D 501 26.65 -10.91 -39.01
CA ASN D 501 25.54 -10.06 -38.62
C ASN D 501 25.86 -9.33 -37.31
N GLY D 502 25.07 -8.29 -37.04
CA GLY D 502 25.20 -7.56 -35.79
C GLY D 502 24.60 -8.34 -34.62
N VAL D 503 24.74 -7.75 -33.44
CA VAL D 503 24.30 -8.39 -32.21
C VAL D 503 22.78 -8.56 -32.19
N GLY D 504 22.05 -7.64 -32.84
CA GLY D 504 20.60 -7.76 -32.89
C GLY D 504 20.12 -8.95 -33.69
N TYR D 505 20.96 -9.44 -34.60
CA TYR D 505 20.64 -10.61 -35.42
C TYR D 505 21.46 -11.84 -35.06
N GLN D 506 22.24 -11.78 -33.99
CA GLN D 506 23.01 -12.95 -33.56
C GLN D 506 22.09 -13.97 -32.91
N PRO D 507 22.42 -15.26 -32.97
CA PRO D 507 21.60 -16.28 -32.30
C PRO D 507 21.60 -16.10 -30.79
N TYR D 508 20.44 -16.30 -30.18
CA TYR D 508 20.29 -16.24 -28.72
C TYR D 508 19.48 -17.46 -28.29
N ARG D 509 20.18 -18.43 -27.73
CA ARG D 509 19.53 -19.63 -27.22
C ARG D 509 18.81 -19.32 -25.92
N VAL D 510 17.53 -19.67 -25.86
CA VAL D 510 16.68 -19.34 -24.72
C VAL D 510 16.11 -20.62 -24.14
N VAL D 511 16.31 -20.83 -22.84
CA VAL D 511 15.70 -21.92 -22.10
C VAL D 511 14.84 -21.31 -21.00
N VAL D 512 13.55 -21.62 -21.02
CA VAL D 512 12.59 -21.06 -20.08
C VAL D 512 12.15 -22.16 -19.14
N LEU D 513 12.37 -21.95 -17.84
CA LEU D 513 12.00 -22.91 -16.81
C LEU D 513 10.69 -22.47 -16.18
N SER D 514 9.68 -23.33 -16.23
CA SER D 514 8.38 -23.09 -15.62
C SER D 514 8.21 -24.04 -14.45
N PHE D 515 7.96 -23.51 -13.26
CA PHE D 515 7.86 -24.32 -12.06
C PHE D 515 6.90 -23.69 -11.05
N GLU D 516 6.27 -24.56 -10.27
CA GLU D 516 5.28 -24.16 -9.26
C GLU D 516 5.90 -24.27 -7.87
N LEU D 517 5.58 -23.31 -7.01
CA LEU D 517 6.25 -23.16 -5.72
C LEU D 517 5.37 -23.68 -4.59
N LEU D 518 5.72 -24.86 -4.07
CA LEU D 518 5.25 -25.35 -2.76
C LEU D 518 3.74 -25.62 -2.73
N HIS D 519 3.25 -26.34 -3.73
CA HIS D 519 1.89 -26.89 -3.71
C HIS D 519 1.83 -28.41 -3.76
N ALA D 520 2.97 -29.09 -3.81
CA ALA D 520 2.99 -30.53 -4.06
C ALA D 520 4.29 -31.08 -3.50
N PRO D 521 4.41 -32.41 -3.36
CA PRO D 521 5.72 -32.99 -3.04
C PRO D 521 6.75 -32.66 -4.10
N ALA D 522 7.98 -32.40 -3.65
CA ALA D 522 9.04 -31.86 -4.50
C ALA D 522 9.97 -32.97 -4.95
N THR D 523 10.19 -33.07 -6.26
CA THR D 523 11.11 -34.06 -6.79
C THR D 523 12.50 -33.48 -7.01
N VAL D 524 12.58 -32.22 -7.44
CA VAL D 524 13.83 -31.58 -7.84
C VAL D 524 14.01 -30.27 -7.07
N CYS D 525 15.22 -30.10 -6.50
CA CYS D 525 15.64 -28.83 -5.91
C CYS D 525 17.14 -28.81 -5.66
N GLY D 526 17.57 -27.78 -4.93
CA GLY D 526 18.92 -27.26 -5.02
C GLY D 526 19.97 -27.98 -4.21
N PRO D 527 21.14 -27.34 -4.08
CA PRO D 527 22.34 -28.03 -3.58
C PRO D 527 22.50 -28.05 -2.08
N LYS D 528 21.59 -27.45 -1.31
CA LYS D 528 21.75 -27.37 0.13
C LYS D 528 21.64 -28.75 0.78
N LYS D 529 22.54 -29.03 1.70
CA LYS D 529 22.66 -30.34 2.32
C LYS D 529 21.66 -30.47 3.47
N SER D 530 20.98 -31.61 3.51
CA SER D 530 20.02 -31.86 4.58
C SER D 530 20.73 -32.13 5.90
N THR D 531 20.05 -31.80 6.99
CA THR D 531 20.59 -32.01 8.33
C THR D 531 19.63 -32.83 9.18
N ASN D 532 19.93 -32.97 10.47
CA ASN D 532 19.09 -33.76 11.36
C ASN D 532 17.81 -33.01 11.73
N LEU D 533 16.85 -33.75 12.25
CA LEU D 533 15.57 -33.21 12.67
C LEU D 533 15.54 -33.15 14.19
N VAL D 534 15.33 -31.95 14.73
CA VAL D 534 15.27 -31.74 16.18
C VAL D 534 13.81 -31.50 16.52
N LYS D 535 13.15 -32.52 17.05
CA LYS D 535 11.73 -32.44 17.38
C LYS D 535 11.53 -31.83 18.76
N ASN D 536 10.40 -31.15 18.93
CA ASN D 536 9.97 -30.55 20.19
C ASN D 536 10.99 -29.55 20.72
N LYS D 537 11.57 -28.74 19.83
CA LYS D 537 12.46 -27.67 20.21
C LYS D 537 12.28 -26.49 19.27
N CYS D 538 12.56 -25.30 19.76
CA CYS D 538 12.51 -24.09 18.95
C CYS D 538 13.74 -24.03 18.07
N VAL D 539 13.55 -24.09 16.75
CA VAL D 539 14.65 -24.21 15.81
C VAL D 539 14.20 -23.62 14.48
N ASN D 540 15.14 -22.97 13.77
CA ASN D 540 14.90 -22.56 12.40
C ASN D 540 14.78 -23.80 11.52
N PHE D 541 13.66 -23.94 10.82
CA PHE D 541 13.41 -25.13 10.03
C PHE D 541 13.35 -24.77 8.55
N ASN D 542 13.60 -25.78 7.70
CA ASN D 542 13.48 -25.62 6.25
C ASN D 542 12.96 -26.95 5.70
N PHE D 543 11.64 -27.06 5.57
CA PHE D 543 10.99 -28.27 5.07
C PHE D 543 10.56 -28.02 3.63
N ASN D 544 11.32 -28.60 2.68
CA ASN D 544 11.05 -28.51 1.24
C ASN D 544 10.95 -27.06 0.77
N GLY D 545 11.83 -26.20 1.28
CA GLY D 545 11.84 -24.81 0.93
C GLY D 545 11.01 -23.90 1.80
N LEU D 546 10.26 -24.46 2.75
CA LEU D 546 9.42 -23.66 3.65
C LEU D 546 10.25 -23.26 4.87
N THR D 547 10.81 -22.06 4.85
CA THR D 547 11.67 -21.59 5.94
C THR D 547 10.83 -20.92 7.02
N GLY D 548 11.37 -20.91 8.23
CA GLY D 548 10.68 -20.28 9.35
C GLY D 548 11.27 -20.74 10.66
N THR D 549 10.70 -20.21 11.75
CA THR D 549 11.09 -20.60 13.10
C THR D 549 9.86 -21.06 13.86
N GLY D 550 10.03 -22.07 14.72
CA GLY D 550 8.92 -22.59 15.48
C GLY D 550 9.30 -23.89 16.17
N VAL D 551 8.31 -24.49 16.83
CA VAL D 551 8.48 -25.77 17.49
C VAL D 551 7.47 -26.77 16.92
N LEU D 552 7.99 -27.94 16.53
CA LEU D 552 7.20 -28.93 15.81
C LEU D 552 6.92 -30.13 16.71
N THR D 553 5.70 -30.64 16.63
CA THR D 553 5.26 -31.79 17.39
C THR D 553 4.79 -32.87 16.43
N GLU D 554 4.57 -34.07 16.97
CA GLU D 554 3.98 -35.14 16.18
C GLU D 554 2.48 -34.92 16.03
N SER D 555 1.97 -35.23 14.85
CA SER D 555 0.56 -34.98 14.52
C SER D 555 -0.12 -36.28 14.12
N ASN D 556 -1.43 -36.32 14.33
CA ASN D 556 -2.26 -37.46 13.96
C ASN D 556 -3.03 -37.25 12.66
N LYS D 557 -2.72 -36.19 11.93
CA LYS D 557 -3.41 -35.92 10.67
C LYS D 557 -3.02 -36.93 9.61
N LYS D 558 -3.88 -37.07 8.60
CA LYS D 558 -3.64 -37.95 7.45
C LYS D 558 -3.60 -37.10 6.19
N PHE D 559 -2.57 -37.30 5.38
CA PHE D 559 -2.38 -36.52 4.16
C PHE D 559 -2.68 -37.36 2.93
N LEU D 560 -3.39 -36.75 1.99
CA LEU D 560 -3.58 -37.38 0.69
C LEU D 560 -2.25 -37.42 -0.07
N PRO D 561 -2.08 -38.39 -0.98
CA PRO D 561 -0.77 -38.52 -1.67
C PRO D 561 -0.39 -37.33 -2.54
N PHE D 562 -1.35 -36.51 -2.96
CA PHE D 562 -1.06 -35.32 -3.73
C PHE D 562 -0.95 -34.07 -2.86
N GLN D 563 -1.03 -34.22 -1.54
CA GLN D 563 -0.97 -33.11 -0.60
C GLN D 563 0.31 -33.21 0.22
N GLN D 564 1.11 -32.14 0.22
CA GLN D 564 2.31 -32.06 1.03
C GLN D 564 2.24 -30.99 2.10
N PHE D 565 1.58 -29.87 1.83
CA PHE D 565 1.50 -28.75 2.76
C PHE D 565 0.05 -28.55 3.16
N GLY D 566 -0.20 -28.45 4.46
CA GLY D 566 -1.55 -28.32 4.96
C GLY D 566 -1.77 -26.98 5.66
N ARG D 567 -3.01 -26.49 5.57
CA ARG D 567 -3.43 -25.26 6.24
C ARG D 567 -4.81 -25.49 6.83
N ASP D 568 -4.97 -25.21 8.13
CA ASP D 568 -6.30 -25.21 8.71
C ASP D 568 -7.04 -23.91 8.41
N ILE D 569 -6.39 -22.77 8.62
CA ILE D 569 -7.02 -21.47 8.44
C ILE D 569 -6.34 -20.61 7.38
N ALA D 570 -5.51 -21.19 6.53
CA ALA D 570 -5.00 -20.67 5.26
C ALA D 570 -4.05 -19.48 5.38
N ASP D 571 -3.52 -19.16 6.56
CA ASP D 571 -2.44 -18.18 6.67
C ASP D 571 -1.20 -18.74 7.32
N THR D 572 -1.32 -19.82 8.09
CA THR D 572 -0.17 -20.51 8.66
C THR D 572 -0.24 -21.97 8.24
N THR D 573 0.92 -22.53 7.88
CA THR D 573 1.03 -23.95 7.54
C THR D 573 1.01 -24.72 8.86
N ASP D 574 -0.11 -25.41 9.12
CA ASP D 574 -0.25 -26.12 10.38
C ASP D 574 0.71 -27.31 10.45
N ALA D 575 0.82 -28.07 9.36
CA ALA D 575 1.56 -29.32 9.34
C ALA D 575 2.31 -29.45 8.03
N VAL D 576 3.43 -30.16 8.09
CA VAL D 576 4.26 -30.43 6.91
C VAL D 576 4.52 -31.94 6.88
N ARG D 577 4.80 -32.47 5.70
CA ARG D 577 5.28 -33.83 5.58
C ARG D 577 6.79 -33.79 5.39
N ASP D 578 7.52 -34.46 6.29
CA ASP D 578 8.97 -34.47 6.22
C ASP D 578 9.43 -35.19 4.97
N PRO D 579 10.41 -34.66 4.23
CA PRO D 579 10.80 -35.29 2.96
C PRO D 579 11.47 -36.63 3.11
N GLN D 580 12.24 -36.85 4.18
CA GLN D 580 12.94 -38.12 4.35
C GLN D 580 12.03 -39.18 4.95
N THR D 581 11.50 -38.93 6.15
CA THR D 581 10.57 -39.84 6.80
C THR D 581 9.14 -39.38 6.52
N LEU D 582 8.28 -40.31 6.10
CA LEU D 582 6.92 -39.97 5.69
C LEU D 582 5.98 -39.61 6.86
N GLU D 583 6.45 -39.48 8.09
CA GLU D 583 5.60 -39.06 9.19
C GLU D 583 5.22 -37.59 9.02
N ILE D 584 4.04 -37.25 9.54
CA ILE D 584 3.49 -35.90 9.43
C ILE D 584 3.73 -35.17 10.74
N LEU D 585 4.41 -34.04 10.65
CA LEU D 585 4.78 -33.23 11.82
C LEU D 585 4.05 -31.90 11.71
N ASP D 586 3.30 -31.53 12.75
CA ASP D 586 2.59 -30.25 12.74
C ASP D 586 3.46 -29.20 13.42
N ILE D 587 3.64 -28.07 12.74
CA ILE D 587 4.53 -27.02 13.24
C ILE D 587 3.72 -25.97 13.98
N THR D 588 4.15 -25.65 15.20
CA THR D 588 3.58 -24.59 16.01
C THR D 588 4.64 -23.52 16.24
N PRO D 589 4.23 -22.27 16.41
CA PRO D 589 5.22 -21.20 16.58
C PRO D 589 5.96 -21.30 17.91
N CYS D 590 7.15 -20.67 17.94
CA CYS D 590 8.11 -20.89 19.02
C CYS D 590 7.61 -20.33 20.34
N SER D 591 7.12 -19.09 20.34
CA SER D 591 6.71 -18.41 21.55
C SER D 591 5.19 -18.33 21.61
N PHE D 592 4.63 -18.84 22.70
CA PHE D 592 3.18 -18.86 22.89
C PHE D 592 2.88 -18.95 24.37
N GLY D 593 1.60 -19.10 24.70
CA GLY D 593 1.14 -19.15 26.06
C GLY D 593 0.53 -17.85 26.57
N GLY D 594 0.90 -16.72 25.99
CA GLY D 594 0.35 -15.44 26.36
C GLY D 594 0.67 -15.02 27.79
N VAL D 595 1.94 -14.74 28.07
CA VAL D 595 2.34 -14.38 29.42
C VAL D 595 1.83 -12.98 29.75
N SER D 596 1.32 -12.81 30.97
CA SER D 596 0.85 -11.53 31.47
C SER D 596 1.57 -11.22 32.77
N VAL D 597 2.00 -9.97 32.92
CA VAL D 597 2.80 -9.55 34.06
C VAL D 597 1.95 -8.70 34.98
N ILE D 598 1.68 -9.19 36.19
CA ILE D 598 1.01 -8.42 37.22
C ILE D 598 2.09 -7.74 38.06
N THR D 599 1.94 -6.44 38.29
CA THR D 599 2.97 -5.67 38.97
C THR D 599 2.37 -4.47 39.67
N PRO D 600 3.02 -3.99 40.74
CA PRO D 600 2.72 -2.64 41.23
C PRO D 600 3.48 -1.61 40.42
N GLY D 601 3.41 -0.34 40.82
CA GLY D 601 4.11 0.70 40.10
C GLY D 601 5.62 0.57 40.22
N THR D 602 6.32 1.08 39.22
CA THR D 602 7.78 1.12 39.25
C THR D 602 8.28 1.97 40.42
N ASN D 603 7.55 3.04 40.75
CA ASN D 603 7.85 3.85 41.92
C ASN D 603 7.76 3.05 43.21
N THR D 604 6.90 2.03 43.25
CA THR D 604 6.72 1.25 44.47
C THR D 604 7.79 0.16 44.58
N SER D 605 7.84 -0.75 43.60
CA SER D 605 8.75 -1.89 43.67
C SER D 605 9.04 -2.37 42.26
N ASN D 606 10.10 -3.17 42.13
CA ASN D 606 10.53 -3.71 40.85
C ASN D 606 10.35 -5.22 40.76
N GLN D 607 9.78 -5.86 41.77
CA GLN D 607 9.54 -7.30 41.77
C GLN D 607 8.16 -7.58 41.20
N VAL D 608 8.09 -8.50 40.23
CA VAL D 608 6.88 -8.74 39.46
C VAL D 608 6.48 -10.20 39.61
N ALA D 609 5.28 -10.51 39.13
CA ALA D 609 4.77 -11.87 39.04
C ALA D 609 4.15 -12.05 37.66
N VAL D 610 4.13 -13.29 37.18
CA VAL D 610 3.70 -13.58 35.81
C VAL D 610 2.61 -14.64 35.84
N LEU D 611 1.68 -14.53 34.88
CA LEU D 611 0.66 -15.53 34.65
C LEU D 611 0.77 -15.99 33.21
N TYR D 612 0.81 -17.30 33.01
CA TYR D 612 0.80 -17.89 31.69
C TYR D 612 -0.62 -18.35 31.38
N GLN D 613 -1.24 -17.74 30.38
CA GLN D 613 -2.67 -17.90 30.15
C GLN D 613 -3.00 -19.28 29.59
N ASP D 614 -3.98 -19.94 30.23
CA ASP D 614 -4.60 -21.18 29.72
C ASP D 614 -3.61 -22.31 29.56
N VAL D 615 -2.63 -22.42 30.47
CA VAL D 615 -1.69 -23.54 30.47
C VAL D 615 -1.73 -24.19 31.85
N ASN D 616 -1.17 -25.40 31.91
CA ASN D 616 -1.02 -26.10 33.17
C ASN D 616 0.33 -25.79 33.79
N CYS D 617 0.39 -25.85 35.13
CA CYS D 617 1.62 -25.51 35.83
C CYS D 617 2.74 -26.51 35.60
N THR D 618 2.42 -27.77 35.31
CA THR D 618 3.44 -28.75 35.03
C THR D 618 4.04 -28.59 33.64
N GLU D 619 3.36 -27.92 32.73
CA GLU D 619 3.81 -27.74 31.36
C GLU D 619 4.38 -26.35 31.09
N VAL D 620 4.62 -25.56 32.14
CA VAL D 620 5.16 -24.21 31.94
C VAL D 620 6.57 -24.21 31.34
N PRO D 621 7.54 -25.00 31.84
CA PRO D 621 8.83 -25.06 31.13
C PRO D 621 8.73 -25.62 29.72
N VAL D 622 7.77 -26.51 29.47
CA VAL D 622 7.56 -27.01 28.11
C VAL D 622 6.97 -25.91 27.23
N ALA D 623 6.02 -25.15 27.75
CA ALA D 623 5.33 -24.16 26.94
C ALA D 623 6.22 -22.96 26.63
N ILE D 624 6.94 -22.44 27.64
CA ILE D 624 7.72 -21.23 27.44
C ILE D 624 9.15 -21.51 27.01
N HIS D 625 9.56 -22.78 26.96
CA HIS D 625 10.92 -23.21 26.60
C HIS D 625 11.96 -22.56 27.52
N ALA D 626 11.88 -22.92 28.80
CA ALA D 626 12.75 -22.33 29.82
C ALA D 626 14.22 -22.71 29.64
N ASP D 627 14.51 -23.78 28.90
CA ASP D 627 15.90 -24.15 28.67
C ASP D 627 16.61 -23.14 27.76
N GLN D 628 15.91 -22.55 26.82
CA GLN D 628 16.50 -21.58 25.90
C GLN D 628 16.48 -20.16 26.44
N LEU D 629 15.80 -19.91 27.55
CA LEU D 629 15.66 -18.56 28.07
C LEU D 629 16.85 -18.21 28.97
N THR D 630 16.90 -16.93 29.36
CA THR D 630 17.90 -16.46 30.30
C THR D 630 17.64 -17.05 31.68
N PRO D 631 18.67 -17.21 32.51
CA PRO D 631 18.45 -17.70 33.88
C PRO D 631 17.61 -16.77 34.75
N THR D 632 17.52 -15.48 34.41
CA THR D 632 16.58 -14.60 35.10
C THR D 632 15.14 -15.01 34.82
N TRP D 633 14.85 -15.40 33.57
CA TRP D 633 13.52 -15.89 33.22
C TRP D 633 13.24 -17.28 33.78
N ARG D 634 14.27 -18.03 34.16
CA ARG D 634 14.05 -19.35 34.75
C ARG D 634 13.54 -19.26 36.18
N VAL D 635 13.71 -18.11 36.84
CA VAL D 635 13.14 -17.92 38.16
C VAL D 635 11.61 -17.91 38.10
N TYR D 636 11.06 -17.28 37.07
CA TYR D 636 9.62 -17.24 36.86
C TYR D 636 9.10 -18.44 36.09
N SER D 637 9.95 -19.40 35.75
CA SER D 637 9.48 -20.63 35.12
C SER D 637 8.97 -21.62 36.15
N THR D 638 9.69 -21.77 37.27
CA THR D 638 9.29 -22.68 38.33
C THR D 638 9.87 -22.19 39.64
N GLY D 639 9.34 -22.72 40.73
CA GLY D 639 9.80 -22.32 42.05
C GLY D 639 8.85 -22.83 43.11
N SER D 640 8.99 -22.25 44.31
CA SER D 640 8.13 -22.64 45.43
C SER D 640 6.74 -22.03 45.29
N ASN D 641 6.66 -20.79 44.79
CA ASN D 641 5.39 -20.08 44.66
C ASN D 641 4.70 -20.51 43.37
N VAL D 642 4.01 -21.65 43.44
CA VAL D 642 3.25 -22.19 42.33
C VAL D 642 1.77 -22.17 42.69
N PHE D 643 0.97 -21.46 41.89
CA PHE D 643 -0.47 -21.41 42.08
C PHE D 643 -1.14 -21.70 40.74
N GLN D 644 -2.07 -22.65 40.73
CA GLN D 644 -2.78 -23.04 39.53
C GLN D 644 -4.21 -22.48 39.59
N THR D 645 -4.54 -21.63 38.63
CA THR D 645 -5.88 -21.05 38.51
C THR D 645 -6.53 -21.54 37.23
N ARG D 646 -7.83 -21.26 37.12
CA ARG D 646 -8.56 -21.59 35.89
C ARG D 646 -8.11 -20.70 34.75
N ALA D 647 -7.70 -19.46 35.04
CA ALA D 647 -7.18 -18.57 34.02
C ALA D 647 -5.82 -19.04 33.51
N GLY D 648 -5.00 -19.61 34.38
CA GLY D 648 -3.70 -20.10 33.97
C GLY D 648 -2.84 -20.41 35.17
N CYS D 649 -1.55 -20.62 34.91
CA CYS D 649 -0.58 -20.90 35.95
C CYS D 649 0.10 -19.59 36.34
N LEU D 650 0.14 -19.31 37.63
CA LEU D 650 0.67 -18.06 38.15
C LEU D 650 1.96 -18.35 38.91
N ILE D 651 3.04 -17.67 38.54
CA ILE D 651 4.34 -17.83 39.17
C ILE D 651 4.84 -16.44 39.59
N GLY D 652 5.30 -16.34 40.83
CA GLY D 652 5.90 -15.11 41.32
C GLY D 652 5.18 -14.44 42.46
N ALA D 653 4.08 -15.01 42.95
CA ALA D 653 3.32 -14.43 44.05
C ALA D 653 2.98 -15.50 45.07
N GLU D 654 2.79 -15.10 46.31
CA GLU D 654 2.50 -16.02 47.40
C GLU D 654 1.00 -16.09 47.64
N HIS D 655 0.44 -17.28 47.52
CA HIS D 655 -1.00 -17.48 47.72
C HIS D 655 -1.33 -17.42 49.21
N VAL D 656 -2.44 -16.78 49.54
CA VAL D 656 -2.92 -16.67 50.91
C VAL D 656 -4.38 -17.12 50.97
N ASN D 657 -4.73 -17.80 52.07
CA ASN D 657 -6.09 -18.33 52.20
C ASN D 657 -7.11 -17.25 52.51
N ASN D 658 -6.72 -16.24 53.27
CA ASN D 658 -7.64 -15.15 53.59
C ASN D 658 -7.89 -14.28 52.37
N SER D 659 -9.03 -13.60 52.37
CA SER D 659 -9.49 -12.82 51.23
C SER D 659 -9.71 -11.37 51.62
N TYR D 660 -9.38 -10.47 50.70
CA TYR D 660 -9.59 -9.03 50.87
C TYR D 660 -10.23 -8.48 49.60
N GLU D 661 -10.65 -7.22 49.66
CA GLU D 661 -11.06 -6.53 48.45
C GLU D 661 -9.85 -6.28 47.56
N CYS D 662 -10.00 -6.61 46.28
CA CYS D 662 -8.86 -6.67 45.38
C CYS D 662 -8.91 -5.54 44.36
N ASP D 663 -7.72 -5.06 43.96
CA ASP D 663 -7.56 -3.96 43.02
C ASP D 663 -6.91 -4.38 41.71
N ILE D 664 -6.22 -5.52 41.68
CA ILE D 664 -5.61 -6.02 40.45
C ILE D 664 -6.45 -7.18 39.94
N PRO D 665 -7.19 -7.01 38.84
CA PRO D 665 -8.02 -8.10 38.34
C PRO D 665 -7.23 -9.17 37.61
N ILE D 666 -7.06 -10.33 38.24
CA ILE D 666 -6.40 -11.45 37.58
C ILE D 666 -7.40 -12.24 36.74
N GLY D 667 -8.52 -12.64 37.35
CA GLY D 667 -9.49 -13.46 36.66
C GLY D 667 -9.67 -14.81 37.31
N ALA D 668 -10.79 -15.47 36.99
CA ALA D 668 -11.15 -16.79 37.51
C ALA D 668 -11.18 -16.82 39.04
N GLY D 669 -11.71 -15.75 39.63
CA GLY D 669 -11.86 -15.66 41.06
C GLY D 669 -10.61 -15.33 41.84
N ILE D 670 -9.52 -14.97 41.16
CA ILE D 670 -8.25 -14.67 41.81
C ILE D 670 -7.94 -13.19 41.58
N CYS D 671 -7.31 -12.56 42.58
CA CYS D 671 -6.87 -11.18 42.47
C CYS D 671 -5.45 -11.06 43.02
N ALA D 672 -4.87 -9.87 42.87
CA ALA D 672 -3.52 -9.60 43.32
C ALA D 672 -3.45 -8.31 44.11
N SER D 673 -2.48 -8.25 45.02
CA SER D 673 -2.20 -7.05 45.79
C SER D 673 -0.76 -7.13 46.28
N TYR D 674 -0.22 -5.98 46.69
CA TYR D 674 1.16 -5.89 47.17
C TYR D 674 1.15 -5.44 48.63
N GLN D 675 0.95 -6.40 49.53
CA GLN D 675 0.98 -6.17 50.97
C GLN D 675 1.04 -7.51 51.68
N THR D 676 1.98 -7.64 52.60
CA THR D 676 2.10 -8.86 53.42
C THR D 676 2.89 -8.57 54.69
N SER D 689 9.00 -9.74 54.83
CA SER D 689 9.21 -8.56 54.00
C SER D 689 7.92 -8.12 53.34
N GLN D 690 8.03 -7.61 52.11
CA GLN D 690 6.88 -7.19 51.32
C GLN D 690 6.92 -7.90 49.98
N SER D 691 5.84 -8.59 49.63
CA SER D 691 5.78 -9.38 48.41
C SER D 691 4.37 -9.32 47.83
N ILE D 692 4.28 -9.64 46.54
CA ILE D 692 2.98 -9.69 45.87
C ILE D 692 2.24 -10.92 46.33
N ILE D 693 0.97 -10.74 46.72
CA ILE D 693 0.12 -11.82 47.20
C ILE D 693 -1.00 -12.04 46.21
N ALA D 694 -1.51 -13.28 46.17
CA ALA D 694 -2.66 -13.63 45.35
C ALA D 694 -3.69 -14.34 46.23
N TYR D 695 -4.95 -13.92 46.09
CA TYR D 695 -6.01 -14.44 46.95
C TYR D 695 -7.31 -14.50 46.15
N THR D 696 -8.29 -15.19 46.71
CA THR D 696 -9.63 -15.19 46.16
C THR D 696 -10.31 -13.86 46.45
N MET D 697 -11.15 -13.42 45.52
CA MET D 697 -11.85 -12.15 45.68
C MET D 697 -12.86 -12.26 46.81
N SER D 698 -12.86 -11.27 47.70
CA SER D 698 -13.74 -11.27 48.87
C SER D 698 -15.19 -11.09 48.43
N LEU D 699 -16.03 -12.07 48.78
CA LEU D 699 -17.44 -11.99 48.41
C LEU D 699 -18.16 -10.90 49.20
N GLY D 700 -17.79 -10.69 50.46
CA GLY D 700 -18.40 -9.65 51.24
C GLY D 700 -18.23 -9.91 52.72
N ALA D 701 -18.97 -9.13 53.51
CA ALA D 701 -18.97 -9.29 54.95
C ALA D 701 -19.72 -10.55 55.33
N GLU D 702 -19.10 -11.39 56.16
CA GLU D 702 -19.69 -12.66 56.57
C GLU D 702 -20.45 -12.47 57.87
N ASN D 703 -21.78 -12.60 57.80
CA ASN D 703 -22.62 -12.48 58.98
C ASN D 703 -23.89 -13.30 58.77
N SER D 704 -24.58 -13.57 59.87
CA SER D 704 -25.80 -14.37 59.83
C SER D 704 -26.93 -13.61 60.51
N VAL D 705 -28.15 -13.92 60.09
CA VAL D 705 -29.36 -13.29 60.59
C VAL D 705 -30.35 -14.37 60.99
N ALA D 706 -31.05 -14.15 62.09
CA ALA D 706 -31.99 -15.13 62.64
C ALA D 706 -33.41 -14.74 62.23
N TYR D 707 -34.08 -15.61 61.48
CA TYR D 707 -35.43 -15.36 61.00
C TYR D 707 -36.44 -16.12 61.84
N SER D 708 -37.53 -15.45 62.20
CA SER D 708 -38.63 -16.07 62.89
C SER D 708 -39.93 -15.40 62.42
N ASN D 709 -41.04 -16.10 62.61
CA ASN D 709 -42.31 -15.58 62.08
C ASN D 709 -42.92 -14.49 62.94
N ASN D 710 -42.37 -14.22 64.13
CA ASN D 710 -42.91 -13.19 65.01
C ASN D 710 -41.82 -12.39 65.69
N SER D 711 -40.67 -12.22 65.04
CA SER D 711 -39.56 -11.47 65.60
C SER D 711 -39.15 -10.37 64.64
N ILE D 712 -38.95 -9.17 65.19
CA ILE D 712 -38.53 -8.01 64.41
C ILE D 712 -37.39 -7.32 65.18
N ALA D 713 -36.44 -6.79 64.41
CA ALA D 713 -35.31 -6.05 64.98
C ALA D 713 -35.46 -4.58 64.61
N ILE D 714 -35.48 -3.72 65.61
CA ILE D 714 -35.62 -2.28 65.44
C ILE D 714 -34.40 -1.61 66.04
N PRO D 715 -33.72 -0.73 65.31
CA PRO D 715 -32.57 -0.02 65.89
C PRO D 715 -32.99 0.92 67.01
N THR D 716 -32.14 1.02 68.01
CA THR D 716 -32.34 1.95 69.12
C THR D 716 -31.39 3.14 69.05
N ASN D 717 -30.50 3.18 68.07
CA ASN D 717 -29.54 4.27 67.94
C ASN D 717 -29.16 4.39 66.47
N PHE D 718 -28.38 5.40 66.15
CA PHE D 718 -27.99 5.66 64.77
C PHE D 718 -26.71 6.45 64.74
N THR D 719 -25.94 6.25 63.67
CA THR D 719 -24.73 7.01 63.40
C THR D 719 -24.86 7.71 62.06
N ILE D 720 -24.61 9.01 62.05
CA ILE D 720 -24.64 9.81 60.83
C ILE D 720 -23.24 9.73 60.23
N SER D 721 -23.11 9.03 59.11
CA SER D 721 -21.82 8.82 58.47
C SER D 721 -21.80 9.57 57.14
N VAL D 722 -20.72 10.30 56.91
CA VAL D 722 -20.50 11.02 55.65
C VAL D 722 -19.52 10.22 54.82
N THR D 723 -19.97 9.72 53.68
CA THR D 723 -19.14 8.95 52.77
C THR D 723 -18.92 9.76 51.50
N THR D 724 -17.69 9.70 50.99
CA THR D 724 -17.30 10.45 49.81
C THR D 724 -17.15 9.48 48.64
N GLU D 725 -17.31 10.01 47.42
CA GLU D 725 -17.05 9.25 46.20
C GLU D 725 -16.33 10.17 45.23
N ILE D 726 -15.44 9.59 44.44
CA ILE D 726 -14.71 10.32 43.40
C ILE D 726 -15.13 9.74 42.06
N LEU D 727 -15.62 10.59 41.18
CA LEU D 727 -16.23 10.06 39.97
C LEU D 727 -15.91 10.97 38.79
N PRO D 728 -15.43 10.42 37.68
CA PRO D 728 -14.94 11.25 36.57
C PRO D 728 -16.07 11.98 35.86
N VAL D 729 -15.70 13.09 35.21
CA VAL D 729 -16.62 13.89 34.41
C VAL D 729 -16.07 14.14 33.01
N SER D 730 -14.82 14.56 32.91
CA SER D 730 -14.24 14.98 31.64
C SER D 730 -12.84 14.42 31.48
N MET D 731 -12.34 14.49 30.25
CA MET D 731 -10.96 14.19 29.93
C MET D 731 -10.33 15.38 29.21
N THR D 732 -9.11 15.19 28.75
CA THR D 732 -8.38 16.28 28.10
C THR D 732 -8.99 16.59 26.74
N LYS D 733 -9.23 17.88 26.50
CA LYS D 733 -9.82 18.35 25.24
C LYS D 733 -8.71 18.59 24.23
N THR D 734 -8.65 17.76 23.19
CA THR D 734 -7.52 17.74 22.26
C THR D 734 -8.00 18.02 20.85
N SER D 735 -7.06 18.49 20.02
CA SER D 735 -7.30 18.75 18.61
C SER D 735 -5.99 18.55 17.86
N VAL D 736 -6.09 18.37 16.55
CA VAL D 736 -4.95 18.05 15.71
C VAL D 736 -4.88 19.03 14.54
N ASP D 737 -3.68 19.45 14.19
CA ASP D 737 -3.45 20.28 13.02
C ASP D 737 -3.09 19.38 11.85
N CYS D 738 -3.82 19.51 10.74
CA CYS D 738 -3.66 18.58 9.63
C CYS D 738 -2.37 18.83 8.85
N THR D 739 -2.04 20.10 8.62
CA THR D 739 -0.86 20.43 7.82
C THR D 739 0.42 20.11 8.56
N MET D 740 0.45 20.35 9.87
CA MET D 740 1.61 19.97 10.66
C MET D 740 1.68 18.46 10.86
N TYR D 741 0.58 17.75 10.65
CA TYR D 741 0.62 16.30 10.76
C TYR D 741 1.16 15.66 9.49
N ILE D 742 0.59 16.02 8.34
CA ILE D 742 0.86 15.32 7.09
C ILE D 742 2.04 15.97 6.39
N CYS D 743 1.91 17.27 6.08
CA CYS D 743 2.98 17.98 5.39
C CYS D 743 4.18 18.17 6.30
N GLY D 744 3.96 18.66 7.51
CA GLY D 744 5.07 19.00 8.38
C GLY D 744 5.78 20.22 7.83
N ASP D 745 7.00 19.99 7.33
CA ASP D 745 7.76 21.01 6.62
C ASP D 745 8.17 20.55 5.22
N SER D 746 7.28 19.87 4.52
CA SER D 746 7.58 19.33 3.20
C SER D 746 7.67 20.45 2.17
N THR D 747 8.48 20.22 1.13
CA THR D 747 8.65 21.24 0.09
C THR D 747 7.43 21.29 -0.83
N GLU D 748 6.66 20.21 -0.90
CA GLU D 748 5.37 20.19 -1.57
C GLU D 748 4.32 19.85 -0.51
N CYS D 749 3.26 20.65 -0.45
CA CYS D 749 2.21 20.41 0.54
C CYS D 749 0.81 20.44 -0.05
N SER D 750 0.57 21.32 -1.02
CA SER D 750 -0.78 21.48 -1.56
C SER D 750 -1.21 20.25 -2.35
N ASN D 751 -0.28 19.61 -3.05
CA ASN D 751 -0.59 18.34 -3.69
C ASN D 751 -0.89 17.28 -2.64
N LEU D 752 -0.09 17.22 -1.58
CA LEU D 752 -0.32 16.26 -0.51
C LEU D 752 -1.62 16.54 0.21
N LEU D 753 -1.94 17.83 0.41
CA LEU D 753 -3.23 18.20 0.98
C LEU D 753 -4.38 17.75 0.10
N LEU D 754 -4.31 18.06 -1.21
CA LEU D 754 -5.41 17.75 -2.11
C LEU D 754 -5.58 16.24 -2.32
N GLN D 755 -4.53 15.47 -2.04
CA GLN D 755 -4.66 14.02 -2.19
C GLN D 755 -5.01 13.29 -0.89
N TYR D 756 -4.55 13.75 0.27
CA TYR D 756 -4.75 13.00 1.51
C TYR D 756 -5.11 13.83 2.74
N GLY D 757 -5.58 15.07 2.59
CA GLY D 757 -5.92 15.84 3.77
C GLY D 757 -7.39 15.77 4.11
N SER D 758 -8.19 15.16 3.22
CA SER D 758 -9.62 15.06 3.46
C SER D 758 -9.93 14.02 4.54
N PHE D 759 -9.13 12.95 4.62
CA PHE D 759 -9.19 12.04 5.75
C PHE D 759 -8.90 12.77 7.06
N CYS D 760 -7.87 13.62 7.05
CA CYS D 760 -7.54 14.38 8.25
C CYS D 760 -8.62 15.40 8.58
N THR D 761 -9.27 15.96 7.56
CA THR D 761 -10.39 16.87 7.81
C THR D 761 -11.56 16.16 8.46
N GLN D 762 -11.87 14.95 7.98
CA GLN D 762 -12.93 14.15 8.61
C GLN D 762 -12.58 13.78 10.05
N LEU D 763 -11.32 13.37 10.28
CA LEU D 763 -10.93 12.96 11.62
C LEU D 763 -10.82 14.16 12.56
N ASN D 764 -10.46 15.32 12.03
CA ASN D 764 -10.45 16.55 12.82
C ASN D 764 -11.87 16.97 13.16
N ARG D 765 -12.82 16.73 12.23
CA ARG D 765 -14.23 16.95 12.53
C ARG D 765 -14.70 16.03 13.65
N ALA D 766 -14.22 14.78 13.63
CA ALA D 766 -14.54 13.85 14.72
C ALA D 766 -13.99 14.33 16.06
N LEU D 767 -12.75 14.82 16.06
CA LEU D 767 -12.17 15.37 17.29
C LEU D 767 -12.90 16.61 17.77
N THR D 768 -13.30 17.48 16.85
CA THR D 768 -14.06 18.68 17.23
C THR D 768 -15.42 18.31 17.79
N GLY D 769 -16.07 17.29 17.22
CA GLY D 769 -17.31 16.79 17.78
C GLY D 769 -17.13 16.22 19.19
N ILE D 770 -16.04 15.49 19.40
CA ILE D 770 -15.73 14.97 20.73
C ILE D 770 -15.49 16.11 21.72
N ALA D 771 -14.81 17.17 21.27
CA ALA D 771 -14.52 18.30 22.15
C ALA D 771 -15.79 19.06 22.54
N VAL D 772 -16.66 19.33 21.57
CA VAL D 772 -17.92 20.03 21.85
C VAL D 772 -18.80 19.15 22.73
N GLU D 773 -18.79 17.84 22.48
CA GLU D 773 -19.46 16.88 23.34
C GLU D 773 -18.96 16.94 24.77
N GLN D 774 -17.64 17.08 24.95
CA GLN D 774 -17.08 17.10 26.29
C GLN D 774 -17.46 18.39 27.02
N ASP D 775 -17.45 19.51 26.30
CA ASP D 775 -17.86 20.77 26.88
C ASP D 775 -19.34 20.75 27.27
N LYS D 776 -20.19 20.14 26.44
CA LYS D 776 -21.60 20.00 26.79
C LYS D 776 -21.80 19.03 27.95
N ASN D 777 -20.90 18.06 28.09
CA ASN D 777 -20.93 17.17 29.25
C ASN D 777 -20.69 17.95 30.54
N THR D 778 -19.65 18.80 30.53
CA THR D 778 -19.37 19.66 31.68
C THR D 778 -20.54 20.60 31.97
N GLN D 779 -21.15 21.13 30.90
CA GLN D 779 -22.32 21.98 31.01
C GLN D 779 -23.48 21.26 31.69
N GLU D 780 -23.77 20.02 31.27
CA GLU D 780 -24.95 19.35 31.79
C GLU D 780 -24.70 18.77 33.18
N VAL D 781 -23.43 18.62 33.58
CA VAL D 781 -23.20 18.08 34.93
C VAL D 781 -23.11 19.21 35.95
N PHE D 782 -22.59 20.38 35.56
CA PHE D 782 -22.38 21.44 36.55
C PHE D 782 -23.37 22.59 36.47
N ALA D 783 -24.10 22.74 35.37
CA ALA D 783 -24.99 23.88 35.18
C ALA D 783 -26.45 23.45 35.08
N GLN D 784 -26.90 22.57 35.97
CA GLN D 784 -28.30 22.13 35.95
C GLN D 784 -29.24 23.27 36.30
N VAL D 785 -28.89 24.07 37.31
CA VAL D 785 -29.67 25.25 37.70
C VAL D 785 -28.75 26.46 37.54
N LYS D 786 -29.17 27.40 36.70
CA LYS D 786 -28.39 28.60 36.44
C LYS D 786 -28.89 29.75 37.32
N GLN D 787 -28.61 29.60 38.62
CA GLN D 787 -28.90 30.64 39.59
C GLN D 787 -27.69 30.79 40.50
N ILE D 788 -27.24 32.03 40.69
CA ILE D 788 -26.07 32.32 41.49
C ILE D 788 -26.54 32.90 42.82
N TYR D 789 -26.44 32.10 43.88
CA TYR D 789 -26.71 32.56 45.24
C TYR D 789 -25.37 32.78 45.94
N LYS D 790 -25.18 33.99 46.46
CA LYS D 790 -23.96 34.30 47.19
C LYS D 790 -23.94 33.52 48.51
N THR D 791 -22.75 33.05 48.88
CA THR D 791 -22.61 32.30 50.12
C THR D 791 -22.80 33.22 51.31
N PRO D 792 -23.75 32.92 52.21
CA PRO D 792 -23.92 33.76 53.39
C PRO D 792 -22.75 33.60 54.33
N PRO D 793 -22.48 34.60 55.18
CA PRO D 793 -21.52 34.40 56.26
C PRO D 793 -21.99 33.30 57.19
N ILE D 794 -21.04 32.55 57.74
CA ILE D 794 -21.39 31.35 58.49
C ILE D 794 -22.04 31.75 59.81
N LYS D 795 -23.37 31.69 59.85
CA LYS D 795 -24.15 32.08 61.02
C LYS D 795 -25.32 31.12 61.15
N ASP D 796 -25.42 30.46 62.30
CA ASP D 796 -26.65 29.80 62.77
C ASP D 796 -27.06 28.65 61.85
N PHE D 797 -26.10 27.77 61.57
CA PHE D 797 -26.39 26.53 60.85
C PHE D 797 -26.78 25.38 61.77
N GLY D 798 -27.22 25.66 62.99
CA GLY D 798 -27.66 24.64 63.91
C GLY D 798 -26.56 23.81 64.54
N GLY D 799 -25.33 24.32 64.57
CA GLY D 799 -24.21 23.59 65.10
C GLY D 799 -23.38 22.84 64.08
N PHE D 800 -23.90 22.67 62.87
CA PHE D 800 -23.14 22.03 61.81
C PHE D 800 -22.06 22.97 61.30
N ASN D 801 -20.87 22.44 61.09
CA ASN D 801 -19.72 23.23 60.67
C ASN D 801 -19.50 23.02 59.17
N PHE D 802 -19.93 23.99 58.37
CA PHE D 802 -19.76 23.96 56.93
C PHE D 802 -18.63 24.88 56.46
N SER D 803 -17.71 25.26 57.36
CA SER D 803 -16.67 26.21 57.01
C SER D 803 -15.65 25.60 56.06
N GLN D 804 -15.57 24.27 56.02
CA GLN D 804 -14.58 23.62 55.16
C GLN D 804 -15.08 23.51 53.73
N ILE D 805 -16.34 23.12 53.54
CA ILE D 805 -16.84 22.88 52.19
C ILE D 805 -17.24 24.19 51.52
N LEU D 806 -17.61 25.20 52.31
CA LEU D 806 -17.89 26.50 51.73
C LEU D 806 -16.59 27.24 51.42
N PRO D 807 -16.57 28.08 50.39
CA PRO D 807 -15.37 28.84 50.08
C PRO D 807 -15.03 29.83 51.19
N ASP D 808 -13.74 29.99 51.43
CA ASP D 808 -13.27 30.91 52.47
C ASP D 808 -13.27 32.34 51.94
N PRO D 809 -13.97 33.28 52.57
CA PRO D 809 -13.95 34.67 52.09
C PRO D 809 -12.60 35.35 52.25
N SER D 810 -11.74 34.84 53.15
CA SER D 810 -10.42 35.43 53.34
C SER D 810 -9.55 35.24 52.11
N LYS D 811 -9.56 34.04 51.53
CA LYS D 811 -8.78 33.79 50.33
C LYS D 811 -9.44 34.44 49.12
N PRO D 812 -8.69 35.19 48.31
CA PRO D 812 -9.27 35.72 47.07
C PRO D 812 -9.68 34.63 46.10
N SER D 813 -8.97 33.50 46.10
CA SER D 813 -9.40 32.36 45.30
C SER D 813 -10.67 31.77 45.89
N LYS D 814 -11.59 31.36 45.00
CA LYS D 814 -12.90 30.91 45.45
C LYS D 814 -12.96 29.41 45.70
N ARG D 815 -11.83 28.71 45.60
CA ARG D 815 -11.77 27.30 45.96
C ARG D 815 -11.89 27.15 47.46
N SER D 816 -12.64 26.14 47.90
CA SER D 816 -12.73 25.85 49.32
C SER D 816 -11.61 24.90 49.73
N PHE D 817 -11.62 24.48 51.00
CA PHE D 817 -10.49 23.74 51.56
C PHE D 817 -10.45 22.31 51.01
N ILE D 818 -11.60 21.65 50.95
CA ILE D 818 -11.65 20.25 50.52
C ILE D 818 -11.27 20.13 49.05
N GLU D 819 -11.80 21.01 48.20
CA GLU D 819 -11.46 20.96 46.78
C GLU D 819 -10.03 21.43 46.53
N ASP D 820 -9.49 22.24 47.45
CA ASP D 820 -8.06 22.56 47.39
C ASP D 820 -7.21 21.32 47.61
N LEU D 821 -7.58 20.50 48.60
CA LEU D 821 -6.86 19.23 48.80
C LEU D 821 -7.08 18.27 47.65
N LEU D 822 -8.27 18.29 47.04
CA LEU D 822 -8.51 17.47 45.85
C LEU D 822 -7.64 17.92 44.68
N PHE D 823 -7.46 19.24 44.53
CA PHE D 823 -6.60 19.75 43.46
C PHE D 823 -5.14 19.42 43.71
N ASN D 824 -4.70 19.51 44.97
CA ASN D 824 -3.30 19.24 45.27
C ASN D 824 -2.98 17.74 45.22
N LYS D 825 -3.97 16.90 45.50
CA LYS D 825 -3.72 15.46 45.53
C LYS D 825 -3.52 14.90 44.12
N VAL D 826 -4.21 15.45 43.13
CA VAL D 826 -4.06 15.02 41.75
C VAL D 826 -2.99 15.87 41.10
N THR D 827 -1.87 15.23 40.74
CA THR D 827 -0.78 15.89 40.03
C THR D 827 -0.86 15.53 38.56
N LEU D 828 -0.88 16.54 37.69
CA LEU D 828 -1.04 16.30 36.27
C LEU D 828 0.23 15.69 35.69
N ALA D 829 0.07 14.48 35.11
CA ALA D 829 1.14 13.72 34.46
C ALA D 829 2.30 13.45 35.42
N ASP D 830 2.02 12.67 36.46
CA ASP D 830 3.04 12.29 37.45
C ASP D 830 3.75 11.01 37.01
N ALA D 831 4.43 11.12 35.87
CA ALA D 831 5.16 10.00 35.27
C ALA D 831 6.37 10.55 34.54
N GLY D 832 6.95 9.73 33.66
CA GLY D 832 8.09 10.17 32.88
C GLY D 832 7.71 11.11 31.76
N PHE D 833 6.41 11.18 31.44
CA PHE D 833 5.96 12.05 30.35
C PHE D 833 6.06 13.53 30.71
N ILE D 834 6.10 13.87 31.99
CA ILE D 834 6.36 15.26 32.37
C ILE D 834 7.83 15.60 32.13
N LYS D 835 8.68 14.59 32.09
CA LYS D 835 10.07 14.82 31.68
C LYS D 835 10.21 14.81 30.17
N GLN D 836 9.36 14.04 29.48
CA GLN D 836 9.45 13.99 28.02
C GLN D 836 8.88 15.26 27.37
N TYR D 837 7.76 15.77 27.88
CA TYR D 837 7.08 16.88 27.23
C TYR D 837 7.07 18.16 28.06
N GLY D 838 7.60 18.14 29.28
CA GLY D 838 7.62 19.33 30.11
C GLY D 838 6.26 19.82 30.56
N ASP D 839 5.38 18.91 30.97
CA ASP D 839 4.03 19.15 31.51
C ASP D 839 3.10 19.80 30.48
N CYS D 840 3.48 19.85 29.20
CA CYS D 840 2.63 20.50 28.21
C CYS D 840 1.53 19.55 27.72
N LEU D 841 1.65 18.26 28.01
CA LEU D 841 0.67 17.29 27.57
C LEU D 841 -0.64 17.43 28.34
N GLY D 842 -0.56 17.87 29.60
CA GLY D 842 -1.76 18.18 30.34
C GLY D 842 -2.32 19.54 29.97
N ASP D 843 -3.59 19.74 30.35
CA ASP D 843 -4.27 21.01 30.07
C ASP D 843 -4.02 22.02 31.21
N ILE D 844 -2.77 22.47 31.28
CA ILE D 844 -2.38 23.43 32.31
C ILE D 844 -2.91 24.83 31.97
N ALA D 845 -3.29 25.04 30.70
CA ALA D 845 -3.82 26.26 30.09
C ALA D 845 -2.79 27.38 30.01
N ALA D 846 -1.56 27.18 30.50
CA ALA D 846 -0.48 28.14 30.35
C ALA D 846 0.65 27.59 29.50
N ARG D 847 0.39 26.54 28.73
CA ARG D 847 1.42 25.92 27.90
C ARG D 847 1.80 26.83 26.74
N ASP D 848 3.05 26.72 26.31
CA ASP D 848 3.55 27.51 25.20
C ASP D 848 3.35 26.77 23.89
N LEU D 849 3.65 27.48 22.79
CA LEU D 849 3.49 26.90 21.45
C LEU D 849 4.65 25.98 21.09
N ILE D 850 5.75 26.06 21.84
CA ILE D 850 6.86 25.14 21.65
C ILE D 850 6.43 23.72 22.00
N CYS D 851 5.51 23.58 22.95
CA CYS D 851 4.93 22.27 23.24
C CYS D 851 4.04 21.80 22.10
N ALA D 852 3.37 22.73 21.41
CA ALA D 852 2.52 22.37 20.28
C ALA D 852 3.34 21.88 19.11
N GLN D 853 4.46 22.53 18.81
CA GLN D 853 5.33 22.04 17.74
C GLN D 853 6.11 20.82 18.20
N LYS D 854 6.26 20.64 19.52
CA LYS D 854 6.84 19.42 20.05
C LYS D 854 5.95 18.21 19.76
N PHE D 855 4.64 18.40 19.84
CA PHE D 855 3.70 17.31 19.59
C PHE D 855 3.43 17.06 18.11
N ASN D 856 4.02 17.87 17.23
CA ASN D 856 3.89 17.75 15.77
C ASN D 856 2.43 17.85 15.33
N GLY D 857 1.81 18.99 15.62
CA GLY D 857 0.46 19.26 15.20
C GLY D 857 -0.62 18.96 16.23
N LEU D 858 -0.32 18.17 17.25
CA LEU D 858 -1.29 17.88 18.29
C LEU D 858 -1.35 19.04 19.28
N THR D 859 -2.57 19.51 19.54
CA THR D 859 -2.79 20.64 20.44
C THR D 859 -3.82 20.26 21.48
N VAL D 860 -3.73 20.90 22.64
CA VAL D 860 -4.69 20.71 23.72
C VAL D 860 -5.50 22.00 23.86
N LEU D 861 -6.78 21.91 23.55
CA LEU D 861 -7.66 23.06 23.69
C LEU D 861 -8.07 23.23 25.15
N PRO D 862 -8.09 24.44 25.68
CA PRO D 862 -8.57 24.67 27.04
C PRO D 862 -10.05 24.37 27.15
N PRO D 863 -10.53 23.96 28.31
CA PRO D 863 -11.96 23.65 28.46
C PRO D 863 -12.81 24.91 28.39
N LEU D 864 -14.09 24.71 28.08
CA LEU D 864 -15.02 25.83 27.96
C LEU D 864 -15.22 26.55 29.29
N LEU D 865 -15.28 25.81 30.38
CA LEU D 865 -15.54 26.38 31.70
C LEU D 865 -14.24 26.44 32.49
N THR D 866 -13.89 27.63 32.96
CA THR D 866 -12.74 27.81 33.82
C THR D 866 -12.99 27.13 35.16
N ASP D 867 -11.92 26.63 35.79
CA ASP D 867 -12.04 25.99 37.09
C ASP D 867 -12.57 26.96 38.15
N GLU D 868 -12.29 28.26 37.98
CA GLU D 868 -12.90 29.25 38.86
C GLU D 868 -14.41 29.29 38.68
N MET D 869 -14.89 29.16 37.44
CA MET D 869 -16.33 29.12 37.21
C MET D 869 -16.95 27.85 37.78
N ILE D 870 -16.23 26.73 37.71
CA ILE D 870 -16.70 25.50 38.34
C ILE D 870 -16.78 25.67 39.86
N ALA D 871 -15.79 26.36 40.44
CA ALA D 871 -15.83 26.64 41.87
C ALA D 871 -17.01 27.55 42.23
N GLN D 872 -17.30 28.54 41.39
CA GLN D 872 -18.45 29.41 41.63
C GLN D 872 -19.77 28.64 41.53
N TYR D 873 -19.87 27.74 40.55
CA TYR D 873 -21.07 26.93 40.42
C TYR D 873 -21.26 26.00 41.62
N THR D 874 -20.17 25.39 42.08
CA THR D 874 -20.23 24.52 43.26
C THR D 874 -20.61 25.32 44.50
N SER D 875 -20.06 26.52 44.65
CA SER D 875 -20.42 27.38 45.78
C SER D 875 -21.89 27.77 45.74
N ALA D 876 -22.40 28.08 44.53
CA ALA D 876 -23.82 28.43 44.40
C ALA D 876 -24.71 27.24 44.75
N LEU D 877 -24.34 26.04 44.30
CA LEU D 877 -25.12 24.84 44.65
C LEU D 877 -25.11 24.57 46.14
N LEU D 878 -23.93 24.70 46.78
CA LEU D 878 -23.83 24.45 48.21
C LEU D 878 -24.64 25.46 49.01
N ALA D 879 -24.50 26.75 48.68
CA ALA D 879 -25.22 27.79 49.42
C ALA D 879 -26.73 27.66 49.22
N GLY D 880 -27.15 27.39 47.98
CA GLY D 880 -28.58 27.22 47.73
C GLY D 880 -29.17 26.02 48.44
N THR D 881 -28.45 24.89 48.43
CA THR D 881 -28.93 23.71 49.15
C THR D 881 -29.03 23.98 50.64
N ILE D 882 -27.95 24.46 51.25
CA ILE D 882 -27.90 24.65 52.71
C ILE D 882 -28.94 25.67 53.16
N THR D 883 -29.15 26.73 52.38
CA THR D 883 -30.16 27.71 52.76
C THR D 883 -31.59 27.25 52.51
N SER D 884 -31.90 26.76 51.31
CA SER D 884 -33.29 26.64 50.89
C SER D 884 -33.79 25.21 50.75
N GLY D 885 -33.03 24.20 51.17
CA GLY D 885 -33.58 22.86 51.00
C GLY D 885 -33.57 22.42 49.55
N TRP D 886 -34.67 21.76 49.17
CA TRP D 886 -34.85 21.31 47.79
C TRP D 886 -35.51 22.37 46.90
N THR D 887 -35.87 23.52 47.45
CA THR D 887 -36.52 24.58 46.67
C THR D 887 -35.53 25.39 45.85
N PHE D 888 -34.26 25.02 45.86
CA PHE D 888 -33.27 25.65 44.99
C PHE D 888 -33.61 25.44 43.52
N GLY D 889 -34.01 24.22 43.16
CA GLY D 889 -34.17 23.90 41.75
C GLY D 889 -35.51 24.28 41.18
N ALA D 890 -36.53 24.41 42.04
CA ALA D 890 -37.85 24.82 41.56
C ALA D 890 -37.83 26.25 41.03
N GLY D 891 -37.11 27.13 41.72
CA GLY D 891 -36.91 28.50 41.29
C GLY D 891 -37.70 29.46 42.15
N ALA D 892 -37.02 29.99 43.17
CA ALA D 892 -37.59 30.85 44.21
C ALA D 892 -36.49 31.22 45.19
N ALA D 893 -36.82 32.04 46.18
CA ALA D 893 -35.95 32.28 47.32
C ALA D 893 -36.72 31.95 48.59
N LEU D 894 -36.73 30.66 48.94
CA LEU D 894 -37.45 30.17 50.12
C LEU D 894 -36.43 29.78 51.18
N GLN D 895 -36.04 30.75 52.01
CA GLN D 895 -35.14 30.45 53.11
C GLN D 895 -35.86 29.59 54.15
N ILE D 896 -35.09 28.72 54.79
CA ILE D 896 -35.62 27.81 55.81
C ILE D 896 -34.46 27.51 56.77
N PRO D 897 -34.71 27.44 58.07
CA PRO D 897 -33.64 27.06 59.00
C PRO D 897 -33.16 25.63 58.74
N PHE D 898 -31.88 25.39 59.03
CA PHE D 898 -31.28 24.10 58.72
C PHE D 898 -31.86 22.99 59.59
N ALA D 899 -32.34 23.34 60.78
CA ALA D 899 -32.97 22.35 61.65
C ALA D 899 -34.24 21.78 61.02
N MET D 900 -35.07 22.64 60.44
CA MET D 900 -36.30 22.14 59.82
C MET D 900 -36.01 21.38 58.53
N GLN D 901 -34.92 21.72 57.84
CA GLN D 901 -34.53 20.96 56.66
C GLN D 901 -34.06 19.57 57.04
N MET D 902 -33.26 19.46 58.10
CA MET D 902 -32.92 18.15 58.68
C MET D 902 -34.16 17.39 59.11
N ALA D 903 -35.14 18.09 59.71
CA ALA D 903 -36.36 17.44 60.16
C ALA D 903 -37.17 16.87 58.99
N TYR D 904 -37.25 17.62 57.89
CA TYR D 904 -38.07 17.14 56.78
C TYR D 904 -37.35 16.05 55.98
N ARG D 905 -36.01 16.07 55.97
CA ARG D 905 -35.31 14.96 55.36
C ARG D 905 -35.37 13.72 56.24
N PHE D 906 -35.45 13.91 57.56
CA PHE D 906 -35.70 12.79 58.47
C PHE D 906 -37.09 12.20 58.24
N ASN D 907 -38.08 13.06 57.99
CA ASN D 907 -39.39 12.56 57.57
C ASN D 907 -39.30 11.84 56.23
N GLY D 908 -38.39 12.28 55.37
CA GLY D 908 -38.17 11.58 54.11
C GLY D 908 -37.65 10.17 54.29
N ILE D 909 -36.69 9.98 55.20
CA ILE D 909 -36.18 8.62 55.42
C ILE D 909 -37.13 7.79 56.27
N GLY D 910 -38.09 8.42 56.94
CA GLY D 910 -39.10 7.70 57.69
C GLY D 910 -39.06 7.91 59.19
N VAL D 911 -38.23 8.81 59.69
CA VAL D 911 -38.11 9.05 61.13
C VAL D 911 -38.79 10.37 61.47
N THR D 912 -39.48 10.40 62.61
CA THR D 912 -40.20 11.60 63.00
C THR D 912 -39.25 12.71 63.43
N GLN D 913 -39.80 13.92 63.54
CA GLN D 913 -39.02 15.11 63.84
C GLN D 913 -38.44 15.08 65.25
N ASN D 914 -39.09 14.38 66.17
CA ASN D 914 -38.69 14.39 67.57
C ASN D 914 -37.30 13.79 67.76
N VAL D 915 -36.97 12.79 66.94
CA VAL D 915 -35.66 12.14 67.03
C VAL D 915 -34.56 13.13 66.68
N LEU D 916 -34.79 13.95 65.66
CA LEU D 916 -33.85 15.03 65.35
C LEU D 916 -33.77 16.04 66.48
N TYR D 917 -34.92 16.56 66.93
CA TYR D 917 -34.89 17.72 67.82
C TYR D 917 -34.43 17.35 69.22
N GLU D 918 -34.49 16.08 69.60
CA GLU D 918 -33.92 15.70 70.90
C GLU D 918 -32.42 15.46 70.78
N ASN D 919 -31.94 15.10 69.60
CA ASN D 919 -30.55 14.72 69.38
C ASN D 919 -29.87 15.61 68.35
N GLN D 920 -30.10 16.93 68.45
CA GLN D 920 -29.50 17.84 67.47
C GLN D 920 -28.00 17.98 67.69
N LYS D 921 -27.57 18.12 68.95
CA LYS D 921 -26.16 18.32 69.25
C LYS D 921 -25.34 17.08 68.90
N LEU D 922 -25.89 15.89 69.17
CA LEU D 922 -25.20 14.66 68.86
C LEU D 922 -25.03 14.48 67.35
N ILE D 923 -26.08 14.81 66.58
CA ILE D 923 -25.99 14.71 65.13
C ILE D 923 -25.00 15.73 64.57
N ALA D 924 -24.99 16.94 65.12
CA ALA D 924 -24.03 17.94 64.69
C ALA D 924 -22.60 17.52 64.99
N ASN D 925 -22.36 16.95 66.17
CA ASN D 925 -21.02 16.48 66.52
C ASN D 925 -20.59 15.32 65.64
N GLN D 926 -21.52 14.41 65.33
CA GLN D 926 -21.18 13.29 64.44
C GLN D 926 -20.85 13.77 63.03
N PHE D 927 -21.61 14.76 62.53
CA PHE D 927 -21.33 15.30 61.20
C PHE D 927 -19.99 16.01 61.16
N ASN D 928 -19.68 16.80 62.19
CA ASN D 928 -18.40 17.49 62.25
C ASN D 928 -17.24 16.51 62.36
N SER D 929 -17.41 15.44 63.15
CA SER D 929 -16.36 14.43 63.26
C SER D 929 -16.17 13.68 61.94
N ALA D 930 -17.26 13.42 61.22
CA ALA D 930 -17.14 12.77 59.91
C ALA D 930 -16.43 13.66 58.90
N ILE D 931 -16.73 14.97 58.91
CA ILE D 931 -16.03 15.90 58.03
C ILE D 931 -14.55 15.96 58.38
N GLY D 932 -14.23 15.96 59.68
CA GLY D 932 -12.84 15.93 60.10
C GLY D 932 -12.13 14.65 59.70
N LYS D 933 -12.85 13.53 59.72
CA LYS D 933 -12.27 12.26 59.27
C LYS D 933 -11.98 12.28 57.78
N ILE D 934 -12.88 12.88 56.98
CA ILE D 934 -12.61 13.03 55.55
C ILE D 934 -11.41 13.94 55.32
N GLN D 935 -11.31 15.02 56.10
CA GLN D 935 -10.17 15.93 56.02
C GLN D 935 -8.86 15.21 56.32
N ASP D 936 -8.85 14.40 57.39
CA ASP D 936 -7.63 13.68 57.75
C ASP D 936 -7.32 12.56 56.77
N SER D 937 -8.35 12.00 56.13
CA SER D 937 -8.13 10.96 55.13
C SER D 937 -7.48 11.55 53.88
N LEU D 938 -7.94 12.73 53.44
CA LEU D 938 -7.33 13.34 52.26
C LEU D 938 -5.97 13.96 52.59
N SER D 939 -5.80 14.45 53.82
CA SER D 939 -4.57 15.17 54.15
C SER D 939 -3.41 14.23 54.46
N SER D 940 -3.69 12.96 54.73
CA SER D 940 -2.62 12.03 55.10
C SER D 940 -1.95 11.36 53.92
N THR D 941 -2.08 11.93 52.71
CA THR D 941 -1.51 11.41 51.47
C THR D 941 -1.97 9.99 51.15
N ALA D 942 -3.15 9.59 51.61
CA ALA D 942 -3.73 8.30 51.27
C ALA D 942 -4.51 8.49 49.97
N SER D 943 -3.88 8.10 48.86
CA SER D 943 -4.43 8.38 47.54
C SER D 943 -5.65 7.51 47.27
N ALA D 944 -6.82 8.15 47.17
CA ALA D 944 -8.05 7.47 46.83
C ALA D 944 -8.70 7.99 45.56
N LEU D 945 -8.17 9.07 44.98
CA LEU D 945 -8.71 9.62 43.73
C LEU D 945 -8.09 8.91 42.53
N GLY D 946 -8.26 7.60 42.45
CA GLY D 946 -7.62 6.85 41.39
C GLY D 946 -8.29 7.04 40.03
N LYS D 947 -9.56 7.45 40.03
CA LYS D 947 -10.30 7.52 38.78
C LYS D 947 -9.88 8.72 37.93
N LEU D 948 -9.66 9.87 38.55
CA LEU D 948 -9.24 11.06 37.79
C LEU D 948 -7.80 10.93 37.34
N GLN D 949 -6.92 10.44 38.22
CA GLN D 949 -5.55 10.18 37.85
C GLN D 949 -5.47 9.13 36.76
N ASP D 950 -6.40 8.17 36.77
CA ASP D 950 -6.47 7.18 35.69
C ASP D 950 -6.82 7.85 34.36
N VAL D 951 -7.74 8.83 34.38
CA VAL D 951 -8.09 9.55 33.16
C VAL D 951 -6.89 10.30 32.61
N VAL D 952 -6.15 10.99 33.49
CA VAL D 952 -4.96 11.72 33.06
C VAL D 952 -3.91 10.75 32.51
N ASN D 953 -3.72 9.61 33.17
CA ASN D 953 -2.73 8.64 32.72
C ASN D 953 -3.10 8.02 31.38
N GLN D 954 -4.39 7.73 31.17
CA GLN D 954 -4.81 7.18 29.88
C GLN D 954 -4.65 8.20 28.75
N ASN D 955 -4.95 9.47 29.02
CA ASN D 955 -4.71 10.50 28.00
C ASN D 955 -3.23 10.64 27.69
N ALA D 956 -2.38 10.60 28.72
CA ALA D 956 -0.95 10.69 28.53
C ALA D 956 -0.41 9.52 27.72
N GLN D 957 -0.87 8.30 28.05
CA GLN D 957 -0.43 7.12 27.32
C GLN D 957 -0.91 7.13 25.89
N ALA D 958 -2.13 7.62 25.64
CA ALA D 958 -2.63 7.71 24.27
C ALA D 958 -1.82 8.69 23.43
N LEU D 959 -1.50 9.87 23.99
CA LEU D 959 -0.73 10.84 23.22
C LEU D 959 0.71 10.37 23.00
N ASN D 960 1.31 9.74 24.02
CA ASN D 960 2.65 9.19 23.87
C ASN D 960 2.68 8.06 22.85
N THR D 961 1.65 7.20 22.85
CA THR D 961 1.57 6.15 21.86
C THR D 961 1.42 6.72 20.46
N LEU D 962 0.66 7.82 20.33
CA LEU D 962 0.53 8.46 19.03
C LEU D 962 1.86 9.00 18.52
N VAL D 963 2.64 9.65 19.38
CA VAL D 963 3.91 10.20 18.89
C VAL D 963 4.94 9.09 18.67
N LYS D 964 4.83 7.96 19.38
CA LYS D 964 5.72 6.85 19.09
C LYS D 964 5.33 6.11 17.81
N GLN D 965 4.05 6.11 17.45
CA GLN D 965 3.68 5.65 16.12
C GLN D 965 4.17 6.62 15.06
N LEU D 966 4.22 7.91 15.40
CA LEU D 966 4.82 8.89 14.51
C LEU D 966 6.31 8.66 14.32
N SER D 967 6.97 8.07 15.32
CA SER D 967 8.41 7.85 15.23
C SER D 967 8.77 6.77 14.20
N SER D 968 7.83 5.89 13.88
CA SER D 968 8.12 4.78 12.97
C SER D 968 8.24 5.26 11.53
N ASN D 969 8.94 4.47 10.71
CA ASN D 969 9.16 4.84 9.31
C ASN D 969 8.12 4.23 8.37
N PHE D 970 7.33 3.27 8.84
CA PHE D 970 6.27 2.59 8.07
C PHE D 970 6.81 1.94 6.81
N GLY D 971 8.00 1.36 6.91
CA GLY D 971 8.58 0.63 5.79
C GLY D 971 8.96 1.50 4.61
N ALA D 972 9.57 2.66 4.86
CA ALA D 972 10.05 3.54 3.82
C ALA D 972 11.57 3.58 3.87
N ILE D 973 12.16 4.38 2.98
CA ILE D 973 13.62 4.52 2.96
C ILE D 973 14.09 5.35 4.15
N SER D 974 13.21 6.23 4.66
CA SER D 974 13.54 7.05 5.82
C SER D 974 12.24 7.41 6.52
N SER D 975 12.36 7.73 7.82
CA SER D 975 11.19 8.10 8.60
C SER D 975 10.71 9.50 8.26
N VAL D 976 11.64 10.43 8.05
CA VAL D 976 11.27 11.82 7.80
C VAL D 976 10.80 11.98 6.35
N LEU D 977 9.81 12.84 6.15
CA LEU D 977 9.28 13.09 4.81
C LEU D 977 10.29 13.83 3.95
N ASN D 978 11.12 14.67 4.58
CA ASN D 978 12.00 15.56 3.83
C ASN D 978 13.11 14.79 3.12
N ASP D 979 13.59 13.69 3.71
CA ASP D 979 14.59 12.87 3.04
C ASP D 979 14.00 12.16 1.83
N ILE D 980 12.73 11.76 1.92
CA ILE D 980 12.05 11.14 0.79
C ILE D 980 11.89 12.14 -0.34
N LEU D 981 11.55 13.39 0.01
CA LEU D 981 11.49 14.44 -1.01
C LEU D 981 12.87 14.77 -1.57
N SER D 982 13.91 14.72 -0.74
CA SER D 982 15.25 15.08 -1.16
C SER D 982 15.89 14.06 -2.08
N ARG D 983 15.81 12.78 -1.75
CA ARG D 983 16.57 11.77 -2.49
C ARG D 983 15.85 11.30 -3.74
N LEU D 984 14.58 10.92 -3.61
CA LEU D 984 13.90 10.28 -4.72
C LEU D 984 13.09 11.28 -5.54
N ASP D 985 13.07 11.07 -6.85
CA ASP D 985 12.31 11.87 -7.79
C ASP D 985 10.83 11.44 -7.75
N PRO D 986 9.91 12.28 -8.26
CA PRO D 986 8.45 12.02 -8.08
C PRO D 986 7.91 10.66 -8.53
N PRO D 987 8.38 10.02 -9.63
CA PRO D 987 7.71 8.75 -10.01
C PRO D 987 7.82 7.60 -9.01
N GLU D 988 8.79 7.60 -8.08
CA GLU D 988 8.73 6.65 -6.96
C GLU D 988 8.73 7.31 -5.58
N ALA D 989 9.16 8.58 -5.47
CA ALA D 989 9.00 9.29 -4.22
C ALA D 989 7.54 9.42 -3.86
N GLU D 990 6.66 9.54 -4.85
CA GLU D 990 5.23 9.58 -4.60
C GLU D 990 4.74 8.29 -3.96
N VAL D 991 5.24 7.15 -4.42
CA VAL D 991 4.84 5.85 -3.85
C VAL D 991 5.34 5.74 -2.41
N GLN D 992 6.58 6.15 -2.16
CA GLN D 992 7.12 6.13 -0.80
C GLN D 992 6.31 7.05 0.13
N ILE D 993 5.95 8.23 -0.37
CA ILE D 993 5.15 9.17 0.39
C ILE D 993 3.75 8.60 0.64
N ASP D 994 3.19 7.86 -0.32
CA ASP D 994 1.90 7.22 -0.08
C ASP D 994 2.00 6.22 1.05
N ARG D 995 3.05 5.40 1.07
CA ARG D 995 3.22 4.44 2.15
C ARG D 995 3.33 5.15 3.51
N LEU D 996 4.11 6.22 3.56
CA LEU D 996 4.28 6.97 4.81
C LEU D 996 2.97 7.63 5.25
N ILE D 997 2.22 8.21 4.31
CA ILE D 997 1.00 8.93 4.66
C ILE D 997 -0.09 7.97 5.14
N THR D 998 -0.28 6.84 4.46
CA THR D 998 -1.26 5.88 4.95
C THR D 998 -0.85 5.28 6.29
N GLY D 999 0.46 5.12 6.53
CA GLY D 999 0.89 4.72 7.87
C GLY D 999 0.52 5.72 8.94
N ARG D 1000 0.78 7.01 8.67
CA ARG D 1000 0.45 8.06 9.65
C ARG D 1000 -1.05 8.18 9.85
N LEU D 1001 -1.82 8.05 8.77
CA LEU D 1001 -3.28 8.17 8.84
C LEU D 1001 -3.88 7.00 9.61
N GLN D 1002 -3.34 5.79 9.43
CA GLN D 1002 -3.78 4.66 10.23
C GLN D 1002 -3.43 4.86 11.70
N SER D 1003 -2.27 5.47 11.98
CA SER D 1003 -1.92 5.78 13.36
C SER D 1003 -2.94 6.73 14.00
N LEU D 1004 -3.30 7.80 13.29
CA LEU D 1004 -4.25 8.75 13.86
C LEU D 1004 -5.65 8.15 13.95
N GLN D 1005 -6.00 7.24 13.03
CA GLN D 1005 -7.31 6.63 13.06
C GLN D 1005 -7.43 5.65 14.23
N THR D 1006 -6.34 4.94 14.54
CA THR D 1006 -6.32 4.12 15.75
C THR D 1006 -6.39 4.99 17.00
N TYR D 1007 -5.76 6.16 16.96
CA TYR D 1007 -5.88 7.12 18.07
C TYR D 1007 -7.33 7.56 18.26
N VAL D 1008 -8.03 7.82 17.15
CA VAL D 1008 -9.45 8.18 17.21
C VAL D 1008 -10.28 7.04 17.78
N THR D 1009 -9.95 5.81 17.39
CA THR D 1009 -10.66 4.64 17.92
C THR D 1009 -10.47 4.51 19.43
N GLN D 1010 -9.26 4.76 19.92
CA GLN D 1010 -9.01 4.71 21.37
C GLN D 1010 -9.74 5.85 22.08
N GLN D 1011 -9.76 7.04 21.48
CA GLN D 1011 -10.50 8.15 22.05
C GLN D 1011 -11.99 7.88 22.08
N LEU D 1012 -12.48 7.04 21.17
CA LEU D 1012 -13.90 6.67 21.20
C LEU D 1012 -14.24 5.85 22.45
N ILE D 1013 -13.36 4.91 22.81
CA ILE D 1013 -13.54 4.14 24.03
C ILE D 1013 -13.52 5.06 25.24
N ARG D 1014 -12.54 5.98 25.26
CA ARG D 1014 -12.41 6.90 26.37
C ARG D 1014 -13.63 7.81 26.50
N ALA D 1015 -14.12 8.33 25.37
CA ALA D 1015 -15.27 9.23 25.38
C ALA D 1015 -16.55 8.50 25.78
N ALA D 1016 -16.70 7.24 25.35
CA ALA D 1016 -17.88 6.46 25.74
C ALA D 1016 -17.90 6.21 27.24
N GLU D 1017 -16.75 5.82 27.81
CA GLU D 1017 -16.68 5.61 29.25
C GLU D 1017 -16.90 6.93 30.01
N ILE D 1018 -16.36 8.02 29.48
CA ILE D 1018 -16.49 9.32 30.12
C ILE D 1018 -17.95 9.79 30.12
N ARG D 1019 -18.69 9.45 29.06
CA ARG D 1019 -20.10 9.96 29.01
C ARG D 1019 -21.01 9.02 29.80
N ALA D 1020 -20.58 7.77 29.98
CA ALA D 1020 -21.31 6.92 30.91
C ALA D 1020 -21.15 7.41 32.35
N SER D 1021 -19.89 7.69 32.76
CA SER D 1021 -19.64 8.18 34.10
C SER D 1021 -20.25 9.55 34.32
N ALA D 1022 -20.22 10.43 33.32
CA ALA D 1022 -20.72 11.78 33.50
C ALA D 1022 -22.24 11.83 33.52
N ASN D 1023 -22.89 10.93 32.77
CA ASN D 1023 -24.34 10.83 32.86
C ASN D 1023 -24.77 10.28 34.22
N LEU D 1024 -24.01 9.31 34.75
CA LEU D 1024 -24.24 8.87 36.12
C LEU D 1024 -24.04 10.02 37.11
N ALA D 1025 -23.03 10.85 36.87
CA ALA D 1025 -22.76 12.00 37.73
C ALA D 1025 -23.91 13.01 37.69
N ALA D 1026 -24.44 13.28 36.50
CA ALA D 1026 -25.54 14.24 36.37
C ALA D 1026 -26.82 13.71 37.02
N THR D 1027 -27.08 12.41 36.88
CA THR D 1027 -28.22 11.79 37.56
C THR D 1027 -28.08 11.88 39.07
N LYS D 1028 -26.89 11.56 39.59
CA LYS D 1028 -26.64 11.65 41.03
C LYS D 1028 -26.77 13.09 41.51
N MET D 1029 -26.29 14.04 40.70
CA MET D 1029 -26.41 15.47 40.99
C MET D 1029 -27.87 15.85 41.17
N SER D 1030 -28.67 15.72 40.10
CA SER D 1030 -30.04 16.22 40.10
C SER D 1030 -30.93 15.41 41.03
N GLU D 1031 -30.50 14.22 41.43
CA GLU D 1031 -31.36 13.42 42.31
C GLU D 1031 -30.97 13.58 43.78
N CYS D 1032 -29.72 13.97 44.07
CA CYS D 1032 -29.27 13.90 45.45
C CYS D 1032 -28.90 15.24 46.06
N VAL D 1033 -28.46 16.24 45.28
CA VAL D 1033 -28.18 17.53 45.91
C VAL D 1033 -29.41 18.44 45.81
N LEU D 1034 -30.18 18.31 44.74
CA LEU D 1034 -31.38 19.12 44.53
C LEU D 1034 -32.61 18.53 45.18
N GLY D 1035 -32.49 17.35 45.78
CA GLY D 1035 -33.63 16.72 46.43
C GLY D 1035 -33.19 15.46 47.14
N GLN D 1036 -34.13 14.86 47.84
CA GLN D 1036 -33.87 13.62 48.55
C GLN D 1036 -34.19 12.42 47.66
N SER D 1037 -33.33 11.42 47.70
CA SER D 1037 -33.44 10.25 46.85
C SER D 1037 -33.98 9.07 47.65
N LYS D 1038 -35.07 8.48 47.17
CA LYS D 1038 -35.58 7.26 47.78
C LYS D 1038 -34.88 6.02 47.28
N ARG D 1039 -33.97 6.16 46.32
CA ARG D 1039 -33.21 5.04 45.79
C ARG D 1039 -32.28 4.46 46.85
N VAL D 1040 -32.06 3.16 46.78
CA VAL D 1040 -31.32 2.43 47.80
C VAL D 1040 -29.93 2.10 47.27
N ASP D 1041 -28.90 2.48 48.04
CA ASP D 1041 -27.48 2.38 47.65
C ASP D 1041 -27.22 3.07 46.31
N PHE D 1042 -27.80 4.25 46.13
CA PHE D 1042 -27.51 5.10 44.99
C PHE D 1042 -26.69 6.33 45.37
N CYS D 1043 -26.88 6.85 46.57
CA CYS D 1043 -26.07 7.96 47.06
C CYS D 1043 -25.54 7.66 48.45
N GLY D 1044 -24.96 6.49 48.63
CA GLY D 1044 -24.26 6.15 49.86
C GLY D 1044 -24.90 4.97 50.58
N LYS D 1045 -24.07 4.30 51.37
CA LYS D 1045 -24.55 3.21 52.21
C LYS D 1045 -25.43 3.77 53.32
N GLY D 1046 -26.63 3.22 53.47
CA GLY D 1046 -27.60 3.71 54.42
C GLY D 1046 -28.66 4.57 53.76
N TYR D 1047 -29.47 5.19 54.61
CA TYR D 1047 -30.56 6.04 54.16
C TYR D 1047 -30.01 7.43 53.83
N HIS D 1048 -30.30 7.90 52.62
CA HIS D 1048 -29.71 9.14 52.13
C HIS D 1048 -30.41 10.36 52.71
N LEU D 1049 -29.62 11.37 53.09
CA LEU D 1049 -30.17 12.65 53.52
C LEU D 1049 -29.83 13.78 52.55
N MET D 1050 -28.54 14.06 52.32
CA MET D 1050 -28.13 14.99 51.28
C MET D 1050 -26.83 14.54 50.65
N SER D 1051 -26.35 15.38 49.74
CA SER D 1051 -25.05 15.19 49.08
C SER D 1051 -24.47 16.58 48.86
N PHE D 1052 -23.20 16.75 49.20
CA PHE D 1052 -22.55 18.03 49.01
C PHE D 1052 -21.54 17.93 47.88
N PRO D 1053 -21.77 18.61 46.75
CA PRO D 1053 -20.84 18.47 45.63
C PRO D 1053 -19.58 19.30 45.84
N GLN D 1054 -18.47 18.80 45.32
CA GLN D 1054 -17.19 19.51 45.36
C GLN D 1054 -16.48 19.33 44.03
N SER D 1055 -15.83 20.39 43.57
CA SER D 1055 -15.11 20.34 42.31
C SER D 1055 -13.86 19.47 42.43
N ALA D 1056 -13.39 18.99 41.29
CA ALA D 1056 -12.28 18.05 41.25
C ALA D 1056 -11.60 18.20 39.90
N PRO D 1057 -10.33 17.78 39.78
CA PRO D 1057 -9.69 17.81 38.45
C PRO D 1057 -10.33 16.78 37.53
N HIS D 1058 -10.97 17.28 36.48
CA HIS D 1058 -11.66 16.45 35.48
C HIS D 1058 -12.72 15.56 36.11
N GLY D 1059 -13.44 16.10 37.10
CA GLY D 1059 -14.44 15.31 37.80
C GLY D 1059 -15.14 16.13 38.86
N VAL D 1060 -16.02 15.44 39.60
CA VAL D 1060 -16.76 16.03 40.71
C VAL D 1060 -16.76 15.03 41.85
N VAL D 1061 -16.66 15.55 43.08
CA VAL D 1061 -16.63 14.74 44.28
C VAL D 1061 -17.85 15.08 45.12
N PHE D 1062 -18.63 14.06 45.48
CA PHE D 1062 -19.82 14.22 46.29
C PHE D 1062 -19.53 13.82 47.72
N LEU D 1063 -20.10 14.56 48.67
CA LEU D 1063 -20.03 14.22 50.08
C LEU D 1063 -21.42 13.78 50.53
N HIS D 1064 -21.63 12.47 50.60
CA HIS D 1064 -22.94 11.89 50.85
C HIS D 1064 -23.18 11.78 52.35
N VAL D 1065 -24.17 12.51 52.86
CA VAL D 1065 -24.56 12.42 54.26
C VAL D 1065 -25.66 11.38 54.36
N THR D 1066 -25.40 10.33 55.12
CA THR D 1066 -26.28 9.17 55.17
C THR D 1066 -26.66 8.85 56.61
N TYR D 1067 -27.80 8.16 56.75
CA TYR D 1067 -28.31 7.72 58.04
C TYR D 1067 -28.04 6.22 58.16
N VAL D 1068 -27.15 5.84 59.07
CA VAL D 1068 -26.78 4.45 59.29
C VAL D 1068 -27.26 4.06 60.68
N PRO D 1069 -28.20 3.14 60.81
CA PRO D 1069 -28.68 2.72 62.14
C PRO D 1069 -27.70 1.75 62.80
N ALA D 1070 -27.86 1.61 64.12
CA ALA D 1070 -27.01 0.71 64.89
C ALA D 1070 -27.73 0.35 66.19
N GLN D 1071 -27.14 -0.60 66.91
CA GLN D 1071 -27.61 -1.06 68.23
C GLN D 1071 -29.04 -1.61 68.15
N GLU D 1072 -29.18 -2.71 67.42
CA GLU D 1072 -30.47 -3.33 67.20
C GLU D 1072 -30.92 -4.09 68.44
N LYS D 1073 -32.22 -4.35 68.52
CA LYS D 1073 -32.81 -5.12 69.61
C LYS D 1073 -33.91 -6.03 69.08
N ASN D 1074 -33.95 -7.26 69.57
CA ASN D 1074 -35.01 -8.18 69.21
C ASN D 1074 -36.32 -7.80 69.89
N PHE D 1075 -37.42 -7.98 69.18
CA PHE D 1075 -38.74 -7.69 69.73
C PHE D 1075 -39.75 -8.70 69.18
N THR D 1076 -40.74 -9.04 70.00
CA THR D 1076 -41.80 -9.93 69.58
C THR D 1076 -42.92 -9.11 68.93
N THR D 1077 -43.22 -9.40 67.68
CA THR D 1077 -44.15 -8.60 66.90
C THR D 1077 -45.43 -9.37 66.59
N ALA D 1078 -46.44 -8.63 66.16
CA ALA D 1078 -47.71 -9.18 65.72
C ALA D 1078 -48.18 -8.38 64.51
N PRO D 1079 -48.91 -9.01 63.59
CA PRO D 1079 -49.42 -8.24 62.45
C PRO D 1079 -50.54 -7.28 62.82
N ALA D 1080 -51.38 -7.64 63.78
CA ALA D 1080 -52.51 -6.81 64.18
C ALA D 1080 -52.89 -7.17 65.60
N ILE D 1081 -53.90 -6.48 66.12
CA ILE D 1081 -54.38 -6.69 67.48
C ILE D 1081 -55.91 -6.80 67.43
N CYS D 1082 -56.43 -7.90 67.98
CA CYS D 1082 -57.88 -8.11 68.04
C CYS D 1082 -58.39 -7.65 69.39
N HIS D 1083 -59.11 -6.53 69.40
CA HIS D 1083 -59.77 -6.01 70.58
C HIS D 1083 -61.25 -5.84 70.30
N ASP D 1084 -62.09 -6.33 71.22
CA ASP D 1084 -63.55 -6.28 71.11
C ASP D 1084 -64.07 -6.94 69.84
N GLY D 1085 -63.40 -8.01 69.40
CA GLY D 1085 -63.84 -8.75 68.23
C GLY D 1085 -63.48 -8.14 66.89
N LYS D 1086 -62.76 -7.03 66.88
CA LYS D 1086 -62.38 -6.36 65.63
C LYS D 1086 -60.88 -6.11 65.61
N ALA D 1087 -60.28 -6.33 64.45
CA ALA D 1087 -58.84 -6.22 64.28
C ALA D 1087 -58.41 -4.78 64.15
N HIS D 1088 -57.27 -4.45 64.74
CA HIS D 1088 -56.68 -3.12 64.67
C HIS D 1088 -55.34 -3.21 63.95
N PHE D 1089 -55.21 -2.45 62.87
CA PHE D 1089 -53.99 -2.42 62.07
C PHE D 1089 -53.30 -1.07 62.24
N PRO D 1090 -51.97 -1.03 62.25
CA PRO D 1090 -51.27 0.24 62.52
C PRO D 1090 -51.32 1.17 61.32
N ARG D 1091 -51.57 2.45 61.58
CA ARG D 1091 -51.53 3.43 60.50
C ARG D 1091 -50.11 3.68 60.03
N GLU D 1092 -49.16 3.69 60.96
CA GLU D 1092 -47.75 3.85 60.64
C GLU D 1092 -46.94 3.01 61.61
N GLY D 1093 -45.87 2.39 61.12
CA GLY D 1093 -45.00 1.62 61.96
C GLY D 1093 -45.47 0.22 62.22
N VAL D 1094 -44.86 -0.40 63.24
CA VAL D 1094 -45.05 -1.81 63.56
C VAL D 1094 -45.63 -1.92 64.96
N PHE D 1095 -46.13 -3.12 65.27
CA PHE D 1095 -46.49 -3.49 66.64
C PHE D 1095 -45.38 -4.34 67.23
N VAL D 1096 -44.86 -3.91 68.38
CA VAL D 1096 -43.84 -4.66 69.10
C VAL D 1096 -44.29 -4.86 70.54
N SER D 1097 -43.55 -5.71 71.26
CA SER D 1097 -43.83 -6.01 72.65
C SER D 1097 -42.54 -6.28 73.41
N ASN D 1098 -42.38 -5.61 74.53
CA ASN D 1098 -41.33 -5.92 75.49
C ASN D 1098 -41.98 -6.62 76.68
N GLY D 1099 -41.49 -7.83 76.99
CA GLY D 1099 -42.11 -8.63 78.02
C GLY D 1099 -43.53 -9.04 77.65
N THR D 1100 -44.52 -8.45 78.31
CA THR D 1100 -45.93 -8.74 78.05
C THR D 1100 -46.74 -7.51 77.71
N HIS D 1101 -46.11 -6.35 77.53
CA HIS D 1101 -46.81 -5.11 77.19
C HIS D 1101 -46.54 -4.74 75.75
N TRP D 1102 -47.60 -4.35 75.03
CA TRP D 1102 -47.53 -4.08 73.61
C TRP D 1102 -47.49 -2.58 73.34
N PHE D 1103 -46.78 -2.20 72.28
CA PHE D 1103 -46.66 -0.81 71.87
C PHE D 1103 -46.65 -0.74 70.35
N VAL D 1104 -46.83 0.46 69.83
CA VAL D 1104 -46.67 0.75 68.41
C VAL D 1104 -45.47 1.68 68.24
N THR D 1105 -44.56 1.30 67.35
CA THR D 1105 -43.32 2.04 67.13
C THR D 1105 -43.10 2.24 65.64
N GLN D 1106 -42.43 3.33 65.29
CA GLN D 1106 -41.98 3.52 63.92
C GLN D 1106 -40.87 2.54 63.58
N ARG D 1107 -40.70 2.28 62.30
CA ARG D 1107 -39.87 1.16 61.86
C ARG D 1107 -38.38 1.43 62.08
N ASN D 1108 -37.91 2.62 61.70
CA ASN D 1108 -36.46 2.84 61.64
C ASN D 1108 -35.88 3.12 63.02
N PHE D 1109 -36.64 3.73 63.92
CA PHE D 1109 -36.14 4.08 65.24
C PHE D 1109 -37.08 3.54 66.30
N TYR D 1110 -36.52 3.21 67.47
CA TYR D 1110 -37.31 2.66 68.57
C TYR D 1110 -37.85 3.80 69.42
N GLU D 1111 -39.06 4.23 69.11
CA GLU D 1111 -39.78 5.22 69.93
C GLU D 1111 -41.07 4.58 70.41
N PRO D 1112 -41.13 4.09 71.65
CA PRO D 1112 -42.33 3.39 72.11
C PRO D 1112 -43.47 4.36 72.37
N GLN D 1113 -44.62 4.08 71.77
CA GLN D 1113 -45.83 4.86 71.97
C GLN D 1113 -46.96 3.92 72.38
N ILE D 1114 -47.82 4.41 73.27
CA ILE D 1114 -48.97 3.63 73.72
C ILE D 1114 -49.95 3.48 72.56
N ILE D 1115 -50.58 2.30 72.47
CA ILE D 1115 -51.48 2.02 71.35
C ILE D 1115 -52.74 2.86 71.48
N THR D 1116 -53.06 3.59 70.42
CA THR D 1116 -54.13 4.56 70.44
C THR D 1116 -55.02 4.34 69.22
N THR D 1117 -56.32 4.60 69.39
CA THR D 1117 -57.25 4.54 68.27
C THR D 1117 -56.93 5.56 67.18
N ASP D 1118 -56.21 6.64 67.52
CA ASP D 1118 -55.68 7.52 66.49
C ASP D 1118 -54.54 6.85 65.73
N ASN D 1119 -53.74 6.03 66.43
CA ASN D 1119 -52.61 5.36 65.80
C ASN D 1119 -53.00 4.18 64.94
N THR D 1120 -54.17 3.60 65.16
CA THR D 1120 -54.62 2.40 64.47
C THR D 1120 -55.88 2.69 63.67
N PHE D 1121 -56.21 1.76 62.77
CA PHE D 1121 -57.47 1.80 62.05
C PHE D 1121 -58.10 0.40 62.07
N VAL D 1122 -59.43 0.38 62.17
CA VAL D 1122 -60.18 -0.85 62.38
C VAL D 1122 -60.81 -1.27 61.06
N SER D 1123 -60.69 -2.56 60.72
CA SER D 1123 -61.27 -3.08 59.49
C SER D 1123 -61.54 -4.56 59.68
N GLY D 1124 -62.82 -4.94 59.73
CA GLY D 1124 -63.19 -6.33 59.80
C GLY D 1124 -62.98 -6.95 61.17
N ASN D 1125 -63.15 -8.27 61.20
CA ASN D 1125 -62.98 -9.05 62.41
C ASN D 1125 -61.59 -9.70 62.44
N CYS D 1126 -61.25 -10.25 63.60
CA CYS D 1126 -59.94 -10.84 63.82
C CYS D 1126 -59.92 -12.35 63.56
N ASP D 1127 -60.99 -12.91 63.01
CA ASP D 1127 -61.02 -14.33 62.71
C ASP D 1127 -60.39 -14.68 61.36
N VAL D 1128 -60.02 -13.67 60.57
CA VAL D 1128 -59.48 -13.91 59.23
C VAL D 1128 -57.97 -13.66 59.25
N VAL D 1129 -57.52 -12.81 60.16
CA VAL D 1129 -56.10 -12.45 60.23
C VAL D 1129 -55.33 -13.61 60.86
N ILE D 1130 -54.26 -14.04 60.18
CA ILE D 1130 -53.45 -15.16 60.65
C ILE D 1130 -52.38 -14.60 61.58
N GLY D 1131 -52.33 -15.12 62.81
CA GLY D 1131 -51.33 -14.73 63.77
C GLY D 1131 -51.64 -13.50 64.59
N ILE D 1132 -52.91 -13.11 64.68
CA ILE D 1132 -53.27 -11.93 65.45
C ILE D 1132 -53.24 -12.28 66.94
N VAL D 1133 -52.86 -11.31 67.76
CA VAL D 1133 -52.75 -11.50 69.20
C VAL D 1133 -53.86 -10.72 69.90
N ASN D 1134 -54.00 -10.97 71.21
CA ASN D 1134 -55.05 -10.36 72.01
C ASN D 1134 -54.45 -9.25 72.87
N ASN D 1135 -55.03 -8.06 72.77
CA ASN D 1135 -54.63 -6.92 73.59
C ASN D 1135 -55.76 -5.92 73.60
N THR D 1136 -55.58 -4.85 74.35
CA THR D 1136 -56.54 -3.75 74.39
C THR D 1136 -55.92 -2.49 73.79
N VAL D 1137 -56.78 -1.62 73.27
CA VAL D 1137 -56.36 -0.37 72.65
C VAL D 1137 -56.83 0.75 73.56
N TYR D 1138 -55.94 1.70 73.81
CA TYR D 1138 -56.26 2.81 74.71
C TYR D 1138 -56.79 3.98 73.89
N ASP D 1139 -58.01 4.41 74.22
CA ASP D 1139 -58.58 5.59 73.58
C ASP D 1139 -58.50 6.77 74.52
N PRO D 1140 -57.99 7.93 74.07
CA PRO D 1140 -57.73 9.04 75.00
C PRO D 1140 -58.99 9.71 75.51
N LEU D 1141 -60.13 9.51 74.85
CA LEU D 1141 -61.33 10.27 75.19
C LEU D 1141 -61.94 9.83 76.51
N GLN D 1142 -61.98 8.52 76.77
CA GLN D 1142 -62.59 8.00 78.00
C GLN D 1142 -61.93 8.46 79.29
N PRO D 1143 -60.59 8.41 79.47
CA PRO D 1143 -60.03 8.85 80.77
C PRO D 1143 -60.26 10.33 81.09
N GLU D 1144 -60.36 11.18 80.07
CA GLU D 1144 -60.56 12.60 80.34
C GLU D 1144 -62.04 12.95 80.39
N LEU D 1145 -62.91 12.11 79.82
CA LEU D 1145 -64.32 12.44 79.73
C LEU D 1145 -65.23 11.57 80.59
N ASP D 1146 -64.69 10.62 81.34
CA ASP D 1146 -65.51 9.86 82.26
C ASP D 1146 -65.59 10.56 83.62
N SER D 1147 -66.82 10.77 84.09
CA SER D 1147 -67.12 11.44 85.37
C SER D 1147 -66.49 12.83 85.45
N GLU E 1 39.54 -29.87 -52.57
CA GLU E 1 38.48 -29.25 -51.80
C GLU E 1 37.19 -30.01 -52.10
N VAL E 2 36.23 -29.35 -52.76
CA VAL E 2 35.03 -30.05 -53.22
C VAL E 2 35.16 -30.31 -54.71
N HIS E 3 34.83 -31.53 -55.13
CA HIS E 3 35.03 -31.94 -56.52
C HIS E 3 33.80 -32.65 -57.03
N LEU E 4 33.20 -32.10 -58.07
CA LEU E 4 32.10 -32.74 -58.79
C LEU E 4 32.56 -33.03 -60.20
N VAL E 5 32.72 -34.30 -60.53
CA VAL E 5 33.25 -34.74 -61.82
C VAL E 5 32.13 -35.45 -62.56
N GLU E 6 31.67 -34.84 -63.65
CA GLU E 6 30.61 -35.44 -64.45
C GLU E 6 31.18 -36.50 -65.38
N SER E 7 30.31 -37.41 -65.81
CA SER E 7 30.67 -38.50 -66.70
C SER E 7 29.40 -38.98 -67.41
N GLY E 8 29.60 -39.73 -68.48
CA GLY E 8 28.48 -40.31 -69.20
C GLY E 8 27.86 -39.45 -70.27
N GLY E 9 28.62 -38.52 -70.86
CA GLY E 9 28.13 -37.72 -71.96
C GLY E 9 28.27 -38.45 -73.29
N GLY E 10 27.72 -37.85 -74.32
CA GLY E 10 27.83 -38.40 -75.65
C GLY E 10 26.72 -37.88 -76.56
N LEU E 11 26.74 -38.38 -77.79
CA LEU E 11 25.77 -38.02 -78.82
C LEU E 11 24.72 -39.12 -78.92
N VAL E 12 23.45 -38.74 -78.89
CA VAL E 12 22.35 -39.70 -78.91
C VAL E 12 21.27 -39.20 -79.87
N GLN E 13 20.59 -40.17 -80.51
CA GLN E 13 19.44 -39.88 -81.36
C GLN E 13 18.24 -39.46 -80.50
N PRO E 14 17.32 -38.68 -81.08
CA PRO E 14 16.11 -38.32 -80.33
C PRO E 14 15.26 -39.53 -79.97
N GLY E 15 14.67 -39.49 -78.79
CA GLY E 15 13.87 -40.60 -78.29
C GLY E 15 14.65 -41.72 -77.66
N GLY E 16 15.96 -41.57 -77.50
CA GLY E 16 16.80 -42.62 -76.96
C GLY E 16 16.86 -42.60 -75.45
N SER E 17 17.83 -43.35 -74.92
CA SER E 17 18.02 -43.46 -73.49
C SER E 17 19.50 -43.25 -73.16
N LEU E 18 19.75 -42.68 -71.98
CA LEU E 18 21.11 -42.34 -71.56
C LEU E 18 21.09 -42.19 -70.05
N ARG E 19 22.22 -42.48 -69.41
CA ARG E 19 22.33 -42.41 -67.95
C ARG E 19 23.52 -41.54 -67.58
N LEU E 20 23.31 -40.60 -66.67
CA LEU E 20 24.32 -39.63 -66.27
C LEU E 20 24.85 -39.96 -64.87
N SER E 21 25.99 -39.37 -64.53
CA SER E 21 26.62 -39.60 -63.23
C SER E 21 27.57 -38.46 -62.89
N CYS E 22 27.68 -38.17 -61.60
CA CYS E 22 28.64 -37.22 -61.06
C CYS E 22 29.38 -37.84 -59.88
N ALA E 23 30.70 -37.67 -59.84
CA ALA E 23 31.47 -38.16 -58.71
C ALA E 23 31.75 -37.04 -57.71
N ALA E 24 31.52 -37.32 -56.43
CA ALA E 24 31.66 -36.32 -55.38
C ALA E 24 32.69 -36.79 -54.36
N SER E 25 33.53 -35.85 -53.92
CA SER E 25 34.57 -36.14 -52.96
C SER E 25 34.94 -34.86 -52.21
N GLY E 26 35.56 -35.05 -51.05
CA GLY E 26 36.03 -33.95 -50.23
C GLY E 26 34.99 -33.31 -49.33
N PHE E 27 33.77 -33.85 -49.29
CA PHE E 27 32.71 -33.29 -48.46
C PHE E 27 31.69 -34.39 -48.17
N THR E 28 30.82 -34.11 -47.20
CA THR E 28 29.77 -35.05 -46.84
C THR E 28 28.67 -35.02 -47.89
N PHE E 29 28.64 -36.04 -48.75
CA PHE E 29 27.65 -36.09 -49.82
C PHE E 29 26.25 -36.37 -49.28
N SER E 30 26.17 -37.04 -48.13
CA SER E 30 24.88 -37.46 -47.61
C SER E 30 24.05 -36.29 -47.11
N ASP E 31 24.70 -35.31 -46.48
CA ASP E 31 23.95 -34.21 -45.85
C ASP E 31 23.43 -33.22 -46.90
N HIS E 32 24.24 -32.89 -47.90
CA HIS E 32 23.91 -31.82 -48.83
C HIS E 32 22.81 -32.23 -49.80
N TYR E 33 21.95 -31.27 -50.15
CA TYR E 33 21.10 -31.41 -51.31
C TYR E 33 21.92 -31.15 -52.58
N MET E 34 21.36 -31.56 -53.72
CA MET E 34 22.01 -31.33 -55.01
C MET E 34 20.99 -30.81 -56.01
N ASP E 35 21.49 -30.14 -57.05
CA ASP E 35 20.66 -29.56 -58.09
C ASP E 35 21.15 -30.00 -59.46
N TRP E 36 20.24 -29.95 -60.42
CA TRP E 36 20.55 -30.10 -61.84
C TRP E 36 20.22 -28.79 -62.54
N VAL E 37 21.23 -28.17 -63.12
CA VAL E 37 21.07 -26.93 -63.89
C VAL E 37 21.69 -27.15 -65.26
N ARG E 38 20.93 -26.84 -66.31
CA ARG E 38 21.38 -27.04 -67.68
C ARG E 38 21.56 -25.70 -68.36
N GLN E 39 22.52 -25.66 -69.29
CA GLN E 39 22.83 -24.48 -70.07
C GLN E 39 22.87 -24.88 -71.54
N ALA E 40 21.88 -24.46 -72.30
CA ALA E 40 21.88 -24.69 -73.73
C ALA E 40 23.01 -23.88 -74.38
N PRO E 41 23.62 -24.37 -75.46
CA PRO E 41 24.73 -23.63 -76.08
C PRO E 41 24.26 -22.30 -76.66
N GLY E 42 24.80 -21.22 -76.11
CA GLY E 42 24.40 -19.88 -76.50
C GLY E 42 23.18 -19.34 -75.79
N LYS E 43 22.58 -20.11 -74.88
CA LYS E 43 21.39 -19.69 -74.15
C LYS E 43 21.67 -19.71 -72.65
N GLY E 44 20.71 -19.24 -71.88
CA GLY E 44 20.90 -19.07 -70.46
C GLY E 44 20.79 -20.37 -69.68
N LEU E 45 21.14 -20.27 -68.40
CA LEU E 45 21.04 -21.40 -67.49
C LEU E 45 19.58 -21.73 -67.22
N GLU E 46 19.29 -23.03 -67.03
CA GLU E 46 17.94 -23.49 -66.75
C GLU E 46 18.01 -24.61 -65.72
N TRP E 47 17.22 -24.47 -64.65
CA TRP E 47 17.18 -25.49 -63.61
C TRP E 47 16.38 -26.69 -64.07
N VAL E 48 16.83 -27.89 -63.69
CA VAL E 48 16.22 -29.14 -64.13
C VAL E 48 15.55 -29.87 -62.98
N GLY E 49 16.30 -30.18 -61.92
CA GLY E 49 15.77 -30.99 -60.85
C GLY E 49 16.47 -30.76 -59.54
N ARG E 50 15.79 -31.10 -58.45
CA ARG E 50 16.31 -31.00 -57.09
C ARG E 50 15.97 -32.28 -56.33
N THR E 51 16.91 -32.76 -55.54
CA THR E 51 16.74 -33.98 -54.77
C THR E 51 17.03 -33.73 -53.30
N ARG E 52 16.47 -34.59 -52.45
CA ARG E 52 16.65 -34.42 -51.00
C ARG E 52 17.62 -35.46 -50.46
N ASN E 53 17.89 -35.36 -49.15
CA ASN E 53 18.84 -36.22 -48.46
C ASN E 53 18.12 -37.37 -47.74
N LYS E 54 18.86 -38.03 -46.84
CA LYS E 54 18.33 -39.11 -46.00
C LYS E 54 17.08 -38.69 -45.23
N ALA E 55 17.06 -37.46 -44.70
CA ALA E 55 16.04 -37.09 -43.73
C ALA E 55 14.67 -36.93 -44.37
N ASN E 56 14.63 -36.64 -45.67
CA ASN E 56 13.37 -36.46 -46.38
C ASN E 56 13.05 -37.63 -47.30
N SER E 57 13.81 -38.72 -47.22
CA SER E 57 13.59 -39.95 -48.00
C SER E 57 13.61 -39.69 -49.50
N TYR E 58 14.60 -38.90 -49.95
CA TYR E 58 14.88 -38.63 -51.36
C TYR E 58 13.70 -37.96 -52.05
N THR E 59 13.18 -36.90 -51.44
CA THR E 59 12.10 -36.15 -52.05
C THR E 59 12.57 -35.45 -53.32
N THR E 60 11.81 -35.62 -54.40
CA THR E 60 12.23 -35.23 -55.73
C THR E 60 11.25 -34.24 -56.33
N GLU E 61 11.78 -33.13 -56.85
CA GLU E 61 10.99 -32.13 -57.55
C GLU E 61 11.56 -31.96 -58.96
N TYR E 62 10.73 -31.42 -59.86
CA TYR E 62 11.15 -31.23 -61.24
C TYR E 62 10.71 -29.84 -61.70
N ALA E 63 11.13 -29.50 -62.91
CA ALA E 63 10.58 -28.32 -63.58
C ALA E 63 9.35 -28.70 -64.38
N ALA E 64 8.68 -27.69 -64.94
CA ALA E 64 7.44 -27.94 -65.67
C ALA E 64 7.71 -28.67 -66.99
N SER E 65 8.76 -28.27 -67.71
CA SER E 65 9.01 -28.82 -69.03
C SER E 65 9.71 -30.18 -68.99
N VAL E 66 10.19 -30.61 -67.83
CA VAL E 66 10.90 -31.89 -67.73
C VAL E 66 10.16 -32.92 -66.90
N LYS E 67 8.95 -32.63 -66.41
CA LYS E 67 8.23 -33.58 -65.57
C LYS E 67 7.72 -34.75 -66.39
N GLY E 68 7.95 -35.97 -65.88
CA GLY E 68 7.49 -37.18 -66.51
C GLY E 68 8.48 -37.80 -67.48
N ARG E 69 9.50 -37.05 -67.89
CA ARG E 69 10.48 -37.55 -68.85
C ARG E 69 11.83 -37.86 -68.22
N PHE E 70 12.16 -37.24 -67.10
CA PHE E 70 13.47 -37.44 -66.49
C PHE E 70 13.35 -38.07 -65.11
N THR E 71 14.40 -38.77 -64.71
CA THR E 71 14.45 -39.46 -63.43
C THR E 71 15.83 -39.23 -62.81
N ILE E 72 15.87 -38.58 -61.65
CA ILE E 72 17.13 -38.34 -60.95
C ILE E 72 17.23 -39.30 -59.77
N SER E 73 18.45 -39.68 -59.43
CA SER E 73 18.69 -40.62 -58.35
C SER E 73 20.10 -40.41 -57.80
N ARG E 74 20.33 -40.89 -56.58
CA ARG E 74 21.62 -40.76 -55.91
C ARG E 74 21.77 -41.90 -54.91
N ASP E 75 23.02 -42.18 -54.55
CA ASP E 75 23.34 -43.15 -53.51
C ASP E 75 24.49 -42.62 -52.66
N ASP E 76 24.28 -42.56 -51.35
CA ASP E 76 25.27 -41.95 -50.46
C ASP E 76 26.46 -42.88 -50.21
N ALA E 77 26.28 -44.18 -50.41
CA ALA E 77 27.40 -45.10 -50.23
C ALA E 77 28.45 -44.92 -51.31
N LYS E 78 28.03 -44.70 -52.56
CA LYS E 78 28.93 -44.47 -53.67
C LYS E 78 29.37 -43.00 -53.75
N ASN E 79 28.65 -42.12 -53.05
CA ASN E 79 28.86 -40.66 -53.10
C ASN E 79 28.75 -40.15 -54.53
N SER E 80 27.65 -40.50 -55.19
CA SER E 80 27.43 -40.17 -56.58
C SER E 80 25.94 -39.98 -56.85
N LEU E 81 25.61 -39.05 -57.75
CA LEU E 81 24.22 -38.82 -58.12
C LEU E 81 24.04 -39.01 -59.62
N TYR E 82 22.87 -39.52 -59.99
CA TYR E 82 22.63 -39.99 -61.35
C TYR E 82 21.40 -39.29 -61.92
N LEU E 83 21.28 -39.28 -63.24
CA LEU E 83 20.08 -38.79 -63.92
C LEU E 83 19.79 -39.72 -65.09
N GLN E 84 18.50 -39.98 -65.33
CA GLN E 84 18.06 -40.87 -66.41
C GLN E 84 17.46 -40.04 -67.55
N MET E 85 17.88 -40.33 -68.78
CA MET E 85 17.42 -39.64 -69.98
C MET E 85 16.35 -40.51 -70.66
N ASN E 86 15.08 -40.16 -70.46
CA ASN E 86 13.98 -40.81 -71.19
C ASN E 86 13.22 -39.78 -72.03
N SER E 87 12.71 -40.26 -73.16
CA SER E 87 11.83 -39.49 -74.06
C SER E 87 12.50 -38.21 -74.52
N LEU E 88 13.58 -38.37 -75.27
CA LEU E 88 14.44 -37.23 -75.58
C LEU E 88 13.88 -36.43 -76.77
N LYS E 89 13.88 -35.12 -76.61
CA LYS E 89 13.49 -34.19 -77.67
C LYS E 89 14.70 -33.35 -78.06
N THR E 90 14.55 -32.55 -79.12
CA THR E 90 15.67 -31.79 -79.65
C THR E 90 16.02 -30.60 -78.77
N GLU E 91 15.13 -30.21 -77.85
CA GLU E 91 15.42 -29.11 -76.94
C GLU E 91 16.30 -29.52 -75.77
N ASP E 92 16.60 -30.80 -75.62
CA ASP E 92 17.35 -31.30 -74.48
C ASP E 92 18.85 -31.17 -74.63
N THR E 93 19.35 -30.70 -75.78
CA THR E 93 20.78 -30.55 -75.95
C THR E 93 21.29 -29.33 -75.18
N ALA E 94 22.28 -29.56 -74.33
CA ALA E 94 22.80 -28.57 -73.40
C ALA E 94 24.06 -29.13 -72.75
N VAL E 95 24.63 -28.35 -71.83
CA VAL E 95 25.65 -28.85 -70.93
C VAL E 95 25.05 -28.99 -69.54
N TYR E 96 25.32 -30.13 -68.90
CA TYR E 96 24.65 -30.51 -67.66
C TYR E 96 25.58 -30.30 -66.48
N TYR E 97 25.23 -29.36 -65.60
CA TYR E 97 25.96 -29.11 -64.37
C TYR E 97 25.19 -29.70 -63.20
N CYS E 98 25.86 -30.55 -62.42
CA CYS E 98 25.32 -31.00 -61.14
C CYS E 98 25.95 -30.18 -60.03
N ALA E 99 25.14 -29.33 -59.39
CA ALA E 99 25.63 -28.32 -58.45
C ALA E 99 25.32 -28.76 -57.03
N ARG E 100 26.08 -28.23 -56.09
CA ARG E 100 25.93 -28.58 -54.67
C ARG E 100 25.15 -27.48 -53.97
N VAL E 101 23.97 -27.82 -53.47
CA VAL E 101 23.16 -26.92 -52.67
C VAL E 101 23.82 -26.73 -51.32
N HIS E 102 23.67 -25.53 -50.72
CA HIS E 102 24.24 -25.21 -49.39
C HIS E 102 23.73 -26.21 -48.37
N ARG E 103 24.54 -26.55 -47.39
CA ARG E 103 24.19 -27.63 -46.46
C ARG E 103 23.21 -27.14 -45.42
N TRP E 104 23.33 -25.89 -45.04
CA TRP E 104 22.58 -25.42 -43.87
C TRP E 104 21.26 -24.83 -44.26
N ALA E 105 20.72 -25.23 -45.41
CA ALA E 105 19.42 -24.78 -45.89
C ALA E 105 18.38 -25.80 -45.44
N TYR E 106 17.21 -25.38 -45.00
CA TYR E 106 16.18 -26.29 -44.46
C TYR E 106 15.00 -26.28 -45.39
N CYS E 107 14.19 -27.36 -45.43
CA CYS E 107 12.96 -27.42 -46.25
C CYS E 107 11.76 -27.86 -45.41
N ILE E 108 10.81 -26.96 -45.14
CA ILE E 108 9.58 -27.27 -44.35
C ILE E 108 8.39 -27.27 -45.28
N ASN E 109 7.64 -28.39 -45.37
CA ASN E 109 6.42 -28.48 -46.24
C ASN E 109 6.89 -28.33 -47.70
N GLY E 110 6.56 -27.22 -48.39
CA GLY E 110 7.01 -26.93 -49.76
C GLY E 110 7.99 -25.80 -49.87
N VAL E 111 7.93 -24.79 -49.02
CA VAL E 111 8.83 -23.62 -49.22
C VAL E 111 10.24 -24.05 -48.84
N CYS E 112 11.27 -23.45 -49.44
CA CYS E 112 12.63 -23.85 -48.99
C CYS E 112 13.40 -22.61 -48.58
N PHE E 113 14.07 -22.67 -47.43
CA PHE E 113 14.76 -21.50 -46.88
C PHE E 113 16.23 -21.76 -47.03
N GLY E 114 16.95 -20.89 -47.73
CA GLY E 114 18.35 -21.15 -48.10
C GLY E 114 18.29 -21.74 -49.46
N ALA E 115 18.56 -23.03 -49.63
CA ALA E 115 18.34 -23.73 -50.90
C ALA E 115 18.99 -23.03 -52.09
N TYR E 116 20.22 -22.56 -51.92
CA TYR E 116 20.93 -21.93 -53.03
C TYR E 116 22.03 -22.88 -53.44
N SER E 117 22.63 -22.66 -54.61
CA SER E 117 23.75 -23.43 -55.15
C SER E 117 25.07 -22.82 -54.72
N ASP E 118 26.03 -23.67 -54.34
CA ASP E 118 27.31 -23.21 -53.81
C ASP E 118 28.51 -23.60 -54.65
N TYR E 119 28.56 -24.82 -55.15
CA TYR E 119 29.68 -25.27 -55.96
C TYR E 119 29.15 -25.93 -57.23
N TRP E 120 29.93 -25.81 -58.31
CA TRP E 120 29.50 -26.27 -59.62
C TRP E 120 30.59 -27.16 -60.22
N GLY E 121 30.17 -28.04 -61.12
CA GLY E 121 31.08 -28.97 -61.77
C GLY E 121 31.37 -28.55 -63.19
N GLN E 122 32.27 -29.30 -63.83
CA GLN E 122 32.72 -28.95 -65.19
C GLN E 122 31.58 -29.11 -66.20
N GLY E 123 30.83 -30.19 -66.11
CA GLY E 123 29.75 -30.45 -67.03
C GLY E 123 30.18 -31.25 -68.25
N THR E 124 29.20 -31.86 -68.91
CA THR E 124 29.43 -32.62 -70.11
C THR E 124 28.47 -32.14 -71.19
N LEU E 125 28.91 -32.21 -72.44
CA LEU E 125 28.13 -31.70 -73.57
C LEU E 125 27.36 -32.86 -74.22
N VAL E 126 26.07 -32.92 -73.90
CA VAL E 126 25.20 -33.90 -74.55
C VAL E 126 24.62 -33.25 -75.81
N THR E 127 24.61 -34.01 -76.90
CA THR E 127 24.09 -33.53 -78.18
C THR E 127 23.02 -34.49 -78.65
N VAL E 128 21.88 -33.94 -79.05
CA VAL E 128 20.77 -34.71 -79.59
C VAL E 128 20.45 -34.17 -80.99
N SER E 129 20.39 -35.07 -81.96
CA SER E 129 20.11 -34.70 -83.35
C SER E 129 19.60 -35.88 -84.15
N GLU F 1 5.50 -18.90 -62.25
CA GLU F 1 6.96 -18.92 -62.20
C GLU F 1 7.53 -17.50 -62.13
N ILE F 2 8.66 -17.37 -61.46
CA ILE F 2 9.31 -16.07 -61.29
C ILE F 2 10.20 -15.84 -62.51
N VAL F 3 9.96 -14.74 -63.22
CA VAL F 3 10.72 -14.40 -64.41
C VAL F 3 11.72 -13.29 -64.05
N LEU F 4 13.00 -13.55 -64.29
CA LEU F 4 14.05 -12.59 -64.02
C LEU F 4 14.49 -11.94 -65.33
N THR F 5 14.45 -10.61 -65.37
CA THR F 5 14.83 -9.84 -66.55
C THR F 5 16.06 -9.01 -66.20
N GLN F 6 17.15 -9.26 -66.91
CA GLN F 6 18.41 -8.55 -66.71
C GLN F 6 18.59 -7.48 -67.78
N SER F 7 19.11 -6.32 -67.36
CA SER F 7 19.31 -5.20 -68.26
C SER F 7 20.44 -4.33 -67.72
N PRO F 8 21.29 -3.77 -68.60
CA PRO F 8 21.33 -3.98 -70.05
C PRO F 8 22.04 -5.27 -70.45
N GLY F 9 21.84 -5.71 -71.70
CA GLY F 9 22.36 -7.00 -72.12
C GLY F 9 23.88 -7.05 -72.20
N THR F 10 24.50 -5.99 -72.72
CA THR F 10 25.93 -6.01 -73.01
C THR F 10 26.62 -4.84 -72.33
N LEU F 11 27.71 -5.14 -71.62
CA LEU F 11 28.56 -4.12 -71.01
C LEU F 11 29.96 -4.24 -71.59
N SER F 12 30.52 -3.12 -72.03
CA SER F 12 31.88 -3.08 -72.57
C SER F 12 32.58 -1.85 -71.99
N LEU F 13 33.28 -2.04 -70.88
CA LEU F 13 33.96 -0.93 -70.21
C LEU F 13 35.44 -1.26 -70.02
N SER F 14 36.23 -0.21 -69.82
CA SER F 14 37.64 -0.24 -69.50
C SER F 14 37.85 -0.69 -68.07
N PRO F 15 39.08 -1.06 -67.69
CA PRO F 15 39.37 -1.24 -66.26
C PRO F 15 39.31 0.08 -65.51
N GLY F 16 38.85 0.02 -64.26
CA GLY F 16 38.94 1.14 -63.34
C GLY F 16 37.62 1.82 -63.02
N GLU F 17 36.72 1.96 -64.00
CA GLU F 17 35.49 2.71 -63.75
C GLU F 17 34.37 1.78 -63.28
N ARG F 18 33.17 2.34 -63.15
CA ARG F 18 32.05 1.71 -62.48
C ARG F 18 31.00 1.27 -63.48
N ALA F 19 30.52 0.04 -63.31
CA ALA F 19 29.42 -0.49 -64.11
C ALA F 19 28.35 -1.06 -63.18
N THR F 20 27.08 -0.88 -63.55
CA THR F 20 25.96 -1.31 -62.72
C THR F 20 25.25 -2.46 -63.44
N LEU F 21 24.70 -3.39 -62.66
CA LEU F 21 23.97 -4.55 -63.18
C LEU F 21 22.65 -4.68 -62.43
N SER F 22 21.58 -4.98 -63.17
CA SER F 22 20.24 -5.04 -62.61
C SER F 22 19.57 -6.36 -62.94
N CYS F 23 18.90 -6.94 -61.95
CA CYS F 23 18.04 -8.09 -62.12
C CYS F 23 16.64 -7.74 -61.62
N ARG F 24 15.66 -7.79 -62.51
CA ARG F 24 14.29 -7.39 -62.20
C ARG F 24 13.40 -8.62 -62.24
N ALA F 25 12.60 -8.81 -61.21
CA ALA F 25 11.72 -9.95 -61.09
C ALA F 25 10.29 -9.59 -61.47
N SER F 26 9.58 -10.56 -62.03
CA SER F 26 8.17 -10.36 -62.37
C SER F 26 7.30 -10.21 -61.14
N GLN F 27 7.59 -10.93 -60.06
CA GLN F 27 6.85 -10.80 -58.82
C GLN F 27 7.85 -10.76 -57.66
N SER F 28 7.36 -10.35 -56.50
CA SER F 28 8.22 -10.16 -55.34
C SER F 28 8.72 -11.49 -54.81
N VAL F 29 10.05 -11.69 -54.90
CA VAL F 29 10.67 -12.98 -54.45
C VAL F 29 10.62 -13.02 -52.93
N SER F 30 10.60 -14.22 -52.33
CA SER F 30 10.42 -14.29 -50.86
C SER F 30 11.69 -13.88 -50.12
N SER F 31 11.59 -12.91 -49.22
CA SER F 31 12.74 -12.54 -48.34
C SER F 31 14.03 -12.28 -49.14
N SER F 32 13.95 -11.64 -50.30
CA SER F 32 15.19 -11.26 -51.02
C SER F 32 16.12 -12.47 -51.17
N TYR F 33 15.58 -13.62 -51.58
CA TYR F 33 16.48 -14.77 -51.83
C TYR F 33 17.00 -14.72 -53.26
N LEU F 34 17.95 -13.84 -53.53
CA LEU F 34 18.53 -13.73 -54.90
C LEU F 34 20.02 -14.05 -54.85
N ALA F 35 20.52 -14.78 -55.84
CA ALA F 35 21.93 -15.12 -55.93
C ALA F 35 22.57 -14.36 -57.10
N TRP F 36 23.89 -14.34 -57.11
CA TRP F 36 24.64 -13.69 -58.19
C TRP F 36 25.79 -14.60 -58.59
N TYR F 37 25.99 -14.75 -59.90
CA TYR F 37 27.01 -15.65 -60.43
C TYR F 37 27.79 -14.96 -61.54
N GLN F 38 28.99 -15.51 -61.78
CA GLN F 38 29.87 -15.06 -62.89
C GLN F 38 30.34 -16.33 -63.62
N GLN F 39 30.17 -16.41 -64.94
CA GLN F 39 30.59 -17.55 -65.72
C GLN F 39 31.63 -17.08 -66.73
N LYS F 40 32.91 -17.26 -66.40
CA LYS F 40 33.93 -17.05 -67.40
C LYS F 40 33.82 -18.14 -68.48
N PRO F 41 34.25 -17.82 -69.71
CA PRO F 41 34.02 -18.65 -70.88
C PRO F 41 34.25 -20.16 -70.76
N GLY F 42 35.33 -20.57 -70.12
CA GLY F 42 35.69 -21.98 -70.11
C GLY F 42 35.65 -22.67 -68.76
N GLN F 43 35.06 -22.02 -67.75
CA GLN F 43 35.05 -22.56 -66.40
C GLN F 43 33.68 -22.34 -65.77
N ALA F 44 33.36 -23.21 -64.82
CA ALA F 44 32.02 -23.29 -64.25
C ALA F 44 31.68 -22.04 -63.43
N PRO F 45 30.39 -21.72 -63.28
CA PRO F 45 30.01 -20.58 -62.43
C PRO F 45 30.34 -20.82 -60.97
N ARG F 46 30.61 -19.72 -60.26
CA ARG F 46 30.95 -19.74 -58.85
C ARG F 46 30.02 -18.77 -58.13
N LEU F 47 29.71 -19.07 -56.87
CA LEU F 47 28.82 -18.22 -56.07
C LEU F 47 29.48 -16.89 -55.75
N LEU F 48 28.71 -15.80 -55.78
CA LEU F 48 29.27 -14.47 -55.42
C LEU F 48 28.50 -13.86 -54.23
N ILE F 49 27.17 -13.75 -54.33
CA ILE F 49 26.36 -13.12 -53.30
C ILE F 49 25.15 -13.98 -53.04
N TYR F 50 24.89 -14.29 -51.76
CA TYR F 50 23.69 -15.00 -51.36
C TYR F 50 22.87 -14.11 -50.43
N GLY F 51 21.57 -14.10 -50.65
CA GLY F 51 20.70 -13.19 -49.89
C GLY F 51 20.75 -11.77 -50.40
N ALA F 52 21.33 -11.57 -51.59
CA ALA F 52 21.35 -10.32 -52.35
C ALA F 52 22.17 -9.20 -51.69
N SER F 53 22.72 -9.45 -50.50
CA SER F 53 23.58 -8.46 -49.87
C SER F 53 24.82 -9.04 -49.19
N SER F 54 24.82 -10.36 -48.97
CA SER F 54 25.94 -10.98 -48.24
C SER F 54 27.01 -11.51 -49.19
N ARG F 55 28.26 -11.39 -48.81
CA ARG F 55 29.35 -11.85 -49.66
C ARG F 55 29.66 -13.31 -49.37
N ALA F 56 30.05 -14.05 -50.41
CA ALA F 56 30.45 -15.43 -50.22
C ALA F 56 31.87 -15.50 -49.67
N THR F 57 32.30 -16.72 -49.34
CA THR F 57 33.65 -16.90 -48.84
C THR F 57 34.66 -16.75 -49.97
N GLY F 58 35.78 -16.08 -49.68
CA GLY F 58 36.78 -15.76 -50.65
C GLY F 58 36.45 -14.58 -51.53
N ILE F 59 35.23 -14.05 -51.42
CA ILE F 59 34.77 -12.93 -52.24
C ILE F 59 35.14 -11.62 -51.54
N PRO F 60 35.82 -10.70 -52.22
CA PRO F 60 36.18 -9.43 -51.57
C PRO F 60 34.99 -8.50 -51.45
N ASP F 61 35.24 -7.34 -50.83
CA ASP F 61 34.25 -6.28 -50.73
C ASP F 61 33.97 -5.59 -52.07
N ARG F 62 34.77 -5.90 -53.09
CA ARG F 62 34.55 -5.37 -54.43
C ARG F 62 33.18 -5.72 -54.98
N PHE F 63 32.74 -6.95 -54.79
CA PHE F 63 31.50 -7.44 -55.36
C PHE F 63 30.34 -6.97 -54.48
N SER F 64 29.64 -5.93 -54.93
CA SER F 64 28.65 -5.24 -54.11
C SER F 64 27.27 -5.32 -54.76
N GLY F 65 26.35 -6.01 -54.12
CA GLY F 65 24.97 -6.11 -54.58
C GLY F 65 24.01 -5.55 -53.55
N SER F 66 22.84 -5.12 -54.02
CA SER F 66 21.85 -4.52 -53.15
C SER F 66 20.48 -4.63 -53.81
N GLY F 67 19.46 -4.26 -53.04
CA GLY F 67 18.09 -4.23 -53.53
C GLY F 67 17.15 -5.00 -52.62
N SER F 68 15.86 -4.73 -52.82
CA SER F 68 14.79 -5.40 -52.08
C SER F 68 13.53 -5.37 -52.94
N GLY F 69 12.59 -6.25 -52.62
CA GLY F 69 11.34 -6.31 -53.34
C GLY F 69 11.48 -6.91 -54.74
N THR F 70 11.37 -6.06 -55.76
CA THR F 70 11.50 -6.50 -57.14
C THR F 70 12.66 -5.83 -57.88
N ASP F 71 13.22 -4.76 -57.34
CA ASP F 71 14.32 -4.03 -57.97
C ASP F 71 15.60 -4.30 -57.20
N PHE F 72 16.59 -4.88 -57.88
CA PHE F 72 17.85 -5.25 -57.28
C PHE F 72 18.99 -4.76 -58.16
N THR F 73 20.12 -4.45 -57.54
CA THR F 73 21.25 -3.85 -58.23
C THR F 73 22.55 -4.44 -57.74
N LEU F 74 23.38 -4.88 -58.68
CA LEU F 74 24.74 -5.37 -58.40
C LEU F 74 25.74 -4.38 -59.00
N THR F 75 26.63 -3.86 -58.16
CA THR F 75 27.55 -2.80 -58.55
C THR F 75 28.99 -3.30 -58.40
N ILE F 76 29.78 -3.14 -59.46
CA ILE F 76 31.19 -3.55 -59.48
C ILE F 76 32.02 -2.29 -59.30
N SER F 77 33.07 -2.41 -58.48
CA SER F 77 34.02 -1.27 -58.30
C SER F 77 35.40 -1.72 -58.82
N ARG F 78 36.19 -0.80 -59.38
CA ARG F 78 37.59 -1.14 -59.77
C ARG F 78 37.64 -2.43 -60.61
N LEU F 79 36.98 -2.44 -61.76
CA LEU F 79 37.03 -3.64 -62.65
C LEU F 79 38.49 -3.96 -62.98
N GLU F 80 38.86 -5.25 -62.97
CA GLU F 80 40.25 -5.67 -63.32
C GLU F 80 40.18 -6.47 -64.63
N PRO F 81 41.20 -6.51 -65.54
CA PRO F 81 41.03 -7.25 -66.81
C PRO F 81 40.56 -8.69 -66.66
N GLU F 82 40.72 -9.31 -65.48
CA GLU F 82 40.33 -10.70 -65.33
C GLU F 82 38.85 -10.87 -65.03
N ASP F 83 38.09 -9.78 -65.00
CA ASP F 83 36.68 -9.81 -64.59
C ASP F 83 35.75 -10.13 -65.76
N PHE F 84 36.29 -10.61 -66.89
CA PHE F 84 35.44 -10.90 -68.04
C PHE F 84 34.64 -12.18 -67.81
N ALA F 85 33.31 -12.07 -67.87
CA ALA F 85 32.38 -13.16 -67.62
C ALA F 85 31.00 -12.72 -68.05
N VAL F 86 30.04 -13.64 -67.96
CA VAL F 86 28.62 -13.34 -68.08
C VAL F 86 28.00 -13.47 -66.70
N TYR F 87 27.27 -12.43 -66.30
CA TYR F 87 26.70 -12.42 -64.94
C TYR F 87 25.27 -12.94 -64.95
N TYR F 88 24.91 -13.71 -63.94
CA TYR F 88 23.59 -14.33 -63.83
C TYR F 88 22.98 -14.07 -62.47
N CYS F 89 21.67 -13.88 -62.44
CA CYS F 89 20.92 -13.81 -61.19
C CYS F 89 19.96 -14.99 -61.11
N GLN F 90 19.84 -15.56 -59.91
CA GLN F 90 18.98 -16.70 -59.67
C GLN F 90 18.13 -16.46 -58.45
N GLN F 91 16.83 -16.78 -58.55
CA GLN F 91 15.93 -16.75 -57.40
C GLN F 91 15.82 -18.15 -56.83
N TYR F 92 15.79 -18.25 -55.50
CA TYR F 92 15.70 -19.54 -54.82
C TYR F 92 14.77 -19.52 -53.61
N GLY F 93 14.18 -18.37 -53.28
CA GLY F 93 13.24 -18.33 -52.18
C GLY F 93 11.95 -19.06 -52.48
N SER F 94 11.44 -18.92 -53.71
CA SER F 94 10.21 -19.54 -54.13
C SER F 94 10.49 -20.55 -55.22
N SER F 95 10.06 -21.79 -54.99
CA SER F 95 10.25 -22.84 -55.98
C SER F 95 9.33 -22.62 -57.18
N PRO F 96 9.78 -22.96 -58.40
CA PRO F 96 11.11 -23.47 -58.77
C PRO F 96 12.14 -22.38 -58.94
N SER F 97 13.43 -22.73 -58.85
CA SER F 97 14.48 -21.77 -59.10
C SER F 97 14.56 -21.43 -60.58
N THR F 98 14.77 -20.14 -60.88
CA THR F 98 14.79 -19.66 -62.24
C THR F 98 15.94 -18.67 -62.41
N PHE F 99 16.65 -18.79 -63.53
CA PHE F 99 17.76 -17.92 -63.86
C PHE F 99 17.31 -16.85 -64.85
N GLY F 100 18.07 -15.75 -64.91
CA GLY F 100 17.84 -14.75 -65.93
C GLY F 100 18.55 -15.09 -67.23
N GLN F 101 18.43 -14.18 -68.19
CA GLN F 101 19.08 -14.39 -69.48
C GLN F 101 20.55 -13.98 -69.48
N GLY F 102 21.01 -13.26 -68.45
CA GLY F 102 22.42 -12.96 -68.35
C GLY F 102 22.78 -11.59 -68.89
N THR F 103 23.91 -11.08 -68.41
CA THR F 103 24.46 -9.81 -68.87
C THR F 103 25.90 -10.03 -69.32
N LYS F 104 26.22 -9.57 -70.52
CA LYS F 104 27.55 -9.78 -71.10
C LYS F 104 28.45 -8.62 -70.68
N LEU F 105 29.57 -8.95 -70.04
CA LEU F 105 30.55 -7.96 -69.60
C LEU F 105 31.88 -8.28 -70.24
N GLU F 106 32.47 -7.29 -70.91
CA GLU F 106 33.78 -7.43 -71.54
C GLU F 106 34.69 -6.31 -71.04
N ILE F 107 35.98 -6.60 -70.91
CA ILE F 107 36.95 -5.62 -70.46
C ILE F 107 37.71 -5.10 -71.67
N LYS F 108 37.75 -3.78 -71.82
CA LYS F 108 38.48 -3.14 -72.91
C LYS F 108 39.99 -3.29 -72.71
N GLN G 14 -8.62 -47.40 -41.16
CA GLN G 14 -9.75 -47.82 -41.97
C GLN G 14 -11.07 -47.42 -41.31
N CYS G 15 -11.89 -46.66 -42.02
CA CYS G 15 -13.15 -46.15 -41.51
C CYS G 15 -14.28 -46.46 -42.48
N VAL G 16 -15.44 -46.80 -41.95
CA VAL G 16 -16.65 -47.02 -42.72
C VAL G 16 -17.75 -46.14 -42.14
N ASN G 17 -18.57 -45.56 -43.02
CA ASN G 17 -19.59 -44.63 -42.57
C ASN G 17 -20.74 -45.36 -41.88
N LEU G 18 -21.55 -44.60 -41.15
CA LEU G 18 -22.82 -45.07 -40.61
C LEU G 18 -23.94 -44.20 -41.16
N THR G 19 -25.03 -44.85 -41.58
CA THR G 19 -26.20 -44.10 -42.01
C THR G 19 -26.84 -43.43 -40.81
N THR G 20 -26.83 -42.09 -40.82
CA THR G 20 -27.26 -41.33 -39.65
C THR G 20 -28.78 -41.37 -39.49
N ARG G 21 -29.22 -41.15 -38.25
CA ARG G 21 -30.64 -41.08 -37.92
C ARG G 21 -31.17 -39.66 -38.00
N THR G 22 -30.49 -38.79 -38.76
CA THR G 22 -30.86 -37.38 -38.98
C THR G 22 -30.96 -36.59 -37.67
N GLN G 23 -30.16 -36.97 -36.68
CA GLN G 23 -29.98 -36.24 -35.42
C GLN G 23 -31.31 -36.06 -34.68
N LEU G 24 -31.81 -37.19 -34.19
CA LEU G 24 -32.99 -37.20 -33.34
C LEU G 24 -32.74 -36.33 -32.10
N PRO G 25 -33.68 -35.44 -31.74
CA PRO G 25 -33.41 -34.45 -30.68
C PRO G 25 -33.25 -35.11 -29.33
N PRO G 26 -32.10 -34.93 -28.68
CA PRO G 26 -31.88 -35.55 -27.37
C PRO G 26 -32.61 -34.81 -26.26
N ALA G 27 -33.08 -35.57 -25.28
CA ALA G 27 -33.73 -34.98 -24.13
C ALA G 27 -32.68 -34.42 -23.16
N TYR G 28 -33.17 -33.70 -22.16
CA TYR G 28 -32.32 -33.10 -21.13
C TYR G 28 -32.67 -33.68 -19.78
N THR G 29 -31.67 -33.75 -18.90
CA THR G 29 -31.86 -34.26 -17.56
C THR G 29 -31.23 -33.30 -16.56
N ASN G 30 -31.50 -33.53 -15.28
CA ASN G 30 -31.08 -32.64 -14.20
C ASN G 30 -29.83 -33.19 -13.52
N SER G 31 -28.90 -32.30 -13.20
CA SER G 31 -27.67 -32.65 -12.49
C SER G 31 -27.79 -32.09 -11.07
N PHE G 32 -28.18 -32.95 -10.14
CA PHE G 32 -28.43 -32.55 -8.76
C PHE G 32 -27.11 -32.39 -8.04
N THR G 33 -26.51 -31.20 -8.19
CA THR G 33 -25.31 -30.77 -7.47
C THR G 33 -24.12 -31.73 -7.67
N ARG G 34 -23.70 -31.86 -8.92
CA ARG G 34 -22.58 -32.72 -9.28
C ARG G 34 -21.51 -31.90 -9.99
N GLY G 35 -20.28 -32.42 -9.98
CA GLY G 35 -19.18 -31.80 -10.69
C GLY G 35 -18.20 -31.03 -9.84
N VAL G 36 -18.30 -31.09 -8.52
CA VAL G 36 -17.39 -30.36 -7.64
C VAL G 36 -16.06 -31.09 -7.57
N TYR G 37 -14.98 -30.38 -7.84
CA TYR G 37 -13.63 -30.94 -7.81
C TYR G 37 -12.76 -30.17 -6.81
N TYR G 38 -11.61 -30.74 -6.49
CA TYR G 38 -10.67 -30.08 -5.61
C TYR G 38 -9.97 -28.95 -6.36
N PRO G 39 -10.06 -27.71 -5.88
CA PRO G 39 -9.42 -26.61 -6.61
C PRO G 39 -7.92 -26.50 -6.34
N ASP G 40 -7.47 -26.99 -5.19
CA ASP G 40 -6.08 -26.87 -4.77
C ASP G 40 -5.60 -28.20 -4.21
N LYS G 41 -4.28 -28.36 -4.21
CA LYS G 41 -3.62 -29.56 -3.67
C LYS G 41 -3.10 -29.33 -2.26
N VAL G 42 -3.71 -28.41 -1.53
CA VAL G 42 -3.29 -28.06 -0.17
C VAL G 42 -4.32 -28.63 0.80
N PHE G 43 -3.84 -29.35 1.81
CA PHE G 43 -4.72 -30.01 2.76
C PHE G 43 -5.44 -28.98 3.64
N ARG G 44 -6.77 -29.00 3.60
CA ARG G 44 -7.57 -28.09 4.46
C ARG G 44 -8.52 -28.96 5.27
N SER G 45 -8.59 -28.75 6.57
CA SER G 45 -9.41 -29.53 7.49
C SER G 45 -10.30 -28.63 8.32
N SER G 46 -11.59 -28.96 8.36
CA SER G 46 -12.59 -28.28 9.19
C SER G 46 -12.67 -26.78 8.92
N VAL G 47 -12.61 -26.42 7.64
CA VAL G 47 -12.66 -25.02 7.23
C VAL G 47 -13.62 -24.88 6.06
N LEU G 48 -14.18 -23.69 5.91
CA LEU G 48 -15.05 -23.35 4.79
C LEU G 48 -14.28 -22.41 3.87
N HIS G 49 -13.95 -22.89 2.67
CA HIS G 49 -13.13 -22.16 1.72
C HIS G 49 -13.97 -21.78 0.51
N SER G 50 -13.87 -20.51 0.10
CA SER G 50 -14.63 -19.99 -1.04
C SER G 50 -13.70 -19.86 -2.23
N THR G 51 -14.05 -20.50 -3.34
CA THR G 51 -13.26 -20.50 -4.56
C THR G 51 -14.10 -20.00 -5.72
N GLN G 52 -13.46 -19.24 -6.61
CA GLN G 52 -14.09 -18.80 -7.85
C GLN G 52 -13.35 -19.45 -9.00
N ASP G 53 -13.87 -20.57 -9.48
CA ASP G 53 -13.27 -21.33 -10.56
C ASP G 53 -14.37 -21.71 -11.55
N LEU G 54 -14.04 -22.61 -12.47
CA LEU G 54 -14.98 -23.06 -13.50
C LEU G 54 -15.69 -24.29 -12.99
N PHE G 55 -16.93 -24.12 -12.51
CA PHE G 55 -17.71 -25.20 -11.94
C PHE G 55 -18.98 -25.40 -12.76
N LEU G 56 -19.49 -26.62 -12.72
CA LEU G 56 -20.80 -26.89 -13.31
C LEU G 56 -21.87 -26.24 -12.45
N PRO G 57 -22.83 -25.52 -13.05
CA PRO G 57 -23.90 -24.92 -12.25
C PRO G 57 -24.79 -25.98 -11.61
N PHE G 58 -25.25 -25.69 -10.40
CA PHE G 58 -26.11 -26.63 -9.68
C PHE G 58 -27.51 -26.63 -10.29
N PHE G 59 -28.09 -27.83 -10.37
CA PHE G 59 -29.43 -28.05 -10.95
C PHE G 59 -29.52 -27.55 -12.39
N SER G 60 -28.44 -27.71 -13.14
CA SER G 60 -28.39 -27.25 -14.52
C SER G 60 -28.93 -28.34 -15.46
N ASN G 61 -29.20 -27.93 -16.70
CA ASN G 61 -29.66 -28.85 -17.73
C ASN G 61 -28.46 -29.40 -18.48
N VAL G 62 -28.31 -30.72 -18.46
CA VAL G 62 -27.25 -31.40 -19.20
C VAL G 62 -27.90 -32.32 -20.22
N THR G 63 -27.42 -32.26 -21.46
CA THR G 63 -27.95 -33.13 -22.51
C THR G 63 -27.39 -34.54 -22.34
N TRP G 64 -28.22 -35.53 -22.66
CA TRP G 64 -27.87 -36.92 -22.46
C TRP G 64 -28.17 -37.73 -23.72
N PHE G 65 -27.18 -38.51 -24.16
CA PHE G 65 -27.28 -39.33 -25.35
C PHE G 65 -27.14 -40.80 -24.97
N HIS G 66 -27.95 -41.65 -25.58
CA HIS G 66 -27.75 -43.09 -25.43
C HIS G 66 -26.45 -43.52 -26.11
N ALA G 67 -25.71 -44.42 -25.46
CA ALA G 67 -24.56 -45.03 -26.12
C ALA G 67 -25.01 -45.88 -27.30
N ILE G 68 -26.09 -46.64 -27.13
CA ILE G 68 -26.78 -47.34 -28.21
C ILE G 68 -28.27 -47.07 -28.07
N HIS G 69 -28.87 -46.52 -29.13
CA HIS G 69 -30.30 -46.24 -29.17
C HIS G 69 -30.91 -46.92 -30.38
N VAL G 70 -32.01 -47.64 -30.17
CA VAL G 70 -32.77 -48.20 -31.27
C VAL G 70 -33.94 -47.26 -31.60
N SER G 71 -34.00 -46.81 -32.84
CA SER G 71 -35.03 -45.88 -33.26
C SER G 71 -35.91 -46.44 -34.38
N GLY G 72 -35.32 -47.17 -35.31
CA GLY G 72 -36.05 -47.74 -36.42
C GLY G 72 -36.80 -49.01 -36.07
N THR G 76 -32.75 -53.07 -36.15
CA THR G 76 -31.73 -52.20 -36.75
C THR G 76 -31.41 -51.03 -35.83
N LYS G 77 -30.68 -51.32 -34.75
CA LYS G 77 -30.29 -50.27 -33.82
C LYS G 77 -29.19 -49.40 -34.42
N ARG G 78 -29.42 -48.09 -34.43
CA ARG G 78 -28.46 -47.13 -34.97
C ARG G 78 -28.17 -46.09 -33.90
N PHE G 79 -26.96 -46.10 -33.37
CA PHE G 79 -26.58 -45.23 -32.27
C PHE G 79 -26.11 -43.88 -32.81
N ASP G 80 -25.81 -42.97 -31.88
CA ASP G 80 -25.32 -41.64 -32.21
C ASP G 80 -24.15 -41.26 -31.30
N ASN G 81 -23.21 -40.49 -31.85
CA ASN G 81 -22.16 -39.84 -31.08
C ASN G 81 -21.73 -38.55 -31.76
N PRO G 82 -22.53 -37.49 -31.64
CA PRO G 82 -22.23 -36.24 -32.35
C PRO G 82 -20.99 -35.55 -31.82
N VAL G 83 -20.40 -34.72 -32.68
CA VAL G 83 -19.31 -33.85 -32.25
C VAL G 83 -19.90 -32.73 -31.40
N LEU G 84 -19.28 -32.47 -30.25
CA LEU G 84 -19.83 -31.54 -29.30
C LEU G 84 -18.84 -30.42 -29.02
N PRO G 85 -19.31 -29.21 -28.73
CA PRO G 85 -18.40 -28.10 -28.44
C PRO G 85 -17.72 -28.28 -27.09
N PHE G 86 -16.63 -27.53 -26.92
CA PHE G 86 -15.83 -27.51 -25.69
C PHE G 86 -15.81 -26.05 -25.24
N ASN G 87 -16.84 -25.65 -24.50
CA ASN G 87 -17.03 -24.25 -24.11
C ASN G 87 -16.58 -24.08 -22.65
N ASP G 88 -15.29 -23.75 -22.48
CA ASP G 88 -14.69 -23.47 -21.17
C ASP G 88 -14.85 -24.63 -20.20
N GLY G 89 -14.68 -25.85 -20.66
CA GLY G 89 -14.75 -27.01 -19.79
C GLY G 89 -16.00 -27.83 -20.04
N VAL G 90 -15.82 -29.15 -20.01
CA VAL G 90 -16.91 -30.10 -20.22
C VAL G 90 -16.94 -31.10 -19.08
N TYR G 91 -18.10 -31.23 -18.45
CA TYR G 91 -18.34 -32.24 -17.44
C TYR G 91 -18.93 -33.47 -18.11
N PHE G 92 -18.18 -34.57 -18.09
CA PHE G 92 -18.57 -35.80 -18.79
C PHE G 92 -18.92 -36.84 -17.74
N ALA G 93 -20.18 -37.24 -17.70
CA ALA G 93 -20.67 -38.25 -16.77
C ALA G 93 -21.18 -39.46 -17.55
N SER G 94 -20.82 -40.65 -17.09
CA SER G 94 -21.15 -41.88 -17.80
C SER G 94 -21.68 -42.93 -16.82
N THR G 95 -22.68 -43.69 -17.26
CA THR G 95 -23.23 -44.81 -16.51
C THR G 95 -23.24 -46.02 -17.46
N GLU G 96 -22.27 -46.93 -17.27
CA GLU G 96 -22.11 -48.06 -18.17
C GLU G 96 -21.85 -49.31 -17.35
N LYS G 97 -22.05 -50.47 -17.99
CA LYS G 97 -21.81 -51.76 -17.37
C LYS G 97 -21.00 -52.71 -18.25
N SER G 98 -20.62 -52.30 -19.46
CA SER G 98 -19.87 -53.17 -20.35
C SER G 98 -18.64 -52.49 -20.95
N ASN G 99 -18.21 -51.36 -20.36
CA ASN G 99 -17.03 -50.61 -20.80
C ASN G 99 -17.13 -50.20 -22.28
N ILE G 100 -18.33 -49.81 -22.70
CA ILE G 100 -18.56 -49.44 -24.09
C ILE G 100 -17.87 -48.13 -24.46
N ILE G 101 -17.70 -47.20 -23.51
CA ILE G 101 -17.03 -45.93 -23.76
C ILE G 101 -15.56 -46.09 -23.44
N ARG G 102 -14.70 -45.71 -24.39
CA ARG G 102 -13.27 -45.96 -24.27
C ARG G 102 -12.42 -44.70 -24.15
N GLY G 103 -12.88 -43.57 -24.65
CA GLY G 103 -12.08 -42.36 -24.56
C GLY G 103 -12.71 -41.24 -25.38
N TRP G 104 -11.92 -40.18 -25.55
CA TRP G 104 -12.38 -38.97 -26.21
C TRP G 104 -11.28 -38.44 -27.13
N ILE G 105 -11.69 -37.61 -28.09
CA ILE G 105 -10.77 -36.88 -28.94
C ILE G 105 -11.03 -35.40 -28.78
N PHE G 106 -9.97 -34.61 -28.78
CA PHE G 106 -10.08 -33.17 -28.59
C PHE G 106 -9.33 -32.45 -29.71
N GLY G 107 -9.91 -31.35 -30.20
CA GLY G 107 -9.28 -30.59 -31.25
C GLY G 107 -10.16 -29.43 -31.65
N THR G 108 -9.70 -28.71 -32.67
CA THR G 108 -10.45 -27.57 -33.22
C THR G 108 -11.22 -27.96 -34.48
N THR G 109 -10.52 -28.48 -35.49
CA THR G 109 -11.15 -28.91 -36.72
C THR G 109 -10.99 -30.41 -36.99
N LEU G 110 -10.21 -31.11 -36.16
CA LEU G 110 -10.18 -32.57 -36.09
C LEU G 110 -9.73 -33.23 -37.39
N ASP G 111 -8.72 -32.65 -38.04
CA ASP G 111 -8.09 -33.27 -39.19
C ASP G 111 -6.62 -32.84 -39.24
N SER G 112 -5.99 -33.03 -40.40
CA SER G 112 -4.56 -32.82 -40.54
C SER G 112 -4.13 -31.36 -40.52
N LYS G 113 -5.07 -30.42 -40.54
CA LYS G 113 -4.70 -29.00 -40.53
C LYS G 113 -4.11 -28.59 -39.19
N THR G 114 -4.75 -28.99 -38.09
CA THR G 114 -4.32 -28.58 -36.75
C THR G 114 -4.04 -29.80 -35.90
N GLN G 115 -3.30 -29.58 -34.82
CA GLN G 115 -3.00 -30.64 -33.86
C GLN G 115 -4.27 -31.04 -33.10
N SER G 116 -4.33 -32.31 -32.74
CA SER G 116 -5.49 -32.85 -32.03
C SER G 116 -5.01 -33.79 -30.92
N LEU G 117 -5.88 -33.97 -29.93
CA LEU G 117 -5.55 -34.75 -28.74
C LEU G 117 -6.40 -36.02 -28.73
N LEU G 118 -5.77 -37.15 -28.39
CA LEU G 118 -6.40 -38.46 -28.40
C LEU G 118 -6.25 -39.11 -27.03
N ILE G 119 -7.36 -39.63 -26.51
CA ILE G 119 -7.36 -40.49 -25.33
C ILE G 119 -8.13 -41.75 -25.69
N VAL G 120 -7.49 -42.91 -25.52
CA VAL G 120 -8.16 -44.20 -25.70
C VAL G 120 -7.68 -45.12 -24.59
N ASN G 121 -8.60 -45.93 -24.05
CA ASN G 121 -8.32 -46.80 -22.93
C ASN G 121 -8.58 -48.24 -23.34
N ASN G 122 -7.51 -49.00 -23.53
CA ASN G 122 -7.64 -50.44 -23.75
C ASN G 122 -7.43 -51.14 -22.40
N ALA G 123 -7.28 -52.46 -22.44
CA ALA G 123 -7.36 -53.26 -21.23
C ALA G 123 -6.15 -53.11 -20.31
N THR G 124 -5.08 -52.45 -20.75
CA THR G 124 -3.85 -52.42 -19.96
C THR G 124 -3.46 -51.03 -19.48
N ASN G 125 -3.55 -50.00 -20.33
CA ASN G 125 -3.02 -48.69 -19.96
C ASN G 125 -3.74 -47.62 -20.76
N VAL G 126 -3.34 -46.36 -20.54
CA VAL G 126 -3.91 -45.20 -21.21
C VAL G 126 -2.97 -44.77 -22.33
N VAL G 127 -3.54 -44.48 -23.49
CA VAL G 127 -2.79 -43.93 -24.62
C VAL G 127 -3.20 -42.48 -24.78
N ILE G 128 -2.28 -41.56 -24.48
CA ILE G 128 -2.51 -40.13 -24.65
C ILE G 128 -1.53 -39.64 -25.70
N LYS G 129 -2.06 -39.24 -26.86
CA LYS G 129 -1.24 -38.81 -27.98
C LYS G 129 -1.73 -37.45 -28.46
N VAL G 130 -0.79 -36.53 -28.64
CA VAL G 130 -1.06 -35.20 -29.18
C VAL G 130 -0.34 -35.13 -30.52
N CYS G 131 -1.08 -35.39 -31.60
CA CYS G 131 -0.47 -35.53 -32.92
C CYS G 131 -1.36 -34.78 -33.91
N GLU G 132 -0.99 -34.80 -35.19
CA GLU G 132 -1.84 -34.28 -36.25
C GLU G 132 -2.57 -35.46 -36.89
N PHE G 133 -3.57 -35.96 -36.18
CA PHE G 133 -4.35 -37.08 -36.68
C PHE G 133 -5.27 -36.63 -37.82
N GLN G 134 -5.61 -37.58 -38.69
CA GLN G 134 -6.66 -37.38 -39.69
C GLN G 134 -7.84 -38.23 -39.25
N PHE G 135 -8.69 -37.65 -38.41
CA PHE G 135 -9.87 -38.36 -37.94
C PHE G 135 -10.91 -38.46 -39.04
N CYS G 136 -11.49 -39.65 -39.19
CA CYS G 136 -12.55 -39.85 -40.14
C CYS G 136 -13.88 -39.35 -39.56
N ASN G 137 -14.95 -39.52 -40.34
CA ASN G 137 -16.25 -38.99 -39.95
C ASN G 137 -16.81 -39.72 -38.73
N ASP G 138 -16.58 -41.03 -38.67
CA ASP G 138 -17.16 -41.84 -37.56
C ASP G 138 -16.08 -42.61 -36.81
N PRO G 139 -15.53 -42.08 -35.70
CA PRO G 139 -14.54 -42.81 -34.91
C PRO G 139 -15.07 -44.05 -34.20
N PHE G 140 -14.23 -45.07 -34.01
CA PHE G 140 -14.62 -46.32 -33.31
C PHE G 140 -13.37 -46.97 -32.73
N LEU G 141 -13.53 -47.92 -31.82
CA LEU G 141 -12.39 -48.72 -31.31
C LEU G 141 -12.98 -50.13 -31.41
N GLY G 142 -13.14 -50.62 -32.64
CA GLY G 142 -13.86 -51.89 -32.80
C GLY G 142 -13.24 -52.99 -31.97
N VAL G 143 -14.02 -53.85 -31.33
CA VAL G 143 -13.37 -54.88 -30.47
C VAL G 143 -14.16 -56.19 -30.56
N TYR G 144 -13.54 -57.24 -31.09
CA TYR G 144 -14.26 -58.50 -31.14
C TYR G 144 -13.76 -59.44 -30.05
N TYR G 145 -14.67 -60.26 -29.52
CA TYR G 145 -14.33 -61.17 -28.44
C TYR G 145 -13.45 -62.30 -28.95
N HIS G 146 -12.37 -62.56 -28.23
CA HIS G 146 -11.45 -63.63 -28.59
C HIS G 146 -10.66 -64.11 -27.37
N MET G 153 -10.40 -60.02 -25.25
CA MET G 153 -10.95 -59.42 -26.46
C MET G 153 -9.87 -58.67 -27.25
N GLU G 154 -9.99 -58.71 -28.57
CA GLU G 154 -8.99 -58.08 -29.43
C GLU G 154 -9.53 -56.78 -30.02
N SER G 155 -8.77 -55.71 -29.85
CA SER G 155 -9.19 -54.37 -30.24
C SER G 155 -8.50 -53.96 -31.54
N GLU G 156 -9.28 -53.42 -32.48
CA GLU G 156 -8.76 -52.88 -33.73
C GLU G 156 -8.96 -51.38 -33.74
N PHE G 157 -7.88 -50.65 -34.00
CA PHE G 157 -7.94 -49.17 -33.95
C PHE G 157 -8.49 -48.62 -35.26
N ARG G 158 -9.58 -47.88 -35.18
CA ARG G 158 -10.20 -47.24 -36.34
C ARG G 158 -10.48 -45.77 -36.10
N VAL G 159 -9.72 -45.11 -35.22
CA VAL G 159 -10.04 -43.73 -34.87
C VAL G 159 -9.27 -42.75 -35.76
N TYR G 160 -8.02 -43.05 -36.07
CA TYR G 160 -7.20 -42.16 -36.89
C TYR G 160 -6.68 -42.90 -38.11
N SER G 161 -6.77 -42.25 -39.27
CA SER G 161 -6.22 -42.83 -40.50
C SER G 161 -4.70 -42.73 -40.52
N SER G 162 -4.15 -41.58 -40.11
CA SER G 162 -2.71 -41.35 -40.16
C SER G 162 -2.33 -40.39 -39.04
N ALA G 163 -1.13 -40.58 -38.50
CA ALA G 163 -0.59 -39.75 -37.42
C ALA G 163 0.74 -39.16 -37.87
N ASN G 164 0.84 -37.84 -37.83
CA ASN G 164 2.06 -37.14 -38.23
C ASN G 164 2.35 -36.03 -37.23
N ASN G 165 3.63 -35.66 -37.16
CA ASN G 165 4.13 -34.55 -36.34
C ASN G 165 3.77 -34.73 -34.87
N CYS G 166 4.02 -35.93 -34.37
CA CYS G 166 3.68 -36.26 -32.99
C CYS G 166 4.59 -35.53 -32.01
N THR G 167 4.01 -35.09 -30.89
CA THR G 167 4.72 -34.22 -29.96
C THR G 167 4.68 -34.73 -28.52
N PHE G 168 3.61 -35.41 -28.12
CA PHE G 168 3.43 -35.76 -26.73
C PHE G 168 3.03 -37.23 -26.62
N GLU G 169 3.45 -37.85 -25.52
CA GLU G 169 3.15 -39.26 -25.27
C GLU G 169 3.10 -39.49 -23.78
N TYR G 170 2.10 -40.23 -23.31
CA TYR G 170 1.90 -40.45 -21.89
C TYR G 170 1.14 -41.74 -21.66
N VAL G 171 1.67 -42.61 -20.81
CA VAL G 171 1.04 -43.88 -20.46
C VAL G 171 1.04 -44.03 -18.95
N SER G 172 -0.04 -44.57 -18.41
CA SER G 172 -0.17 -44.82 -16.97
C SER G 172 -1.21 -45.91 -16.75
N GLN G 173 -1.63 -46.08 -15.49
CA GLN G 173 -2.69 -47.02 -15.16
C GLN G 173 -4.01 -46.57 -15.76
N PRO G 174 -4.89 -47.51 -16.12
CA PRO G 174 -6.12 -47.15 -16.85
C PRO G 174 -7.03 -46.20 -16.08
N PHE G 175 -7.55 -45.21 -16.80
CA PHE G 175 -8.48 -44.25 -16.20
C PHE G 175 -9.81 -44.91 -15.89
N LEU G 176 -10.25 -45.81 -16.75
CA LEU G 176 -11.50 -46.54 -16.56
C LEU G 176 -11.19 -47.98 -16.20
N MET G 177 -11.83 -48.48 -15.16
CA MET G 177 -11.57 -49.84 -14.69
C MET G 177 -12.47 -50.83 -15.41
N ASP G 178 -12.08 -52.11 -15.32
CA ASP G 178 -12.80 -53.18 -16.00
C ASP G 178 -14.14 -53.44 -15.31
N LEU G 179 -15.17 -53.71 -16.11
CA LEU G 179 -16.50 -53.97 -15.59
C LEU G 179 -17.00 -55.38 -15.91
N GLU G 180 -16.10 -56.27 -16.33
CA GLU G 180 -16.49 -57.63 -16.67
C GLU G 180 -16.52 -58.52 -15.44
N ASN G 185 -23.88 -56.37 -13.46
CA ASN G 185 -25.05 -56.12 -12.63
C ASN G 185 -25.32 -54.63 -12.51
N PHE G 186 -24.99 -54.06 -11.36
CA PHE G 186 -25.19 -52.62 -11.15
C PHE G 186 -24.15 -51.83 -11.93
N LYS G 187 -24.57 -50.67 -12.44
CA LYS G 187 -23.65 -49.80 -13.15
C LYS G 187 -22.74 -49.07 -12.16
N ASN G 188 -21.67 -48.49 -12.70
CA ASN G 188 -20.75 -47.67 -11.93
C ASN G 188 -20.65 -46.29 -12.56
N LEU G 189 -20.92 -45.25 -11.77
CA LEU G 189 -20.93 -43.90 -12.27
C LEU G 189 -19.51 -43.39 -12.45
N ARG G 190 -19.20 -42.90 -13.66
CA ARG G 190 -17.91 -42.33 -13.98
C ARG G 190 -18.10 -40.86 -14.35
N GLU G 191 -17.37 -39.98 -13.67
CA GLU G 191 -17.45 -38.55 -13.91
C GLU G 191 -16.09 -38.01 -14.28
N PHE G 192 -16.04 -37.14 -15.29
CA PHE G 192 -14.79 -36.54 -15.74
C PHE G 192 -15.02 -35.07 -16.03
N VAL G 193 -14.08 -34.24 -15.58
CA VAL G 193 -14.09 -32.81 -15.86
C VAL G 193 -12.79 -32.45 -16.57
N PHE G 194 -12.91 -31.85 -17.75
CA PHE G 194 -11.76 -31.50 -18.57
C PHE G 194 -11.63 -29.98 -18.63
N LYS G 195 -10.45 -29.47 -18.29
CA LYS G 195 -10.18 -28.03 -18.33
C LYS G 195 -8.93 -27.77 -19.15
N ASN G 196 -8.98 -26.72 -19.95
CA ASN G 196 -7.84 -26.27 -20.77
C ASN G 196 -7.52 -24.83 -20.41
N ILE G 197 -6.70 -24.63 -19.38
CA ILE G 197 -6.29 -23.30 -18.94
C ILE G 197 -4.77 -23.24 -18.94
N ASP G 198 -4.24 -22.12 -19.45
CA ASP G 198 -2.80 -21.81 -19.45
C ASP G 198 -1.97 -22.88 -20.16
N GLY G 199 -2.56 -23.52 -21.16
CA GLY G 199 -1.88 -24.57 -21.89
C GLY G 199 -1.81 -25.90 -21.19
N TYR G 200 -2.43 -26.05 -20.02
CA TYR G 200 -2.43 -27.29 -19.27
C TYR G 200 -3.80 -27.95 -19.37
N PHE G 201 -3.81 -29.22 -19.71
CA PHE G 201 -5.05 -30.01 -19.78
C PHE G 201 -5.21 -30.75 -18.46
N LYS G 202 -6.25 -30.40 -17.71
CA LYS G 202 -6.47 -30.94 -16.37
C LYS G 202 -7.67 -31.88 -16.39
N ILE G 203 -7.51 -33.07 -15.82
CA ILE G 203 -8.55 -34.08 -15.75
C ILE G 203 -8.83 -34.39 -14.29
N TYR G 204 -10.11 -34.33 -13.90
CA TYR G 204 -10.54 -34.69 -12.56
C TYR G 204 -11.54 -35.84 -12.69
N SER G 205 -11.46 -36.81 -11.77
CA SER G 205 -12.31 -37.98 -11.84
C SER G 205 -12.61 -38.49 -10.44
N LYS G 206 -13.72 -39.21 -10.33
CA LYS G 206 -14.12 -39.90 -9.11
C LYS G 206 -14.96 -41.11 -9.49
N HIS G 207 -14.68 -42.25 -8.85
CA HIS G 207 -15.30 -43.52 -9.20
C HIS G 207 -16.28 -43.88 -8.10
N THR G 208 -17.57 -43.87 -8.42
CA THR G 208 -18.63 -44.19 -7.46
C THR G 208 -19.61 -45.18 -8.08
N PRO G 209 -19.87 -46.31 -7.43
CA PRO G 209 -20.88 -47.24 -7.94
C PRO G 209 -22.29 -46.66 -7.80
N ILE G 210 -23.19 -47.10 -8.66
CA ILE G 210 -24.58 -46.66 -8.65
C ILE G 210 -25.46 -47.90 -8.53
N ASN G 211 -26.69 -47.68 -8.07
CA ASN G 211 -27.64 -48.79 -7.92
C ASN G 211 -29.06 -48.30 -8.18
N LEU G 212 -29.67 -48.81 -9.25
CA LEU G 212 -31.08 -48.61 -9.61
C LEU G 212 -31.44 -47.15 -9.85
N VAL G 213 -30.48 -46.33 -10.27
CA VAL G 213 -30.74 -44.94 -10.64
C VAL G 213 -30.38 -44.77 -12.11
N ARG G 214 -31.40 -44.47 -12.93
CA ARG G 214 -31.16 -44.30 -14.36
C ARG G 214 -30.47 -42.98 -14.66
N ASP G 215 -30.89 -41.92 -13.98
CA ASP G 215 -30.33 -40.59 -14.20
C ASP G 215 -29.16 -40.35 -13.23
N LEU G 216 -28.72 -39.11 -13.14
CA LEU G 216 -27.67 -38.76 -12.19
C LEU G 216 -28.22 -38.85 -10.76
N PRO G 217 -27.53 -39.56 -9.87
CA PRO G 217 -28.01 -39.70 -8.50
C PRO G 217 -27.82 -38.42 -7.70
N GLN G 218 -28.69 -38.25 -6.71
CA GLN G 218 -28.63 -37.09 -5.83
C GLN G 218 -27.65 -37.37 -4.70
N GLY G 219 -26.65 -36.51 -4.56
CA GLY G 219 -25.62 -36.70 -3.57
C GLY G 219 -24.44 -35.80 -3.89
N PHE G 220 -23.36 -36.02 -3.14
CA PHE G 220 -22.14 -35.24 -3.29
C PHE G 220 -20.96 -36.18 -3.50
N SER G 221 -20.16 -35.89 -4.52
CA SER G 221 -18.95 -36.65 -4.81
C SER G 221 -17.87 -35.70 -5.28
N ALA G 222 -16.83 -35.54 -4.47
CA ALA G 222 -15.73 -34.66 -4.79
C ALA G 222 -14.78 -35.32 -5.79
N LEU G 223 -14.47 -34.61 -6.86
CA LEU G 223 -13.65 -35.14 -7.94
C LEU G 223 -12.18 -34.89 -7.62
N GLU G 224 -11.45 -35.97 -7.34
CA GLU G 224 -10.03 -35.88 -7.04
C GLU G 224 -9.24 -35.60 -8.33
N PRO G 225 -8.12 -34.87 -8.21
CA PRO G 225 -7.28 -34.66 -9.40
C PRO G 225 -6.66 -35.96 -9.91
N LEU G 226 -6.50 -36.04 -11.22
CA LEU G 226 -5.95 -37.23 -11.85
C LEU G 226 -4.61 -36.97 -12.51
N VAL G 227 -4.53 -36.01 -13.43
CA VAL G 227 -3.30 -35.73 -14.16
C VAL G 227 -3.38 -34.31 -14.70
N ASP G 228 -2.21 -33.68 -14.86
CA ASP G 228 -2.10 -32.35 -15.47
C ASP G 228 -1.19 -32.47 -16.68
N LEU G 229 -1.78 -32.47 -17.87
CA LEU G 229 -1.03 -32.72 -19.09
C LEU G 229 -0.52 -31.41 -19.67
N PRO G 230 0.79 -31.25 -19.86
CA PRO G 230 1.34 -30.04 -20.51
C PRO G 230 1.25 -30.11 -22.03
N ILE G 231 0.01 -30.10 -22.54
CA ILE G 231 -0.24 -30.30 -24.00
C ILE G 231 0.13 -29.07 -24.84
N GLY G 232 -0.54 -27.94 -24.66
CA GLY G 232 -0.24 -26.78 -25.53
C GLY G 232 -0.99 -26.74 -26.86
N ILE G 233 -2.14 -27.41 -26.97
CA ILE G 233 -2.99 -27.29 -28.20
C ILE G 233 -4.19 -26.40 -27.92
N ASN G 234 -4.99 -26.10 -28.94
CA ASN G 234 -6.23 -25.29 -28.79
C ASN G 234 -7.38 -26.29 -28.86
N ILE G 235 -8.31 -26.25 -27.91
CA ILE G 235 -9.42 -27.27 -27.89
C ILE G 235 -10.74 -26.53 -28.04
N THR G 236 -11.58 -26.94 -28.99
CA THR G 236 -12.87 -26.31 -29.22
C THR G 236 -13.99 -27.32 -29.40
N ARG G 237 -13.70 -28.48 -29.99
CA ARG G 237 -14.69 -29.53 -30.16
C ARG G 237 -14.18 -30.81 -29.50
N PHE G 238 -15.11 -31.70 -29.16
CA PHE G 238 -14.73 -33.01 -28.66
C PHE G 238 -15.80 -34.03 -29.06
N GLN G 239 -15.41 -35.30 -29.01
CA GLN G 239 -16.26 -36.41 -29.38
C GLN G 239 -16.03 -37.55 -28.39
N THR G 240 -16.94 -38.53 -28.41
CA THR G 240 -16.87 -39.69 -27.54
C THR G 240 -16.61 -40.93 -28.36
N LEU G 241 -15.61 -41.72 -27.95
CA LEU G 241 -15.18 -42.89 -28.71
C LEU G 241 -15.89 -44.13 -28.16
N LEU G 242 -16.71 -44.76 -29.01
CA LEU G 242 -17.54 -45.89 -28.60
C LEU G 242 -17.00 -47.16 -29.22
N ALA G 243 -16.63 -48.13 -28.38
CA ALA G 243 -16.26 -49.45 -28.87
C ALA G 243 -17.51 -50.25 -29.16
N LEU G 244 -17.57 -50.82 -30.37
CA LEU G 244 -18.76 -51.52 -30.83
C LEU G 244 -18.38 -52.87 -31.42
N HIS G 245 -19.08 -53.92 -31.00
CA HIS G 245 -18.98 -55.25 -31.58
C HIS G 245 -20.30 -55.57 -32.27
N ARG G 246 -20.37 -55.31 -33.57
CA ARG G 246 -21.60 -55.44 -34.33
C ARG G 246 -21.21 -55.58 -35.80
N SER G 247 -22.17 -56.03 -36.62
CA SER G 247 -21.98 -56.12 -38.07
C SER G 247 -22.19 -54.75 -38.70
N TYR G 248 -21.23 -53.86 -38.44
CA TYR G 248 -21.31 -52.51 -38.96
C TYR G 248 -21.01 -52.46 -40.46
N LEU G 249 -20.30 -53.46 -40.97
CA LEU G 249 -19.96 -53.51 -42.38
C LEU G 249 -21.04 -54.25 -43.18
N ALA G 262 -27.02 -49.53 -24.86
CA ALA G 262 -27.22 -50.08 -23.53
C ALA G 262 -26.89 -49.04 -22.45
N ALA G 263 -25.80 -48.31 -22.67
CA ALA G 263 -25.38 -47.29 -21.73
C ALA G 263 -25.79 -45.90 -22.22
N ALA G 264 -25.37 -44.89 -21.48
CA ALA G 264 -25.60 -43.49 -21.83
C ALA G 264 -24.54 -42.63 -21.16
N TYR G 265 -24.22 -41.51 -21.80
CA TYR G 265 -23.24 -40.58 -21.27
C TYR G 265 -23.82 -39.17 -21.22
N TYR G 266 -23.46 -38.43 -20.17
CA TYR G 266 -24.06 -37.15 -19.86
C TYR G 266 -23.02 -36.05 -20.09
N VAL G 267 -23.42 -35.01 -20.81
CA VAL G 267 -22.51 -33.94 -21.22
C VAL G 267 -23.00 -32.62 -20.64
N GLY G 268 -22.14 -31.94 -19.91
CA GLY G 268 -22.46 -30.64 -19.35
C GLY G 268 -21.28 -29.69 -19.48
N TYR G 269 -21.60 -28.40 -19.55
CA TYR G 269 -20.61 -27.36 -19.77
C TYR G 269 -20.38 -26.57 -18.49
N LEU G 270 -19.11 -26.34 -18.15
CA LEU G 270 -18.77 -25.54 -16.98
C LEU G 270 -18.99 -24.06 -17.26
N GLN G 271 -19.17 -23.30 -16.18
CA GLN G 271 -19.35 -21.86 -16.25
C GLN G 271 -18.62 -21.22 -15.08
N PRO G 272 -18.22 -19.94 -15.21
CA PRO G 272 -17.59 -19.26 -14.07
C PRO G 272 -18.56 -19.03 -12.92
N ARG G 273 -18.36 -19.73 -11.81
CA ARG G 273 -19.23 -19.64 -10.66
C ARG G 273 -18.39 -19.55 -9.40
N THR G 274 -18.99 -19.01 -8.34
CA THR G 274 -18.36 -18.94 -7.02
C THR G 274 -18.95 -20.04 -6.15
N PHE G 275 -18.08 -20.88 -5.58
CA PHE G 275 -18.51 -22.00 -4.76
C PHE G 275 -17.93 -21.86 -3.35
N LEU G 276 -18.77 -22.15 -2.36
CA LEU G 276 -18.36 -22.19 -0.96
C LEU G 276 -18.15 -23.65 -0.59
N LEU G 277 -16.90 -24.08 -0.48
CA LEU G 277 -16.55 -25.47 -0.25
C LEU G 277 -16.32 -25.72 1.24
N LYS G 278 -16.91 -26.78 1.76
CA LYS G 278 -16.80 -27.16 3.16
C LYS G 278 -15.89 -28.38 3.26
N TYR G 279 -14.71 -28.21 3.86
CA TYR G 279 -13.80 -29.32 4.11
C TYR G 279 -14.11 -29.93 5.48
N ASN G 280 -14.11 -31.25 5.54
CA ASN G 280 -14.43 -31.96 6.77
C ASN G 280 -13.18 -32.06 7.66
N GLU G 281 -13.28 -32.85 8.73
CA GLU G 281 -12.13 -33.02 9.61
C GLU G 281 -11.08 -33.93 9.00
N ASN G 282 -11.47 -34.77 8.04
CA ASN G 282 -10.54 -35.66 7.35
C ASN G 282 -9.96 -35.05 6.08
N GLY G 283 -10.35 -33.84 5.72
CA GLY G 283 -9.79 -33.17 4.57
C GLY G 283 -10.50 -33.39 3.26
N THR G 284 -11.73 -33.89 3.27
CA THR G 284 -12.49 -34.14 2.06
C THR G 284 -13.65 -33.16 1.95
N ILE G 285 -13.94 -32.74 0.72
CA ILE G 285 -15.03 -31.81 0.46
C ILE G 285 -16.34 -32.58 0.56
N THR G 286 -17.14 -32.30 1.58
CA THR G 286 -18.39 -33.00 1.81
C THR G 286 -19.63 -32.15 1.52
N ASP G 287 -19.47 -30.85 1.29
CA ASP G 287 -20.61 -29.97 1.10
C ASP G 287 -20.18 -28.75 0.30
N ALA G 288 -21.06 -28.29 -0.59
CA ALA G 288 -20.76 -27.16 -1.45
C ALA G 288 -22.04 -26.36 -1.70
N VAL G 289 -21.85 -25.09 -2.05
CA VAL G 289 -22.96 -24.15 -2.27
C VAL G 289 -22.68 -23.37 -3.55
N ASP G 290 -23.67 -23.34 -4.45
CA ASP G 290 -23.63 -22.48 -5.63
C ASP G 290 -24.24 -21.13 -5.28
N CYS G 291 -23.43 -20.08 -5.32
CA CYS G 291 -23.88 -18.76 -4.89
C CYS G 291 -24.92 -18.14 -5.83
N ALA G 292 -25.06 -18.65 -7.05
CA ALA G 292 -25.99 -18.09 -8.01
C ALA G 292 -27.31 -18.85 -8.11
N LEU G 293 -27.53 -19.87 -7.28
CA LEU G 293 -28.71 -20.72 -7.42
C LEU G 293 -29.95 -20.10 -6.77
N ASP G 294 -29.93 -19.94 -5.46
CA ASP G 294 -31.09 -19.43 -4.74
C ASP G 294 -30.67 -18.37 -3.73
N PRO G 295 -31.57 -17.49 -3.31
CA PRO G 295 -31.19 -16.45 -2.33
C PRO G 295 -30.70 -16.98 -1.00
N LEU G 296 -31.18 -18.16 -0.57
CA LEU G 296 -30.63 -18.78 0.63
C LEU G 296 -29.16 -19.11 0.45
N SER G 297 -28.78 -19.61 -0.73
CA SER G 297 -27.38 -19.85 -1.04
C SER G 297 -26.61 -18.54 -1.11
N GLU G 298 -27.24 -17.46 -1.57
CA GLU G 298 -26.59 -16.15 -1.57
C GLU G 298 -26.29 -15.68 -0.16
N THR G 299 -27.24 -15.87 0.76
CA THR G 299 -27.00 -15.55 2.17
C THR G 299 -25.89 -16.42 2.75
N LYS G 300 -25.87 -17.70 2.38
CA LYS G 300 -24.81 -18.59 2.84
C LYS G 300 -23.45 -18.15 2.33
N CYS G 301 -23.39 -17.68 1.09
CA CYS G 301 -22.12 -17.23 0.53
C CYS G 301 -21.64 -15.91 1.15
N THR G 302 -22.55 -14.96 1.38
CA THR G 302 -22.13 -13.70 1.98
C THR G 302 -21.79 -13.86 3.45
N LEU G 303 -22.49 -14.73 4.17
CA LEU G 303 -22.19 -14.94 5.58
C LEU G 303 -21.07 -15.94 5.82
N LYS G 304 -20.59 -16.62 4.77
CA LYS G 304 -19.52 -17.61 4.85
C LYS G 304 -19.84 -18.73 5.84
N SER G 305 -21.11 -19.15 5.85
CA SER G 305 -21.56 -20.20 6.75
C SER G 305 -22.71 -20.95 6.09
N PHE G 306 -22.79 -22.24 6.38
CA PHE G 306 -23.81 -23.09 5.78
C PHE G 306 -25.13 -23.06 6.55
N THR G 307 -25.16 -22.43 7.71
CA THR G 307 -26.38 -22.27 8.49
C THR G 307 -26.58 -20.80 8.80
N VAL G 308 -27.74 -20.27 8.45
CA VAL G 308 -28.09 -18.88 8.73
C VAL G 308 -29.15 -18.86 9.82
N GLU G 309 -29.21 -17.74 10.54
CA GLU G 309 -30.14 -17.58 11.65
C GLU G 309 -31.36 -16.77 11.20
N LYS G 310 -32.29 -16.58 12.12
CA LYS G 310 -33.52 -15.87 11.81
C LYS G 310 -33.26 -14.36 11.78
N GLY G 311 -33.78 -13.70 10.75
CA GLY G 311 -33.65 -12.26 10.62
C GLY G 311 -33.50 -11.89 9.17
N ILE G 312 -33.11 -10.63 8.95
CA ILE G 312 -32.89 -10.09 7.61
C ILE G 312 -31.37 -10.02 7.36
N TYR G 313 -30.98 -10.23 6.12
CA TYR G 313 -29.58 -10.18 5.73
C TYR G 313 -29.46 -9.49 4.38
N GLN G 314 -28.44 -8.62 4.26
CA GLN G 314 -28.15 -7.97 2.99
C GLN G 314 -27.11 -8.77 2.23
N THR G 315 -27.39 -9.03 0.95
CA THR G 315 -26.58 -9.93 0.14
C THR G 315 -25.89 -9.16 -0.98
N SER G 316 -24.63 -9.47 -1.20
CA SER G 316 -23.90 -8.94 -2.34
C SER G 316 -24.30 -9.68 -3.62
N ASN G 317 -23.90 -9.12 -4.76
CA ASN G 317 -24.30 -9.68 -6.05
C ASN G 317 -23.46 -10.90 -6.38
N PHE G 318 -24.08 -12.08 -6.32
CA PHE G 318 -23.49 -13.32 -6.79
C PHE G 318 -24.36 -14.00 -7.84
N ARG G 319 -25.33 -13.30 -8.44
CA ARG G 319 -26.38 -13.97 -9.21
C ARG G 319 -26.25 -13.78 -10.71
N VAL G 320 -25.63 -12.71 -11.18
CA VAL G 320 -25.61 -12.37 -12.60
C VAL G 320 -24.16 -12.35 -13.08
N GLN G 321 -23.93 -12.88 -14.27
CA GLN G 321 -22.63 -12.86 -14.93
C GLN G 321 -22.82 -12.45 -16.39
N PRO G 322 -21.95 -11.60 -16.93
CA PRO G 322 -22.09 -11.23 -18.35
C PRO G 322 -21.72 -12.37 -19.26
N THR G 323 -22.40 -12.45 -20.40
CA THR G 323 -22.18 -13.52 -21.37
C THR G 323 -21.75 -13.03 -22.75
N GLU G 324 -22.14 -11.81 -23.15
CA GLU G 324 -21.81 -11.27 -24.45
C GLU G 324 -21.03 -9.98 -24.30
N SER G 325 -20.23 -9.66 -25.33
CA SER G 325 -19.40 -8.47 -25.33
C SER G 325 -19.63 -7.66 -26.59
N ILE G 326 -19.70 -6.35 -26.45
CA ILE G 326 -19.87 -5.43 -27.57
C ILE G 326 -18.75 -4.40 -27.54
N VAL G 327 -18.27 -4.02 -28.71
CA VAL G 327 -17.22 -3.01 -28.87
C VAL G 327 -17.78 -1.93 -29.80
N ARG G 328 -17.66 -0.67 -29.37
CA ARG G 328 -18.13 0.47 -30.15
C ARG G 328 -16.96 1.43 -30.35
N PHE G 329 -16.51 1.53 -31.60
CA PHE G 329 -15.38 2.36 -31.99
C PHE G 329 -15.83 3.35 -33.07
N PRO G 330 -15.13 4.48 -33.22
CA PRO G 330 -15.53 5.46 -34.25
C PRO G 330 -15.34 4.92 -35.65
N ASN G 331 -16.10 5.51 -36.59
CA ASN G 331 -16.09 5.11 -37.99
C ASN G 331 -14.81 5.61 -38.65
N ILE G 332 -13.74 4.86 -38.43
CA ILE G 332 -12.42 5.17 -38.99
C ILE G 332 -12.01 4.02 -39.90
N THR G 333 -11.62 4.34 -41.13
CA THR G 333 -11.32 3.33 -42.14
C THR G 333 -9.86 3.32 -42.56
N ASN G 334 -9.28 4.49 -42.84
CA ASN G 334 -7.91 4.55 -43.36
C ASN G 334 -6.90 4.21 -42.28
N LEU G 335 -5.81 3.57 -42.71
CA LEU G 335 -4.72 3.22 -41.82
C LEU G 335 -3.78 4.40 -41.63
N CYS G 336 -3.02 4.38 -40.55
CA CYS G 336 -2.13 5.48 -40.24
C CYS G 336 -0.87 5.41 -41.10
N PRO G 337 -0.22 6.54 -41.37
CA PRO G 337 1.05 6.50 -42.10
C PRO G 337 2.23 6.15 -41.21
N PHE G 338 2.13 5.05 -40.46
CA PHE G 338 3.25 4.59 -39.65
C PHE G 338 4.40 4.14 -40.53
N GLY G 339 4.09 3.48 -41.64
CA GLY G 339 5.14 3.06 -42.57
C GLY G 339 5.89 4.22 -43.16
N GLU G 340 5.18 5.27 -43.57
CA GLU G 340 5.79 6.44 -44.19
C GLU G 340 6.73 7.15 -43.22
N VAL G 341 6.32 7.27 -41.96
CA VAL G 341 7.20 7.87 -40.95
C VAL G 341 8.39 6.97 -40.68
N PHE G 342 8.17 5.67 -40.56
CA PHE G 342 9.22 4.77 -40.08
C PHE G 342 10.28 4.52 -41.15
N ASN G 343 9.92 4.56 -42.43
CA ASN G 343 10.90 4.24 -43.46
C ASN G 343 11.59 5.49 -44.00
N ALA G 344 11.40 6.63 -43.33
CA ALA G 344 11.89 7.92 -43.80
C ALA G 344 13.40 7.93 -44.00
N THR G 345 13.86 8.49 -45.13
CA THR G 345 15.26 8.40 -45.50
C THR G 345 16.14 9.27 -44.60
N ARG G 346 15.56 10.31 -44.01
CA ARG G 346 16.30 11.20 -43.11
C ARG G 346 15.36 11.71 -42.02
N PHE G 347 15.67 11.36 -40.78
CA PHE G 347 15.04 11.99 -39.63
C PHE G 347 15.79 13.27 -39.28
N ALA G 348 15.25 14.04 -38.34
CA ALA G 348 15.92 15.25 -37.86
C ALA G 348 16.85 14.89 -36.72
N SER G 349 17.79 15.79 -36.44
CA SER G 349 18.75 15.57 -35.38
C SER G 349 18.08 15.66 -34.02
N VAL G 350 18.78 15.17 -32.99
CA VAL G 350 18.17 15.09 -31.66
C VAL G 350 18.08 16.47 -31.01
N TYR G 351 18.89 17.44 -31.44
CA TYR G 351 18.80 18.77 -30.86
C TYR G 351 17.56 19.51 -31.34
N ALA G 352 17.09 19.21 -32.56
CA ALA G 352 15.87 19.77 -33.12
C ALA G 352 15.01 18.60 -33.59
N TRP G 353 14.28 18.01 -32.66
CA TRP G 353 13.46 16.86 -32.96
C TRP G 353 12.18 17.28 -33.68
N ASN G 354 11.73 16.42 -34.59
CA ASN G 354 10.55 16.70 -35.39
C ASN G 354 9.32 16.14 -34.68
N ARG G 355 8.30 16.98 -34.50
CA ARG G 355 7.05 16.59 -33.88
C ARG G 355 5.95 16.57 -34.93
N LYS G 356 5.29 15.43 -35.07
CA LYS G 356 4.27 15.22 -36.09
C LYS G 356 2.98 14.77 -35.43
N ARG G 357 1.86 15.37 -35.86
CA ARG G 357 0.55 15.05 -35.31
C ARG G 357 -0.09 13.94 -36.13
N ILE G 358 -0.52 12.89 -35.45
CA ILE G 358 -1.19 11.75 -36.08
C ILE G 358 -2.64 11.75 -35.63
N SER G 359 -3.56 11.80 -36.59
CA SER G 359 -4.98 11.83 -36.26
C SER G 359 -5.78 11.28 -37.43
N ASN G 360 -7.01 10.88 -37.12
CA ASN G 360 -8.03 10.45 -38.10
C ASN G 360 -7.55 9.26 -38.92
N CYS G 361 -7.00 8.26 -38.24
CA CYS G 361 -6.57 7.02 -38.90
C CYS G 361 -6.64 5.90 -37.88
N VAL G 362 -6.13 4.72 -38.27
CA VAL G 362 -6.18 3.52 -37.44
C VAL G 362 -4.76 3.19 -37.02
N ALA G 363 -4.52 3.22 -35.70
CA ALA G 363 -3.18 3.01 -35.15
C ALA G 363 -2.93 1.50 -35.03
N ASP G 364 -2.70 0.88 -36.17
CA ASP G 364 -2.42 -0.55 -36.24
C ASP G 364 -0.91 -0.76 -36.36
N TYR G 365 -0.31 -1.31 -35.31
CA TYR G 365 1.11 -1.62 -35.32
C TYR G 365 1.38 -3.06 -35.71
N SER G 366 0.35 -3.80 -36.16
CA SER G 366 0.55 -5.18 -36.59
C SER G 366 1.30 -5.24 -37.91
N VAL G 367 1.29 -4.15 -38.68
CA VAL G 367 2.06 -4.11 -39.93
C VAL G 367 3.53 -3.84 -39.64
N LEU G 368 3.85 -3.42 -38.41
CA LEU G 368 5.20 -2.96 -38.13
C LEU G 368 6.18 -4.09 -37.82
N TYR G 369 5.69 -5.33 -37.60
CA TYR G 369 6.63 -6.42 -37.36
C TYR G 369 7.44 -6.74 -38.61
N ASN G 370 6.79 -6.72 -39.79
CA ASN G 370 7.49 -7.08 -41.02
C ASN G 370 8.45 -5.98 -41.46
N SER G 371 8.15 -4.73 -41.12
CA SER G 371 9.00 -3.62 -41.54
C SER G 371 10.33 -3.64 -40.79
N ALA G 372 10.28 -3.74 -39.46
CA ALA G 372 11.49 -3.76 -38.64
C ALA G 372 11.17 -4.37 -37.30
N SER G 373 12.22 -4.80 -36.60
CA SER G 373 12.12 -5.30 -35.24
C SER G 373 12.69 -4.25 -34.30
N PHE G 374 11.91 -3.84 -33.31
CA PHE G 374 12.28 -2.75 -32.42
C PHE G 374 13.12 -3.30 -31.27
N SER G 375 14.33 -2.76 -31.11
CA SER G 375 15.18 -3.17 -30.00
C SER G 375 14.61 -2.75 -28.65
N THR G 376 14.03 -1.56 -28.58
CA THR G 376 13.41 -1.05 -27.36
C THR G 376 11.97 -0.65 -27.64
N PHE G 377 11.04 -1.25 -26.91
CA PHE G 377 9.63 -0.91 -27.02
C PHE G 377 9.01 -1.07 -25.63
N LYS G 378 8.99 0.03 -24.88
CA LYS G 378 8.50 0.03 -23.51
C LYS G 378 7.57 1.22 -23.33
N CYS G 379 6.42 0.99 -22.71
CA CYS G 379 5.35 1.97 -22.64
C CYS G 379 5.21 2.45 -21.19
N TYR G 380 4.84 3.71 -21.02
CA TYR G 380 4.64 4.30 -19.72
C TYR G 380 3.19 4.73 -19.57
N GLY G 381 2.56 4.36 -18.45
CA GLY G 381 1.18 4.68 -18.20
C GLY G 381 0.18 3.92 -19.04
N VAL G 382 0.62 2.94 -19.82
CA VAL G 382 -0.24 2.15 -20.69
C VAL G 382 0.44 0.81 -20.93
N SER G 383 -0.36 -0.24 -21.07
CA SER G 383 0.34 -1.50 -21.28
C SER G 383 0.41 -1.83 -22.77
N PRO G 384 1.53 -2.42 -23.22
CA PRO G 384 1.63 -2.83 -24.63
C PRO G 384 0.62 -3.90 -25.02
N THR G 385 0.25 -4.80 -24.10
CA THR G 385 -0.76 -5.80 -24.41
C THR G 385 -2.14 -5.18 -24.52
N LYS G 386 -2.43 -4.17 -23.70
CA LYS G 386 -3.71 -3.46 -23.74
C LYS G 386 -3.69 -2.28 -24.70
N LEU G 387 -2.70 -2.21 -25.59
CA LEU G 387 -2.60 -1.10 -26.53
C LEU G 387 -3.65 -1.20 -27.65
N ASN G 388 -4.29 -2.35 -27.81
CA ASN G 388 -5.27 -2.51 -28.87
C ASN G 388 -6.64 -2.02 -28.44
N ASP G 389 -7.08 -2.39 -27.25
CA ASP G 389 -8.43 -2.07 -26.78
C ASP G 389 -8.52 -0.74 -26.03
N LEU G 390 -7.95 0.31 -26.64
CA LEU G 390 -8.01 1.66 -26.11
C LEU G 390 -8.13 2.63 -27.27
N CYS G 391 -8.66 3.82 -26.99
CA CYS G 391 -8.72 4.86 -28.01
C CYS G 391 -8.11 6.15 -27.48
N PHE G 392 -7.40 6.84 -28.37
CA PHE G 392 -6.44 7.88 -28.01
C PHE G 392 -6.97 9.24 -28.44
N THR G 393 -6.84 10.24 -27.57
CA THR G 393 -7.41 11.54 -27.85
C THR G 393 -6.53 12.34 -28.82
N ASN G 394 -5.31 12.65 -28.41
CA ASN G 394 -4.37 13.43 -29.21
C ASN G 394 -3.04 12.71 -29.26
N VAL G 395 -2.56 12.42 -30.47
CA VAL G 395 -1.34 11.64 -30.66
C VAL G 395 -0.31 12.50 -31.39
N TYR G 396 0.88 12.61 -30.79
CA TYR G 396 2.01 13.29 -31.40
C TYR G 396 3.19 12.34 -31.45
N ALA G 397 3.94 12.39 -32.55
CA ALA G 397 5.11 11.54 -32.76
C ALA G 397 6.36 12.40 -32.76
N ASP G 398 7.29 12.11 -31.86
CA ASP G 398 8.57 12.80 -31.77
C ASP G 398 9.64 11.87 -32.29
N SER G 399 10.41 12.34 -33.27
CA SER G 399 11.36 11.50 -33.99
C SER G 399 12.75 12.12 -34.00
N PHE G 400 13.77 11.31 -33.74
CA PHE G 400 15.16 11.75 -33.77
C PHE G 400 16.04 10.51 -33.93
N VAL G 401 17.34 10.73 -34.02
CA VAL G 401 18.33 9.67 -34.21
C VAL G 401 19.41 9.81 -33.15
N ILE G 402 19.66 8.74 -32.40
CA ILE G 402 20.68 8.71 -31.35
C ILE G 402 21.50 7.43 -31.50
N ARG G 403 22.43 7.23 -30.57
CA ARG G 403 23.36 6.11 -30.64
C ARG G 403 22.83 4.91 -29.87
N GLY G 404 23.66 3.89 -29.72
CA GLY G 404 23.28 2.67 -29.02
C GLY G 404 23.40 2.77 -27.53
N ASP G 405 24.40 3.52 -27.05
CA ASP G 405 24.57 3.74 -25.62
C ASP G 405 23.75 4.91 -25.10
N GLU G 406 22.76 5.38 -25.87
CA GLU G 406 22.01 6.56 -25.52
C GLU G 406 20.50 6.33 -25.45
N VAL G 407 20.03 5.14 -25.81
CA VAL G 407 18.60 4.85 -25.82
C VAL G 407 18.03 4.85 -24.41
N ARG G 408 18.84 4.51 -23.42
CA ARG G 408 18.37 4.46 -22.04
C ARG G 408 18.02 5.84 -21.50
N GLN G 409 18.57 6.90 -22.10
CA GLN G 409 18.29 8.25 -21.59
C GLN G 409 16.93 8.75 -22.05
N ILE G 410 16.31 8.08 -23.02
CA ILE G 410 14.97 8.46 -23.45
C ILE G 410 13.97 7.72 -22.56
N ALA G 411 13.71 8.28 -21.38
CA ALA G 411 12.83 7.69 -20.39
C ALA G 411 12.55 8.74 -19.32
N PRO G 412 11.36 8.74 -18.73
CA PRO G 412 11.09 9.64 -17.62
C PRO G 412 11.97 9.33 -16.42
N GLY G 413 12.40 10.39 -15.72
CA GLY G 413 13.24 10.25 -14.55
C GLY G 413 14.61 9.68 -14.84
N GLN G 414 15.23 10.12 -15.93
CA GLN G 414 16.53 9.63 -16.35
C GLN G 414 17.45 10.80 -16.67
N THR G 415 18.73 10.64 -16.35
CA THR G 415 19.73 11.68 -16.57
C THR G 415 20.57 11.34 -17.78
N GLY G 416 21.36 12.32 -18.22
CA GLY G 416 22.21 12.16 -19.38
C GLY G 416 22.36 13.49 -20.09
N LYS G 417 23.25 13.49 -21.08
CA LYS G 417 23.47 14.72 -21.84
C LYS G 417 22.31 14.99 -22.79
N ILE G 418 21.69 13.94 -23.32
CA ILE G 418 20.51 14.12 -24.16
C ILE G 418 19.31 14.47 -23.29
N ALA G 419 19.19 13.84 -22.13
CA ALA G 419 18.09 14.13 -21.22
C ALA G 419 18.16 15.55 -20.67
N ASP G 420 19.38 16.06 -20.48
CA ASP G 420 19.51 17.42 -19.95
C ASP G 420 19.41 18.46 -21.06
N TYR G 421 20.12 18.26 -22.17
CA TYR G 421 20.35 19.34 -23.13
C TYR G 421 19.63 19.15 -24.45
N ASN G 422 19.11 17.95 -24.75
CA ASN G 422 18.54 17.71 -26.08
C ASN G 422 17.05 17.39 -26.02
N TYR G 423 16.64 16.42 -25.21
CA TYR G 423 15.26 15.96 -25.20
C TYR G 423 14.92 15.39 -23.83
N LYS G 424 13.92 15.97 -23.17
CA LYS G 424 13.51 15.56 -21.84
C LYS G 424 12.07 15.09 -21.87
N LEU G 425 11.79 13.98 -21.18
CA LEU G 425 10.43 13.46 -21.04
C LEU G 425 9.84 13.84 -19.69
N PRO G 426 8.55 14.13 -19.63
CA PRO G 426 7.94 14.50 -18.35
C PRO G 426 7.85 13.31 -17.41
N ASP G 427 7.75 13.62 -16.11
CA ASP G 427 7.63 12.58 -15.11
C ASP G 427 6.31 11.82 -15.24
N ASP G 428 5.22 12.55 -15.48
CA ASP G 428 3.90 11.94 -15.69
C ASP G 428 3.62 11.67 -17.17
N PHE G 429 4.58 11.01 -17.82
CA PHE G 429 4.49 10.76 -19.26
C PHE G 429 3.64 9.52 -19.53
N THR G 430 2.67 9.65 -20.42
CA THR G 430 1.83 8.55 -20.88
C THR G 430 2.13 8.34 -22.35
N GLY G 431 2.91 7.32 -22.67
CA GLY G 431 3.27 7.07 -24.06
C GLY G 431 4.18 5.87 -24.18
N CYS G 432 4.59 5.62 -25.42
CA CYS G 432 5.45 4.50 -25.76
C CYS G 432 6.67 5.00 -26.53
N VAL G 433 7.84 4.49 -26.18
CA VAL G 433 9.08 4.85 -26.87
C VAL G 433 9.48 3.69 -27.77
N ILE G 434 9.62 3.98 -29.07
CA ILE G 434 9.96 2.97 -30.07
C ILE G 434 11.37 3.27 -30.57
N ALA G 435 12.23 2.26 -30.53
CA ALA G 435 13.61 2.42 -30.95
C ALA G 435 14.10 1.14 -31.61
N TRP G 436 14.95 1.28 -32.62
CA TRP G 436 15.53 0.14 -33.31
C TRP G 436 16.86 0.54 -33.92
N ASN G 437 17.70 -0.46 -34.17
CA ASN G 437 18.99 -0.21 -34.80
C ASN G 437 18.81 0.13 -36.28
N SER G 438 19.54 1.14 -36.74
CA SER G 438 19.46 1.59 -38.13
C SER G 438 20.86 1.81 -38.69
N ASN G 439 21.73 0.82 -38.47
CA ASN G 439 23.08 0.88 -39.01
C ASN G 439 23.11 0.72 -40.52
N ASN G 440 22.02 0.22 -41.12
CA ASN G 440 21.97 -0.05 -42.54
C ASN G 440 21.80 1.23 -43.36
N LEU G 441 20.77 2.02 -43.05
CA LEU G 441 20.40 3.11 -43.94
C LEU G 441 21.07 4.43 -43.54
N ASP G 442 21.04 4.75 -42.24
CA ASP G 442 21.54 6.05 -41.81
C ASP G 442 23.06 6.14 -41.89
N SER G 443 23.76 5.07 -41.55
CA SER G 443 25.22 5.08 -41.50
C SER G 443 25.76 4.74 -42.87
N LYS G 444 26.21 5.76 -43.59
CA LYS G 444 26.79 5.56 -44.92
C LYS G 444 28.29 5.31 -44.82
N VAL G 445 28.96 4.94 -45.92
CA VAL G 445 30.44 4.71 -45.90
C VAL G 445 31.21 6.02 -45.82
N GLY G 446 32.30 6.05 -45.08
CA GLY G 446 33.10 7.28 -44.88
C GLY G 446 32.59 8.11 -43.72
N GLY G 447 31.52 7.67 -43.07
CA GLY G 447 30.87 8.43 -41.99
C GLY G 447 29.70 9.24 -42.52
N ASN G 448 28.65 9.50 -41.72
CA ASN G 448 27.53 10.40 -42.05
C ASN G 448 27.51 11.42 -40.93
N TYR G 449 27.55 12.70 -41.24
CA TYR G 449 27.71 13.75 -40.21
C TYR G 449 26.52 14.69 -40.28
N ASN G 450 25.35 14.20 -40.73
CA ASN G 450 24.09 14.94 -40.85
C ASN G 450 23.25 14.87 -39.59
N TYR G 451 23.70 14.19 -38.55
CA TYR G 451 22.98 14.09 -37.29
C TYR G 451 23.83 14.71 -36.18
N LEU G 452 23.23 15.60 -35.40
CA LEU G 452 23.95 16.36 -34.41
C LEU G 452 23.31 16.21 -33.05
N TYR G 453 24.09 16.49 -32.01
CA TYR G 453 23.61 16.51 -30.64
C TYR G 453 24.24 17.70 -29.91
N ARG G 454 23.49 18.28 -28.98
CA ARG G 454 23.92 19.48 -28.26
C ARG G 454 24.76 19.04 -27.07
N LEU G 455 26.07 19.29 -27.15
CA LEU G 455 26.98 18.84 -26.10
C LEU G 455 26.97 19.78 -24.91
N PHE G 456 26.97 21.09 -25.15
CA PHE G 456 27.04 22.09 -24.10
C PHE G 456 25.76 22.92 -24.06
N ARG G 457 25.27 23.20 -22.86
CA ARG G 457 24.20 24.15 -22.64
C ARG G 457 24.34 24.69 -21.22
N LYS G 458 23.72 25.85 -20.97
CA LYS G 458 23.83 26.49 -19.67
C LYS G 458 23.16 25.67 -18.57
N SER G 459 22.00 25.09 -18.86
CA SER G 459 21.24 24.35 -17.85
C SER G 459 20.39 23.28 -18.52
N ASN G 460 19.64 22.56 -17.69
CA ASN G 460 18.81 21.48 -18.18
C ASN G 460 17.56 22.03 -18.88
N LEU G 461 16.80 21.11 -19.47
CA LEU G 461 15.60 21.48 -20.22
C LEU G 461 14.35 21.03 -19.48
N LYS G 462 13.30 21.84 -19.58
CA LYS G 462 11.97 21.41 -19.20
C LYS G 462 11.47 20.38 -20.21
N PRO G 463 10.56 19.50 -19.81
CA PRO G 463 10.11 18.43 -20.72
C PRO G 463 9.41 18.97 -21.97
N PHE G 464 9.61 18.25 -23.08
CA PHE G 464 9.03 18.57 -24.40
C PHE G 464 9.41 19.98 -24.85
N GLU G 465 10.67 20.32 -24.68
CA GLU G 465 11.21 21.62 -25.09
C GLU G 465 12.45 21.40 -25.94
N ARG G 466 12.49 22.08 -27.08
CA ARG G 466 13.63 21.99 -28.01
C ARG G 466 14.40 23.31 -27.97
N ASP G 467 15.68 23.24 -28.35
CA ASP G 467 16.55 24.41 -28.40
C ASP G 467 17.37 24.30 -29.68
N ILE G 468 17.07 25.17 -30.65
CA ILE G 468 17.75 25.16 -31.93
C ILE G 468 18.74 26.31 -32.05
N SER G 469 18.96 27.06 -30.97
CA SER G 469 19.90 28.16 -30.99
C SER G 469 21.33 27.64 -31.11
N THR G 470 22.12 28.29 -31.98
CA THR G 470 23.47 27.86 -32.27
C THR G 470 24.52 28.85 -31.76
N GLU G 471 24.15 29.69 -30.79
CA GLU G 471 25.10 30.67 -30.26
C GLU G 471 26.18 29.98 -29.43
N ILE G 472 27.32 30.67 -29.31
CA ILE G 472 28.48 30.07 -28.66
C ILE G 472 28.27 30.00 -27.16
N TYR G 473 28.59 28.84 -26.58
CA TYR G 473 28.48 28.63 -25.14
C TYR G 473 29.69 29.23 -24.46
N GLN G 474 29.46 30.16 -23.52
CA GLN G 474 30.55 30.82 -22.80
C GLN G 474 30.89 29.96 -21.58
N ALA G 475 31.76 28.97 -21.81
CA ALA G 475 32.16 28.07 -20.74
C ALA G 475 33.03 28.78 -19.71
N GLY G 476 33.99 29.59 -20.19
CA GLY G 476 34.85 30.33 -19.30
C GLY G 476 34.25 31.65 -18.87
N SER G 477 34.97 32.33 -17.98
CA SER G 477 34.52 33.64 -17.50
C SER G 477 34.61 34.69 -18.59
N THR G 478 35.64 34.62 -19.42
CA THR G 478 35.83 35.61 -20.48
C THR G 478 34.79 35.40 -21.58
N PRO G 479 34.19 36.48 -22.09
CA PRO G 479 33.22 36.34 -23.20
C PRO G 479 33.95 36.32 -24.54
N CYS G 480 33.72 35.26 -25.32
CA CYS G 480 34.38 35.14 -26.61
C CYS G 480 33.74 36.07 -27.65
N ASN G 481 32.43 36.28 -27.55
CA ASN G 481 31.67 37.20 -28.40
C ASN G 481 31.75 36.82 -29.88
N GLY G 482 31.37 35.58 -30.19
CA GLY G 482 31.14 35.17 -31.55
C GLY G 482 32.28 34.47 -32.25
N VAL G 483 33.35 34.11 -31.53
CA VAL G 483 34.48 33.40 -32.10
C VAL G 483 34.71 32.13 -31.29
N GLU G 484 35.21 31.08 -31.96
CA GLU G 484 35.56 29.85 -31.27
C GLU G 484 37.03 29.87 -30.86
N GLY G 485 37.30 29.34 -29.68
CA GLY G 485 38.67 29.26 -29.19
C GLY G 485 38.71 28.56 -27.85
N PHE G 486 39.59 29.04 -26.98
CA PHE G 486 39.64 28.52 -25.63
C PHE G 486 38.53 29.10 -24.79
N ASN G 487 38.03 28.29 -23.84
CA ASN G 487 36.97 28.61 -22.88
C ASN G 487 35.63 28.91 -23.54
N CYS G 488 35.45 28.59 -24.82
CA CYS G 488 34.17 28.74 -25.49
C CYS G 488 34.11 27.75 -26.64
N TYR G 489 32.98 27.07 -26.78
CA TYR G 489 32.86 26.02 -27.78
C TYR G 489 31.53 26.15 -28.51
N PHE G 490 31.49 25.59 -29.70
CA PHE G 490 30.23 25.48 -30.43
C PHE G 490 29.38 24.39 -29.75
N PRO G 491 28.13 24.68 -29.39
CA PRO G 491 27.36 23.72 -28.57
C PRO G 491 27.02 22.42 -29.30
N LEU G 492 26.89 22.47 -30.62
CA LEU G 492 26.51 21.27 -31.36
C LEU G 492 27.75 20.47 -31.76
N GLN G 493 27.61 19.15 -31.72
CA GLN G 493 28.72 18.23 -32.09
C GLN G 493 28.14 17.17 -33.01
N SER G 494 28.95 16.61 -33.90
CA SER G 494 28.53 15.65 -34.91
C SER G 494 28.70 14.22 -34.40
N TYR G 495 27.73 13.37 -34.71
CA TYR G 495 27.80 11.98 -34.26
C TYR G 495 28.86 11.22 -35.04
N GLY G 496 28.86 11.35 -36.37
CA GLY G 496 29.81 10.65 -37.20
C GLY G 496 29.61 9.16 -37.24
N PHE G 497 28.43 8.72 -37.71
CA PHE G 497 28.14 7.30 -37.77
C PHE G 497 28.92 6.63 -38.89
N GLN G 498 29.62 5.55 -38.51
CA GLN G 498 30.41 4.76 -39.49
C GLN G 498 30.01 3.28 -39.37
N PRO G 499 29.82 2.52 -40.46
CA PRO G 499 29.38 1.11 -40.38
C PRO G 499 30.30 0.21 -39.58
N THR G 500 31.57 0.62 -39.39
CA THR G 500 32.53 -0.19 -38.66
C THR G 500 32.55 0.08 -37.17
N ASN G 501 31.71 0.98 -36.67
CA ASN G 501 31.68 1.25 -35.24
C ASN G 501 30.97 0.12 -34.49
N GLY G 502 31.16 0.10 -33.18
CA GLY G 502 30.48 -0.86 -32.35
C GLY G 502 29.01 -0.53 -32.18
N VAL G 503 28.31 -1.43 -31.47
CA VAL G 503 26.87 -1.30 -31.27
C VAL G 503 26.54 -0.05 -30.45
N GLY G 504 27.43 0.34 -29.54
CA GLY G 504 27.19 1.53 -28.74
C GLY G 504 27.21 2.82 -29.54
N TYR G 505 27.88 2.80 -30.69
CA TYR G 505 27.93 3.96 -31.57
C TYR G 505 27.12 3.77 -32.85
N GLN G 506 26.38 2.68 -32.98
CA GLN G 506 25.54 2.49 -34.15
C GLN G 506 24.33 3.40 -34.09
N PRO G 507 23.81 3.84 -35.23
CA PRO G 507 22.60 4.69 -35.23
C PRO G 507 21.40 3.94 -34.68
N TYR G 508 20.55 4.66 -33.95
CA TYR G 508 19.33 4.12 -33.38
C TYR G 508 18.21 5.11 -33.64
N ARG G 509 17.35 4.78 -34.59
CA ARG G 509 16.20 5.63 -34.89
C ARG G 509 15.15 5.48 -33.80
N VAL G 510 14.70 6.62 -33.26
CA VAL G 510 13.77 6.64 -32.14
C VAL G 510 12.54 7.44 -32.53
N VAL G 511 11.37 6.85 -32.35
CA VAL G 511 10.10 7.54 -32.53
C VAL G 511 9.35 7.45 -31.21
N VAL G 512 9.02 8.60 -30.63
CA VAL G 512 8.36 8.68 -29.33
C VAL G 512 6.92 9.15 -29.56
N LEU G 513 5.96 8.35 -29.12
CA LEU G 513 4.55 8.65 -29.26
C LEU G 513 4.03 9.20 -27.93
N SER G 514 3.47 10.40 -27.95
CA SER G 514 2.87 11.02 -26.79
C SER G 514 1.36 11.10 -27.00
N PHE G 515 0.59 10.53 -26.08
CA PHE G 515 -0.86 10.49 -26.21
C PHE G 515 -1.54 10.51 -24.85
N GLU G 516 -2.76 11.03 -24.84
CA GLU G 516 -3.56 11.19 -23.63
C GLU G 516 -4.72 10.21 -23.68
N LEU G 517 -5.10 9.67 -22.52
CA LEU G 517 -6.07 8.59 -22.43
C LEU G 517 -7.42 9.11 -21.92
N LEU G 518 -8.41 9.14 -22.82
CA LEU G 518 -9.83 9.20 -22.46
C LEU G 518 -10.21 10.52 -21.77
N HIS G 519 -9.73 11.64 -22.32
CA HIS G 519 -10.13 12.96 -21.85
C HIS G 519 -10.78 13.81 -22.94
N ALA G 520 -10.80 13.34 -24.18
CA ALA G 520 -11.22 14.14 -25.33
C ALA G 520 -11.77 13.20 -26.38
N PRO G 521 -12.40 13.73 -27.43
CA PRO G 521 -12.78 12.86 -28.56
C PRO G 521 -11.57 12.17 -29.18
N ALA G 522 -11.78 10.90 -29.55
CA ALA G 522 -10.70 10.03 -30.01
C ALA G 522 -10.76 9.95 -31.54
N THR G 523 -9.70 10.41 -32.19
CA THR G 523 -9.65 10.34 -33.65
C THR G 523 -8.96 9.07 -34.12
N VAL G 524 -7.97 8.59 -33.37
CA VAL G 524 -7.13 7.48 -33.79
C VAL G 524 -7.12 6.39 -32.73
N CYS G 525 -7.33 5.14 -33.16
CA CYS G 525 -7.14 3.95 -32.34
C CYS G 525 -7.14 2.68 -33.18
N GLY G 526 -7.17 1.54 -32.48
CA GLY G 526 -6.62 0.31 -32.98
C GLY G 526 -7.53 -0.54 -33.85
N PRO G 527 -7.16 -1.82 -34.01
CA PRO G 527 -7.75 -2.65 -35.07
C PRO G 527 -9.03 -3.37 -34.69
N LYS G 528 -9.52 -3.22 -33.46
CA LYS G 528 -10.70 -3.97 -33.03
C LYS G 528 -11.95 -3.50 -33.77
N LYS G 529 -12.73 -4.45 -34.25
CA LYS G 529 -13.87 -4.16 -35.10
C LYS G 529 -15.08 -3.80 -34.24
N SER G 530 -15.78 -2.75 -34.63
CA SER G 530 -16.97 -2.32 -33.91
C SER G 530 -18.12 -3.31 -34.11
N THR G 531 -18.98 -3.42 -33.10
CA THR G 531 -20.13 -4.31 -33.17
C THR G 531 -21.41 -3.54 -32.89
N ASN G 532 -22.52 -4.26 -32.74
CA ASN G 532 -23.81 -3.62 -32.51
C ASN G 532 -23.94 -3.14 -31.06
N LEU G 533 -24.89 -2.25 -30.84
CA LEU G 533 -25.16 -1.69 -29.52
C LEU G 533 -26.44 -2.31 -28.96
N VAL G 534 -26.35 -2.91 -27.78
CA VAL G 534 -27.47 -3.54 -27.12
C VAL G 534 -27.84 -2.67 -25.92
N LYS G 535 -28.94 -1.94 -26.03
CA LYS G 535 -29.38 -1.02 -25.00
C LYS G 535 -30.27 -1.74 -23.98
N ASN G 536 -30.26 -1.21 -22.76
CA ASN G 536 -31.09 -1.71 -21.64
C ASN G 536 -30.82 -3.18 -21.35
N LYS G 537 -29.56 -3.58 -21.42
CA LYS G 537 -29.16 -4.95 -21.14
C LYS G 537 -27.80 -4.94 -20.46
N CYS G 538 -27.56 -5.95 -19.63
CA CYS G 538 -26.25 -6.13 -19.00
C CYS G 538 -25.32 -6.80 -19.99
N VAL G 539 -24.28 -6.08 -20.41
CA VAL G 539 -23.41 -6.52 -21.49
C VAL G 539 -22.03 -5.93 -21.29
N ASN G 540 -21.00 -6.69 -21.66
CA ASN G 540 -19.64 -6.16 -21.66
C ASN G 540 -19.50 -5.09 -22.73
N PHE G 541 -19.24 -3.86 -22.32
CA PHE G 541 -19.23 -2.73 -23.25
C PHE G 541 -17.82 -2.20 -23.41
N ASN G 542 -17.56 -1.61 -24.57
CA ASN G 542 -16.28 -0.98 -24.87
C ASN G 542 -16.56 0.28 -25.69
N PHE G 543 -16.67 1.42 -25.01
CA PHE G 543 -16.95 2.70 -25.64
C PHE G 543 -15.67 3.53 -25.68
N ASN G 544 -15.08 3.64 -26.88
CA ASN G 544 -13.87 4.43 -27.13
C ASN G 544 -12.71 4.00 -26.22
N GLY G 545 -12.59 2.69 -26.00
CA GLY G 545 -11.55 2.16 -25.14
C GLY G 545 -11.92 2.04 -23.68
N LEU G 546 -13.10 2.53 -23.28
CA LEU G 546 -13.54 2.42 -21.90
C LEU G 546 -14.29 1.09 -21.76
N THR G 547 -13.72 0.16 -20.99
CA THR G 547 -14.32 -1.15 -20.80
C THR G 547 -14.93 -1.29 -19.41
N GLY G 548 -15.98 -2.09 -19.32
CA GLY G 548 -16.68 -2.29 -18.07
C GLY G 548 -17.84 -3.23 -18.25
N THR G 549 -18.53 -3.50 -17.14
CA THR G 549 -19.71 -4.36 -17.11
C THR G 549 -20.88 -3.58 -16.52
N GLY G 550 -21.97 -3.49 -17.25
CA GLY G 550 -23.13 -2.78 -16.73
C GLY G 550 -24.24 -2.69 -17.76
N VAL G 551 -25.30 -1.99 -17.38
CA VAL G 551 -26.46 -1.77 -18.23
C VAL G 551 -26.61 -0.27 -18.49
N LEU G 552 -26.79 0.08 -19.75
CA LEU G 552 -26.85 1.47 -20.18
C LEU G 552 -28.26 1.85 -20.60
N THR G 553 -28.66 3.07 -20.26
CA THR G 553 -29.96 3.61 -20.62
C THR G 553 -29.78 4.90 -21.40
N GLU G 554 -30.88 5.41 -21.94
CA GLU G 554 -30.85 6.69 -22.62
C GLU G 554 -30.84 7.82 -21.59
N SER G 555 -30.07 8.87 -21.88
CA SER G 555 -29.89 9.99 -20.97
C SER G 555 -30.33 11.29 -21.61
N ASN G 556 -30.74 12.23 -20.76
CA ASN G 556 -31.15 13.56 -21.20
C ASN G 556 -30.05 14.60 -21.00
N LYS G 557 -28.84 14.18 -20.65
CA LYS G 557 -27.75 15.12 -20.45
C LYS G 557 -27.31 15.74 -21.76
N LYS G 558 -26.65 16.90 -21.66
CA LYS G 558 -26.09 17.60 -22.80
C LYS G 558 -24.58 17.71 -22.61
N PHE G 559 -23.82 17.34 -23.64
CA PHE G 559 -22.37 17.32 -23.57
C PHE G 559 -21.79 18.47 -24.39
N LEU G 560 -20.77 19.12 -23.83
CA LEU G 560 -20.00 20.11 -24.57
C LEU G 560 -19.20 19.42 -25.67
N PRO G 561 -18.89 20.12 -26.77
CA PRO G 561 -18.18 19.46 -27.89
C PRO G 561 -16.79 18.95 -27.55
N PHE G 562 -16.14 19.47 -26.50
CA PHE G 562 -14.86 18.96 -26.07
C PHE G 562 -14.97 17.91 -24.98
N GLN G 563 -16.19 17.51 -24.62
CA GLN G 563 -16.43 16.53 -23.56
C GLN G 563 -17.05 15.28 -24.16
N GLN G 564 -16.44 14.12 -23.87
CA GLN G 564 -17.00 12.83 -24.25
C GLN G 564 -17.33 11.93 -23.07
N PHE G 565 -16.64 12.10 -21.95
CA PHE G 565 -16.82 11.24 -20.79
C PHE G 565 -17.26 12.10 -19.61
N GLY G 566 -18.28 11.67 -18.91
CA GLY G 566 -18.84 12.46 -17.81
C GLY G 566 -18.78 11.71 -16.49
N ARG G 567 -18.63 12.48 -15.41
CA ARG G 567 -18.65 11.96 -14.05
C ARG G 567 -19.49 12.90 -13.19
N ASP G 568 -20.52 12.37 -12.53
CA ASP G 568 -21.22 13.16 -11.52
C ASP G 568 -20.46 13.18 -10.20
N ILE G 569 -19.87 12.05 -9.82
CA ILE G 569 -19.21 11.91 -8.52
C ILE G 569 -17.77 11.44 -8.62
N ALA G 570 -17.17 11.44 -9.82
CA ALA G 570 -15.75 11.31 -10.11
C ALA G 570 -15.13 9.97 -9.69
N ASP G 571 -15.94 8.96 -9.36
CA ASP G 571 -15.42 7.61 -9.13
C ASP G 571 -15.88 6.63 -10.19
N THR G 572 -17.00 6.90 -10.85
CA THR G 572 -17.48 6.10 -11.97
C THR G 572 -17.95 7.05 -13.06
N THR G 573 -17.88 6.58 -14.30
CA THR G 573 -18.33 7.36 -15.45
C THR G 573 -19.84 7.17 -15.57
N ASP G 574 -20.59 8.25 -15.35
CA ASP G 574 -22.05 8.16 -15.38
C ASP G 574 -22.56 7.94 -16.79
N ALA G 575 -22.01 8.67 -17.76
CA ALA G 575 -22.55 8.71 -19.11
C ALA G 575 -21.42 8.78 -20.12
N VAL G 576 -21.67 8.23 -21.30
CA VAL G 576 -20.72 8.23 -22.40
C VAL G 576 -21.45 8.71 -23.66
N ARG G 577 -20.69 9.28 -24.58
CA ARG G 577 -21.22 9.59 -25.91
C ARG G 577 -20.74 8.51 -26.87
N ASP G 578 -21.69 7.83 -27.52
CA ASP G 578 -21.35 6.73 -28.41
C ASP G 578 -20.57 7.26 -29.61
N PRO G 579 -19.52 6.56 -30.06
CA PRO G 579 -18.69 7.09 -31.15
C PRO G 579 -19.40 7.13 -32.50
N GLN G 580 -20.30 6.18 -32.78
CA GLN G 580 -20.97 6.16 -34.07
C GLN G 580 -22.17 7.11 -34.09
N THR G 581 -23.12 6.90 -33.19
CA THR G 581 -24.29 7.78 -33.07
C THR G 581 -24.05 8.77 -31.95
N LEU G 582 -24.31 10.05 -32.23
CA LEU G 582 -24.00 11.12 -31.27
C LEU G 582 -24.95 11.18 -30.08
N GLU G 583 -25.84 10.22 -29.86
CA GLU G 583 -26.68 10.22 -28.67
C GLU G 583 -25.85 9.92 -27.43
N ILE G 584 -26.31 10.41 -26.29
CA ILE G 584 -25.61 10.26 -25.02
C ILE G 584 -26.32 9.17 -24.22
N LEU G 585 -25.57 8.15 -23.80
CA LEU G 585 -26.09 7.00 -23.09
C LEU G 585 -25.46 6.98 -21.70
N ASP G 586 -26.29 6.96 -20.66
CA ASP G 586 -25.77 6.95 -19.29
C ASP G 586 -25.67 5.50 -18.81
N ILE G 587 -24.53 5.15 -18.21
CA ILE G 587 -24.28 3.78 -17.80
C ILE G 587 -24.56 3.62 -16.32
N THR G 588 -25.38 2.63 -15.99
CA THR G 588 -25.71 2.25 -14.63
C THR G 588 -25.12 0.87 -14.34
N PRO G 589 -24.85 0.55 -13.06
CA PRO G 589 -24.30 -0.78 -12.74
C PRO G 589 -25.27 -1.89 -13.10
N CYS G 590 -24.71 -3.06 -13.41
CA CYS G 590 -25.50 -4.19 -13.91
C CYS G 590 -26.44 -4.71 -12.83
N SER G 591 -25.93 -4.98 -11.64
CA SER G 591 -26.73 -5.51 -10.54
C SER G 591 -26.92 -4.41 -9.50
N PHE G 592 -28.18 -4.08 -9.24
CA PHE G 592 -28.52 -2.95 -8.39
C PHE G 592 -29.95 -3.14 -7.88
N GLY G 593 -30.31 -2.36 -6.87
CA GLY G 593 -31.57 -2.50 -6.17
C GLY G 593 -31.44 -2.96 -4.74
N GLY G 594 -30.32 -3.61 -4.38
CA GLY G 594 -30.06 -4.00 -3.01
C GLY G 594 -31.02 -5.02 -2.43
N VAL G 595 -30.97 -6.25 -2.94
CA VAL G 595 -31.89 -7.28 -2.47
C VAL G 595 -31.52 -7.70 -1.05
N SER G 596 -32.53 -7.84 -0.20
CA SER G 596 -32.38 -8.30 1.17
C SER G 596 -33.26 -9.52 1.39
N VAL G 597 -32.73 -10.52 2.07
CA VAL G 597 -33.42 -11.79 2.24
C VAL G 597 -33.85 -11.93 3.70
N ILE G 598 -35.16 -12.01 3.92
CA ILE G 598 -35.71 -12.32 5.23
C ILE G 598 -35.84 -13.84 5.32
N THR G 599 -35.33 -14.41 6.40
CA THR G 599 -35.31 -15.87 6.51
C THR G 599 -35.48 -16.30 7.95
N PRO G 600 -36.05 -17.49 8.18
CA PRO G 600 -35.90 -18.14 9.49
C PRO G 600 -34.57 -18.86 9.57
N GLY G 601 -34.34 -19.60 10.66
CA GLY G 601 -33.10 -20.35 10.77
C GLY G 601 -33.04 -21.49 9.78
N THR G 602 -31.79 -21.87 9.43
CA THR G 602 -31.59 -23.03 8.57
C THR G 602 -32.08 -24.30 9.25
N ASN G 603 -31.92 -24.39 10.58
CA ASN G 603 -32.46 -25.51 11.35
C ASN G 603 -33.98 -25.61 11.22
N THR G 604 -34.66 -24.49 11.04
CA THR G 604 -36.12 -24.50 10.96
C THR G 604 -36.61 -24.85 9.56
N SER G 605 -36.23 -24.06 8.57
CA SER G 605 -36.71 -24.26 7.21
C SER G 605 -35.71 -23.68 6.23
N ASN G 606 -35.85 -24.06 4.96
CA ASN G 606 -34.97 -23.60 3.90
C ASN G 606 -35.67 -22.69 2.89
N GLN G 607 -36.94 -22.38 3.10
CA GLN G 607 -37.68 -21.50 2.21
C GLN G 607 -37.55 -20.06 2.70
N VAL G 608 -37.19 -19.15 1.80
CA VAL G 608 -36.86 -17.77 2.14
C VAL G 608 -37.77 -16.83 1.35
N ALA G 609 -37.73 -15.56 1.75
CA ALA G 609 -38.40 -14.49 1.04
C ALA G 609 -37.41 -13.35 0.84
N VAL G 610 -37.60 -12.60 -0.24
CA VAL G 610 -36.66 -11.55 -0.63
C VAL G 610 -37.38 -10.21 -0.72
N LEU G 611 -36.68 -9.15 -0.35
CA LEU G 611 -37.15 -7.78 -0.53
C LEU G 611 -36.13 -7.06 -1.40
N TYR G 612 -36.62 -6.42 -2.46
CA TYR G 612 -35.79 -5.55 -3.29
C TYR G 612 -36.01 -4.12 -2.85
N GLN G 613 -34.95 -3.47 -2.37
CA GLN G 613 -35.08 -2.19 -1.68
C GLN G 613 -35.35 -1.06 -2.66
N ASP G 614 -36.36 -0.24 -2.33
CA ASP G 614 -36.67 1.02 -3.02
C ASP G 614 -36.98 0.83 -4.50
N VAL G 615 -37.77 -0.19 -4.84
CA VAL G 615 -38.19 -0.42 -6.21
C VAL G 615 -39.70 -0.54 -6.25
N ASN G 616 -40.24 -0.51 -7.46
CA ASN G 616 -41.64 -0.81 -7.67
C ASN G 616 -41.82 -2.27 -8.08
N CYS G 617 -42.98 -2.83 -7.74
CA CYS G 617 -43.20 -4.26 -8.00
C CYS G 617 -43.34 -4.55 -9.48
N THR G 618 -43.77 -3.56 -10.28
CA THR G 618 -43.86 -3.76 -11.72
C THR G 618 -42.50 -3.74 -12.40
N GLU G 619 -41.48 -3.14 -11.77
CA GLU G 619 -40.16 -3.02 -12.37
C GLU G 619 -39.15 -3.99 -11.79
N VAL G 620 -39.60 -5.00 -11.03
CA VAL G 620 -38.67 -5.98 -10.46
C VAL G 620 -37.93 -6.80 -11.52
N PRO G 621 -38.59 -7.39 -12.54
CA PRO G 621 -37.80 -8.07 -13.58
C PRO G 621 -36.89 -7.14 -14.37
N VAL G 622 -37.26 -5.86 -14.51
CA VAL G 622 -36.39 -4.91 -15.17
C VAL G 622 -35.18 -4.59 -14.29
N ALA G 623 -35.40 -4.40 -12.99
CA ALA G 623 -34.32 -4.00 -12.11
C ALA G 623 -33.34 -5.13 -11.84
N ILE G 624 -33.84 -6.34 -11.57
CA ILE G 624 -32.96 -7.44 -11.20
C ILE G 624 -32.43 -8.19 -12.42
N HIS G 625 -32.98 -7.92 -13.60
CA HIS G 625 -32.62 -8.60 -14.86
C HIS G 625 -32.81 -10.11 -14.73
N ALA G 626 -34.07 -10.51 -14.54
CA ALA G 626 -34.39 -11.92 -14.28
C ALA G 626 -34.22 -12.80 -15.51
N ASP G 627 -34.13 -12.22 -16.71
CA ASP G 627 -34.00 -13.04 -17.91
C ASP G 627 -32.61 -13.66 -18.04
N GLN G 628 -31.57 -13.03 -17.50
CA GLN G 628 -30.26 -13.66 -17.47
C GLN G 628 -30.03 -14.50 -16.22
N LEU G 629 -30.94 -14.46 -15.25
CA LEU G 629 -30.77 -15.20 -14.02
C LEU G 629 -31.19 -16.65 -14.19
N THR G 630 -30.88 -17.47 -13.18
CA THR G 630 -31.30 -18.85 -13.18
C THR G 630 -32.81 -18.94 -13.00
N PRO G 631 -33.44 -20.02 -13.48
CA PRO G 631 -34.90 -20.18 -13.28
C PRO G 631 -35.29 -20.33 -11.82
N THR G 632 -34.37 -20.74 -10.93
CA THR G 632 -34.66 -20.71 -9.51
C THR G 632 -34.84 -19.28 -9.01
N TRP G 633 -34.02 -18.35 -9.51
CA TRP G 633 -34.16 -16.95 -9.17
C TRP G 633 -35.37 -16.29 -9.83
N ARG G 634 -35.92 -16.91 -10.88
CA ARG G 634 -37.12 -16.36 -11.52
C ARG G 634 -38.37 -16.59 -10.69
N VAL G 635 -38.33 -17.55 -9.76
CA VAL G 635 -39.46 -17.76 -8.85
C VAL G 635 -39.63 -16.55 -7.93
N TYR G 636 -38.52 -15.99 -7.45
CA TYR G 636 -38.54 -14.80 -6.60
C TYR G 636 -38.60 -13.51 -7.41
N SER G 637 -38.55 -13.58 -8.74
CA SER G 637 -38.72 -12.38 -9.55
C SER G 637 -40.18 -11.94 -9.58
N THR G 638 -41.10 -12.89 -9.76
CA THR G 638 -42.53 -12.61 -9.78
C THR G 638 -43.29 -13.87 -9.42
N GLY G 639 -44.55 -13.70 -9.04
CA GLY G 639 -45.36 -14.82 -8.64
C GLY G 639 -46.73 -14.35 -8.18
N SER G 640 -47.47 -15.30 -7.60
CA SER G 640 -48.82 -15.01 -7.12
C SER G 640 -48.80 -14.05 -5.93
N ASN G 641 -47.87 -14.23 -5.00
CA ASN G 641 -47.78 -13.37 -3.83
C ASN G 641 -46.88 -12.17 -4.18
N VAL G 642 -47.51 -11.01 -4.23
CA VAL G 642 -46.84 -9.74 -4.51
C VAL G 642 -47.31 -8.72 -3.48
N PHE G 643 -46.36 -8.17 -2.72
CA PHE G 643 -46.66 -7.14 -1.73
C PHE G 643 -45.77 -5.94 -1.98
N GLN G 644 -46.39 -4.77 -2.13
CA GLN G 644 -45.66 -3.53 -2.36
C GLN G 644 -45.64 -2.72 -1.07
N THR G 645 -44.44 -2.48 -0.54
CA THR G 645 -44.26 -1.67 0.65
C THR G 645 -43.51 -0.40 0.31
N ARG G 646 -43.44 0.52 1.27
CA ARG G 646 -42.67 1.74 1.09
C ARG G 646 -41.18 1.43 1.10
N ALA G 647 -40.76 0.38 1.82
CA ALA G 647 -39.36 -0.03 1.81
C ALA G 647 -38.97 -0.64 0.47
N GLY G 648 -39.89 -1.36 -0.16
CA GLY G 648 -39.60 -1.96 -1.45
C GLY G 648 -40.66 -2.98 -1.82
N CYS G 649 -40.34 -3.77 -2.84
CA CYS G 649 -41.22 -4.84 -3.29
C CYS G 649 -40.76 -6.15 -2.66
N LEU G 650 -41.69 -6.86 -2.03
CA LEU G 650 -41.38 -8.08 -1.30
C LEU G 650 -42.03 -9.26 -2.02
N ILE G 651 -41.21 -10.25 -2.38
CA ILE G 651 -41.66 -11.45 -3.06
C ILE G 651 -41.20 -12.65 -2.26
N GLY G 652 -42.11 -13.59 -2.01
CA GLY G 652 -41.77 -14.82 -1.32
C GLY G 652 -42.52 -15.06 -0.04
N ALA G 653 -43.41 -14.16 0.37
CA ALA G 653 -44.18 -14.31 1.59
C ALA G 653 -45.64 -14.00 1.31
N GLU G 654 -46.52 -14.53 2.16
CA GLU G 654 -47.96 -14.34 2.01
C GLU G 654 -48.43 -13.24 2.94
N HIS G 655 -49.05 -12.21 2.38
CA HIS G 655 -49.55 -11.09 3.17
C HIS G 655 -50.84 -11.46 3.89
N VAL G 656 -50.94 -11.05 5.15
CA VAL G 656 -52.13 -11.32 5.97
C VAL G 656 -52.62 -10.00 6.55
N ASN G 657 -53.95 -9.87 6.64
CA ASN G 657 -54.54 -8.62 7.12
C ASN G 657 -54.42 -8.48 8.64
N ASN G 658 -54.49 -9.59 9.37
CA ASN G 658 -54.38 -9.54 10.82
C ASN G 658 -52.94 -9.23 11.22
N SER G 659 -52.78 -8.68 12.42
CA SER G 659 -51.50 -8.18 12.91
C SER G 659 -51.11 -8.87 14.21
N TYR G 660 -49.83 -9.15 14.36
CA TYR G 660 -49.27 -9.74 15.57
C TYR G 660 -48.02 -8.96 15.96
N GLU G 661 -47.50 -9.27 17.15
CA GLU G 661 -46.18 -8.77 17.52
C GLU G 661 -45.12 -9.44 16.67
N CYS G 662 -44.18 -8.64 16.16
CA CYS G 662 -43.28 -9.10 15.12
C CYS G 662 -41.83 -9.17 15.62
N ASP G 663 -41.09 -10.14 15.10
CA ASP G 663 -39.71 -10.39 15.48
C ASP G 663 -38.71 -10.14 14.37
N ILE G 664 -39.15 -10.14 13.11
CA ILE G 664 -38.27 -9.85 11.99
C ILE G 664 -38.57 -8.44 11.49
N PRO G 665 -37.68 -7.47 11.72
CA PRO G 665 -37.94 -6.10 11.27
C PRO G 665 -37.73 -5.91 9.78
N ILE G 666 -38.83 -5.75 9.03
CA ILE G 666 -38.72 -5.45 7.61
C ILE G 666 -38.54 -3.96 7.38
N GLY G 667 -39.42 -3.15 7.97
CA GLY G 667 -39.40 -1.72 7.75
C GLY G 667 -40.67 -1.21 7.11
N ALA G 668 -40.90 0.10 7.23
CA ALA G 668 -42.09 0.78 6.70
C ALA G 668 -43.38 0.16 7.23
N GLY G 669 -43.38 -0.20 8.51
CA GLY G 669 -44.56 -0.73 9.16
C GLY G 669 -44.87 -2.18 8.87
N ILE G 670 -43.98 -2.89 8.20
CA ILE G 670 -44.18 -4.29 7.83
C ILE G 670 -43.21 -5.14 8.63
N CYS G 671 -43.64 -6.35 9.01
CA CYS G 671 -42.80 -7.30 9.71
C CYS G 671 -43.01 -8.69 9.13
N ALA G 672 -42.15 -9.63 9.52
CA ALA G 672 -42.19 -10.99 9.02
C ALA G 672 -42.18 -11.98 10.18
N SER G 673 -42.79 -13.13 9.94
CA SER G 673 -42.79 -14.25 10.87
C SER G 673 -43.02 -15.53 10.10
N TYR G 674 -42.71 -16.65 10.73
CA TYR G 674 -42.85 -17.97 10.11
C TYR G 674 -43.86 -18.78 10.90
N GLN G 675 -45.15 -18.56 10.61
CA GLN G 675 -46.25 -19.29 11.22
C GLN G 675 -47.53 -18.99 10.45
N THR G 676 -48.23 -20.06 10.07
CA THR G 676 -49.51 -19.92 9.37
C THR G 676 -50.34 -21.19 9.50
N SER G 689 -50.11 -25.46 4.93
CA SER G 689 -48.77 -25.82 5.37
C SER G 689 -48.18 -24.74 6.28
N GLN G 690 -46.87 -24.55 6.20
CA GLN G 690 -46.16 -23.53 6.97
C GLN G 690 -45.37 -22.67 5.99
N SER G 691 -45.61 -21.36 6.03
CA SER G 691 -44.98 -20.42 5.11
C SER G 691 -44.67 -19.12 5.83
N ILE G 692 -43.73 -18.36 5.25
CA ILE G 692 -43.39 -17.06 5.79
C ILE G 692 -44.52 -16.08 5.52
N ILE G 693 -44.97 -15.38 6.56
CA ILE G 693 -46.05 -14.41 6.45
C ILE G 693 -45.48 -13.01 6.66
N ALA G 694 -46.12 -12.03 6.04
CA ALA G 694 -45.79 -10.62 6.22
C ALA G 694 -47.06 -9.85 6.59
N TYR G 695 -46.94 -8.98 7.59
CA TYR G 695 -48.10 -8.28 8.12
C TYR G 695 -47.69 -6.90 8.58
N THR G 696 -48.67 -6.02 8.73
CA THR G 696 -48.46 -4.75 9.43
C THR G 696 -48.24 -5.03 10.91
N MET G 697 -47.40 -4.22 11.53
CA MET G 697 -47.07 -4.43 12.94
C MET G 697 -48.28 -4.11 13.81
N SER G 698 -48.59 -5.02 14.73
CA SER G 698 -49.66 -4.78 15.70
C SER G 698 -49.22 -3.70 16.68
N LEU G 699 -49.95 -2.58 16.71
CA LEU G 699 -49.54 -1.46 17.55
C LEU G 699 -49.83 -1.74 19.02
N GLY G 700 -50.86 -2.53 19.32
CA GLY G 700 -51.17 -2.85 20.70
C GLY G 700 -52.56 -3.45 20.80
N ALA G 701 -53.00 -3.62 22.05
CA ALA G 701 -54.33 -4.13 22.30
C ALA G 701 -55.37 -3.06 22.00
N GLU G 702 -56.39 -3.42 21.23
CA GLU G 702 -57.42 -2.47 20.84
C GLU G 702 -58.58 -2.55 21.82
N ASN G 703 -58.80 -1.45 22.55
CA ASN G 703 -59.89 -1.36 23.50
C ASN G 703 -60.22 0.11 23.72
N SER G 704 -61.41 0.34 24.27
CA SER G 704 -61.91 1.69 24.48
C SER G 704 -62.31 1.88 25.94
N VAL G 705 -62.27 3.14 26.38
CA VAL G 705 -62.60 3.52 27.75
C VAL G 705 -63.65 4.63 27.70
N ALA G 706 -64.60 4.57 28.62
CA ALA G 706 -65.70 5.54 28.67
C ALA G 706 -65.37 6.62 29.69
N TYR G 707 -65.35 7.87 29.22
CA TYR G 707 -65.02 9.00 30.07
C TYR G 707 -66.28 9.80 30.42
N SER G 708 -66.39 10.19 31.69
CA SER G 708 -67.46 11.05 32.15
C SER G 708 -66.90 11.93 33.26
N ASN G 709 -67.58 13.05 33.51
CA ASN G 709 -67.06 14.01 34.49
C ASN G 709 -67.32 13.58 35.93
N ASN G 710 -68.14 12.56 36.15
CA ASN G 710 -68.45 12.13 37.51
C ASN G 710 -68.48 10.60 37.62
N SER G 711 -67.67 9.91 36.84
CA SER G 711 -67.60 8.46 36.86
C SER G 711 -66.18 8.02 37.13
N ILE G 712 -66.03 7.03 38.01
CA ILE G 712 -64.73 6.47 38.36
C ILE G 712 -64.85 4.95 38.39
N ALA G 713 -63.79 4.28 37.96
CA ALA G 713 -63.70 2.83 37.96
C ALA G 713 -62.66 2.42 38.99
N ILE G 714 -63.08 1.59 39.94
CA ILE G 714 -62.21 1.11 41.02
C ILE G 714 -62.19 -0.41 40.96
N PRO G 715 -61.03 -1.04 40.96
CA PRO G 715 -60.97 -2.50 40.97
C PRO G 715 -61.51 -3.08 42.27
N THR G 716 -62.19 -4.22 42.14
CA THR G 716 -62.69 -4.95 43.29
C THR G 716 -61.90 -6.22 43.55
N ASN G 717 -60.90 -6.51 42.72
CA ASN G 717 -60.08 -7.71 42.86
C ASN G 717 -58.72 -7.44 42.25
N PHE G 718 -57.82 -8.40 42.38
CA PHE G 718 -56.47 -8.24 41.87
C PHE G 718 -55.86 -9.60 41.63
N THR G 719 -54.90 -9.64 40.71
CA THR G 719 -54.10 -10.83 40.43
C THR G 719 -52.64 -10.50 40.60
N ILE G 720 -51.93 -11.30 41.38
CA ILE G 720 -50.49 -11.15 41.58
C ILE G 720 -49.79 -11.94 40.48
N SER G 721 -49.19 -11.23 39.54
CA SER G 721 -48.54 -11.86 38.39
C SER G 721 -47.04 -11.69 38.50
N VAL G 722 -46.30 -12.77 38.28
CA VAL G 722 -44.85 -12.75 38.29
C VAL G 722 -44.37 -12.81 36.84
N THR G 723 -43.72 -11.75 36.39
CA THR G 723 -43.22 -11.67 35.03
C THR G 723 -41.69 -11.67 35.05
N THR G 724 -41.11 -12.43 34.14
CA THR G 724 -39.67 -12.58 34.04
C THR G 724 -39.13 -11.70 32.92
N GLU G 725 -37.87 -11.31 33.02
CA GLU G 725 -37.18 -10.59 31.95
C GLU G 725 -35.76 -11.12 31.86
N ILE G 726 -35.27 -11.29 30.63
CA ILE G 726 -33.91 -11.76 30.38
C ILE G 726 -33.13 -10.59 29.81
N LEU G 727 -31.97 -10.31 30.40
CA LEU G 727 -31.30 -9.08 30.00
C LEU G 727 -29.78 -9.26 30.11
N PRO G 728 -29.02 -8.86 29.08
CA PRO G 728 -27.58 -9.15 29.07
C PRO G 728 -26.80 -8.32 30.07
N VAL G 729 -25.61 -8.81 30.42
CA VAL G 729 -24.70 -8.14 31.34
C VAL G 729 -23.33 -7.90 30.70
N SER G 730 -22.72 -8.95 30.17
CA SER G 730 -21.36 -8.87 29.65
C SER G 730 -21.22 -9.75 28.42
N MET G 731 -20.19 -9.46 27.63
CA MET G 731 -19.84 -10.24 26.45
C MET G 731 -18.59 -11.07 26.73
N THR G 732 -18.20 -11.87 25.75
CA THR G 732 -17.07 -12.77 25.92
C THR G 732 -15.77 -11.99 26.04
N LYS G 733 -15.00 -12.31 27.09
CA LYS G 733 -13.74 -11.62 27.38
C LYS G 733 -12.63 -12.21 26.53
N THR G 734 -12.14 -11.43 25.57
CA THR G 734 -11.21 -11.93 24.55
C THR G 734 -9.93 -11.11 24.56
N SER G 735 -8.89 -11.70 23.96
CA SER G 735 -7.58 -11.07 23.85
C SER G 735 -6.86 -11.65 22.63
N VAL G 736 -5.80 -10.98 22.22
CA VAL G 736 -5.05 -11.33 21.01
C VAL G 736 -3.56 -11.33 21.34
N ASP G 737 -2.82 -12.27 20.75
CA ASP G 737 -1.38 -12.32 20.89
C ASP G 737 -0.74 -11.70 19.65
N CYS G 738 0.13 -10.71 19.86
CA CYS G 738 0.65 -9.93 18.73
C CYS G 738 1.67 -10.71 17.92
N THR G 739 2.59 -11.42 18.59
CA THR G 739 3.64 -12.14 17.88
C THR G 739 3.07 -13.36 17.17
N MET G 740 2.04 -13.96 17.73
CA MET G 740 1.34 -15.05 17.04
C MET G 740 0.60 -14.53 15.81
N TYR G 741 0.04 -13.33 15.90
CA TYR G 741 -0.79 -12.81 14.83
C TYR G 741 0.05 -12.29 13.66
N ILE G 742 0.99 -11.40 13.94
CA ILE G 742 1.82 -10.76 12.92
C ILE G 742 2.94 -11.69 12.44
N CYS G 743 3.85 -12.07 13.35
CA CYS G 743 4.98 -12.89 12.95
C CYS G 743 4.54 -14.30 12.56
N GLY G 744 3.71 -14.93 13.38
CA GLY G 744 3.36 -16.31 13.13
C GLY G 744 4.55 -17.21 13.36
N ASP G 745 5.07 -17.77 12.27
CA ASP G 745 6.27 -18.60 12.30
C ASP G 745 7.32 -18.14 11.28
N SER G 746 7.34 -16.85 10.95
CA SER G 746 8.33 -16.32 10.04
C SER G 746 9.71 -16.29 10.69
N THR G 747 10.75 -16.51 9.89
CA THR G 747 12.10 -16.63 10.45
C THR G 747 12.64 -15.26 10.87
N GLU G 748 12.11 -14.18 10.30
CA GLU G 748 12.40 -12.84 10.80
C GLU G 748 11.15 -12.36 11.53
N CYS G 749 11.30 -12.05 12.81
CA CYS G 749 10.20 -11.53 13.61
C CYS G 749 10.54 -10.21 14.30
N SER G 750 11.80 -10.03 14.69
CA SER G 750 12.20 -8.81 15.38
C SER G 750 12.07 -7.58 14.48
N ASN G 751 12.45 -7.71 13.20
CA ASN G 751 12.25 -6.63 12.25
C ASN G 751 10.76 -6.35 12.06
N LEU G 752 9.97 -7.42 11.92
CA LEU G 752 8.52 -7.29 11.77
C LEU G 752 7.90 -6.64 13.00
N LEU G 753 8.36 -7.04 14.19
CA LEU G 753 7.87 -6.44 15.42
C LEU G 753 8.20 -4.96 15.50
N LEU G 754 9.48 -4.60 15.34
CA LEU G 754 9.87 -3.21 15.50
C LEU G 754 9.35 -2.32 14.37
N GLN G 755 8.87 -2.91 13.28
CA GLN G 755 8.22 -2.09 12.26
C GLN G 755 6.70 -2.01 12.38
N TYR G 756 6.01 -3.06 12.85
CA TYR G 756 4.56 -3.03 12.83
C TYR G 756 3.84 -3.67 14.01
N GLY G 757 4.53 -4.00 15.11
CA GLY G 757 3.84 -4.60 16.24
C GLY G 757 3.29 -3.57 17.20
N SER G 758 3.60 -2.29 16.97
CA SER G 758 3.14 -1.25 17.88
C SER G 758 1.66 -0.93 17.66
N PHE G 759 1.18 -1.05 16.42
CA PHE G 759 -0.26 -1.00 16.17
C PHE G 759 -0.98 -2.11 16.90
N CYS G 760 -0.42 -3.32 16.85
CA CYS G 760 -0.99 -4.44 17.59
C CYS G 760 -0.90 -4.20 19.09
N THR G 761 0.15 -3.53 19.55
CA THR G 761 0.28 -3.21 20.97
C THR G 761 -0.83 -2.25 21.42
N GLN G 762 -1.09 -1.21 20.62
CA GLN G 762 -2.18 -0.29 20.92
C GLN G 762 -3.54 -0.99 20.90
N LEU G 763 -3.75 -1.85 19.90
CA LEU G 763 -5.04 -2.54 19.81
C LEU G 763 -5.18 -3.59 20.91
N ASN G 764 -4.07 -4.18 21.34
CA ASN G 764 -4.10 -5.11 22.46
C ASN G 764 -4.38 -4.36 23.76
N ARG G 765 -3.89 -3.13 23.87
CA ARG G 765 -4.25 -2.27 25.00
C ARG G 765 -5.74 -1.97 24.98
N ALA G 766 -6.30 -1.74 23.80
CA ALA G 766 -7.74 -1.53 23.68
C ALA G 766 -8.53 -2.76 24.12
N LEU G 767 -8.10 -3.94 23.70
CA LEU G 767 -8.77 -5.18 24.11
C LEU G 767 -8.62 -5.45 25.61
N THR G 768 -7.45 -5.14 26.17
CA THR G 768 -7.26 -5.31 27.61
C THR G 768 -8.15 -4.35 28.40
N GLY G 769 -8.28 -3.12 27.90
CA GLY G 769 -9.22 -2.18 28.51
C GLY G 769 -10.65 -2.66 28.44
N ILE G 770 -11.04 -3.24 27.29
CA ILE G 770 -12.39 -3.80 27.15
C ILE G 770 -12.58 -4.97 28.11
N ALA G 771 -11.55 -5.80 28.29
CA ALA G 771 -11.68 -6.97 29.15
C ALA G 771 -11.82 -6.58 30.63
N VAL G 772 -10.95 -5.69 31.11
CA VAL G 772 -11.05 -5.20 32.48
C VAL G 772 -12.35 -4.43 32.67
N GLU G 773 -12.80 -3.76 31.60
CA GLU G 773 -14.05 -3.01 31.61
C GLU G 773 -15.25 -3.94 31.77
N GLN G 774 -15.23 -5.10 31.08
CA GLN G 774 -16.29 -6.09 31.24
C GLN G 774 -16.29 -6.70 32.64
N ASP G 775 -15.09 -6.94 33.19
CA ASP G 775 -15.00 -7.44 34.56
C ASP G 775 -15.60 -6.44 35.56
N LYS G 776 -15.32 -5.15 35.34
CA LYS G 776 -15.88 -4.12 36.20
C LYS G 776 -17.39 -4.02 36.02
N ASN G 777 -17.88 -4.28 34.80
CA ASN G 777 -19.32 -4.34 34.56
C ASN G 777 -19.97 -5.42 35.41
N THR G 778 -19.42 -6.63 35.37
CA THR G 778 -19.96 -7.74 36.16
C THR G 778 -19.90 -7.44 37.65
N GLN G 779 -18.80 -6.83 38.09
CA GLN G 779 -18.66 -6.47 39.49
C GLN G 779 -19.70 -5.43 39.92
N GLU G 780 -19.96 -4.42 39.10
CA GLU G 780 -20.87 -3.37 39.54
C GLU G 780 -22.32 -3.81 39.40
N VAL G 781 -22.59 -4.84 38.60
CA VAL G 781 -23.98 -5.28 38.48
C VAL G 781 -24.31 -6.36 39.52
N PHE G 782 -23.31 -7.12 39.98
CA PHE G 782 -23.62 -8.18 40.94
C PHE G 782 -23.14 -7.91 42.35
N ALA G 783 -22.23 -6.96 42.57
CA ALA G 783 -21.70 -6.69 43.90
C ALA G 783 -22.09 -5.31 44.43
N GLN G 784 -23.36 -4.93 44.29
CA GLN G 784 -23.81 -3.66 44.83
C GLN G 784 -23.71 -3.62 46.35
N VAL G 785 -24.07 -4.71 47.01
CA VAL G 785 -23.93 -4.85 48.45
C VAL G 785 -23.02 -6.05 48.71
N LYS G 786 -21.89 -5.81 49.37
CA LYS G 786 -20.93 -6.87 49.67
C LYS G 786 -21.16 -7.38 51.10
N GLN G 787 -22.29 -8.07 51.26
CA GLN G 787 -22.62 -8.74 52.51
C GLN G 787 -23.14 -10.13 52.18
N ILE G 788 -22.64 -11.13 52.90
CA ILE G 788 -23.00 -12.52 52.67
C ILE G 788 -23.86 -12.99 53.82
N TYR G 789 -25.16 -13.12 53.58
CA TYR G 789 -26.08 -13.78 54.50
C TYR G 789 -26.39 -15.17 53.99
N LYS G 790 -26.20 -16.18 54.84
CA LYS G 790 -26.48 -17.55 54.46
C LYS G 790 -27.97 -17.75 54.28
N THR G 791 -28.33 -18.64 53.37
CA THR G 791 -29.73 -18.94 53.12
C THR G 791 -30.31 -19.68 54.32
N PRO G 792 -31.37 -19.16 54.95
CA PRO G 792 -31.98 -19.88 56.05
C PRO G 792 -32.68 -21.13 55.55
N PRO G 793 -32.84 -22.15 56.40
CA PRO G 793 -33.71 -23.27 56.05
C PRO G 793 -35.14 -22.77 55.83
N ILE G 794 -35.83 -23.40 54.87
CA ILE G 794 -37.13 -22.88 54.46
C ILE G 794 -38.15 -23.15 55.56
N LYS G 795 -38.43 -22.11 56.35
CA LYS G 795 -39.35 -22.20 57.46
C LYS G 795 -40.13 -20.89 57.55
N ASP G 796 -41.45 -21.00 57.54
CA ASP G 796 -42.36 -19.94 57.98
C ASP G 796 -42.26 -18.68 57.12
N PHE G 797 -42.37 -18.88 55.80
CA PHE G 797 -42.35 -17.75 54.87
C PHE G 797 -43.73 -17.19 54.60
N GLY G 798 -44.75 -17.61 55.34
CA GLY G 798 -46.09 -17.12 55.15
C GLY G 798 -46.90 -17.84 54.08
N GLY G 799 -46.49 -19.04 53.68
CA GLY G 799 -47.15 -19.77 52.63
C GLY G 799 -46.52 -19.62 51.26
N PHE G 800 -45.63 -18.65 51.09
CA PHE G 800 -44.92 -18.47 49.84
C PHE G 800 -43.86 -19.55 49.70
N ASN G 801 -43.75 -20.11 48.49
CA ASN G 801 -42.81 -21.20 48.22
C ASN G 801 -41.62 -20.64 47.46
N PHE G 802 -40.49 -20.49 48.14
CA PHE G 802 -39.26 -19.99 47.55
C PHE G 802 -38.23 -21.08 47.32
N SER G 803 -38.65 -22.35 47.37
CA SER G 803 -37.69 -23.44 47.27
C SER G 803 -37.09 -23.55 45.87
N GLN G 804 -37.83 -23.10 44.85
CA GLN G 804 -37.33 -23.19 43.49
C GLN G 804 -36.26 -22.14 43.21
N ILE G 805 -36.45 -20.91 43.72
CA ILE G 805 -35.52 -19.84 43.39
C ILE G 805 -34.35 -19.82 44.36
N LEU G 806 -34.52 -20.37 45.55
CA LEU G 806 -33.42 -20.46 46.49
C LEU G 806 -32.52 -21.65 46.15
N PRO G 807 -31.24 -21.58 46.46
CA PRO G 807 -30.36 -22.73 46.23
C PRO G 807 -30.76 -23.94 47.08
N ASP G 808 -30.64 -25.12 46.49
CA ASP G 808 -30.99 -26.35 47.18
C ASP G 808 -29.82 -26.82 48.04
N PRO G 809 -30.00 -26.98 49.36
CA PRO G 809 -28.89 -27.45 50.20
C PRO G 809 -28.45 -28.88 49.91
N SER G 810 -29.33 -29.70 49.33
CA SER G 810 -28.96 -31.07 48.99
C SER G 810 -27.90 -31.10 47.91
N LYS G 811 -28.04 -30.26 46.90
CA LYS G 811 -27.03 -30.18 45.84
C LYS G 811 -25.80 -29.44 46.36
N PRO G 812 -24.60 -30.02 46.24
CA PRO G 812 -23.40 -29.27 46.65
C PRO G 812 -23.14 -28.02 45.83
N SER G 813 -23.59 -27.99 44.58
CA SER G 813 -23.48 -26.79 43.77
C SER G 813 -24.39 -25.70 44.31
N LYS G 814 -23.94 -24.44 44.20
CA LYS G 814 -24.69 -23.33 44.75
C LYS G 814 -25.77 -22.81 43.81
N ARG G 815 -25.89 -23.38 42.61
CA ARG G 815 -26.90 -22.95 41.66
C ARG G 815 -28.28 -23.38 42.13
N SER G 816 -29.26 -22.49 41.99
CA SER G 816 -30.63 -22.90 42.22
C SER G 816 -31.19 -23.52 40.94
N PHE G 817 -32.42 -24.02 41.01
CA PHE G 817 -32.89 -24.92 39.97
C PHE G 817 -33.48 -24.13 38.81
N ILE G 818 -33.97 -22.91 39.11
CA ILE G 818 -34.36 -21.96 38.05
C ILE G 818 -33.16 -21.57 37.21
N GLU G 819 -32.05 -21.19 37.85
CA GLU G 819 -30.87 -20.81 37.08
C GLU G 819 -30.19 -22.04 36.49
N ASP G 820 -30.47 -23.22 37.04
CA ASP G 820 -30.06 -24.45 36.37
C ASP G 820 -30.78 -24.60 35.03
N LEU G 821 -32.08 -24.32 34.99
CA LEU G 821 -32.78 -24.33 33.70
C LEU G 821 -32.28 -23.21 32.78
N LEU G 822 -31.96 -22.06 33.34
CA LEU G 822 -31.41 -20.98 32.52
C LEU G 822 -30.06 -21.36 31.93
N PHE G 823 -29.23 -22.06 32.70
CA PHE G 823 -27.93 -22.51 32.20
C PHE G 823 -28.10 -23.58 31.13
N ASN G 824 -29.06 -24.50 31.32
CA ASN G 824 -29.25 -25.58 30.36
C ASN G 824 -29.90 -25.08 29.08
N LYS G 825 -30.70 -24.01 29.17
CA LYS G 825 -31.41 -23.52 28.00
C LYS G 825 -30.47 -22.84 27.00
N VAL G 826 -29.46 -22.14 27.51
CA VAL G 826 -28.48 -21.48 26.65
C VAL G 826 -27.35 -22.46 26.38
N THR G 827 -27.19 -22.87 25.13
CA THR G 827 -26.10 -23.74 24.71
C THR G 827 -25.05 -22.90 24.02
N LEU G 828 -23.81 -23.00 24.50
CA LEU G 828 -22.74 -22.17 23.98
C LEU G 828 -22.36 -22.60 22.57
N ALA G 829 -22.50 -21.67 21.62
CA ALA G 829 -22.19 -21.86 20.20
C ALA G 829 -22.95 -23.03 19.60
N ASP G 830 -24.29 -22.89 19.54
CA ASP G 830 -25.16 -23.91 18.97
C ASP G 830 -25.32 -23.69 17.46
N ALA G 831 -24.19 -23.78 16.76
CA ALA G 831 -24.14 -23.58 15.32
C ALA G 831 -23.05 -24.47 14.74
N GLY G 832 -22.64 -24.16 13.51
CA GLY G 832 -21.56 -24.93 12.90
C GLY G 832 -20.19 -24.59 13.45
N PHE G 833 -20.09 -23.49 14.19
CA PHE G 833 -18.81 -23.08 14.74
C PHE G 833 -18.34 -23.99 15.86
N ILE G 834 -19.24 -24.73 16.50
CA ILE G 834 -18.82 -25.74 17.47
C ILE G 834 -18.21 -26.94 16.74
N LYS G 835 -18.56 -27.12 15.47
CA LYS G 835 -17.89 -28.12 14.65
C LYS G 835 -16.57 -27.60 14.10
N GLN G 836 -16.51 -26.29 13.81
CA GLN G 836 -15.29 -25.72 13.27
C GLN G 836 -14.18 -25.61 14.32
N TYR G 837 -14.53 -25.16 15.53
CA TYR G 837 -13.52 -24.89 16.55
C TYR G 837 -13.57 -25.82 17.75
N GLY G 838 -14.55 -26.75 17.79
CA GLY G 838 -14.63 -27.68 18.91
C GLY G 838 -14.97 -27.06 20.23
N ASP G 839 -15.92 -26.12 20.26
CA ASP G 839 -16.47 -25.42 21.42
C ASP G 839 -15.42 -24.56 22.13
N CYS G 840 -14.25 -24.34 21.53
CA CYS G 840 -13.21 -23.56 22.20
C CYS G 840 -13.45 -22.06 22.04
N LEU G 841 -14.33 -21.67 21.12
CA LEU G 841 -14.60 -20.26 20.90
C LEU G 841 -15.39 -19.65 22.05
N GLY G 842 -16.21 -20.47 22.73
CA GLY G 842 -16.88 -20.00 23.91
C GLY G 842 -15.98 -20.04 25.13
N ASP G 843 -16.40 -19.33 26.18
CA ASP G 843 -15.65 -19.27 27.43
C ASP G 843 -16.05 -20.43 28.35
N ILE G 844 -15.66 -21.64 27.93
CA ILE G 844 -15.98 -22.83 28.71
C ILE G 844 -15.06 -22.93 29.92
N ALA G 845 -13.94 -22.22 29.89
CA ALA G 845 -12.88 -22.12 30.91
C ALA G 845 -12.08 -23.41 31.06
N ALA G 846 -12.42 -24.47 30.33
CA ALA G 846 -11.64 -25.70 30.31
C ALA G 846 -11.00 -25.95 28.95
N ARG G 847 -10.93 -24.92 28.11
CA ARG G 847 -10.36 -25.07 26.77
C ARG G 847 -8.86 -25.29 26.83
N ASP G 848 -8.36 -26.07 25.86
CA ASP G 848 -6.93 -26.34 25.78
C ASP G 848 -6.23 -25.27 24.97
N LEU G 849 -4.90 -25.38 24.91
CA LEU G 849 -4.10 -24.41 24.17
C LEU G 849 -4.10 -24.67 22.68
N ILE G 850 -4.53 -25.87 22.26
CA ILE G 850 -4.69 -26.16 20.85
C ILE G 850 -5.81 -25.30 20.25
N CYS G 851 -6.79 -24.94 21.08
CA CYS G 851 -7.81 -23.99 20.65
C CYS G 851 -7.22 -22.60 20.45
N ALA G 852 -6.27 -22.22 21.31
CA ALA G 852 -5.62 -20.91 21.17
C ALA G 852 -4.76 -20.84 19.91
N GLN G 853 -4.03 -21.92 19.63
CA GLN G 853 -3.21 -21.92 18.41
C GLN G 853 -4.07 -22.13 17.18
N LYS G 854 -5.28 -22.65 17.35
CA LYS G 854 -6.23 -22.76 16.25
C LYS G 854 -6.69 -21.39 15.78
N PHE G 855 -6.87 -20.46 16.71
CA PHE G 855 -7.42 -19.14 16.41
C PHE G 855 -6.38 -18.14 15.90
N ASN G 856 -5.11 -18.54 15.82
CA ASN G 856 -4.01 -17.68 15.37
C ASN G 856 -3.86 -16.44 16.27
N GLY G 857 -3.68 -16.68 17.57
CA GLY G 857 -3.43 -15.63 18.52
C GLY G 857 -4.64 -15.17 19.31
N LEU G 858 -5.85 -15.45 18.84
CA LEU G 858 -7.03 -15.01 19.56
C LEU G 858 -7.29 -15.95 20.73
N THR G 859 -7.34 -15.36 21.93
CA THR G 859 -7.54 -16.13 23.15
C THR G 859 -8.73 -15.56 23.91
N VAL G 860 -9.42 -16.44 24.61
CA VAL G 860 -10.57 -16.06 25.43
C VAL G 860 -10.14 -16.13 26.89
N LEU G 861 -10.03 -14.98 27.52
CA LEU G 861 -9.68 -14.92 28.93
C LEU G 861 -10.90 -15.26 29.78
N PRO G 862 -10.72 -16.06 30.84
CA PRO G 862 -11.84 -16.36 31.74
C PRO G 862 -12.30 -15.11 32.46
N PRO G 863 -13.59 -15.02 32.81
CA PRO G 863 -14.08 -13.84 33.54
C PRO G 863 -13.52 -13.78 34.94
N LEU G 864 -13.54 -12.56 35.50
CA LEU G 864 -12.99 -12.34 36.84
C LEU G 864 -13.81 -13.08 37.90
N LEU G 865 -15.14 -13.08 37.76
CA LEU G 865 -16.03 -13.70 38.74
C LEU G 865 -16.48 -15.05 38.22
N THR G 866 -16.20 -16.10 38.99
CA THR G 866 -16.66 -17.43 38.66
C THR G 866 -18.18 -17.50 38.77
N ASP G 867 -18.78 -18.35 37.93
CA ASP G 867 -20.24 -18.52 37.97
C ASP G 867 -20.71 -19.05 39.32
N GLU G 868 -19.86 -19.80 40.01
CA GLU G 868 -20.16 -20.19 41.40
C GLU G 868 -20.24 -18.97 42.30
N MET G 869 -19.32 -18.01 42.11
CA MET G 869 -19.37 -16.78 42.90
C MET G 869 -20.58 -15.93 42.54
N ILE G 870 -20.99 -15.95 41.26
CA ILE G 870 -22.20 -15.25 40.86
C ILE G 870 -23.43 -15.88 41.52
N ALA G 871 -23.46 -17.21 41.58
CA ALA G 871 -24.56 -17.89 42.26
C ALA G 871 -24.57 -17.58 43.75
N GLN G 872 -23.39 -17.50 44.37
CA GLN G 872 -23.30 -17.12 45.77
C GLN G 872 -23.81 -15.70 46.01
N TYR G 873 -23.44 -14.78 45.12
CA TYR G 873 -23.91 -13.40 45.25
C TYR G 873 -25.42 -13.31 45.08
N THR G 874 -25.97 -14.05 44.11
CA THR G 874 -27.41 -14.07 43.91
C THR G 874 -28.13 -14.68 45.11
N SER G 875 -27.57 -15.74 45.69
CA SER G 875 -28.14 -16.32 46.89
C SER G 875 -28.11 -15.36 48.06
N ALA G 876 -27.01 -14.62 48.21
CA ALA G 876 -26.92 -13.61 49.27
C ALA G 876 -27.95 -12.51 49.08
N LEU G 877 -28.14 -12.04 47.84
CA LEU G 877 -29.14 -11.03 47.55
C LEU G 877 -30.54 -11.52 47.87
N LEU G 878 -30.86 -12.75 47.46
CA LEU G 878 -32.19 -13.31 47.71
C LEU G 878 -32.44 -13.50 49.20
N ALA G 879 -31.45 -14.04 49.93
CA ALA G 879 -31.62 -14.26 51.36
C ALA G 879 -31.79 -12.94 52.10
N GLY G 880 -30.98 -11.94 51.74
CA GLY G 880 -31.10 -10.63 52.36
C GLY G 880 -32.44 -9.98 52.08
N THR G 881 -32.93 -10.10 50.84
CA THR G 881 -34.24 -9.55 50.50
C THR G 881 -35.35 -10.20 51.30
N ILE G 882 -35.54 -11.52 51.14
CA ILE G 882 -36.66 -12.22 51.76
C ILE G 882 -36.57 -12.19 53.29
N THR G 883 -35.37 -12.03 53.84
CA THR G 883 -35.28 -11.89 55.29
C THR G 883 -35.53 -10.47 55.78
N SER G 884 -34.84 -9.46 55.25
CA SER G 884 -34.75 -8.17 55.90
C SER G 884 -35.44 -7.04 55.15
N GLY G 885 -36.14 -7.31 54.04
CA GLY G 885 -36.77 -6.18 53.37
C GLY G 885 -35.76 -5.31 52.63
N TRP G 886 -36.06 -4.01 52.63
CA TRP G 886 -35.15 -3.03 52.03
C TRP G 886 -34.02 -2.63 52.95
N THR G 887 -34.01 -3.10 54.20
CA THR G 887 -32.92 -2.82 55.13
C THR G 887 -31.68 -3.64 54.84
N PHE G 888 -31.72 -4.50 53.82
CA PHE G 888 -30.54 -5.21 53.35
C PHE G 888 -29.47 -4.23 52.87
N GLY G 889 -29.88 -3.19 52.14
CA GLY G 889 -28.91 -2.32 51.50
C GLY G 889 -28.35 -1.25 52.43
N ALA G 890 -29.12 -0.88 53.46
CA ALA G 890 -28.64 0.14 54.39
C ALA G 890 -27.45 -0.35 55.19
N GLY G 891 -27.47 -1.62 55.59
CA GLY G 891 -26.39 -2.25 56.30
C GLY G 891 -26.74 -2.47 57.75
N ALA G 892 -27.26 -3.66 58.04
CA ALA G 892 -27.79 -4.05 59.34
C ALA G 892 -28.26 -5.50 59.29
N ALA G 893 -28.69 -6.03 60.42
CA ALA G 893 -29.38 -7.32 60.45
C ALA G 893 -30.73 -7.11 61.11
N LEU G 894 -31.71 -6.67 60.31
CA LEU G 894 -33.05 -6.40 60.79
C LEU G 894 -34.00 -7.43 60.21
N GLN G 895 -34.18 -8.54 60.93
CA GLN G 895 -35.13 -9.54 60.50
C GLN G 895 -36.55 -9.02 60.62
N ILE G 896 -37.42 -9.47 59.72
CA ILE G 896 -38.83 -9.06 59.72
C ILE G 896 -39.62 -10.21 59.11
N PRO G 897 -40.80 -10.54 59.64
CA PRO G 897 -41.63 -11.57 59.01
C PRO G 897 -42.04 -11.16 57.61
N PHE G 898 -42.16 -12.15 56.73
CA PHE G 898 -42.43 -11.88 55.32
C PHE G 898 -43.82 -11.30 55.12
N ALA G 899 -44.77 -11.65 56.00
CA ALA G 899 -46.10 -11.07 55.92
C ALA G 899 -46.07 -9.57 56.14
N MET G 900 -45.29 -9.10 57.11
CA MET G 900 -45.20 -7.67 57.34
C MET G 900 -44.45 -6.96 56.22
N GLN G 901 -43.48 -7.63 55.59
CA GLN G 901 -42.77 -7.02 54.48
C GLN G 901 -43.69 -6.87 53.27
N MET G 902 -44.49 -7.90 52.98
CA MET G 902 -45.56 -7.77 51.99
C MET G 902 -46.54 -6.66 52.36
N ALA G 903 -46.86 -6.52 53.64
CA ALA G 903 -47.80 -5.48 54.08
C ALA G 903 -47.26 -4.09 53.83
N TYR G 904 -45.98 -3.87 54.12
CA TYR G 904 -45.40 -2.54 53.90
C TYR G 904 -45.17 -2.26 52.43
N ARG G 905 -44.95 -3.30 51.62
CA ARG G 905 -44.86 -3.05 50.18
C ARG G 905 -46.24 -2.78 49.58
N PHE G 906 -47.29 -3.42 50.12
CA PHE G 906 -48.65 -3.08 49.75
C PHE G 906 -49.00 -1.65 50.15
N ASN G 907 -48.53 -1.22 51.32
CA ASN G 907 -48.70 0.17 51.72
C ASN G 907 -47.91 1.10 50.80
N GLY G 908 -46.79 0.60 50.26
CA GLY G 908 -46.04 1.38 49.30
C GLY G 908 -46.79 1.59 47.99
N ILE G 909 -47.45 0.56 47.48
CA ILE G 909 -48.17 0.73 46.22
C ILE G 909 -49.48 1.49 46.42
N GLY G 910 -49.94 1.64 47.66
CA GLY G 910 -51.12 2.44 47.95
C GLY G 910 -52.28 1.69 48.53
N VAL G 911 -52.14 0.39 48.79
CA VAL G 911 -53.24 -0.40 49.32
C VAL G 911 -53.00 -0.66 50.82
N THR G 912 -54.07 -0.62 51.60
CA THR G 912 -53.94 -0.84 53.04
C THR G 912 -53.59 -2.29 53.35
N GLN G 913 -53.12 -2.49 54.58
CA GLN G 913 -52.60 -3.79 55.01
C GLN G 913 -53.69 -4.85 55.13
N ASN G 914 -54.94 -4.42 55.36
CA ASN G 914 -56.02 -5.36 55.57
C ASN G 914 -56.30 -6.20 54.33
N VAL G 915 -56.03 -5.64 53.15
CA VAL G 915 -56.19 -6.38 51.90
C VAL G 915 -55.24 -7.56 51.86
N LEU G 916 -53.99 -7.34 52.29
CA LEU G 916 -53.05 -8.46 52.40
C LEU G 916 -53.47 -9.45 53.46
N TYR G 917 -53.76 -8.97 54.68
CA TYR G 917 -53.92 -9.88 55.81
C TYR G 917 -55.21 -10.69 55.71
N GLU G 918 -56.24 -10.16 55.03
CA GLU G 918 -57.41 -10.99 54.79
C GLU G 918 -57.18 -11.99 53.66
N ASN G 919 -56.38 -11.62 52.66
CA ASN G 919 -56.18 -12.43 51.46
C ASN G 919 -54.74 -12.95 51.38
N GLN G 920 -54.20 -13.42 52.49
CA GLN G 920 -52.82 -13.90 52.50
C GLN G 920 -52.69 -15.23 51.76
N LYS G 921 -53.62 -16.16 52.01
CA LYS G 921 -53.54 -17.48 51.39
C LYS G 921 -53.77 -17.40 49.88
N LEU G 922 -54.70 -16.54 49.46
CA LEU G 922 -54.97 -16.37 48.03
C LEU G 922 -53.76 -15.79 47.31
N ILE G 923 -53.10 -14.80 47.93
CA ILE G 923 -51.92 -14.20 47.32
C ILE G 923 -50.76 -15.21 47.28
N ALA G 924 -50.62 -16.01 48.33
CA ALA G 924 -49.58 -17.05 48.34
C ALA G 924 -49.83 -18.09 47.25
N ASN G 925 -51.08 -18.50 47.08
CA ASN G 925 -51.41 -19.46 46.03
C ASN G 925 -51.18 -18.87 44.64
N GLN G 926 -51.53 -17.59 44.45
CA GLN G 926 -51.29 -16.95 43.17
C GLN G 926 -49.80 -16.84 42.86
N PHE G 927 -48.99 -16.50 43.88
CA PHE G 927 -47.55 -16.41 43.67
C PHE G 927 -46.95 -17.78 43.34
N ASN G 928 -47.38 -18.83 44.05
CA ASN G 928 -46.89 -20.17 43.76
C ASN G 928 -47.31 -20.63 42.36
N SER G 929 -48.54 -20.32 41.96
CA SER G 929 -49.00 -20.71 40.63
C SER G 929 -48.25 -19.93 39.55
N ALA G 930 -47.92 -18.66 39.80
CA ALA G 930 -47.14 -17.89 38.84
C ALA G 930 -45.73 -18.43 38.70
N ILE G 931 -45.12 -18.82 39.82
CA ILE G 931 -43.81 -19.46 39.78
C ILE G 931 -43.88 -20.77 39.01
N GLY G 932 -44.94 -21.55 39.22
CA GLY G 932 -45.11 -22.78 38.45
C GLY G 932 -45.32 -22.53 36.96
N LYS G 933 -46.03 -21.45 36.62
CA LYS G 933 -46.21 -21.11 35.21
C LYS G 933 -44.89 -20.73 34.55
N ILE G 934 -44.06 -19.95 35.25
CA ILE G 934 -42.73 -19.63 34.71
C ILE G 934 -41.89 -20.91 34.62
N GLN G 935 -42.03 -21.81 35.58
CA GLN G 935 -41.31 -23.07 35.58
C GLN G 935 -41.67 -23.91 34.36
N ASP G 936 -42.96 -24.01 34.05
CA ASP G 936 -43.40 -24.80 32.91
C ASP G 936 -43.09 -24.10 31.60
N SER G 937 -43.03 -22.76 31.61
CA SER G 937 -42.61 -22.02 30.42
C SER G 937 -41.15 -22.29 30.08
N LEU G 938 -40.28 -22.32 31.10
CA LEU G 938 -38.88 -22.60 30.83
C LEU G 938 -38.63 -24.07 30.56
N SER G 939 -39.39 -24.96 31.20
CA SER G 939 -39.10 -26.38 31.10
C SER G 939 -39.62 -27.00 29.82
N SER G 940 -40.53 -26.32 29.12
CA SER G 940 -41.14 -26.88 27.91
C SER G 940 -40.35 -26.56 26.65
N THR G 941 -39.06 -26.21 26.77
CA THR G 941 -38.17 -25.85 25.66
C THR G 941 -38.70 -24.70 24.82
N ALA G 942 -39.48 -23.80 25.40
CA ALA G 942 -39.92 -22.59 24.70
C ALA G 942 -38.83 -21.55 24.86
N SER G 943 -38.01 -21.40 23.82
CA SER G 943 -36.82 -20.56 23.92
C SER G 943 -37.20 -19.09 23.94
N ALA G 944 -36.92 -18.45 25.09
CA ALA G 944 -37.17 -17.02 25.25
C ALA G 944 -35.94 -16.23 25.64
N LEU G 945 -34.81 -16.90 25.92
CA LEU G 945 -33.58 -16.20 26.28
C LEU G 945 -32.80 -15.82 25.03
N GLY G 946 -33.42 -15.02 24.15
CA GLY G 946 -32.79 -14.72 22.88
C GLY G 946 -31.65 -13.73 22.99
N LYS G 947 -31.64 -12.93 24.05
CA LYS G 947 -30.65 -11.86 24.14
C LYS G 947 -29.26 -12.39 24.49
N LEU G 948 -29.18 -13.36 25.40
CA LEU G 948 -27.88 -13.93 25.76
C LEU G 948 -27.32 -14.77 24.62
N GLN G 949 -28.17 -15.60 24.01
CA GLN G 949 -27.77 -16.39 22.85
C GLN G 949 -27.37 -15.47 21.69
N ASP G 950 -28.01 -14.30 21.60
CA ASP G 950 -27.61 -13.32 20.59
C ASP G 950 -26.20 -12.81 20.84
N VAL G 951 -25.84 -12.58 22.11
CA VAL G 951 -24.49 -12.12 22.44
C VAL G 951 -23.47 -13.18 22.07
N VAL G 952 -23.76 -14.45 22.40
CA VAL G 952 -22.86 -15.54 22.07
C VAL G 952 -22.71 -15.68 20.55
N ASN G 953 -23.82 -15.57 19.82
CA ASN G 953 -23.79 -15.69 18.37
C ASN G 953 -23.02 -14.55 17.71
N GLN G 954 -23.17 -13.33 18.22
CA GLN G 954 -22.43 -12.21 17.67
C GLN G 954 -20.94 -12.34 17.93
N ASN G 955 -20.56 -12.82 19.11
CA ASN G 955 -19.14 -13.07 19.37
C ASN G 955 -18.59 -14.16 18.47
N ALA G 956 -19.37 -15.22 18.25
CA ALA G 956 -18.96 -16.31 17.37
C ALA G 956 -18.79 -15.83 15.93
N GLN G 957 -19.73 -15.03 15.45
CA GLN G 957 -19.66 -14.52 14.09
C GLN G 957 -18.50 -13.54 13.93
N ALA G 958 -18.21 -12.74 14.96
CA ALA G 958 -17.07 -11.83 14.90
C ALA G 958 -15.75 -12.59 14.81
N LEU G 959 -15.59 -13.63 15.64
CA LEU G 959 -14.35 -14.42 15.57
C LEU G 959 -14.23 -15.18 14.27
N ASN G 960 -15.35 -15.72 13.76
CA ASN G 960 -15.32 -16.45 12.49
C ASN G 960 -14.99 -15.53 11.32
N THR G 961 -15.58 -14.33 11.30
CA THR G 961 -15.27 -13.36 10.27
C THR G 961 -13.82 -12.91 10.36
N LEU G 962 -13.28 -12.78 11.57
CA LEU G 962 -11.88 -12.41 11.71
C LEU G 962 -10.96 -13.51 11.17
N VAL G 963 -11.20 -14.76 11.53
CA VAL G 963 -10.29 -15.82 11.07
C VAL G 963 -10.43 -16.06 9.57
N LYS G 964 -11.63 -15.83 9.01
CA LYS G 964 -11.74 -15.93 7.56
C LYS G 964 -11.19 -14.69 6.87
N GLN G 965 -11.04 -13.58 7.59
CA GLN G 965 -10.28 -12.46 7.05
C GLN G 965 -8.80 -12.78 7.00
N LEU G 966 -8.28 -13.45 8.04
CA LEU G 966 -6.90 -13.92 8.01
C LEU G 966 -6.69 -15.01 6.96
N SER G 967 -7.77 -15.69 6.55
CA SER G 967 -7.65 -16.71 5.51
C SER G 967 -7.28 -16.10 4.16
N SER G 968 -7.57 -14.81 3.96
CA SER G 968 -7.34 -14.18 2.67
C SER G 968 -5.86 -13.91 2.44
N ASN G 969 -5.52 -13.62 1.17
CA ASN G 969 -4.13 -13.38 0.80
C ASN G 969 -3.79 -11.89 0.71
N PHE G 970 -4.80 -11.03 0.62
CA PHE G 970 -4.66 -9.57 0.58
C PHE G 970 -3.80 -9.11 -0.59
N GLY G 971 -3.99 -9.74 -1.74
CA GLY G 971 -3.28 -9.34 -2.96
C GLY G 971 -1.78 -9.57 -2.92
N ALA G 972 -1.35 -10.72 -2.40
CA ALA G 972 0.05 -11.11 -2.41
C ALA G 972 0.23 -12.33 -3.29
N ILE G 973 1.48 -12.80 -3.37
CA ILE G 973 1.77 -13.98 -4.18
C ILE G 973 1.25 -15.23 -3.49
N SER G 974 1.13 -15.20 -2.16
CA SER G 974 0.61 -16.33 -1.41
C SER G 974 -0.03 -15.80 -0.13
N SER G 975 -0.99 -16.57 0.40
CA SER G 975 -1.64 -16.17 1.64
C SER G 975 -0.74 -16.41 2.84
N VAL G 976 -0.01 -17.53 2.85
CA VAL G 976 0.86 -17.85 3.97
C VAL G 976 2.10 -16.97 3.93
N LEU G 977 2.56 -16.55 5.13
CA LEU G 977 3.71 -15.65 5.22
C LEU G 977 5.00 -16.38 4.86
N ASN G 978 5.06 -17.68 5.12
CA ASN G 978 6.30 -18.44 4.93
C ASN G 978 6.68 -18.56 3.47
N ASP G 979 5.70 -18.73 2.57
CA ASP G 979 6.00 -18.79 1.14
C ASP G 979 6.55 -17.46 0.63
N ILE G 980 5.97 -16.35 1.09
CA ILE G 980 6.46 -15.03 0.70
C ILE G 980 7.88 -14.82 1.20
N LEU G 981 8.15 -15.22 2.45
CA LEU G 981 9.47 -15.01 3.01
C LEU G 981 10.49 -15.99 2.43
N SER G 982 10.04 -17.12 1.91
CA SER G 982 10.91 -18.12 1.33
C SER G 982 11.29 -17.83 -0.11
N ARG G 983 10.32 -17.46 -0.95
CA ARG G 983 10.58 -17.33 -2.37
C ARG G 983 11.30 -16.02 -2.70
N LEU G 984 10.88 -14.92 -2.10
CA LEU G 984 11.37 -13.62 -2.51
C LEU G 984 12.47 -13.11 -1.61
N ASP G 985 13.45 -12.42 -2.21
CA ASP G 985 14.54 -11.79 -1.49
C ASP G 985 14.05 -10.47 -0.88
N PRO G 986 14.74 -9.95 0.14
CA PRO G 986 14.23 -8.77 0.91
C PRO G 986 13.84 -7.54 0.12
N PRO G 987 14.53 -7.12 -0.97
CA PRO G 987 14.12 -5.84 -1.58
C PRO G 987 12.72 -5.81 -2.22
N GLU G 988 12.04 -6.95 -2.35
CA GLU G 988 10.61 -6.92 -2.62
C GLU G 988 9.78 -7.85 -1.73
N ALA G 989 10.43 -8.81 -1.04
CA ALA G 989 9.73 -9.58 -0.03
C ALA G 989 9.24 -8.68 1.09
N GLU G 990 10.02 -7.64 1.43
CA GLU G 990 9.56 -6.70 2.44
C GLU G 990 8.33 -5.92 1.98
N VAL G 991 8.24 -5.63 0.68
CA VAL G 991 7.05 -4.95 0.15
C VAL G 991 5.83 -5.87 0.22
N GLN G 992 6.01 -7.14 -0.17
CA GLN G 992 4.89 -8.09 -0.11
C GLN G 992 4.44 -8.35 1.33
N ILE G 993 5.40 -8.50 2.25
CA ILE G 993 5.10 -8.68 3.66
C ILE G 993 4.45 -7.42 4.23
N ASP G 994 4.85 -6.25 3.73
CA ASP G 994 4.21 -5.00 4.13
C ASP G 994 2.74 -4.98 3.74
N ARG G 995 2.43 -5.41 2.52
CA ARG G 995 1.04 -5.48 2.08
C ARG G 995 0.24 -6.46 2.95
N LEU G 996 0.83 -7.63 3.22
CA LEU G 996 0.14 -8.64 4.01
C LEU G 996 -0.11 -8.17 5.45
N ILE G 997 0.90 -7.55 6.06
CA ILE G 997 0.76 -7.06 7.43
C ILE G 997 -0.23 -5.90 7.50
N THR G 998 -0.23 -5.03 6.48
CA THR G 998 -1.20 -3.93 6.46
C THR G 998 -2.62 -4.46 6.36
N GLY G 999 -2.83 -5.47 5.51
CA GLY G 999 -4.15 -6.08 5.42
C GLY G 999 -4.58 -6.74 6.72
N ARG G 1000 -3.67 -7.46 7.38
CA ARG G 1000 -4.01 -8.11 8.64
C ARG G 1000 -4.30 -7.10 9.74
N LEU G 1001 -3.54 -6.00 9.78
CA LEU G 1001 -3.77 -4.96 10.78
C LEU G 1001 -5.10 -4.26 10.55
N GLN G 1002 -5.45 -4.00 9.29
CA GLN G 1002 -6.76 -3.44 8.99
C GLN G 1002 -7.88 -4.39 9.41
N SER G 1003 -7.69 -5.69 9.19
CA SER G 1003 -8.69 -6.68 9.61
C SER G 1003 -8.88 -6.68 11.12
N LEU G 1004 -7.79 -6.68 11.88
CA LEU G 1004 -7.90 -6.72 13.33
C LEU G 1004 -8.48 -5.41 13.87
N GLN G 1005 -8.19 -4.30 13.19
CA GLN G 1005 -8.72 -3.03 13.67
C GLN G 1005 -10.22 -2.92 13.36
N THR G 1006 -10.67 -3.52 12.26
CA THR G 1006 -12.11 -3.60 12.01
C THR G 1006 -12.80 -4.51 13.03
N TYR G 1007 -12.09 -5.57 13.46
CA TYR G 1007 -12.60 -6.39 14.56
C TYR G 1007 -12.76 -5.56 15.84
N VAL G 1008 -11.78 -4.69 16.10
CA VAL G 1008 -11.87 -3.78 17.25
C VAL G 1008 -13.07 -2.85 17.11
N THR G 1009 -13.31 -2.35 15.89
CA THR G 1009 -14.45 -1.47 15.63
C THR G 1009 -15.78 -2.17 15.89
N GLN G 1010 -15.89 -3.45 15.48
CA GLN G 1010 -17.12 -4.20 15.76
C GLN G 1010 -17.28 -4.47 17.26
N GLN G 1011 -16.17 -4.76 17.95
CA GLN G 1011 -16.23 -4.95 19.39
C GLN G 1011 -16.63 -3.66 20.11
N LEU G 1012 -16.36 -2.51 19.50
CA LEU G 1012 -16.83 -1.25 20.08
C LEU G 1012 -18.35 -1.16 20.08
N ILE G 1013 -18.99 -1.56 18.98
CA ILE G 1013 -20.45 -1.58 18.91
C ILE G 1013 -21.00 -2.54 19.96
N ARG G 1014 -20.39 -3.72 20.04
CA ARG G 1014 -20.84 -4.72 21.01
C ARG G 1014 -20.70 -4.21 22.44
N ALA G 1015 -19.57 -3.58 22.76
CA ALA G 1015 -19.35 -3.09 24.12
C ALA G 1015 -20.28 -1.94 24.47
N ALA G 1016 -20.59 -1.09 23.49
CA ALA G 1016 -21.54 0.00 23.74
C ALA G 1016 -22.93 -0.53 24.06
N GLU G 1017 -23.39 -1.52 23.29
CA GLU G 1017 -24.71 -2.10 23.57
C GLU G 1017 -24.71 -2.84 24.91
N ILE G 1018 -23.59 -3.50 25.24
CA ILE G 1018 -23.46 -4.20 26.51
C ILE G 1018 -23.51 -3.22 27.67
N ARG G 1019 -22.85 -2.06 27.55
CA ARG G 1019 -22.95 -1.05 28.60
C ARG G 1019 -24.34 -0.47 28.74
N ALA G 1020 -25.05 -0.23 27.63
CA ALA G 1020 -26.42 0.24 27.74
C ALA G 1020 -27.28 -0.75 28.52
N SER G 1021 -27.23 -2.03 28.13
CA SER G 1021 -28.01 -3.06 28.81
C SER G 1021 -27.57 -3.24 30.26
N ALA G 1022 -26.27 -3.20 30.53
CA ALA G 1022 -25.77 -3.50 31.87
C ALA G 1022 -26.01 -2.36 32.83
N ASN G 1023 -25.94 -1.10 32.36
CA ASN G 1023 -26.31 0.02 33.22
C ASN G 1023 -27.81 0.00 33.51
N LEU G 1024 -28.61 -0.39 32.50
CA LEU G 1024 -30.04 -0.59 32.77
C LEU G 1024 -30.26 -1.69 33.80
N ALA G 1025 -29.48 -2.76 33.74
CA ALA G 1025 -29.60 -3.87 34.69
C ALA G 1025 -29.21 -3.43 36.09
N ALA G 1026 -28.13 -2.64 36.22
CA ALA G 1026 -27.70 -2.17 37.53
C ALA G 1026 -28.73 -1.22 38.14
N THR G 1027 -29.31 -0.34 37.31
CA THR G 1027 -30.37 0.53 37.80
C THR G 1027 -31.59 -0.28 38.26
N LYS G 1028 -31.98 -1.29 37.46
CA LYS G 1028 -33.11 -2.15 37.83
C LYS G 1028 -32.84 -2.89 39.13
N MET G 1029 -31.61 -3.40 39.29
CA MET G 1029 -31.19 -4.05 40.53
C MET G 1029 -31.35 -3.11 41.72
N SER G 1030 -30.64 -1.98 41.71
CA SER G 1030 -30.57 -1.13 42.88
C SER G 1030 -31.90 -0.42 43.14
N GLU G 1031 -32.81 -0.41 42.17
CA GLU G 1031 -34.11 0.20 42.42
C GLU G 1031 -35.18 -0.81 42.77
N CYS G 1032 -34.99 -2.09 42.40
CA CYS G 1032 -36.12 -3.01 42.51
C CYS G 1032 -35.89 -4.17 43.47
N VAL G 1033 -34.65 -4.65 43.66
CA VAL G 1033 -34.49 -5.76 44.61
C VAL G 1033 -34.06 -5.24 45.97
N LEU G 1034 -33.26 -4.17 46.00
CA LEU G 1034 -32.84 -3.56 47.24
C LEU G 1034 -33.89 -2.61 47.81
N GLY G 1035 -34.97 -2.36 47.07
CA GLY G 1035 -36.02 -1.47 47.56
C GLY G 1035 -37.20 -1.50 46.63
N GLN G 1036 -38.27 -0.82 47.05
CA GLN G 1036 -39.46 -0.72 46.25
C GLN G 1036 -39.35 0.47 45.29
N SER G 1037 -39.85 0.28 44.08
CA SER G 1037 -39.74 1.28 43.03
C SER G 1037 -41.10 1.91 42.76
N LYS G 1038 -41.16 3.24 42.80
CA LYS G 1038 -42.37 3.96 42.43
C LYS G 1038 -42.43 4.21 40.93
N ARG G 1039 -41.43 3.75 40.18
CA ARG G 1039 -41.42 3.93 38.73
C ARG G 1039 -42.52 3.11 38.08
N VAL G 1040 -43.01 3.59 36.94
CA VAL G 1040 -44.12 2.96 36.24
C VAL G 1040 -43.59 2.22 35.02
N ASP G 1041 -43.93 0.92 34.95
CA ASP G 1041 -43.52 0.02 33.85
C ASP G 1041 -42.00 0.00 33.69
N PHE G 1042 -41.29 -0.01 34.82
CA PHE G 1042 -39.85 -0.17 34.82
C PHE G 1042 -39.41 -1.53 35.34
N CYS G 1043 -40.18 -2.11 36.25
CA CYS G 1043 -39.92 -3.46 36.74
C CYS G 1043 -41.18 -4.32 36.64
N GLY G 1044 -41.82 -4.29 35.47
CA GLY G 1044 -42.93 -5.18 35.21
C GLY G 1044 -44.23 -4.40 34.98
N LYS G 1045 -45.13 -5.05 34.25
CA LYS G 1045 -46.46 -4.48 34.04
C LYS G 1045 -47.25 -4.52 35.34
N GLY G 1046 -47.82 -3.38 35.71
CA GLY G 1046 -48.53 -3.25 36.96
C GLY G 1046 -47.70 -2.57 38.02
N TYR G 1047 -48.25 -2.57 39.23
CA TYR G 1047 -47.59 -1.94 40.37
C TYR G 1047 -46.53 -2.89 40.92
N HIS G 1048 -45.31 -2.40 41.04
CA HIS G 1048 -44.19 -3.25 41.44
C HIS G 1048 -44.20 -3.53 42.93
N LEU G 1049 -43.96 -4.78 43.30
CA LEU G 1049 -43.78 -5.15 44.70
C LEU G 1049 -42.36 -5.63 44.98
N MET G 1050 -41.90 -6.68 44.30
CA MET G 1050 -40.56 -7.22 44.52
C MET G 1050 -39.96 -7.66 43.20
N SER G 1051 -38.65 -7.91 43.23
CA SER G 1051 -37.96 -8.54 42.12
C SER G 1051 -36.97 -9.53 42.71
N PHE G 1052 -36.92 -10.74 42.15
CA PHE G 1052 -36.01 -11.75 42.63
C PHE G 1052 -34.97 -12.03 41.56
N PRO G 1053 -33.70 -11.69 41.77
CA PRO G 1053 -32.71 -11.87 40.72
C PRO G 1053 -32.27 -13.30 40.61
N GLN G 1054 -31.92 -13.71 39.39
CA GLN G 1054 -31.37 -15.03 39.12
C GLN G 1054 -30.23 -14.90 38.13
N SER G 1055 -29.18 -15.68 38.32
CA SER G 1055 -28.04 -15.63 37.43
C SER G 1055 -28.38 -16.26 36.08
N ALA G 1056 -27.56 -15.93 35.09
CA ALA G 1056 -27.81 -16.34 33.71
C ALA G 1056 -26.47 -16.37 32.99
N PRO G 1057 -26.36 -17.12 31.89
CA PRO G 1057 -25.12 -17.06 31.10
C PRO G 1057 -24.98 -15.69 30.44
N HIS G 1058 -23.93 -14.97 30.85
CA HIS G 1058 -23.62 -13.63 30.35
C HIS G 1058 -24.78 -12.65 30.57
N GLY G 1059 -25.45 -12.78 31.71
CA GLY G 1059 -26.60 -11.96 31.97
C GLY G 1059 -27.18 -12.23 33.34
N VAL G 1060 -28.29 -11.54 33.62
CA VAL G 1060 -29.04 -11.70 34.86
C VAL G 1060 -30.53 -11.69 34.52
N VAL G 1061 -31.29 -12.51 35.23
CA VAL G 1061 -32.72 -12.65 35.02
C VAL G 1061 -33.45 -12.19 36.26
N PHE G 1062 -34.38 -11.26 36.10
CA PHE G 1062 -35.19 -10.73 37.18
C PHE G 1062 -36.57 -11.36 37.15
N LEU G 1063 -37.08 -11.72 38.33
CA LEU G 1063 -38.45 -12.22 38.47
C LEU G 1063 -39.27 -11.16 39.18
N HIS G 1064 -39.96 -10.34 38.39
CA HIS G 1064 -40.69 -9.18 38.90
C HIS G 1064 -42.04 -9.64 39.45
N VAL G 1065 -42.27 -9.40 40.74
CA VAL G 1065 -43.56 -9.67 41.36
C VAL G 1065 -44.36 -8.38 41.32
N THR G 1066 -45.50 -8.41 40.63
CA THR G 1066 -46.27 -7.21 40.36
C THR G 1066 -47.70 -7.36 40.83
N TYR G 1067 -48.34 -6.22 41.08
CA TYR G 1067 -49.74 -6.15 41.48
C TYR G 1067 -50.54 -5.69 40.28
N VAL G 1068 -51.35 -6.58 39.72
CA VAL G 1068 -52.19 -6.28 38.56
C VAL G 1068 -53.64 -6.30 39.01
N PRO G 1069 -54.34 -5.17 38.97
CA PRO G 1069 -55.76 -5.17 39.39
C PRO G 1069 -56.66 -5.74 38.30
N ALA G 1070 -57.88 -6.10 38.71
CA ALA G 1070 -58.86 -6.66 37.79
C ALA G 1070 -60.26 -6.45 38.36
N GLN G 1071 -61.26 -6.70 37.51
CA GLN G 1071 -62.68 -6.64 37.86
C GLN G 1071 -63.09 -5.26 38.39
N GLU G 1072 -62.96 -4.28 37.52
CA GLU G 1072 -63.35 -2.92 37.88
C GLU G 1072 -64.86 -2.76 37.88
N LYS G 1073 -65.33 -1.72 38.57
CA LYS G 1073 -66.74 -1.40 38.67
C LYS G 1073 -66.94 0.10 38.52
N ASN G 1074 -67.98 0.48 37.78
CA ASN G 1074 -68.32 1.89 37.64
C ASN G 1074 -68.92 2.43 38.94
N PHE G 1075 -68.57 3.68 39.27
CA PHE G 1075 -69.09 4.34 40.45
C PHE G 1075 -69.28 5.81 40.15
N THR G 1076 -70.25 6.42 40.83
CA THR G 1076 -70.50 7.85 40.71
C THR G 1076 -69.67 8.60 41.76
N THR G 1077 -68.77 9.46 41.31
CA THR G 1077 -67.85 10.14 42.18
C THR G 1077 -68.19 11.62 42.30
N ALA G 1078 -67.64 12.25 43.34
CA ALA G 1078 -67.75 13.67 43.58
C ALA G 1078 -66.41 14.18 44.08
N PRO G 1079 -66.06 15.43 43.78
CA PRO G 1079 -64.79 15.97 44.29
C PRO G 1079 -64.80 16.20 45.78
N ALA G 1080 -65.92 16.61 46.35
CA ALA G 1080 -66.01 16.90 47.78
C ALA G 1080 -67.47 16.76 48.20
N ILE G 1081 -67.72 17.00 49.49
CA ILE G 1081 -69.06 16.91 50.06
C ILE G 1081 -69.31 18.15 50.89
N CYS G 1082 -70.41 18.85 50.61
CA CYS G 1082 -70.79 20.05 51.34
C CYS G 1082 -71.78 19.66 52.43
N HIS G 1083 -71.33 19.68 53.68
CA HIS G 1083 -72.17 19.45 54.84
C HIS G 1083 -72.04 20.64 55.79
N ASP G 1084 -73.20 21.14 56.25
CA ASP G 1084 -73.29 22.29 57.16
C ASP G 1084 -72.61 23.53 56.59
N GLY G 1085 -72.70 23.71 55.27
CA GLY G 1085 -72.15 24.89 54.62
C GLY G 1085 -70.66 24.90 54.42
N LYS G 1086 -69.97 23.80 54.73
CA LYS G 1086 -68.53 23.72 54.57
C LYS G 1086 -68.17 22.45 53.81
N ALA G 1087 -67.18 22.57 52.93
CA ALA G 1087 -66.77 21.47 52.07
C ALA G 1087 -65.84 20.52 52.81
N HIS G 1088 -66.03 19.23 52.57
CA HIS G 1088 -65.20 18.18 53.15
C HIS G 1088 -64.43 17.49 52.03
N PHE G 1089 -63.10 17.50 52.13
CA PHE G 1089 -62.24 16.86 51.16
C PHE G 1089 -61.58 15.62 51.76
N PRO G 1090 -61.38 14.56 50.98
CA PRO G 1090 -60.84 13.33 51.57
C PRO G 1090 -59.35 13.43 51.86
N ARG G 1091 -58.97 12.92 53.03
CA ARG G 1091 -57.54 12.88 53.37
C ARG G 1091 -56.81 11.85 52.53
N GLU G 1092 -57.44 10.71 52.27
CA GLU G 1092 -56.89 9.70 51.38
C GLU G 1092 -58.03 9.04 50.63
N GLY G 1093 -57.78 8.73 49.36
CA GLY G 1093 -58.76 8.04 48.56
C GLY G 1093 -59.78 8.96 47.90
N VAL G 1094 -60.87 8.33 47.45
CA VAL G 1094 -61.88 8.97 46.62
C VAL G 1094 -63.22 8.90 47.33
N PHE G 1095 -64.15 9.76 46.90
CA PHE G 1095 -65.54 9.67 47.29
C PHE G 1095 -66.32 8.97 46.20
N VAL G 1096 -66.95 7.84 46.53
CA VAL G 1096 -67.77 7.08 45.59
C VAL G 1096 -69.17 6.93 46.17
N SER G 1097 -70.08 6.47 45.31
CA SER G 1097 -71.46 6.26 45.70
C SER G 1097 -72.04 5.07 44.97
N ASN G 1098 -72.63 4.14 45.71
CA ASN G 1098 -73.44 3.07 45.14
C ASN G 1098 -74.90 3.40 45.42
N GLY G 1099 -75.70 3.45 44.35
CA GLY G 1099 -77.08 3.87 44.47
C GLY G 1099 -77.20 5.32 44.92
N THR G 1100 -77.60 5.52 46.18
CA THR G 1100 -77.75 6.86 46.74
C THR G 1100 -76.96 7.05 48.03
N HIS G 1101 -76.14 6.07 48.43
CA HIS G 1101 -75.33 6.17 49.64
C HIS G 1101 -73.88 6.41 49.27
N TRP G 1102 -73.23 7.32 49.99
CA TRP G 1102 -71.87 7.74 49.70
C TRP G 1102 -70.89 7.10 50.66
N PHE G 1103 -69.68 6.82 50.17
CA PHE G 1103 -68.61 6.23 50.96
C PHE G 1103 -67.29 6.84 50.53
N VAL G 1104 -66.26 6.63 51.34
CA VAL G 1104 -64.89 6.96 50.99
C VAL G 1104 -64.09 5.67 50.87
N THR G 1105 -63.39 5.51 49.75
CA THR G 1105 -62.64 4.30 49.46
C THR G 1105 -61.25 4.67 48.99
N GLN G 1106 -60.29 3.78 49.24
CA GLN G 1106 -58.96 3.94 48.68
C GLN G 1106 -59.00 3.70 47.17
N ARG G 1107 -58.00 4.24 46.48
CA ARG G 1107 -58.07 4.33 45.02
C ARG G 1107 -57.89 2.96 44.36
N ASN G 1108 -56.91 2.19 44.80
CA ASN G 1108 -56.53 1.00 44.04
C ASN G 1108 -57.46 -0.18 44.32
N PHE G 1109 -58.03 -0.26 45.52
CA PHE G 1109 -58.89 -1.37 45.89
C PHE G 1109 -60.22 -0.83 46.40
N TYR G 1110 -61.29 -1.60 46.21
CA TYR G 1110 -62.61 -1.20 46.65
C TYR G 1110 -62.84 -1.67 48.07
N GLU G 1111 -62.54 -0.81 49.04
CA GLU G 1111 -62.84 -1.06 50.44
C GLU G 1111 -63.77 0.03 50.92
N PRO G 1112 -65.08 -0.23 51.02
CA PRO G 1112 -66.02 0.82 51.40
C PRO G 1112 -65.90 1.17 52.89
N GLN G 1113 -65.81 2.46 53.17
CA GLN G 1113 -65.73 2.96 54.53
C GLN G 1113 -66.74 4.08 54.71
N ILE G 1114 -67.34 4.16 55.89
CA ILE G 1114 -68.28 5.22 56.20
C ILE G 1114 -67.53 6.53 56.31
N ILE G 1115 -68.14 7.61 55.81
CA ILE G 1115 -67.49 8.91 55.79
C ILE G 1115 -67.36 9.43 57.22
N THR G 1116 -66.13 9.79 57.60
CA THR G 1116 -65.81 10.14 58.98
C THR G 1116 -65.04 11.46 58.97
N THR G 1117 -65.25 12.26 60.01
CA THR G 1117 -64.48 13.49 60.18
C THR G 1117 -62.99 13.21 60.37
N ASP G 1118 -62.62 12.02 60.83
CA ASP G 1118 -61.22 11.61 60.80
C ASP G 1118 -60.74 11.38 59.38
N ASN G 1119 -61.61 10.84 58.52
CA ASN G 1119 -61.25 10.52 57.14
C ASN G 1119 -61.18 11.75 56.25
N THR G 1120 -61.86 12.84 56.61
CA THR G 1120 -61.94 14.03 55.77
C THR G 1120 -61.33 15.22 56.50
N PHE G 1121 -61.09 16.29 55.75
CA PHE G 1121 -60.66 17.56 56.32
C PHE G 1121 -61.46 18.69 55.68
N VAL G 1122 -61.74 19.72 56.47
CA VAL G 1122 -62.63 20.81 56.09
C VAL G 1122 -61.79 21.99 55.65
N SER G 1123 -62.14 22.58 54.51
CA SER G 1123 -61.42 23.75 54.01
C SER G 1123 -62.41 24.65 53.27
N GLY G 1124 -62.80 25.76 53.90
CA GLY G 1124 -63.64 26.73 53.27
C GLY G 1124 -65.09 26.29 53.11
N ASN G 1125 -65.81 27.05 52.30
CA ASN G 1125 -67.21 26.79 52.01
C ASN G 1125 -67.36 26.01 50.71
N CYS G 1126 -68.57 25.52 50.47
CA CYS G 1126 -68.86 24.69 49.30
C CYS G 1126 -69.38 25.50 48.12
N ASP G 1127 -69.38 26.82 48.20
CA ASP G 1127 -69.84 27.65 47.10
C ASP G 1127 -68.77 27.88 46.05
N VAL G 1128 -67.54 27.46 46.29
CA VAL G 1128 -66.44 27.71 45.37
C VAL G 1128 -66.10 26.43 44.61
N VAL G 1129 -66.38 25.28 45.23
CA VAL G 1129 -66.05 23.99 44.63
C VAL G 1129 -67.05 23.69 43.52
N ILE G 1130 -66.53 23.36 42.34
CA ILE G 1130 -67.37 23.05 41.18
C ILE G 1130 -67.73 21.57 41.22
N GLY G 1131 -69.02 21.27 41.21
CA GLY G 1131 -69.48 19.90 41.17
C GLY G 1131 -69.61 19.22 42.51
N ILE G 1132 -69.68 19.97 43.61
CA ILE G 1132 -69.80 19.37 44.93
C ILE G 1132 -71.24 18.87 45.13
N VAL G 1133 -71.38 17.77 45.86
CA VAL G 1133 -72.69 17.18 46.12
C VAL G 1133 -73.06 17.38 47.58
N ASN G 1134 -74.30 17.04 47.91
CA ASN G 1134 -74.84 17.22 49.25
C ASN G 1134 -74.92 15.88 49.95
N ASN G 1135 -74.34 15.81 51.15
CA ASN G 1135 -74.40 14.63 51.99
C ASN G 1135 -74.08 15.04 53.42
N THR G 1136 -74.13 14.07 54.31
CA THR G 1136 -73.75 14.28 55.70
C THR G 1136 -72.50 13.48 56.04
N VAL G 1137 -71.76 13.96 57.04
CA VAL G 1137 -70.55 13.30 57.49
C VAL G 1137 -70.83 12.73 58.87
N TYR G 1138 -70.42 11.49 59.08
CA TYR G 1138 -70.66 10.83 60.36
C TYR G 1138 -69.46 11.06 61.28
N ASP G 1139 -69.73 11.54 62.48
CA ASP G 1139 -68.67 11.70 63.47
C ASP G 1139 -68.82 10.68 64.57
N PRO G 1140 -67.75 9.98 64.95
CA PRO G 1140 -67.90 8.87 65.91
C PRO G 1140 -68.21 9.32 67.32
N LEU G 1141 -67.94 10.59 67.64
CA LEU G 1141 -68.06 11.09 69.00
C LEU G 1141 -69.51 11.15 69.46
N GLN G 1142 -70.41 11.64 68.60
CA GLN G 1142 -71.80 11.87 68.99
C GLN G 1142 -72.58 10.61 69.36
N PRO G 1143 -72.55 9.49 68.61
CA PRO G 1143 -73.34 8.32 69.04
C PRO G 1143 -72.87 7.73 70.36
N GLU G 1144 -71.59 7.83 70.69
CA GLU G 1144 -71.10 7.21 71.92
C GLU G 1144 -71.23 8.15 73.12
N LEU G 1145 -71.20 9.47 72.90
CA LEU G 1145 -71.22 10.40 74.02
C LEU G 1145 -72.55 11.12 74.20
N ASP G 1146 -73.58 10.82 73.42
CA ASP G 1146 -74.87 11.43 73.65
C ASP G 1146 -75.70 10.58 74.60
N SER G 1147 -76.19 11.21 75.67
CA SER G 1147 -76.97 10.57 76.74
C SER G 1147 -76.24 9.38 77.36
N GLU H 1 35.69 5.42 -61.85
CA GLU H 1 34.91 5.80 -60.68
C GLU H 1 34.62 7.29 -60.74
N VAL H 2 35.54 8.06 -60.18
CA VAL H 2 35.42 9.50 -60.14
C VAL H 2 36.55 10.13 -60.93
N HIS H 3 36.21 11.11 -61.77
CA HIS H 3 37.19 11.73 -62.66
C HIS H 3 37.02 13.23 -62.62
N LEU H 4 38.01 13.92 -62.07
CA LEU H 4 38.07 15.39 -62.11
C LEU H 4 39.15 15.77 -63.10
N VAL H 5 38.75 16.18 -64.30
CA VAL H 5 39.69 16.59 -65.34
C VAL H 5 39.56 18.10 -65.50
N GLU H 6 40.71 18.77 -65.47
CA GLU H 6 40.85 20.22 -65.39
C GLU H 6 41.34 20.79 -66.72
N SER H 7 41.22 22.10 -66.85
CA SER H 7 41.62 22.81 -68.06
C SER H 7 41.81 24.28 -67.74
N GLY H 8 42.47 25.00 -68.65
CA GLY H 8 42.62 26.43 -68.56
C GLY H 8 43.96 26.94 -68.08
N GLY H 9 44.95 26.07 -67.89
CA GLY H 9 46.24 26.49 -67.41
C GLY H 9 47.08 27.17 -68.48
N GLY H 10 48.16 27.77 -68.04
CA GLY H 10 49.06 28.46 -68.95
C GLY H 10 49.90 29.47 -68.21
N LEU H 11 50.71 30.20 -68.99
CA LEU H 11 51.60 31.22 -68.49
C LEU H 11 50.96 32.59 -68.68
N VAL H 12 50.96 33.41 -67.62
CA VAL H 12 50.32 34.72 -67.65
C VAL H 12 51.21 35.72 -66.92
N GLN H 13 51.16 36.97 -67.39
CA GLN H 13 51.85 38.08 -66.74
C GLN H 13 51.15 38.46 -65.44
N PRO H 14 51.88 39.04 -64.48
CA PRO H 14 51.25 39.49 -63.24
C PRO H 14 50.22 40.59 -63.47
N GLY H 15 49.15 40.57 -62.68
CA GLY H 15 48.08 41.51 -62.81
C GLY H 15 47.07 41.20 -63.89
N GLY H 16 47.18 40.06 -64.56
CA GLY H 16 46.26 39.69 -65.62
C GLY H 16 45.04 38.94 -65.11
N SER H 17 44.35 38.30 -66.05
CA SER H 17 43.15 37.54 -65.74
C SER H 17 43.16 36.24 -66.53
N LEU H 18 42.50 35.22 -65.98
CA LEU H 18 42.55 33.87 -66.51
C LEU H 18 41.36 33.11 -65.95
N ARG H 19 40.98 32.02 -66.61
CA ARG H 19 39.81 31.24 -66.21
C ARG H 19 40.19 29.76 -66.12
N LEU H 20 39.73 29.10 -65.06
CA LEU H 20 39.92 27.65 -64.87
C LEU H 20 38.58 26.93 -64.90
N SER H 21 38.63 25.66 -65.34
CA SER H 21 37.47 24.79 -65.33
C SER H 21 37.90 23.38 -64.94
N CYS H 22 37.04 22.70 -64.19
CA CYS H 22 37.19 21.29 -63.89
C CYS H 22 35.97 20.54 -64.36
N ALA H 23 36.16 19.55 -65.22
CA ALA H 23 35.06 18.71 -65.67
C ALA H 23 35.02 17.43 -64.82
N ALA H 24 33.81 16.98 -64.52
CA ALA H 24 33.60 15.86 -63.62
C ALA H 24 32.61 14.87 -64.23
N SER H 25 32.81 13.59 -63.91
CA SER H 25 31.93 12.53 -64.40
C SER H 25 31.97 11.36 -63.42
N GLY H 26 30.96 10.51 -63.53
CA GLY H 26 30.91 9.28 -62.77
C GLY H 26 30.36 9.39 -61.37
N PHE H 27 29.88 10.56 -60.96
CA PHE H 27 29.34 10.73 -59.62
C PHE H 27 28.35 11.88 -59.63
N THR H 28 27.57 11.98 -58.56
CA THR H 28 26.59 13.05 -58.43
C THR H 28 27.34 14.35 -58.16
N PHE H 29 27.64 15.11 -59.21
CA PHE H 29 28.45 16.31 -59.06
C PHE H 29 27.66 17.42 -58.37
N SER H 30 26.34 17.32 -58.40
CA SER H 30 25.50 18.35 -57.76
C SER H 30 25.54 18.23 -56.24
N ASP H 31 25.64 17.01 -55.71
CA ASP H 31 25.44 16.83 -54.27
C ASP H 31 26.65 17.30 -53.47
N HIS H 32 27.86 16.97 -53.93
CA HIS H 32 29.05 17.13 -53.11
C HIS H 32 29.48 18.60 -52.97
N TYR H 33 30.00 18.94 -51.79
CA TYR H 33 30.75 20.17 -51.63
C TYR H 33 32.10 20.04 -52.33
N MET H 34 32.76 21.17 -52.55
CA MET H 34 34.00 21.13 -53.33
C MET H 34 35.02 22.12 -52.79
N ASP H 35 36.29 21.82 -53.05
CA ASP H 35 37.41 22.59 -52.54
C ASP H 35 38.39 22.92 -53.66
N TRP H 36 39.15 24.00 -53.45
CA TRP H 36 40.37 24.28 -54.18
C TRP H 36 41.56 24.25 -53.22
N VAL H 37 42.55 23.43 -53.54
CA VAL H 37 43.79 23.34 -52.78
C VAL H 37 44.94 23.52 -53.75
N ARG H 38 45.86 24.43 -53.42
CA ARG H 38 46.99 24.73 -54.28
C ARG H 38 48.28 24.25 -53.65
N GLN H 39 49.24 23.88 -54.50
CA GLN H 39 50.55 23.42 -54.08
C GLN H 39 51.60 24.22 -54.83
N ALA H 40 52.31 25.09 -54.13
CA ALA H 40 53.42 25.81 -54.73
C ALA H 40 54.54 24.83 -55.07
N PRO H 41 55.31 25.07 -56.13
CA PRO H 41 56.38 24.13 -56.49
C PRO H 41 57.48 24.07 -55.44
N GLY H 42 57.64 22.90 -54.84
CA GLY H 42 58.58 22.71 -53.76
C GLY H 42 58.08 23.09 -52.38
N LYS H 43 56.83 23.54 -52.27
CA LYS H 43 56.25 23.93 -50.99
C LYS H 43 55.00 23.10 -50.72
N GLY H 44 54.44 23.28 -49.52
CA GLY H 44 53.34 22.46 -49.10
C GLY H 44 52.01 22.86 -49.72
N LEU H 45 51.00 22.04 -49.47
CA LEU H 45 49.65 22.31 -49.94
C LEU H 45 49.04 23.49 -49.20
N GLU H 46 48.16 24.22 -49.89
CA GLU H 46 47.49 25.37 -49.31
C GLU H 46 46.06 25.41 -49.81
N TRP H 47 45.11 25.51 -48.88
CA TRP H 47 43.70 25.58 -49.23
C TRP H 47 43.35 26.96 -49.79
N VAL H 48 42.47 26.98 -50.79
CA VAL H 48 42.11 28.21 -51.51
C VAL H 48 40.65 28.60 -51.25
N GLY H 49 39.71 27.71 -51.55
CA GLY H 49 38.31 28.06 -51.47
C GLY H 49 37.43 26.85 -51.32
N ARG H 50 36.20 27.08 -50.85
CA ARG H 50 35.20 26.04 -50.67
C ARG H 50 33.84 26.56 -51.13
N THR H 51 33.06 25.70 -51.79
CA THR H 51 31.77 26.08 -52.34
C THR H 51 30.69 25.09 -51.91
N ARG H 52 29.44 25.55 -51.92
CA ARG H 52 28.32 24.76 -51.43
C ARG H 52 27.38 24.34 -52.57
N ASN H 53 26.35 23.56 -52.20
CA ASN H 53 25.31 23.09 -53.10
C ASN H 53 24.05 23.97 -52.99
N LYS H 54 22.93 23.47 -53.55
CA LYS H 54 21.67 24.22 -53.54
C LYS H 54 21.14 24.42 -52.12
N ALA H 55 21.51 23.55 -51.18
CA ALA H 55 20.98 23.67 -49.82
C ALA H 55 21.51 24.93 -49.13
N ASN H 56 22.70 25.39 -49.51
CA ASN H 56 23.22 26.66 -49.03
C ASN H 56 23.32 27.72 -50.13
N SER H 57 22.78 27.44 -51.32
CA SER H 57 22.70 28.40 -52.42
C SER H 57 24.09 28.91 -52.85
N TYR H 58 25.01 27.97 -53.08
CA TYR H 58 26.37 28.26 -53.58
C TYR H 58 27.12 29.23 -52.65
N THR H 59 27.11 28.93 -51.35
CA THR H 59 27.84 29.75 -50.40
C THR H 59 29.34 29.51 -50.55
N THR H 60 30.10 30.60 -50.65
CA THR H 60 31.53 30.53 -50.92
C THR H 60 32.32 31.12 -49.76
N GLU H 61 33.36 30.38 -49.34
CA GLU H 61 34.31 30.84 -48.34
C GLU H 61 35.71 30.77 -48.92
N TYR H 62 36.58 31.68 -48.47
CA TYR H 62 37.89 31.83 -49.07
C TYR H 62 38.94 31.82 -47.97
N ALA H 63 40.20 31.78 -48.38
CA ALA H 63 41.30 31.96 -47.44
C ALA H 63 41.54 33.44 -47.21
N ALA H 64 42.34 33.75 -46.19
CA ALA H 64 42.61 35.14 -45.84
C ALA H 64 43.46 35.83 -46.90
N SER H 65 44.43 35.12 -47.46
CA SER H 65 45.34 35.71 -48.44
C SER H 65 44.73 35.83 -49.83
N VAL H 66 43.58 35.21 -50.09
CA VAL H 66 42.97 35.27 -51.41
C VAL H 66 41.62 35.98 -51.41
N LYS H 67 41.19 36.56 -50.29
CA LYS H 67 39.90 37.24 -50.24
C LYS H 67 39.92 38.51 -51.08
N GLY H 68 38.91 38.66 -51.92
CA GLY H 68 38.74 39.84 -52.74
C GLY H 68 39.41 39.76 -54.10
N ARG H 69 40.31 38.80 -54.30
CA ARG H 69 41.04 38.69 -55.56
C ARG H 69 40.57 37.53 -56.43
N PHE H 70 39.87 36.56 -55.86
CA PHE H 70 39.44 35.38 -56.61
C PHE H 70 37.94 35.17 -56.48
N THR H 71 37.38 34.48 -57.47
CA THR H 71 35.94 34.23 -57.54
C THR H 71 35.72 32.78 -57.98
N ILE H 72 35.08 31.99 -57.12
CA ILE H 72 34.76 30.61 -57.46
C ILE H 72 33.27 30.49 -57.77
N SER H 73 32.94 29.60 -58.71
CA SER H 73 31.56 29.37 -59.11
C SER H 73 31.46 27.97 -59.71
N ARG H 74 30.23 27.50 -59.86
CA ARG H 74 29.98 26.16 -60.38
C ARG H 74 28.60 26.10 -61.01
N ASP H 75 28.46 25.26 -62.04
CA ASP H 75 27.20 25.00 -62.69
C ASP H 75 27.08 23.50 -62.89
N ASP H 76 26.05 22.90 -62.30
CA ASP H 76 25.98 21.45 -62.27
C ASP H 76 25.28 20.90 -63.51
N ALA H 77 24.75 21.77 -64.38
CA ALA H 77 24.05 21.27 -65.57
C ALA H 77 25.00 20.59 -66.54
N LYS H 78 26.11 21.25 -66.88
CA LYS H 78 27.15 20.68 -67.73
C LYS H 78 28.33 20.16 -66.94
N ASN H 79 28.22 20.14 -65.60
CA ASN H 79 29.22 19.58 -64.69
C ASN H 79 30.57 20.29 -64.84
N SER H 80 30.55 21.61 -64.75
CA SER H 80 31.75 22.42 -64.90
C SER H 80 31.97 23.24 -63.65
N LEU H 81 33.20 23.18 -63.12
CA LEU H 81 33.56 23.91 -61.88
C LEU H 81 34.51 25.03 -62.28
N TYR H 82 34.29 26.25 -61.79
CA TYR H 82 35.03 27.43 -62.23
C TYR H 82 35.71 28.14 -61.06
N LEU H 83 36.85 28.75 -61.36
CA LEU H 83 37.52 29.71 -60.48
C LEU H 83 37.99 30.85 -61.37
N GLN H 84 37.87 32.09 -60.88
CA GLN H 84 38.21 33.25 -61.69
C GLN H 84 39.50 33.88 -61.14
N MET H 85 40.48 34.06 -62.03
CA MET H 85 41.81 34.53 -61.65
C MET H 85 41.89 36.04 -61.85
N ASN H 86 42.12 36.78 -60.77
CA ASN H 86 42.24 38.24 -60.86
C ASN H 86 43.31 38.76 -59.91
N SER H 87 43.91 39.89 -60.29
CA SER H 87 44.87 40.65 -59.48
C SER H 87 46.03 39.77 -59.03
N LEU H 88 46.79 39.28 -60.01
CA LEU H 88 47.77 38.24 -59.72
C LEU H 88 49.08 38.84 -59.23
N LYS H 89 49.64 38.21 -58.21
CA LYS H 89 50.98 38.49 -57.72
C LYS H 89 51.87 37.29 -58.00
N THR H 90 53.15 37.43 -57.66
CA THR H 90 54.10 36.36 -57.97
C THR H 90 53.95 35.17 -57.03
N GLU H 91 53.23 35.33 -55.92
CA GLU H 91 53.01 34.24 -55.00
C GLU H 91 51.92 33.28 -55.48
N ASP H 92 51.22 33.61 -56.56
CA ASP H 92 50.11 32.81 -57.04
C ASP H 92 50.54 31.66 -57.93
N THR H 93 51.83 31.54 -58.26
CA THR H 93 52.28 30.42 -59.08
C THR H 93 52.32 29.13 -58.25
N ALA H 94 51.67 28.10 -58.77
CA ALA H 94 51.45 26.84 -58.07
C ALA H 94 50.81 25.86 -59.05
N VAL H 95 50.57 24.65 -58.55
CA VAL H 95 49.66 23.73 -59.24
C VAL H 95 48.34 23.70 -58.47
N TYR H 96 47.23 23.79 -59.20
CA TYR H 96 45.91 23.96 -58.61
C TYR H 96 45.15 22.65 -58.70
N TYR H 97 44.80 22.08 -57.54
CA TYR H 97 44.01 20.86 -57.46
C TYR H 97 42.59 21.23 -57.07
N CYS H 98 41.62 20.81 -57.87
CA CYS H 98 40.22 20.87 -57.47
C CYS H 98 39.80 19.51 -56.95
N ALA H 99 39.53 19.43 -55.65
CA ALA H 99 39.35 18.16 -54.95
C ALA H 99 37.91 18.01 -54.50
N ARG H 100 37.52 16.76 -54.23
CA ARG H 100 36.13 16.44 -53.93
C ARG H 100 35.96 16.21 -52.44
N VAL H 101 35.09 17.01 -51.82
CA VAL H 101 34.73 16.85 -50.42
C VAL H 101 33.75 15.69 -50.30
N HIS H 102 33.76 15.01 -49.14
CA HIS H 102 32.86 13.86 -48.86
C HIS H 102 31.40 14.31 -48.96
N ARG H 103 30.53 13.44 -49.38
CA ARG H 103 29.14 13.85 -49.61
C ARG H 103 28.43 14.03 -48.30
N TRP H 104 28.76 13.23 -47.31
CA TRP H 104 27.92 13.19 -46.10
C TRP H 104 28.34 14.18 -45.04
N ALA H 105 29.19 15.12 -45.39
CA ALA H 105 29.50 16.22 -44.49
C ALA H 105 28.28 17.11 -44.39
N TYR H 106 28.08 17.78 -43.26
CA TYR H 106 26.95 18.71 -43.07
C TYR H 106 27.57 20.01 -42.59
N CYS H 107 26.98 21.16 -42.97
CA CYS H 107 27.46 22.47 -42.47
C CYS H 107 26.31 23.20 -41.78
N ILE H 108 26.43 23.47 -40.47
CA ILE H 108 25.38 24.17 -39.67
C ILE H 108 25.91 25.53 -39.29
N ASN H 109 25.23 26.64 -39.66
CA ASN H 109 25.68 28.01 -39.31
C ASN H 109 27.06 28.21 -39.97
N GLY H 110 28.15 28.28 -39.18
CA GLY H 110 29.53 28.36 -39.70
C GLY H 110 30.33 27.10 -39.57
N VAL H 111 30.23 26.35 -38.49
CA VAL H 111 31.14 25.18 -38.28
C VAL H 111 30.80 24.08 -39.27
N CYS H 112 31.78 23.28 -39.66
CA CYS H 112 31.51 22.23 -40.67
C CYS H 112 31.89 20.88 -40.06
N PHE H 113 31.02 19.90 -40.22
CA PHE H 113 31.22 18.59 -39.56
C PHE H 113 31.53 17.53 -40.56
N GLY H 114 32.77 17.07 -40.59
CA GLY H 114 33.18 15.95 -41.44
C GLY H 114 33.61 16.35 -42.81
N ALA H 115 33.74 17.64 -43.09
CA ALA H 115 34.02 18.05 -44.46
C ALA H 115 35.46 17.75 -44.85
N TYR H 116 35.77 16.54 -45.28
CA TYR H 116 37.16 16.18 -45.62
C TYR H 116 37.18 16.03 -47.11
N SER H 117 38.36 16.15 -47.73
CA SER H 117 38.55 15.88 -49.14
C SER H 117 38.71 14.38 -49.39
N ASP H 118 38.12 13.90 -50.48
CA ASP H 118 38.07 12.47 -50.77
C ASP H 118 38.81 12.11 -52.05
N TYR H 119 38.59 12.84 -53.14
CA TYR H 119 39.25 12.57 -54.41
C TYR H 119 39.86 13.86 -54.94
N TRP H 120 40.96 13.71 -55.68
CA TRP H 120 41.74 14.83 -56.17
C TRP H 120 41.96 14.69 -57.66
N GLY H 121 42.15 15.83 -58.33
CA GLY H 121 42.49 15.85 -59.74
C GLY H 121 43.96 16.14 -59.94
N GLN H 122 44.43 15.93 -61.18
CA GLN H 122 45.86 16.02 -61.46
C GLN H 122 46.37 17.46 -61.36
N GLY H 123 45.59 18.43 -61.83
CA GLY H 123 45.99 19.81 -61.72
C GLY H 123 46.87 20.27 -62.87
N THR H 124 46.93 21.59 -63.07
CA THR H 124 47.79 22.21 -64.06
C THR H 124 48.76 23.15 -63.37
N LEU H 125 49.96 23.26 -63.93
CA LEU H 125 50.98 24.18 -63.41
C LEU H 125 50.80 25.55 -64.05
N VAL H 126 50.21 26.45 -63.26
CA VAL H 126 50.08 27.84 -63.71
C VAL H 126 51.34 28.59 -63.30
N THR H 127 51.85 29.41 -64.21
CA THR H 127 53.09 30.14 -64.01
C THR H 127 52.84 31.62 -64.18
N VAL H 128 53.29 32.41 -63.22
CA VAL H 128 53.19 33.86 -63.28
C VAL H 128 54.59 34.45 -63.15
N SER H 129 54.95 35.33 -64.08
CA SER H 129 56.28 35.94 -64.08
C SER H 129 56.26 37.25 -64.86
N GLU I 1 44.21 31.04 -36.68
CA GLU I 1 44.41 29.93 -37.59
C GLU I 1 45.17 28.80 -36.92
N ILE I 2 44.83 27.56 -37.28
CA ILE I 2 45.48 26.39 -36.71
C ILE I 2 46.75 26.12 -37.51
N VAL I 3 47.89 26.12 -36.82
CA VAL I 3 49.19 25.87 -37.45
C VAL I 3 49.58 24.42 -37.18
N LEU I 4 49.83 23.67 -38.24
CA LEU I 4 50.22 22.26 -38.15
C LEU I 4 51.72 22.15 -38.40
N THR I 5 52.43 21.54 -37.46
CA THR I 5 53.87 21.36 -37.55
C THR I 5 54.16 19.86 -37.62
N GLN I 6 54.74 19.43 -38.74
CA GLN I 6 55.12 18.04 -38.95
C GLN I 6 56.61 17.85 -38.63
N SER I 7 56.91 16.75 -37.95
CA SER I 7 58.28 16.47 -37.53
C SER I 7 58.47 14.97 -37.41
N PRO I 8 59.65 14.43 -37.79
CA PRO I 8 60.74 15.15 -38.45
C PRO I 8 60.54 15.28 -39.96
N GLY I 9 61.22 16.24 -40.58
CA GLY I 9 60.93 16.56 -41.97
C GLY I 9 61.51 15.58 -42.97
N THR I 10 62.55 14.85 -42.58
CA THR I 10 63.25 13.97 -43.50
C THR I 10 63.27 12.55 -42.95
N LEU I 11 62.73 11.61 -43.74
CA LEU I 11 62.75 10.19 -43.40
C LEU I 11 63.28 9.41 -44.59
N SER I 12 64.22 8.50 -44.33
CA SER I 12 64.80 7.64 -45.35
C SER I 12 65.07 6.27 -44.74
N LEU I 13 64.14 5.34 -44.94
CA LEU I 13 64.23 4.02 -44.33
C LEU I 13 64.15 2.95 -45.40
N SER I 14 64.74 1.78 -45.09
CA SER I 14 64.71 0.59 -45.91
C SER I 14 63.33 -0.05 -45.87
N PRO I 15 62.98 -0.88 -46.85
CA PRO I 15 61.71 -1.62 -46.76
C PRO I 15 61.69 -2.61 -45.60
N GLY I 16 60.53 -2.71 -44.97
CA GLY I 16 60.27 -3.73 -43.96
C GLY I 16 60.07 -3.23 -42.55
N GLU I 17 60.83 -2.22 -42.11
CA GLU I 17 60.83 -1.86 -40.70
C GLU I 17 59.80 -0.76 -40.40
N ARG I 18 59.91 -0.21 -39.19
CA ARG I 18 58.92 0.69 -38.61
C ARG I 18 59.39 2.13 -38.70
N ALA I 19 58.49 3.02 -39.13
CA ALA I 19 58.72 4.46 -39.13
C ALA I 19 57.50 5.17 -38.56
N THR I 20 57.72 6.29 -37.89
CA THR I 20 56.65 7.05 -37.24
C THR I 20 56.56 8.44 -37.87
N LEU I 21 55.35 9.00 -37.89
CA LEU I 21 55.08 10.33 -38.43
C LEU I 21 54.19 11.09 -37.46
N SER I 22 54.51 12.37 -37.25
CA SER I 22 53.80 13.19 -36.27
C SER I 22 53.36 14.51 -36.89
N CYS I 23 52.14 14.94 -36.56
CA CYS I 23 51.64 16.27 -36.85
C CYS I 23 51.18 16.91 -35.55
N ARG I 24 51.73 18.07 -35.24
CA ARG I 24 51.44 18.78 -34.00
C ARG I 24 50.70 20.07 -34.33
N ALA I 25 49.61 20.32 -33.61
CA ALA I 25 48.78 21.50 -33.85
C ALA I 25 49.09 22.59 -32.83
N SER I 26 48.95 23.85 -33.26
CA SER I 26 49.14 24.97 -32.36
C SER I 26 48.03 25.07 -31.31
N GLN I 27 46.81 24.67 -31.66
CA GLN I 27 45.70 24.65 -30.72
C GLN I 27 44.91 23.37 -30.92
N SER I 28 44.09 23.04 -29.92
CA SER I 28 43.34 21.79 -29.94
C SER I 28 42.24 21.85 -31.00
N VAL I 29 42.36 20.99 -32.02
CA VAL I 29 41.38 20.97 -33.15
C VAL I 29 40.08 20.36 -32.65
N SER I 30 38.97 20.61 -33.32
CA SER I 30 37.66 20.15 -32.79
C SER I 30 37.39 18.67 -33.11
N SER I 31 37.13 17.86 -32.09
CA SER I 31 36.71 16.45 -32.31
C SER I 31 37.67 15.65 -33.20
N SER I 32 38.98 15.84 -33.05
CA SER I 32 39.94 14.98 -33.80
C SER I 32 39.61 14.97 -35.29
N TYR I 33 39.32 16.13 -35.86
CA TYR I 33 39.07 16.17 -37.32
C TYR I 33 40.40 16.37 -38.07
N LEU I 34 41.24 15.34 -38.14
CA LEU I 34 42.54 15.43 -38.87
C LEU I 34 42.57 14.41 -40.00
N ALA I 35 43.29 14.73 -41.09
CA ALA I 35 43.37 13.83 -42.23
C ALA I 35 44.81 13.40 -42.44
N TRP I 36 44.98 12.42 -43.31
CA TRP I 36 46.29 11.88 -43.67
C TRP I 36 46.33 11.63 -45.17
N TYR I 37 47.37 12.13 -45.83
CA TYR I 37 47.50 12.08 -47.27
C TYR I 37 48.90 11.59 -47.63
N GLN I 38 49.02 10.98 -48.81
CA GLN I 38 50.32 10.67 -49.40
C GLN I 38 50.31 11.15 -50.84
N GLN I 39 51.45 11.68 -51.29
CA GLN I 39 51.57 12.24 -52.64
C GLN I 39 52.85 11.70 -53.27
N LYS I 40 52.65 10.66 -54.11
CA LYS I 40 53.76 10.16 -54.94
C LYS I 40 54.04 11.33 -55.88
N PRO I 41 55.27 11.58 -56.38
CA PRO I 41 55.54 12.87 -57.06
C PRO I 41 54.74 13.15 -58.34
N GLY I 42 54.32 12.13 -59.05
CA GLY I 42 53.65 12.36 -60.33
C GLY I 42 52.14 12.45 -60.30
N GLN I 43 51.52 12.37 -59.12
CA GLN I 43 50.07 12.30 -59.03
C GLN I 43 49.62 12.91 -57.70
N ALA I 44 48.40 13.43 -57.70
CA ALA I 44 47.85 14.23 -56.61
C ALA I 44 47.69 13.40 -55.33
N PRO I 45 47.60 14.06 -54.16
CA PRO I 45 47.40 13.31 -52.92
C PRO I 45 46.07 12.56 -52.88
N ARG I 46 46.06 11.48 -52.13
CA ARG I 46 44.91 10.59 -51.98
C ARG I 46 44.58 10.48 -50.50
N LEU I 47 43.29 10.30 -50.19
CA LEU I 47 42.85 10.14 -48.81
C LEU I 47 43.37 8.84 -48.21
N LEU I 48 43.86 8.89 -46.98
CA LEU I 48 44.23 7.69 -46.25
C LEU I 48 43.36 7.47 -45.02
N ILE I 49 43.41 8.42 -44.08
CA ILE I 49 42.73 8.34 -42.79
C ILE I 49 41.88 9.59 -42.61
N TYR I 50 40.66 9.35 -42.16
CA TYR I 50 39.77 10.49 -41.86
C TYR I 50 39.41 10.34 -40.40
N GLY I 51 39.29 11.45 -39.73
CA GLY I 51 38.98 11.40 -38.30
C GLY I 51 40.13 10.92 -37.45
N ALA I 52 41.33 10.85 -38.04
CA ALA I 52 42.61 10.54 -37.41
C ALA I 52 42.73 9.12 -36.88
N SER I 53 41.66 8.32 -36.98
CA SER I 53 41.71 6.92 -36.56
C SER I 53 41.00 5.97 -37.51
N SER I 54 40.19 6.52 -38.40
CA SER I 54 39.38 5.64 -39.29
C SER I 54 40.02 5.52 -40.66
N ARG I 55 39.99 4.33 -41.24
CA ARG I 55 40.58 4.09 -42.55
C ARG I 55 39.58 4.42 -43.65
N ALA I 56 40.09 4.89 -44.78
CA ALA I 56 39.24 5.16 -45.93
C ALA I 56 38.96 3.88 -46.70
N THR I 57 38.12 4.00 -47.73
CA THR I 57 37.85 2.84 -48.59
C THR I 57 39.06 2.55 -49.47
N GLY I 58 39.30 1.27 -49.72
CA GLY I 58 40.46 0.81 -50.46
C GLY I 58 41.75 0.81 -49.66
N ILE I 59 41.73 1.36 -48.45
CA ILE I 59 42.91 1.48 -47.60
C ILE I 59 42.97 0.26 -46.68
N PRO I 60 44.07 -0.50 -46.69
CA PRO I 60 44.18 -1.65 -45.80
C PRO I 60 44.58 -1.28 -44.37
N ASP I 61 44.63 -2.31 -43.52
CA ASP I 61 44.94 -2.14 -42.10
C ASP I 61 46.38 -1.71 -41.85
N ARG I 62 47.25 -1.77 -42.87
CA ARG I 62 48.63 -1.31 -42.75
C ARG I 62 48.71 0.17 -42.40
N PHE I 63 47.87 1.00 -42.99
CA PHE I 63 47.92 2.44 -42.80
C PHE I 63 47.23 2.80 -41.48
N SER I 64 48.03 3.15 -40.47
CA SER I 64 47.55 3.33 -39.10
C SER I 64 47.86 4.74 -38.61
N GLY I 65 46.83 5.45 -38.18
CA GLY I 65 46.99 6.74 -37.54
C GLY I 65 46.33 6.77 -36.18
N SER I 66 46.81 7.65 -35.31
CA SER I 66 46.30 7.75 -33.96
C SER I 66 46.59 9.13 -33.40
N GLY I 67 46.01 9.40 -32.23
CA GLY I 67 46.23 10.64 -31.52
C GLY I 67 44.92 11.34 -31.18
N SER I 68 45.04 12.29 -30.23
CA SER I 68 43.92 13.10 -29.80
C SER I 68 44.46 14.40 -29.23
N GLY I 69 43.60 15.40 -29.12
CA GLY I 69 43.99 16.68 -28.57
C GLY I 69 44.89 17.47 -29.49
N THR I 70 46.16 17.61 -29.11
CA THR I 70 47.14 18.33 -29.91
C THR I 70 48.26 17.44 -30.43
N ASP I 71 48.46 16.25 -29.87
CA ASP I 71 49.49 15.32 -30.32
C ASP I 71 48.86 14.15 -31.07
N PHE I 72 49.35 13.91 -32.29
CA PHE I 72 48.84 12.88 -33.16
C PHE I 72 50.00 12.13 -33.80
N THR I 73 49.76 10.87 -34.16
CA THR I 73 50.81 10.02 -34.69
C THR I 73 50.28 9.18 -35.84
N LEU I 74 50.98 9.22 -36.97
CA LEU I 74 50.72 8.34 -38.10
C LEU I 74 51.86 7.32 -38.14
N THR I 75 51.50 6.04 -38.15
CA THR I 75 52.47 4.95 -38.11
C THR I 75 52.33 4.07 -39.33
N ILE I 76 53.43 3.88 -40.06
CA ILE I 76 53.47 3.01 -41.23
C ILE I 76 54.30 1.79 -40.85
N SER I 77 53.77 0.60 -41.16
CA SER I 77 54.50 -0.66 -40.85
C SER I 77 54.79 -1.41 -42.15
N ARG I 78 55.78 -2.31 -42.16
CA ARG I 78 56.00 -3.17 -43.36
C ARG I 78 56.05 -2.33 -44.64
N LEU I 79 56.95 -1.33 -44.70
CA LEU I 79 57.02 -0.44 -45.88
C LEU I 79 57.31 -1.25 -47.15
N GLU I 80 56.67 -0.90 -48.27
CA GLU I 80 56.95 -1.58 -49.57
C GLU I 80 57.62 -0.59 -50.53
N PRO I 81 58.42 -0.96 -51.56
CA PRO I 81 59.06 0.06 -52.41
C PRO I 81 58.10 1.06 -53.05
N GLU I 82 56.81 0.74 -53.15
CA GLU I 82 55.88 1.66 -53.79
C GLU I 82 55.38 2.75 -52.83
N ASP I 83 55.85 2.75 -51.58
CA ASP I 83 55.30 3.60 -50.54
C ASP I 83 55.87 5.02 -50.56
N PHE I 84 56.84 5.32 -51.45
CA PHE I 84 57.50 6.62 -51.44
C PHE I 84 56.53 7.73 -51.81
N ALA I 85 56.46 8.77 -50.97
CA ALA I 85 55.53 9.87 -51.12
C ALA I 85 55.94 10.96 -50.13
N VAL I 86 55.18 12.06 -50.14
CA VAL I 86 55.23 13.07 -49.09
C VAL I 86 53.91 13.03 -48.34
N TYR I 87 53.97 13.14 -47.02
CA TYR I 87 52.82 12.92 -46.15
C TYR I 87 52.40 14.23 -45.49
N TYR I 88 51.10 14.51 -45.53
CA TYR I 88 50.55 15.78 -45.10
C TYR I 88 49.46 15.55 -44.06
N CYS I 89 49.28 16.52 -43.17
CA CYS I 89 48.14 16.55 -42.27
C CYS I 89 47.26 17.76 -42.57
N GLN I 90 45.96 17.53 -42.61
CA GLN I 90 44.99 18.58 -42.85
C GLN I 90 43.98 18.59 -41.71
N GLN I 91 43.77 19.77 -41.13
CA GLN I 91 42.69 19.98 -40.16
C GLN I 91 41.46 20.46 -40.90
N TYR I 92 40.28 19.97 -40.50
CA TYR I 92 39.04 20.37 -41.12
C TYR I 92 37.90 20.58 -40.13
N GLY I 93 38.13 20.36 -38.84
CA GLY I 93 37.10 20.64 -37.85
C GLY I 93 36.80 22.12 -37.70
N SER I 94 37.84 22.95 -37.72
CA SER I 94 37.71 24.38 -37.53
C SER I 94 38.14 25.11 -38.80
N SER I 95 37.24 25.95 -39.32
CA SER I 95 37.55 26.73 -40.51
C SER I 95 38.55 27.85 -40.18
N PRO I 96 39.46 28.17 -41.10
CA PRO I 96 39.72 27.51 -42.40
C PRO I 96 40.60 26.28 -42.27
N SER I 97 40.56 25.41 -43.29
CA SER I 97 41.42 24.24 -43.30
C SER I 97 42.86 24.66 -43.58
N THR I 98 43.80 23.97 -42.94
CA THR I 98 45.22 24.30 -43.06
C THR I 98 46.02 23.01 -43.16
N PHE I 99 47.00 23.01 -44.06
CA PHE I 99 47.90 21.88 -44.25
C PHE I 99 49.23 22.14 -43.54
N GLY I 100 49.94 21.05 -43.25
CA GLY I 100 51.29 21.15 -42.73
C GLY I 100 52.32 21.28 -43.83
N GLN I 101 53.58 21.40 -43.42
CA GLN I 101 54.67 21.53 -44.38
C GLN I 101 55.05 20.19 -45.03
N GLY I 102 54.70 19.08 -44.42
CA GLY I 102 54.90 17.79 -45.04
C GLY I 102 56.19 17.12 -44.59
N THR I 103 56.17 15.78 -44.62
CA THR I 103 57.34 14.96 -44.33
C THR I 103 57.65 14.09 -45.55
N LYS I 104 58.91 14.09 -45.97
CA LYS I 104 59.33 13.36 -47.15
C LYS I 104 59.83 11.98 -46.73
N LEU I 105 59.17 10.94 -47.23
CA LEU I 105 59.51 9.55 -46.93
C LEU I 105 60.13 8.92 -48.17
N GLU I 106 61.35 8.41 -48.03
CA GLU I 106 62.09 7.79 -49.12
C GLU I 106 62.31 6.32 -48.82
N ILE I 107 62.20 5.48 -49.84
CA ILE I 107 62.42 4.05 -49.72
C ILE I 107 63.82 3.74 -50.23
N LYS I 108 64.63 3.10 -49.40
CA LYS I 108 66.00 2.75 -49.77
C LYS I 108 66.01 1.59 -50.77
#